data_8A9K
#
_entry.id   8A9K
#
_cell.length_a   1.00
_cell.length_b   1.00
_cell.length_c   1.00
_cell.angle_alpha   90.00
_cell.angle_beta   90.00
_cell.angle_gamma   90.00
#
_symmetry.space_group_name_H-M   'P 1'
#
loop_
_entity.id
_entity.type
_entity.pdbx_description
1 polymer 'Fanconi anemia group I protein'
2 polymer 'Fanconi anemia group D2 protein'
3 polymer Polyubiquitin-C
4 polymer 'Ubiquitin carboxyl-terminal hydrolase 1'
5 polymer 'WD repeat-containing protein 48'
6 polymer 'DNA (61-MER)'
7 non-polymer 'ZINC ION'
8 non-polymer 5-methyl-2-(2-propan-2-ylphenyl)-~{N}-[[4-(1,2,3-triazol-1-yl)phenyl]methyl]pyrimidin-4-amine
#
loop_
_entity_poly.entity_id
_entity_poly.type
_entity_poly.pdbx_seq_one_letter_code
_entity_poly.pdbx_strand_id
1 'polypeptide(L)'
;MHHHHHHMDQKILSLAAEKTADKLQEFLQTLREGDLTNLLQNQAVKGKVAGALLRAIFKGSPCSEEAGTLRRRKIYTCCI
QLVESGDLQKEIASEIIGLLMLEAHHFPGPLLVELANEFISAVREGSLVNGKSLELLPIILTALATKKENLAYGKGVLSG
EECKKQLINTLCSGRWDQQYVIQLTSMFKDVPLTAEEVEFVVEKALSMFSKMNLQEIPPLVYQLLVLSSKGSRKSVLEGI
IAFFSALDKQHNEEQSGDELLDVVTVPSGELRHVEGTIILHIVFAIKLDYELGRELVKHLKVGQQGDSNNNLSPFSIALL
LSVTRIQRFQDQVLDLLKTSVVKSFKDLQLLQGSKFLQNLVPHRSYVSTMILEVVKNSVHSWDHVTQGLVELGFILMDSY
GPKKVLDGKTIETSPSLSRMPNQHACKLGANILLETFKIHEMIRQEILEQVLNRVVTRASSPISHFLDLLSNIVMYAPLV
LQSCSSKVTEAFDYLSFLPLQTVQRLLKAVQPLLKVSMSMRDCLILVLRKAMFANQLDARKSAVAGFLLLLKNFKVLGSL
SSSQCSQSLSVSQVHVDVHSHYNSVANETFCLEIMDSLRRCLSQQADVRLMLYEGFYDVLRRNSQLANSVMQTLLSQLKQ
FYEPKPDLLPPLKLEACILTQGDKISLQEPLDYLLCCIQHCLAWYKNTVIPLQQGEEEEEEEEAFYEDLDDILESITNRM
IKSELEDFELDKSADFSQSTSIGIKNNICAFLVMGVCEVLIEYNFSISSFSKNRFEDILSLFMCYKKLSDILNEKAGKAK
TKMANKTSDSLLSMKFVSSLLTALFRDSIQSHQESLSVLRSSNEFMRYAVNVALQKVQQLKETGHVSGPDGQNPEKIFQN
LCDITRVLLWRYTSIPTSVEESGKKEKGKSISLLCLEGLQKIFSAVQQFYQPKIQQFLRALDVTDKEGEEREDADVSVTQ
RTAFQIRQFQRSLLNLLSSQEEDFNSKEALLLVTVLTSLSKLLEPSSPQFVQMLSWTSKICKENSREDALFCKSLMNLLF
SLHVSYKSPVILLRDLSQDIHGHLGDIDQDVEVEKTNHFAIVNLRTAAPTVCLLVLSQAEKVLEEVDWLITKLKGQVSQE
TLSEEASSQATLPNQPVEKAIIMQLGTLLTFFHELVQTALPSGSCVDTLLKDLCKMYTTLTALVRYYLQVCQSSGGIPKN
MEKLVKLSGSHLTPLCYSFISYVQNKSKSLNYTGEKKEKPAAVATAMARVLRETKPIPNLIFAIEQYEKFLIHLSKKSKV
NLMQHMKLSTSRDFKIKGNILDMVLREDGEDENEEGTASEHGGQNKEPAKKKRKK
;
A
2 'polypeptide(L)'
;GPGSMVSKRRLSKSEDKESLTEDASKTRKQPLSKKTKKSHIANEVEENDSIFVKLLKISGIILKTGESQNQLAVDQIAFQ
KKLFQTLRRHPSYPKIIEEFVSGLESYIEDEDSFRNCLLSCERLQDEEASMGASYSKSLIKLLLGIDILQPAIIKTLFEK
LPEYFFENKNSDEINIPRLIVSQLKWLDRVVDGKDLTTKIMQLISIAPENLQHDIITSLPEILGDSQHADVGKELSDLLI
ENTSLTVPILDVLSSLRLDPNFLLKVRQLVMDKLSSIRLEDLPVIIKFILHSVTAMDTLEVISELREKLDLQHCVLPSRL
QASQVKLKSKGRASSSGNQESSGQSCIILLFDVIKSAIRYEKTISEAWIKAIENTASVSEHKVFDLVMLFIIYSTNTQTK
KYIDRVLRNKIRSGCIQEQLLQSTFSVHYLVLKDMCSSILSLAQSLLHSLDQSIISFGSLLYKYAFKFFDTYCQQEVVGA
LVTHICSGNEAEVDTALDVLLELVVLNPSAMMMNAVFVKGILDYLDNISPQQIRKLFYVLSTLAFSKQNEASSHIQDDMH
LVIRKQLSSTVFKYKLIGIIGAVTMAGIMAADRSESPSLTQERANLSDEQCTQVTSLLQLVHSCSEQSPQASALYYDEFA
NLIQHEKLDPKALEWVGHTICNDFQDAFVVDSCVVPEGDFPFPVKALYGLEEYDTQDGIAINLLPLLFSQDFAKDGGPVT
SQESGQKLVSPLCLAPYFRLLRLCVERQHNGNLEEIDGLLDCPIFLTDLEPGEKLESMSAKERSFMCSLIFLTLNWFREI
VNAFCQETSPEMKGKVLTRLKHIVELQIILEKYLAVTPDYVPPLGNFDVETLDITPHTVTAISAKIRKKGKIERKQKTDG
SKTSSSDTLSEEKNSECDPTPSHRGQLNKEFTGKEEKTSLLLHNSHAFFRELDIEVFSILHCGLVTKFILDTEMHTEATE
VVQLGPPELLFLLEDLSQKLESMLTPPIARRVPFLKNKGSRNIGFSHLQQRSAQEIVHCVFQLLTPMCNHLENIHNYFQC
LAAENHGVVDGPGVKVQEYHIMSSCYQRLLQIFHGLFAWSGFSQPENQNLLYSALHVLSSRLKQGEHSQPLEELLSQSVH
YLQNFHQSIPSFQCALYLIRLLMVILEKSTASAQNKEKIASLARQFLCRVWPSGDKEKSNISNDQLHALLCIYLEHTESI
LKAIEEIAGVGVPELINSPKDASSSTFPTLTRHTFVVFFRVMMAELEKTVKKIEPGTAADSQQIHEEKLLYWNMAVRDFS
ILINLIKVFDSHPVLHVCLKYGRLFVEAFLKQCMPLLDFSFRKHREDVLSLLETFQLDTRLLHHLCGHSKIHQDTRLTQH
VPLLKKTLELLVCRVKAMLTLNNCREAFWLGNLKNRDLQGEEIKSQNSQESTADESEDDMSSQASKSKATEDGEEDEVSA
GEKEQDSDESYDDSD
;
B
3 'polypeptide(L)' GPGSMQIFVKTLTGKTITLEVEPSDTIENVKAKIQDKEGIPPDQQRLIFAGKQLEDGRTLSDYNIQKESTLHLVLRLRGG C
4 'polypeptide(L)'
;GMPGVIPSESNGLSRGSPSKKNRLSLKFFQKKETKRALDFTDSQENEEKASEYRASEIDQVVPAAQSSPINCEKRENLLP
FVGLNNLGNTSYLNSILQVLYFCPGFKSGVKHLFNIISRKKEALKDEANQKDKGNCKEDSLASYELICSLQSLIISVEQL
QASFLLNPEKYTDELATQPRRLLNTLRELNPMYEGYLQHDAQEVLQCILGNIQETCQLLKKEEVKNVAELPTKVEEIPHP
KEEMNGINSIEMDSMRHSEDFKEKLPKGNGKRKSDTEFGNMKKKVKLSKEHQSLEENQRQTRSKRKATSDTLESPPKIIP
KYISENESPRPSQKKSRVKINWLKSATKQPSILSKFCSLGKITTNQGVKGQSKENECDPEEDLGKCESDNTTNGCGLESP
GNTVTPVNVNEVKPINKGEEQIGFELVEKLFQGQLVLRTRCLECESLTERREDFQDISVPVQEDELSKVEESSEISPEPK
TEMKTLRWAISQFASVERIVGEDKYFCENCHHYTEAERSLLFDKMPEVITIHLKCFAASGLEFDCYGGGLSKINTPLLTP
LKLSLEEWSTKPTNDSYGLFAVVMHSGITISSGHYTASVKVTDLNSLELDKGNFVVDQMCEIGKPEPLNEEEARGVVENY
NDEEVSIRVGGNTQPSKVLNKKNVEAIGLLAAQKSKADYELYNKASNPDKVASTAFAENRNSETSDTTGTHESDRNKESS
DQTGINISGFENKISYVVQSLKEYEGKWLLFDDSEVKVTEEKDFLNSLSPSTSPTSTPYLLFYKKL
;
D
5 'polypeptide(L)'
;MHHHHHHLEVLFQGPGSMAAHHRQNTAGRRKVQVSYVIRDEVEKYNRNGVNALQLDPALNRLFTAGRDSIIRIWSVNQHK
QDPYIASMEHHTDWVNDIVLCCNGKTLISASSDTTVKVWNAHKGFCMSTLRTHKDYVKALAYAKDKELVASAGLDRQIFL
WDVNTLTALTASNNTVTTSSLSGNKDSIYSLAMNQLGTIIVSGSTEKVLRVWDPRTCAKLMKLKGHTDNVKALLLNRDGT
QCLSGSSDGTIRLWSLGQQRCIATYRVHDEGVWALQVNDAFTHVYSGGRDRKIYCTDLRNPDIRVLICEEKAPVLKMELD
RSADPPPAIWVATTKSTVNKWTLKGIHNFRASGDYDNDCTNPITPLCTQPDQVIKGGASIIQCHILNDKRHILTKDTNNN
VAYWDVLKACKVEDLGKVDFEDEIKKRFKMVYVPNWFSVDLKTGMLTITLDESDCFAAWVSAKDAGFSSPDGSDPKLNLG
GLLLQALLEYWPRTHVNPMDEEENEVNHVNGEQENRVQKGNGYFQVPPHTPVIFGEAGGRTLFRLLCRDSGGETESMLLN
ETVPQWVIDITVDKNMPKFNKIPFYLQPHASSGAKTLKKDRLSASDMLQVRKVMEHVYEKIINLDNESQTTSSSNNEKPG
EQEKEEDIAVLAEEKIELLCQDQVLDPNMDLRTVKHFIWKSGGDLTLHYRQKST
;
E
6 'polydeoxyribonucleotide'
;(DN)(DN)(DN)(DN)(DN)(DN)(DN)(DN)(DN)(DN)(DN)(DN)(DN)(DN)(DN)(DN)(DN)(DN)(DN)(DN)
(DN)(DN)(DN)(DN)(DN)(DN)(DN)(DN)(DN)
;
S,T
#
loop_
_chem_comp.id
_chem_comp.type
_chem_comp.name
_chem_comp.formula
DN DNA linking 'UNKNOWN 2'-DEOXYNUCLEOTIDE' 'C5 H11 O6 P'
JDA non-polymer 5-methyl-2-(2-propan-2-ylphenyl)-~{N}-[[4-(1,2,3-triazol-1-yl)phenyl]methyl]pyrimidin-4-amine 'C23 H24 N6'
ZN non-polymer 'ZINC ION' 'Zn 2'
#
# COMPACT_ATOMS: atom_id res chain seq x y z
N ALA A 195 11.21 34.05 -2.15
CA ALA A 195 10.32 33.27 -1.29
C ALA A 195 8.90 33.81 -1.36
N GLU A 196 8.71 35.07 -1.00
CA GLU A 196 7.39 35.69 -1.07
C GLU A 196 6.92 35.80 -2.51
N GLU A 197 7.85 35.93 -3.46
CA GLU A 197 7.48 35.98 -4.86
C GLU A 197 6.86 34.66 -5.32
N VAL A 198 7.39 33.54 -4.85
CA VAL A 198 6.82 32.24 -5.19
C VAL A 198 5.41 32.11 -4.64
N GLU A 199 5.18 32.61 -3.43
CA GLU A 199 3.85 32.54 -2.84
C GLU A 199 2.85 33.37 -3.64
N PHE A 200 3.27 34.55 -4.10
CA PHE A 200 2.37 35.42 -4.85
C PHE A 200 1.96 34.80 -6.18
N VAL A 201 2.93 34.23 -6.91
CA VAL A 201 2.61 33.65 -8.22
C VAL A 201 1.78 32.39 -8.05
N VAL A 202 2.01 31.63 -6.97
CA VAL A 202 1.20 30.44 -6.72
C VAL A 202 -0.24 30.82 -6.44
N GLU A 203 -0.45 31.87 -5.64
CA GLU A 203 -1.81 32.30 -5.34
C GLU A 203 -2.54 32.78 -6.59
N LYS A 204 -1.81 33.42 -7.51
CA LYS A 204 -2.43 33.83 -8.77
C LYS A 204 -2.89 32.63 -9.58
N ALA A 205 -2.05 31.59 -9.67
CA ALA A 205 -2.42 30.41 -10.43
C ALA A 205 -3.58 29.66 -9.76
N LEU A 206 -3.69 29.77 -8.44
CA LEU A 206 -4.81 29.14 -7.74
C LEU A 206 -6.13 29.76 -8.14
N SER A 207 -6.16 31.08 -8.34
CA SER A 207 -7.38 31.75 -8.78
C SER A 207 -7.72 31.38 -10.22
N MET A 208 -6.71 31.10 -11.04
CA MET A 208 -6.95 30.76 -12.44
C MET A 208 -7.58 29.39 -12.58
N PHE A 209 -7.55 28.58 -11.50
CA PHE A 209 -8.08 27.23 -11.52
C PHE A 209 -9.54 27.19 -11.97
N SER A 210 -10.35 28.12 -11.45
CA SER A 210 -11.78 28.13 -11.74
C SER A 210 -12.05 28.41 -13.22
N LYS A 211 -11.32 29.36 -13.81
CA LYS A 211 -11.66 29.82 -15.15
C LYS A 211 -11.22 28.84 -16.22
N MET A 212 -10.05 28.21 -16.06
CA MET A 212 -9.53 27.36 -17.12
C MET A 212 -10.26 26.01 -17.14
N ASN A 213 -10.03 25.27 -18.23
CA ASN A 213 -10.65 23.97 -18.42
C ASN A 213 -10.06 22.93 -17.46
N LEU A 214 -10.85 21.89 -17.18
CA LEU A 214 -10.41 20.85 -16.27
C LEU A 214 -9.33 19.98 -16.88
N GLN A 215 -9.40 19.74 -18.19
CA GLN A 215 -8.39 18.90 -18.84
C GLN A 215 -7.02 19.53 -18.85
N GLU A 216 -6.92 20.84 -18.62
CA GLU A 216 -5.63 21.51 -18.51
C GLU A 216 -5.11 21.55 -17.08
N ILE A 217 -5.91 21.11 -16.11
CA ILE A 217 -5.47 21.13 -14.70
C ILE A 217 -4.28 20.22 -14.46
N PRO A 218 -4.27 18.95 -14.90
CA PRO A 218 -3.14 18.06 -14.58
C PRO A 218 -1.80 18.60 -15.08
N PRO A 219 -1.72 19.17 -16.30
CA PRO A 219 -0.46 19.81 -16.68
C PRO A 219 -0.06 20.97 -15.78
N LEU A 220 -1.04 21.75 -15.31
CA LEU A 220 -0.73 22.88 -14.44
C LEU A 220 -0.26 22.40 -13.07
N VAL A 221 -0.91 21.36 -12.53
CA VAL A 221 -0.56 20.86 -11.21
C VAL A 221 0.86 20.31 -11.21
N TYR A 222 1.22 19.57 -12.26
CA TYR A 222 2.57 19.01 -12.35
C TYR A 222 3.62 20.11 -12.37
N GLN A 223 3.38 21.18 -13.15
CA GLN A 223 4.29 22.31 -13.14
C GLN A 223 4.27 23.04 -11.81
N LEU A 224 3.08 23.19 -11.21
CA LEU A 224 2.97 23.88 -9.93
C LEU A 224 3.65 23.12 -8.82
N LEU A 225 3.66 21.79 -8.89
CA LEU A 225 4.36 20.99 -7.88
C LEU A 225 5.86 21.17 -7.99
N VAL A 226 6.39 21.28 -9.22
CA VAL A 226 7.81 21.53 -9.40
C VAL A 226 8.19 22.91 -8.87
N LEU A 227 7.35 23.91 -9.13
CA LEU A 227 7.57 25.24 -8.57
C LEU A 227 7.48 25.22 -7.05
N SER A 228 6.68 24.30 -6.50
CA SER A 228 6.52 24.20 -5.05
C SER A 228 7.80 23.73 -4.39
N SER A 229 8.63 22.97 -5.11
CA SER A 229 9.84 22.40 -4.51
C SER A 229 10.81 23.47 -4.02
N LYS A 230 10.99 24.53 -4.82
CA LYS A 230 11.90 25.61 -4.44
C LYS A 230 11.23 26.69 -3.60
N GLY A 231 9.94 26.56 -3.30
CA GLY A 231 9.24 27.57 -2.55
C GLY A 231 8.18 27.03 -1.62
N SER A 232 7.00 27.66 -1.64
CA SER A 232 5.91 27.25 -0.77
C SER A 232 5.40 25.87 -1.17
N ARG A 233 5.17 25.02 -0.16
CA ARG A 233 4.66 23.67 -0.37
C ARG A 233 3.26 23.49 0.15
N LYS A 234 2.94 24.03 1.33
CA LYS A 234 1.62 23.86 1.90
C LYS A 234 0.56 24.62 1.11
N SER A 235 0.92 25.79 0.57
CA SER A 235 -0.05 26.59 -0.17
C SER A 235 -0.49 25.89 -1.45
N VAL A 236 0.44 25.24 -2.15
CA VAL A 236 0.09 24.52 -3.37
C VAL A 236 -0.84 23.35 -3.06
N LEU A 237 -0.49 22.56 -2.05
CA LEU A 237 -1.31 21.40 -1.70
C LEU A 237 -2.68 21.82 -1.21
N GLU A 238 -2.75 22.88 -0.40
CA GLU A 238 -4.04 23.33 0.13
C GLU A 238 -4.95 23.80 -0.98
N GLY A 239 -4.40 24.52 -1.97
CA GLY A 239 -5.24 25.01 -3.05
C GLY A 239 -5.81 23.91 -3.91
N ILE A 240 -4.98 22.90 -4.22
CA ILE A 240 -5.44 21.78 -5.04
C ILE A 240 -6.51 20.98 -4.30
N ILE A 241 -6.27 20.70 -3.02
CA ILE A 241 -7.22 19.91 -2.23
C ILE A 241 -8.54 20.64 -2.07
N ALA A 242 -8.47 21.94 -1.74
CA ALA A 242 -9.70 22.70 -1.53
C ALA A 242 -10.50 22.85 -2.82
N PHE A 243 -9.82 23.03 -3.94
CA PHE A 243 -10.51 23.21 -5.22
C PHE A 243 -11.26 21.94 -5.62
N PHE A 244 -10.59 20.79 -5.50
CA PHE A 244 -11.21 19.54 -5.92
C PHE A 244 -12.29 19.08 -4.96
N SER A 245 -12.18 19.44 -3.68
CA SER A 245 -13.25 19.14 -2.73
C SER A 245 -14.53 19.87 -3.09
N ALA A 246 -14.42 21.13 -3.49
CA ALA A 246 -15.58 21.88 -3.94
C ALA A 246 -16.18 21.27 -5.20
N LEU A 247 -15.33 20.79 -6.10
CA LEU A 247 -15.82 20.10 -7.29
C LEU A 247 -16.58 18.83 -6.92
N ASP A 248 -16.05 18.07 -5.95
CA ASP A 248 -16.75 16.87 -5.50
C ASP A 248 -18.09 17.22 -4.87
N LYS A 249 -18.12 18.24 -4.01
CA LYS A 249 -19.37 18.63 -3.36
C LYS A 249 -20.39 19.14 -4.37
N GLN A 250 -19.94 19.98 -5.31
CA GLN A 250 -20.86 20.51 -6.32
C GLN A 250 -21.38 19.40 -7.22
N HIS A 251 -20.51 18.45 -7.60
CA HIS A 251 -20.94 17.35 -8.44
C HIS A 251 -21.95 16.46 -7.73
N ASN A 252 -21.75 16.22 -6.43
CA ASN A 252 -22.68 15.37 -5.69
C ASN A 252 -24.08 15.98 -5.62
N GLU A 253 -24.16 17.28 -5.37
CA GLU A 253 -25.47 17.94 -5.28
C GLU A 253 -26.21 17.90 -6.61
N GLU A 254 -25.51 18.20 -7.71
CA GLU A 254 -26.16 18.23 -9.00
C GLU A 254 -26.48 16.84 -9.54
N GLN A 255 -25.75 15.82 -9.08
CA GLN A 255 -26.05 14.45 -9.49
C GLN A 255 -27.27 13.91 -8.75
N SER A 256 -27.44 14.28 -7.48
CA SER A 256 -28.56 13.79 -6.69
C SER A 256 -29.89 14.28 -7.25
N GLY A 257 -30.69 13.37 -7.78
CA GLY A 257 -31.95 13.71 -8.38
C GLY A 257 -32.33 12.70 -9.45
N ASP A 258 -33.40 13.02 -10.17
CA ASP A 258 -33.87 12.16 -11.23
C ASP A 258 -32.89 12.14 -12.40
N GLU A 259 -32.94 11.07 -13.19
CA GLU A 259 -32.10 10.89 -14.36
C GLU A 259 -32.58 11.69 -15.58
N LEU A 260 -33.47 12.65 -15.37
CA LEU A 260 -33.95 13.52 -16.43
C LEU A 260 -32.88 14.59 -16.71
N LEU A 261 -33.26 15.66 -17.42
CA LEU A 261 -32.35 16.74 -17.70
C LEU A 261 -31.82 17.36 -16.41
N ASP A 262 -30.52 17.16 -16.13
CA ASP A 262 -29.87 17.73 -14.96
C ASP A 262 -28.79 18.71 -15.39
N VAL A 263 -28.62 19.78 -14.60
CA VAL A 263 -27.55 20.74 -14.83
C VAL A 263 -26.25 20.13 -14.33
N VAL A 264 -25.48 19.54 -15.23
CA VAL A 264 -24.25 18.82 -14.89
C VAL A 264 -23.08 19.67 -15.37
N THR A 265 -22.47 20.42 -14.44
CA THR A 265 -21.30 21.22 -14.79
C THR A 265 -20.12 20.34 -15.19
N VAL A 266 -19.92 19.24 -14.49
CA VAL A 266 -18.83 18.30 -14.80
C VAL A 266 -19.37 16.88 -14.81
N PRO A 267 -19.11 16.12 -15.87
CA PRO A 267 -19.52 14.70 -15.87
C PRO A 267 -18.71 13.90 -14.85
N SER A 268 -19.35 12.87 -14.30
CA SER A 268 -18.68 12.05 -13.29
C SER A 268 -17.52 11.28 -13.89
N GLY A 269 -17.65 10.83 -15.14
CA GLY A 269 -16.61 10.02 -15.74
C GLY A 269 -15.29 10.74 -15.87
N GLU A 270 -15.32 11.98 -16.36
CA GLU A 270 -14.08 12.71 -16.55
C GLU A 270 -13.58 13.34 -15.26
N LEU A 271 -14.49 13.63 -14.32
CA LEU A 271 -14.07 14.19 -13.03
C LEU A 271 -13.18 13.22 -12.27
N ARG A 272 -13.57 11.94 -12.25
CA ARG A 272 -12.76 10.94 -11.56
C ARG A 272 -11.44 10.73 -12.28
N HIS A 273 -11.43 10.83 -13.62
CA HIS A 273 -10.20 10.67 -14.37
C HIS A 273 -9.22 11.80 -14.07
N VAL A 274 -9.72 13.03 -13.98
CA VAL A 274 -8.85 14.15 -13.67
C VAL A 274 -8.32 14.04 -12.25
N GLU A 275 -9.21 13.76 -11.28
CA GLU A 275 -8.78 13.65 -9.89
C GLU A 275 -7.78 12.52 -9.71
N GLY A 276 -7.91 11.45 -10.51
CA GLY A 276 -6.98 10.34 -10.40
C GLY A 276 -5.57 10.72 -10.81
N THR A 277 -5.44 11.46 -11.91
CA THR A 277 -4.11 11.81 -12.40
C THR A 277 -3.48 12.94 -11.59
N ILE A 278 -4.30 13.81 -10.97
CA ILE A 278 -3.77 14.77 -10.02
C ILE A 278 -3.16 14.05 -8.83
N ILE A 279 -3.85 13.02 -8.34
CA ILE A 279 -3.38 12.27 -7.18
C ILE A 279 -2.04 11.61 -7.49
N LEU A 280 -1.91 11.01 -8.67
CA LEU A 280 -0.67 10.34 -9.03
C LEU A 280 0.48 11.33 -9.16
N HIS A 281 0.19 12.55 -9.63
CA HIS A 281 1.23 13.56 -9.71
C HIS A 281 1.73 13.97 -8.33
N ILE A 282 0.79 14.13 -7.38
CA ILE A 282 1.17 14.50 -6.02
C ILE A 282 1.98 13.39 -5.36
N VAL A 283 1.54 12.15 -5.53
CA VAL A 283 2.25 11.02 -4.92
C VAL A 283 3.66 10.89 -5.51
N PHE A 284 3.77 11.03 -6.83
CA PHE A 284 5.09 10.96 -7.46
C PHE A 284 5.98 12.12 -7.02
N ALA A 285 5.37 13.30 -6.83
CA ALA A 285 6.14 14.44 -6.33
C ALA A 285 6.66 14.18 -4.92
N ILE A 286 5.86 13.53 -4.08
CA ILE A 286 6.28 13.23 -2.72
C ILE A 286 7.45 12.25 -2.73
N LYS A 287 7.52 11.37 -3.72
CA LYS A 287 8.64 10.43 -3.81
C LYS A 287 9.97 11.16 -3.92
N LEU A 288 10.02 12.21 -4.73
CA LEU A 288 11.24 12.98 -4.92
C LEU A 288 11.34 14.17 -3.98
N ASP A 289 10.32 14.42 -3.15
CA ASP A 289 10.32 15.54 -2.20
C ASP A 289 9.71 15.03 -0.90
N TYR A 290 10.57 14.68 0.06
CA TYR A 290 10.09 14.15 1.33
C TYR A 290 9.32 15.21 2.12
N GLU A 291 9.77 16.46 2.05
CA GLU A 291 9.12 17.52 2.83
C GLU A 291 7.70 17.78 2.34
N LEU A 292 7.42 17.51 1.06
CA LEU A 292 6.06 17.64 0.57
C LEU A 292 5.13 16.65 1.26
N GLY A 293 5.62 15.44 1.53
CA GLY A 293 4.80 14.44 2.21
C GLY A 293 4.49 14.83 3.65
N ARG A 294 5.47 15.42 4.34
CA ARG A 294 5.26 15.82 5.73
C ARG A 294 4.20 16.91 5.84
N GLU A 295 4.18 17.85 4.88
CA GLU A 295 3.17 18.91 4.90
C GLU A 295 1.77 18.35 4.67
N LEU A 296 1.65 17.32 3.81
CA LEU A 296 0.34 16.74 3.55
C LEU A 296 -0.22 16.07 4.79
N VAL A 297 0.63 15.32 5.52
CA VAL A 297 0.18 14.68 6.75
C VAL A 297 -0.15 15.74 7.81
N LYS A 298 0.68 16.77 7.92
CA LYS A 298 0.42 17.83 8.88
C LYS A 298 -0.87 18.58 8.55
N HIS A 299 -1.09 18.88 7.26
CA HIS A 299 -2.29 19.62 6.87
C HIS A 299 -3.55 18.79 7.11
N LEU A 300 -3.47 17.48 6.96
CA LEU A 300 -4.61 16.60 7.15
C LEU A 300 -4.59 15.89 8.49
N LYS A 301 -3.71 16.29 9.41
CA LYS A 301 -3.67 15.68 10.73
C LYS A 301 -4.96 15.98 11.49
N VAL A 302 -5.49 14.96 12.14
CA VAL A 302 -6.73 15.08 12.89
C VAL A 302 -6.54 15.95 14.12
N GLY A 306 -8.57 15.97 19.46
CA GLY A 306 -9.55 15.44 18.53
C GLY A 306 -10.46 16.51 17.95
N ASP A 307 -10.48 16.59 16.62
CA ASP A 307 -11.32 17.56 15.93
C ASP A 307 -11.86 16.94 14.66
N SER A 308 -12.93 17.54 14.13
CA SER A 308 -13.59 16.99 12.96
C SER A 308 -12.69 17.01 11.72
N ASN A 309 -11.78 17.97 11.63
CA ASN A 309 -10.87 18.11 10.50
C ASN A 309 -11.64 18.23 9.17
N ASN A 310 -12.37 19.35 9.07
CA ASN A 310 -13.17 19.62 7.88
C ASN A 310 -12.37 19.56 6.59
N ASN A 311 -11.04 19.59 6.67
CA ASN A 311 -10.21 19.45 5.48
C ASN A 311 -10.36 18.08 4.83
N LEU A 312 -10.68 17.05 5.61
CA LEU A 312 -10.84 15.71 5.05
C LEU A 312 -12.03 15.67 4.11
N SER A 313 -11.84 15.02 2.97
CA SER A 313 -12.85 14.97 1.92
C SER A 313 -12.61 13.71 1.10
N PRO A 314 -13.55 13.34 0.23
CA PRO A 314 -13.30 12.18 -0.64
C PRO A 314 -12.04 12.32 -1.47
N PHE A 315 -11.71 13.53 -1.91
CA PHE A 315 -10.47 13.73 -2.68
C PHE A 315 -9.24 13.59 -1.78
N SER A 316 -9.30 14.18 -0.58
CA SER A 316 -8.14 14.15 0.30
C SER A 316 -7.94 12.76 0.91
N ILE A 317 -9.04 12.04 1.17
CA ILE A 317 -8.91 10.67 1.66
C ILE A 317 -8.31 9.77 0.58
N ALA A 318 -8.78 9.92 -0.67
CA ALA A 318 -8.23 9.13 -1.76
C ALA A 318 -6.77 9.48 -2.01
N LEU A 319 -6.39 10.74 -1.79
CA LEU A 319 -5.00 11.13 -1.92
C LEU A 319 -4.13 10.43 -0.87
N LEU A 320 -4.63 10.34 0.36
CA LEU A 320 -3.86 9.73 1.43
C LEU A 320 -3.70 8.23 1.22
N LEU A 321 -4.73 7.57 0.70
CA LEU A 321 -4.68 6.12 0.51
C LEU A 321 -3.62 5.72 -0.50
N SER A 322 -3.44 6.51 -1.56
CA SER A 322 -2.39 6.24 -2.53
C SER A 322 -1.01 6.67 -2.04
N VAL A 323 -0.95 7.62 -1.11
CA VAL A 323 0.33 8.00 -0.51
C VAL A 323 0.93 6.83 0.27
N THR A 324 0.08 5.92 0.75
CA THR A 324 0.55 4.75 1.48
C THR A 324 1.44 3.84 0.64
N ARG A 325 1.42 4.00 -0.69
CA ARG A 325 2.33 3.25 -1.54
C ARG A 325 3.79 3.61 -1.29
N ILE A 326 4.05 4.74 -0.64
CA ILE A 326 5.40 5.07 -0.17
C ILE A 326 5.53 4.55 1.26
N GLN A 327 6.43 3.58 1.46
CA GLN A 327 6.53 2.93 2.75
C GLN A 327 7.01 3.88 3.83
N ARG A 328 7.66 4.98 3.43
CA ARG A 328 8.05 6.01 4.39
C ARG A 328 6.85 6.68 5.05
N PHE A 329 5.70 6.69 4.38
CA PHE A 329 4.50 7.31 4.91
C PHE A 329 3.36 6.34 5.18
N GLN A 330 3.59 5.03 5.00
CA GLN A 330 2.49 4.07 5.06
C GLN A 330 1.85 4.00 6.45
N ASP A 331 2.68 3.92 7.49
CA ASP A 331 2.15 3.72 8.84
C ASP A 331 1.45 4.97 9.36
N GLN A 332 2.09 6.13 9.21
CA GLN A 332 1.52 7.34 9.78
C GLN A 332 0.27 7.80 9.05
N VAL A 333 0.19 7.56 7.74
CA VAL A 333 -1.02 7.92 7.00
C VAL A 333 -2.18 7.00 7.38
N LEU A 334 -1.92 5.70 7.46
CA LEU A 334 -2.97 4.76 7.85
C LEU A 334 -3.40 4.98 9.30
N ASP A 335 -2.46 5.41 10.15
CA ASP A 335 -2.82 5.76 11.52
C ASP A 335 -3.63 7.05 11.55
N LEU A 336 -3.33 7.99 10.65
CA LEU A 336 -4.13 9.21 10.54
C LEU A 336 -5.57 8.88 10.15
N LEU A 337 -5.75 7.94 9.23
CA LEU A 337 -7.09 7.59 8.77
C LEU A 337 -7.85 6.80 9.84
N LYS A 338 -7.15 5.94 10.57
CA LYS A 338 -7.79 5.16 11.62
C LYS A 338 -8.34 6.06 12.73
N THR A 339 -7.55 7.07 13.13
CA THR A 339 -8.00 7.98 14.18
C THR A 339 -9.16 8.84 13.69
N SER A 340 -9.18 9.15 12.39
CA SER A 340 -10.23 10.01 11.85
C SER A 340 -11.59 9.34 11.92
N VAL A 341 -11.67 8.06 11.55
CA VAL A 341 -12.95 7.37 11.53
C VAL A 341 -13.46 7.10 12.95
N VAL A 342 -12.55 6.75 13.86
CA VAL A 342 -12.96 6.49 15.24
C VAL A 342 -13.47 7.77 15.89
N LYS A 343 -12.75 8.87 15.71
CA LYS A 343 -13.22 10.16 16.24
C LYS A 343 -14.53 10.56 15.59
N SER A 344 -14.68 10.28 14.30
CA SER A 344 -15.93 10.61 13.60
C SER A 344 -17.11 9.84 14.17
N PHE A 345 -16.91 8.56 14.51
CA PHE A 345 -17.99 7.77 15.08
C PHE A 345 -18.32 8.23 16.49
N LYS A 346 -17.33 8.71 17.24
CA LYS A 346 -17.60 9.29 18.54
C LYS A 346 -18.44 10.55 18.41
N ASP A 347 -18.19 11.35 17.37
CA ASP A 347 -19.04 12.50 17.10
C ASP A 347 -20.47 12.08 16.80
N LEU A 348 -20.65 11.04 15.99
CA LEU A 348 -21.98 10.59 15.64
C LEU A 348 -22.70 10.03 16.86
N GLN A 349 -21.99 9.27 17.70
CA GLN A 349 -22.60 8.71 18.91
C GLN A 349 -23.00 9.82 19.87
N LEU A 350 -22.14 10.82 20.03
CA LEU A 350 -22.43 11.91 20.97
C LEU A 350 -23.61 12.74 20.51
N LEU A 351 -23.69 13.02 19.21
CA LEU A 351 -24.80 13.80 18.67
C LEU A 351 -26.13 13.07 18.83
N GLN A 352 -26.14 11.76 18.56
CA GLN A 352 -27.38 11.00 18.59
C GLN A 352 -27.98 10.97 19.99
N GLY A 353 -27.14 10.80 21.01
CA GLY A 353 -27.64 10.63 22.37
C GLY A 353 -28.09 11.91 23.04
N SER A 354 -27.71 13.08 22.52
CA SER A 354 -28.01 14.35 23.14
C SER A 354 -28.89 15.19 22.22
N LYS A 355 -30.04 15.64 22.74
CA LYS A 355 -30.89 16.55 21.99
C LYS A 355 -30.31 17.97 21.99
N PHE A 356 -29.62 18.34 23.06
CA PHE A 356 -29.04 19.68 23.16
C PHE A 356 -28.06 19.94 22.03
N LEU A 357 -27.26 18.94 21.68
CA LEU A 357 -26.29 19.13 20.59
C LEU A 357 -26.99 19.13 19.23
N GLN A 358 -28.08 18.37 19.10
CA GLN A 358 -28.75 18.28 17.81
C GLN A 358 -29.35 19.61 17.38
N ASN A 359 -29.93 20.35 18.32
CA ASN A 359 -30.49 21.66 17.99
C ASN A 359 -29.41 22.66 17.61
N LEU A 360 -28.16 22.42 18.04
CA LEU A 360 -27.08 23.36 17.83
C LEU A 360 -26.21 23.02 16.63
N VAL A 361 -25.79 21.77 16.52
CA VAL A 361 -24.81 21.36 15.52
C VAL A 361 -25.55 20.98 14.25
N PRO A 362 -25.36 21.69 13.14
CA PRO A 362 -25.89 21.22 11.85
C PRO A 362 -25.18 19.95 11.42
N HIS A 363 -25.91 19.11 10.69
CA HIS A 363 -25.37 17.83 10.26
C HIS A 363 -24.18 18.03 9.31
N ARG A 364 -23.13 17.26 9.54
CA ARG A 364 -21.96 17.25 8.69
C ARG A 364 -21.63 15.83 8.28
N SER A 365 -21.03 15.69 7.09
CA SER A 365 -20.65 14.37 6.61
C SER A 365 -19.56 13.77 7.49
N TYR A 366 -19.55 12.45 7.56
CA TYR A 366 -18.65 11.72 8.43
C TYR A 366 -17.60 10.98 7.59
N VAL A 367 -16.44 10.74 8.20
CA VAL A 367 -15.32 10.15 7.48
C VAL A 367 -15.68 8.74 7.00
N SER A 368 -16.54 8.03 7.74
CA SER A 368 -16.96 6.71 7.30
C SER A 368 -17.70 6.77 5.97
N THR A 369 -18.60 7.76 5.82
CA THR A 369 -19.31 7.92 4.56
C THR A 369 -18.36 8.32 3.44
N MET A 370 -17.37 9.16 3.73
CA MET A 370 -16.45 9.62 2.71
C MET A 370 -15.64 8.46 2.13
N ILE A 371 -15.13 7.58 3.01
CA ILE A 371 -14.28 6.50 2.55
C ILE A 371 -15.07 5.49 1.71
N LEU A 372 -16.33 5.27 2.08
CA LEU A 372 -17.16 4.31 1.34
C LEU A 372 -17.34 4.74 -0.10
N GLU A 373 -17.56 6.03 -0.34
CA GLU A 373 -17.68 6.51 -1.70
C GLU A 373 -16.33 6.76 -2.37
N VAL A 374 -15.24 6.79 -1.59
CA VAL A 374 -13.92 6.72 -2.18
C VAL A 374 -13.71 5.36 -2.84
N VAL A 375 -14.18 4.29 -2.18
CA VAL A 375 -14.19 2.96 -2.79
C VAL A 375 -15.09 2.97 -4.02
N LYS A 376 -16.26 3.60 -3.92
CA LYS A 376 -17.19 3.65 -5.04
C LYS A 376 -16.58 4.39 -6.23
N ASN A 377 -15.94 5.53 -5.97
CA ASN A 377 -15.28 6.27 -7.03
C ASN A 377 -14.02 5.59 -7.55
N SER A 378 -13.49 4.61 -6.82
CA SER A 378 -12.29 3.90 -7.24
C SER A 378 -12.52 3.00 -8.45
N VAL A 379 -13.78 2.79 -8.85
CA VAL A 379 -14.07 1.98 -10.03
C VAL A 379 -13.55 2.62 -11.31
N HIS A 380 -13.28 3.93 -11.29
CA HIS A 380 -12.74 4.63 -12.45
C HIS A 380 -11.22 4.51 -12.50
N SER A 381 -10.76 3.26 -12.46
CA SER A 381 -9.34 2.91 -12.61
C SER A 381 -8.46 3.58 -11.55
N TRP A 382 -8.92 3.62 -10.30
CA TRP A 382 -8.10 4.12 -9.21
C TRP A 382 -7.35 2.95 -8.55
N ASP A 383 -6.48 2.33 -9.34
CA ASP A 383 -5.71 1.19 -8.87
C ASP A 383 -4.66 1.55 -7.83
N HIS A 384 -4.24 2.82 -7.78
CA HIS A 384 -3.27 3.26 -6.78
C HIS A 384 -3.89 3.47 -5.41
N VAL A 385 -5.22 3.47 -5.31
CA VAL A 385 -5.89 3.67 -4.04
C VAL A 385 -6.25 2.34 -3.39
N THR A 386 -6.37 1.28 -4.19
CA THR A 386 -6.86 0.00 -3.70
C THR A 386 -5.90 -0.62 -2.69
N GLN A 387 -4.60 -0.50 -2.93
CA GLN A 387 -3.62 -1.14 -2.05
C GLN A 387 -3.72 -0.59 -0.63
N GLY A 388 -3.79 0.74 -0.49
CA GLY A 388 -3.98 1.32 0.82
C GLY A 388 -5.39 1.20 1.33
N LEU A 389 -6.34 1.00 0.41
CA LEU A 389 -7.73 0.78 0.81
C LEU A 389 -7.89 -0.53 1.56
N VAL A 390 -7.20 -1.57 1.10
CA VAL A 390 -7.29 -2.88 1.74
C VAL A 390 -6.62 -2.87 3.10
N GLU A 391 -5.43 -2.24 3.19
CA GLU A 391 -4.73 -2.20 4.46
C GLU A 391 -5.51 -1.43 5.52
N LEU A 392 -6.15 -0.33 5.11
CA LEU A 392 -6.97 0.43 6.06
C LEU A 392 -8.14 -0.41 6.54
N GLY A 393 -8.74 -1.20 5.66
CA GLY A 393 -9.85 -2.05 6.06
C GLY A 393 -9.46 -3.10 7.09
N PHE A 394 -8.27 -3.68 6.93
CA PHE A 394 -7.82 -4.70 7.88
C PHE A 394 -7.36 -4.08 9.20
N ILE A 395 -6.79 -2.88 9.16
CA ILE A 395 -6.43 -2.20 10.40
C ILE A 395 -7.66 -1.91 11.24
N LEU A 396 -8.75 -1.47 10.59
CA LEU A 396 -9.99 -1.21 11.31
C LEU A 396 -10.53 -2.49 11.93
N MET A 397 -10.42 -3.61 11.22
CA MET A 397 -10.91 -4.88 11.75
C MET A 397 -9.97 -5.43 12.82
N ASP A 398 -8.66 -5.29 12.62
CA ASP A 398 -7.71 -5.84 13.58
C ASP A 398 -7.70 -5.04 14.87
N SER A 399 -7.73 -3.71 14.78
CA SER A 399 -7.64 -2.88 15.97
C SER A 399 -8.95 -2.82 16.75
N TYR A 400 -10.09 -2.89 16.06
CA TYR A 400 -11.38 -2.66 16.69
C TYR A 400 -12.31 -3.86 16.57
N GLY A 401 -11.78 -5.04 16.31
CA GLY A 401 -12.57 -6.25 16.32
C GLY A 401 -12.99 -6.60 17.73
N PRO A 402 -14.06 -7.39 17.86
CA PRO A 402 -14.53 -7.79 19.19
C PRO A 402 -13.47 -8.59 19.93
N LYS A 403 -13.40 -8.37 21.25
CA LYS A 403 -12.46 -9.05 22.11
C LYS A 403 -13.18 -9.75 23.26
N LYS A 404 -14.28 -10.44 22.96
CA LYS A 404 -15.00 -11.19 23.97
C LYS A 404 -14.19 -12.37 24.49
N VAL A 405 -13.20 -12.83 23.72
CA VAL A 405 -12.30 -13.94 24.05
C VAL A 405 -12.94 -15.03 24.88
N SER A 416 -19.17 0.23 27.03
CA SER A 416 -20.35 0.56 26.26
C SER A 416 -20.16 1.88 25.51
N LEU A 417 -19.48 2.83 26.15
CA LEU A 417 -19.21 4.11 25.50
C LEU A 417 -18.28 3.94 24.30
N SER A 418 -17.27 3.09 24.42
CA SER A 418 -16.32 2.87 23.34
C SER A 418 -16.67 1.66 22.48
N ARG A 419 -17.54 0.77 22.95
CA ARG A 419 -17.85 -0.43 22.19
C ARG A 419 -18.58 -0.10 20.89
N MET A 420 -19.54 0.83 20.95
CA MET A 420 -20.28 1.18 19.73
C MET A 420 -19.39 1.82 18.67
N PRO A 421 -18.57 2.83 18.96
CA PRO A 421 -17.64 3.32 17.92
C PRO A 421 -16.64 2.28 17.47
N ASN A 422 -16.20 1.39 18.37
CA ASN A 422 -15.32 0.31 17.96
C ASN A 422 -16.03 -0.66 17.01
N GLN A 423 -17.27 -1.01 17.33
CA GLN A 423 -18.04 -1.89 16.44
C GLN A 423 -18.30 -1.21 15.09
N HIS A 424 -18.61 0.09 15.11
CA HIS A 424 -18.82 0.82 13.87
C HIS A 424 -17.53 0.90 13.05
N ALA A 425 -16.39 1.12 13.72
CA ALA A 425 -15.12 1.15 13.03
C ALA A 425 -14.79 -0.20 12.43
N CYS A 426 -15.06 -1.29 13.16
CA CYS A 426 -14.82 -2.63 12.64
C CYS A 426 -15.74 -2.93 11.46
N LYS A 427 -17.01 -2.52 11.54
CA LYS A 427 -17.94 -2.76 10.45
C LYS A 427 -17.53 -1.98 9.20
N LEU A 428 -16.96 -0.79 9.38
CA LEU A 428 -16.48 -0.02 8.25
C LEU A 428 -15.38 -0.77 7.51
N GLY A 429 -14.48 -1.42 8.25
CA GLY A 429 -13.43 -2.19 7.61
C GLY A 429 -13.97 -3.35 6.79
N ALA A 430 -15.04 -3.98 7.28
CA ALA A 430 -15.67 -5.06 6.52
C ALA A 430 -16.33 -4.51 5.26
N ASN A 431 -16.99 -3.36 5.37
CA ASN A 431 -17.60 -2.74 4.19
C ASN A 431 -16.54 -2.34 3.17
N ILE A 432 -15.44 -1.77 3.64
CA ILE A 432 -14.36 -1.37 2.73
C ILE A 432 -13.80 -2.58 2.01
N LEU A 433 -13.54 -3.66 2.75
CA LEU A 433 -12.95 -4.86 2.14
C LEU A 433 -13.93 -5.53 1.20
N LEU A 434 -15.21 -5.60 1.57
CA LEU A 434 -16.20 -6.26 0.72
C LEU A 434 -16.40 -5.50 -0.59
N GLU A 435 -16.52 -4.17 -0.51
CA GLU A 435 -16.75 -3.38 -1.71
C GLU A 435 -15.52 -3.35 -2.60
N THR A 436 -14.33 -3.36 -2.01
CA THR A 436 -13.10 -3.43 -2.81
C THR A 436 -12.97 -4.79 -3.47
N PHE A 437 -13.47 -5.84 -2.83
CA PHE A 437 -13.43 -7.18 -3.42
C PHE A 437 -14.25 -7.23 -4.70
N LYS A 438 -15.45 -6.68 -4.68
CA LYS A 438 -16.34 -6.76 -5.83
C LYS A 438 -15.78 -5.99 -7.03
N ILE A 439 -15.25 -4.80 -6.80
CA ILE A 439 -14.91 -3.91 -7.90
C ILE A 439 -13.59 -4.32 -8.54
N HIS A 440 -12.56 -4.53 -7.73
CA HIS A 440 -11.20 -4.69 -8.23
C HIS A 440 -10.79 -6.16 -8.22
N GLU A 441 -10.37 -6.66 -9.38
CA GLU A 441 -10.02 -8.06 -9.55
C GLU A 441 -8.58 -8.36 -9.13
N MET A 442 -7.66 -7.42 -9.32
CA MET A 442 -6.27 -7.65 -8.98
C MET A 442 -6.00 -7.66 -7.49
N ILE A 443 -6.98 -7.27 -6.67
CA ILE A 443 -6.80 -7.22 -5.22
C ILE A 443 -7.65 -8.23 -4.48
N ARG A 444 -8.64 -8.85 -5.13
CA ARG A 444 -9.52 -9.78 -4.43
C ARG A 444 -8.79 -11.05 -4.00
N GLN A 445 -7.73 -11.43 -4.70
CA GLN A 445 -6.93 -12.57 -4.27
C GLN A 445 -6.22 -12.29 -2.96
N GLU A 446 -5.71 -11.07 -2.80
CA GLU A 446 -5.02 -10.71 -1.56
C GLU A 446 -6.00 -10.59 -0.40
N ILE A 447 -7.22 -10.10 -0.66
CA ILE A 447 -8.20 -9.94 0.40
C ILE A 447 -8.58 -11.29 0.99
N LEU A 448 -8.88 -12.26 0.13
CA LEU A 448 -9.31 -13.57 0.62
C LEU A 448 -8.18 -14.29 1.35
N GLU A 449 -6.94 -14.15 0.86
CA GLU A 449 -5.82 -14.78 1.53
C GLU A 449 -5.61 -14.22 2.92
N GLN A 450 -5.75 -12.90 3.07
CA GLN A 450 -5.61 -12.29 4.39
C GLN A 450 -6.77 -12.63 5.31
N VAL A 451 -7.98 -12.75 4.75
CA VAL A 451 -9.13 -13.15 5.55
C VAL A 451 -8.97 -14.58 6.04
N LEU A 452 -8.54 -15.49 5.16
CA LEU A 452 -8.35 -16.88 5.57
C LEU A 452 -7.18 -17.02 6.54
N ASN A 453 -6.18 -16.14 6.45
CA ASN A 453 -5.09 -16.16 7.42
C ASN A 453 -5.61 -15.88 8.82
N ARG A 454 -6.52 -14.92 8.95
CA ARG A 454 -7.05 -14.57 10.27
C ARG A 454 -8.02 -15.60 10.79
N VAL A 455 -8.65 -16.37 9.90
CA VAL A 455 -9.68 -17.32 10.28
C VAL A 455 -9.10 -18.71 10.53
N VAL A 456 -8.22 -19.18 9.65
CA VAL A 456 -7.68 -20.53 9.77
C VAL A 456 -6.50 -20.51 10.73
N THR A 457 -6.80 -20.64 12.02
CA THR A 457 -5.79 -20.63 13.08
C THR A 457 -6.25 -21.53 14.22
N ARG A 458 -5.30 -21.93 15.05
CA ARG A 458 -5.58 -22.64 16.30
C ARG A 458 -5.52 -21.71 17.50
N ALA A 459 -5.39 -20.40 17.27
CA ALA A 459 -5.24 -19.44 18.36
C ALA A 459 -6.52 -19.22 19.16
N SER A 460 -7.68 -19.57 18.58
CA SER A 460 -8.98 -19.41 19.25
C SER A 460 -9.27 -17.96 19.62
N SER A 461 -8.67 -17.02 18.89
CA SER A 461 -8.99 -15.62 19.07
C SER A 461 -10.38 -15.32 18.50
N PRO A 462 -11.05 -14.29 19.01
CA PRO A 462 -12.38 -13.94 18.47
C PRO A 462 -12.28 -13.52 17.01
N ILE A 463 -12.90 -14.31 16.14
CA ILE A 463 -12.81 -14.10 14.70
C ILE A 463 -14.21 -14.09 14.10
N SER A 464 -15.22 -13.76 14.92
CA SER A 464 -16.59 -13.75 14.42
C SER A 464 -16.78 -12.70 13.34
N HIS A 465 -16.10 -11.56 13.46
CA HIS A 465 -16.24 -10.51 12.45
C HIS A 465 -15.55 -10.89 11.15
N PHE A 466 -14.44 -11.63 11.23
CA PHE A 466 -13.78 -12.08 10.01
C PHE A 466 -14.57 -13.19 9.33
N LEU A 467 -15.23 -14.05 10.11
CA LEU A 467 -16.04 -15.10 9.52
C LEU A 467 -17.24 -14.53 8.77
N ASP A 468 -17.82 -13.44 9.29
CA ASP A 468 -18.93 -12.79 8.60
C ASP A 468 -18.47 -12.16 7.29
N LEU A 469 -17.29 -11.54 7.30
CA LEU A 469 -16.74 -11.00 6.06
C LEU A 469 -16.45 -12.09 5.04
N LEU A 470 -15.94 -13.23 5.51
CA LEU A 470 -15.70 -14.36 4.61
C LEU A 470 -17.00 -14.87 4.02
N SER A 471 -18.07 -14.93 4.82
CA SER A 471 -19.36 -15.38 4.31
C SER A 471 -19.91 -14.42 3.27
N ASN A 472 -19.73 -13.12 3.48
CA ASN A 472 -20.21 -12.14 2.51
C ASN A 472 -19.41 -12.20 1.22
N ILE A 473 -18.10 -12.43 1.32
CA ILE A 473 -17.25 -12.51 0.12
C ILE A 473 -17.63 -13.70 -0.74
N VAL A 474 -17.85 -14.87 -0.12
CA VAL A 474 -18.13 -16.08 -0.88
C VAL A 474 -19.54 -16.11 -1.46
N MET A 475 -20.38 -15.11 -1.13
CA MET A 475 -21.65 -14.97 -1.83
C MET A 475 -21.45 -14.69 -3.31
N TYR A 476 -20.33 -14.08 -3.68
CA TYR A 476 -19.97 -13.85 -5.07
C TYR A 476 -19.05 -14.98 -5.50
N ALA A 477 -19.63 -16.18 -5.57
CA ALA A 477 -18.84 -17.38 -5.85
C ALA A 477 -18.11 -17.34 -7.19
N PRO A 478 -18.71 -16.89 -8.31
CA PRO A 478 -17.92 -16.80 -9.55
C PRO A 478 -16.70 -15.91 -9.42
N LEU A 479 -16.78 -14.84 -8.63
CA LEU A 479 -15.61 -14.01 -8.38
C LEU A 479 -14.54 -14.77 -7.61
N VAL A 480 -14.97 -15.59 -6.64
CA VAL A 480 -14.01 -16.36 -5.85
C VAL A 480 -13.36 -17.44 -6.70
N LEU A 481 -14.17 -18.16 -7.49
CA LEU A 481 -13.65 -19.29 -8.24
C LEU A 481 -12.72 -18.84 -9.37
N GLN A 482 -12.95 -17.64 -9.91
CA GLN A 482 -12.21 -17.19 -11.08
C GLN A 482 -10.72 -17.02 -10.77
N SER A 483 -10.40 -16.26 -9.71
CA SER A 483 -9.01 -15.94 -9.43
C SER A 483 -8.53 -16.55 -8.13
N CYS A 484 -9.24 -16.27 -7.03
CA CYS A 484 -8.83 -16.69 -5.70
C CYS A 484 -9.48 -18.03 -5.35
N SER A 485 -9.07 -19.05 -6.10
CA SER A 485 -9.62 -20.39 -5.94
C SER A 485 -8.71 -21.35 -5.18
N SER A 486 -7.39 -21.15 -5.25
CA SER A 486 -6.47 -22.05 -4.55
C SER A 486 -6.50 -21.83 -3.05
N LYS A 487 -6.73 -20.58 -2.61
CA LYS A 487 -6.71 -20.28 -1.18
C LYS A 487 -7.78 -21.06 -0.43
N VAL A 488 -8.96 -21.22 -1.03
CA VAL A 488 -10.02 -22.00 -0.38
C VAL A 488 -9.60 -23.46 -0.23
N THR A 489 -8.98 -24.02 -1.26
CA THR A 489 -8.56 -25.42 -1.19
C THR A 489 -7.43 -25.63 -0.18
N GLU A 490 -6.50 -24.68 -0.10
CA GLU A 490 -5.44 -24.77 0.91
C GLU A 490 -6.02 -24.71 2.31
N ALA A 491 -7.03 -23.87 2.53
CA ALA A 491 -7.70 -23.84 3.83
C ALA A 491 -8.37 -25.17 4.12
N PHE A 492 -8.90 -25.83 3.09
CA PHE A 492 -9.49 -27.16 3.28
C PHE A 492 -8.44 -28.17 3.74
N ASP A 493 -7.23 -28.09 3.20
CA ASP A 493 -6.17 -29.02 3.58
C ASP A 493 -5.82 -28.89 5.05
N TYR A 494 -6.00 -27.72 5.64
CA TYR A 494 -5.68 -27.48 7.03
C TYR A 494 -6.85 -27.77 7.98
N LEU A 495 -7.98 -28.26 7.44
CA LEU A 495 -9.14 -28.50 8.28
C LEU A 495 -8.90 -29.59 9.31
N SER A 496 -8.09 -30.59 8.98
CA SER A 496 -7.82 -31.67 9.92
C SER A 496 -7.06 -31.17 11.14
N PHE A 497 -6.14 -30.23 10.94
CA PHE A 497 -5.34 -29.71 12.06
C PHE A 497 -6.12 -28.73 12.92
N LEU A 498 -7.14 -28.08 12.36
CA LEU A 498 -7.90 -27.09 13.11
C LEU A 498 -8.76 -27.77 14.17
N PRO A 499 -9.10 -27.07 15.25
CA PRO A 499 -10.02 -27.62 16.24
C PRO A 499 -11.44 -27.74 15.69
N LEU A 500 -12.27 -28.49 16.42
CA LEU A 500 -13.62 -28.79 15.96
C LEU A 500 -14.45 -27.51 15.81
N GLN A 501 -14.34 -26.59 16.75
CA GLN A 501 -15.18 -25.39 16.70
C GLN A 501 -14.81 -24.51 15.53
N THR A 502 -13.51 -24.43 15.20
CA THR A 502 -13.09 -23.63 14.04
C THR A 502 -13.58 -24.25 12.74
N VAL A 503 -13.52 -25.58 12.64
CA VAL A 503 -13.94 -26.25 11.41
C VAL A 503 -15.43 -26.04 11.16
N GLN A 504 -16.24 -26.15 12.21
CA GLN A 504 -17.69 -25.99 12.04
C GLN A 504 -18.05 -24.58 11.60
N ARG A 505 -17.37 -23.58 12.17
CA ARG A 505 -17.67 -22.20 11.81
C ARG A 505 -17.10 -21.84 10.44
N LEU A 506 -15.91 -22.35 10.13
CA LEU A 506 -15.31 -22.07 8.82
C LEU A 506 -16.11 -22.69 7.69
N LEU A 507 -16.57 -23.93 7.87
CA LEU A 507 -17.34 -24.59 6.83
C LEU A 507 -18.69 -23.94 6.62
N LYS A 508 -19.30 -23.43 7.69
CA LYS A 508 -20.55 -22.70 7.55
C LYS A 508 -20.34 -21.37 6.84
N ALA A 509 -19.16 -20.76 7.01
CA ALA A 509 -18.88 -19.49 6.36
C ALA A 509 -18.75 -19.66 4.85
N VAL A 510 -18.11 -20.76 4.40
CA VAL A 510 -17.94 -21.01 2.98
C VAL A 510 -19.06 -21.85 2.39
N GLN A 511 -20.15 -22.05 3.12
CA GLN A 511 -21.29 -22.79 2.61
C GLN A 511 -21.89 -22.21 1.33
N PRO A 512 -22.05 -20.89 1.17
CA PRO A 512 -22.55 -20.37 -0.11
C PRO A 512 -21.67 -20.74 -1.29
N LEU A 513 -20.37 -20.90 -1.08
CA LEU A 513 -19.49 -21.31 -2.16
C LEU A 513 -19.71 -22.77 -2.55
N LEU A 514 -19.91 -23.64 -1.55
CA LEU A 514 -20.11 -25.05 -1.82
C LEU A 514 -21.50 -25.35 -2.38
N LYS A 515 -22.45 -24.43 -2.21
CA LYS A 515 -23.80 -24.68 -2.70
C LYS A 515 -23.87 -24.65 -4.22
N VAL A 516 -23.09 -23.79 -4.85
CA VAL A 516 -23.16 -23.64 -6.31
C VAL A 516 -22.02 -24.38 -7.00
N SER A 517 -20.88 -24.54 -6.34
CA SER A 517 -19.70 -25.12 -6.96
C SER A 517 -19.58 -26.60 -6.62
N MET A 518 -19.38 -27.42 -7.65
CA MET A 518 -19.08 -28.84 -7.48
C MET A 518 -17.61 -29.10 -7.19
N SER A 519 -16.71 -28.35 -7.84
CA SER A 519 -15.28 -28.58 -7.65
C SER A 519 -14.88 -28.35 -6.20
N MET A 520 -15.36 -27.27 -5.59
CA MET A 520 -15.08 -27.03 -4.17
C MET A 520 -15.70 -28.12 -3.31
N ARG A 521 -16.94 -28.52 -3.63
CA ARG A 521 -17.57 -29.60 -2.89
C ARG A 521 -16.80 -30.90 -3.06
N ASP A 522 -16.36 -31.20 -4.29
CA ASP A 522 -15.60 -32.41 -4.53
C ASP A 522 -14.26 -32.40 -3.81
N CYS A 523 -13.57 -31.25 -3.82
CA CYS A 523 -12.32 -31.15 -3.09
C CYS A 523 -12.53 -31.31 -1.60
N LEU A 524 -13.62 -30.75 -1.06
CA LEU A 524 -13.91 -30.90 0.36
C LEU A 524 -14.16 -32.35 0.71
N ILE A 525 -14.90 -33.09 -0.13
CA ILE A 525 -15.18 -34.49 0.14
C ILE A 525 -13.89 -35.29 0.18
N LEU A 526 -12.98 -35.02 -0.76
CA LEU A 526 -11.70 -35.72 -0.77
C LEU A 526 -10.90 -35.44 0.50
N VAL A 527 -10.88 -34.18 0.94
CA VAL A 527 -10.19 -33.83 2.17
C VAL A 527 -10.84 -34.51 3.37
N LEU A 528 -12.18 -34.49 3.42
CA LEU A 528 -12.88 -35.09 4.55
C LEU A 528 -12.68 -36.61 4.57
N ARG A 529 -12.71 -37.25 3.40
CA ARG A 529 -12.48 -38.69 3.35
C ARG A 529 -11.07 -39.03 3.81
N LYS A 530 -10.08 -38.25 3.40
CA LYS A 530 -8.71 -38.47 3.84
C LYS A 530 -8.58 -38.25 5.34
N ALA A 531 -9.24 -37.21 5.87
CA ALA A 531 -9.16 -36.91 7.29
C ALA A 531 -9.80 -38.01 8.13
N MET A 532 -10.93 -38.56 7.67
CA MET A 532 -11.59 -39.62 8.42
C MET A 532 -10.71 -40.86 8.51
N PHE A 533 -10.04 -41.23 7.40
CA PHE A 533 -9.20 -42.41 7.40
C PHE A 533 -7.90 -42.21 8.15
N ALA A 534 -7.56 -40.97 8.49
CA ALA A 534 -6.32 -40.71 9.20
C ALA A 534 -6.38 -41.28 10.61
N ASN A 535 -5.29 -41.93 11.02
CA ASN A 535 -5.23 -42.50 12.37
C ASN A 535 -5.20 -41.41 13.44
N GLN A 536 -4.67 -40.22 13.09
CA GLN A 536 -4.61 -39.13 14.04
C GLN A 536 -6.01 -38.68 14.45
N LEU A 537 -6.20 -38.47 15.75
CA LEU A 537 -7.47 -38.00 16.26
C LEU A 537 -7.55 -36.47 16.16
N ASP A 538 -8.72 -35.93 16.48
CA ASP A 538 -9.11 -34.53 16.30
C ASP A 538 -9.23 -34.16 14.83
N ALA A 539 -8.90 -35.07 13.91
CA ALA A 539 -9.18 -34.91 12.50
C ALA A 539 -10.39 -35.70 12.04
N ARG A 540 -10.64 -36.87 12.63
CA ARG A 540 -11.87 -37.60 12.34
C ARG A 540 -13.08 -36.85 12.88
N LYS A 541 -12.91 -36.10 13.97
CA LYS A 541 -14.00 -35.29 14.48
C LYS A 541 -14.38 -34.19 13.49
N SER A 542 -13.37 -33.56 12.87
CA SER A 542 -13.65 -32.56 11.85
C SER A 542 -14.24 -33.18 10.60
N ALA A 543 -13.80 -34.40 10.26
CA ALA A 543 -14.37 -35.10 9.12
C ALA A 543 -15.83 -35.43 9.36
N VAL A 544 -16.18 -35.81 10.59
CA VAL A 544 -17.58 -36.03 10.93
C VAL A 544 -18.37 -34.73 10.82
N ALA A 545 -17.80 -33.64 11.34
CA ALA A 545 -18.46 -32.35 11.25
C ALA A 545 -18.60 -31.91 9.81
N GLY A 546 -17.57 -32.11 9.00
CA GLY A 546 -17.66 -31.75 7.59
C GLY A 546 -18.66 -32.58 6.83
N PHE A 547 -18.66 -33.90 7.04
CA PHE A 547 -19.61 -34.76 6.35
C PHE A 547 -21.03 -34.49 6.80
N LEU A 548 -21.22 -34.16 8.08
CA LEU A 548 -22.55 -33.79 8.55
C LEU A 548 -23.04 -32.54 7.84
N LEU A 549 -22.21 -31.50 7.78
CA LEU A 549 -22.65 -30.23 7.20
C LEU A 549 -22.97 -30.40 5.71
N LEU A 550 -22.16 -31.16 4.98
CA LEU A 550 -22.47 -31.44 3.58
C LEU A 550 -23.77 -32.22 3.44
N LEU A 551 -24.00 -33.20 4.31
CA LEU A 551 -25.19 -34.03 4.23
C LEU A 551 -26.42 -33.37 4.83
N LYS A 552 -26.24 -32.41 5.72
CA LYS A 552 -27.35 -31.62 6.26
C LYS A 552 -27.86 -30.56 5.30
N ASN A 553 -27.07 -30.18 4.30
CA ASN A 553 -27.39 -29.05 3.44
C ASN A 553 -27.65 -29.41 1.98
N PHE A 554 -27.03 -30.48 1.46
CA PHE A 554 -27.11 -30.80 0.05
C PHE A 554 -27.70 -32.19 -0.16
N LYS A 555 -28.74 -32.26 -0.98
CA LYS A 555 -29.34 -33.54 -1.34
C LYS A 555 -28.50 -34.31 -2.36
N VAL A 556 -27.75 -33.61 -3.21
CA VAL A 556 -26.96 -34.24 -4.26
C VAL A 556 -25.49 -34.09 -3.89
N LEU A 557 -24.84 -35.21 -3.60
CA LEU A 557 -23.42 -35.25 -3.30
C LEU A 557 -22.71 -36.11 -4.34
N GLY A 558 -21.51 -35.68 -4.72
CA GLY A 558 -20.70 -36.39 -5.68
C GLY A 558 -20.42 -35.57 -6.93
N SER A 559 -19.56 -36.13 -7.77
CA SER A 559 -19.12 -35.47 -8.99
C SER A 559 -20.08 -35.80 -10.14
N LEU A 560 -19.77 -35.36 -11.34
CA LEU A 560 -20.59 -35.65 -12.51
C LEU A 560 -19.85 -36.58 -13.48
N LEU A 569 -3.90 -36.44 -9.52
CA LEU A 569 -3.37 -36.91 -10.79
C LEU A 569 -1.85 -36.83 -10.82
N SER A 570 -1.23 -37.72 -11.60
CA SER A 570 0.22 -37.81 -11.68
C SER A 570 0.76 -36.73 -12.63
N VAL A 571 2.04 -36.84 -12.97
CA VAL A 571 2.67 -35.84 -13.85
C VAL A 571 2.06 -35.89 -15.23
N SER A 572 1.84 -37.10 -15.77
CA SER A 572 1.32 -37.27 -17.12
C SER A 572 -0.11 -37.82 -17.12
N GLN A 573 -0.88 -37.55 -16.07
CA GLN A 573 -2.27 -37.97 -15.98
C GLN A 573 -3.17 -36.74 -16.03
N VAL A 574 -4.21 -36.79 -16.85
CA VAL A 574 -5.12 -35.67 -17.04
C VAL A 574 -6.55 -36.15 -16.83
N HIS A 575 -7.42 -35.20 -16.50
CA HIS A 575 -8.85 -35.46 -16.37
C HIS A 575 -9.52 -35.33 -17.72
N VAL A 576 -10.56 -36.14 -17.91
CA VAL A 576 -11.31 -36.18 -19.16
C VAL A 576 -12.75 -35.79 -18.88
N ASP A 577 -13.27 -34.83 -19.65
CA ASP A 577 -14.65 -34.40 -19.49
C ASP A 577 -15.60 -35.46 -20.04
N VAL A 578 -16.06 -36.36 -19.18
CA VAL A 578 -17.01 -37.39 -19.59
C VAL A 578 -18.41 -36.79 -19.55
N HIS A 579 -19.13 -36.88 -20.67
CA HIS A 579 -20.46 -36.30 -20.77
C HIS A 579 -21.48 -37.39 -20.43
N SER A 580 -21.66 -37.60 -19.13
CA SER A 580 -22.59 -38.59 -18.60
C SER A 580 -23.68 -37.88 -17.81
N HIS A 581 -24.93 -38.28 -18.07
CA HIS A 581 -26.06 -37.66 -17.39
C HIS A 581 -26.04 -37.99 -15.90
N TYR A 582 -26.58 -37.08 -15.10
CA TYR A 582 -26.61 -37.26 -13.66
C TYR A 582 -27.43 -38.50 -13.30
N ASN A 583 -26.87 -39.34 -12.43
CA ASN A 583 -27.50 -40.59 -12.02
C ASN A 583 -27.95 -40.45 -10.57
N SER A 584 -29.27 -40.50 -10.35
CA SER A 584 -29.80 -40.43 -9.00
C SER A 584 -29.42 -41.66 -8.19
N VAL A 585 -29.44 -42.84 -8.83
CA VAL A 585 -29.12 -44.08 -8.12
C VAL A 585 -27.69 -44.06 -7.62
N ALA A 586 -26.76 -43.58 -8.46
CA ALA A 586 -25.36 -43.48 -8.02
C ALA A 586 -25.22 -42.48 -6.88
N ASN A 587 -26.03 -41.42 -6.90
CA ASN A 587 -26.00 -40.45 -5.81
C ASN A 587 -26.43 -41.08 -4.48
N GLU A 588 -27.44 -41.95 -4.53
CA GLU A 588 -27.90 -42.62 -3.31
C GLU A 588 -26.79 -43.47 -2.71
N THR A 589 -26.08 -44.23 -3.54
CA THR A 589 -24.97 -45.03 -3.04
C THR A 589 -23.86 -44.15 -2.49
N PHE A 590 -23.63 -43.00 -3.11
CA PHE A 590 -22.65 -42.04 -2.59
C PHE A 590 -23.05 -41.56 -1.20
N CYS A 591 -24.33 -41.24 -1.02
CA CYS A 591 -24.80 -40.77 0.29
C CYS A 591 -24.79 -41.90 1.32
N LEU A 592 -25.25 -43.09 0.92
CA LEU A 592 -25.26 -44.23 1.83
C LEU A 592 -23.85 -44.59 2.28
N GLU A 593 -22.86 -44.41 1.42
CA GLU A 593 -21.47 -44.69 1.81
C GLU A 593 -21.02 -43.77 2.93
N ILE A 594 -21.36 -42.48 2.84
CA ILE A 594 -21.02 -41.54 3.91
C ILE A 594 -21.87 -41.83 5.14
N MET A 595 -23.14 -42.17 4.95
CA MET A 595 -24.00 -42.49 6.08
C MET A 595 -23.50 -43.72 6.83
N ASP A 596 -23.03 -44.74 6.09
CA ASP A 596 -22.45 -45.92 6.73
C ASP A 596 -21.15 -45.59 7.45
N SER A 597 -20.34 -44.68 6.89
CA SER A 597 -19.13 -44.26 7.58
C SER A 597 -19.45 -43.53 8.88
N LEU A 598 -20.50 -42.70 8.87
CA LEU A 598 -20.89 -42.00 10.09
C LEU A 598 -21.42 -42.96 11.14
N ARG A 599 -22.05 -44.06 10.71
CA ARG A 599 -22.49 -45.08 11.65
C ARG A 599 -21.31 -45.73 12.34
N ARG A 600 -20.18 -45.85 11.64
CA ARG A 600 -18.96 -46.40 12.24
C ARG A 600 -18.35 -45.47 13.28
N CYS A 601 -18.74 -44.19 13.29
CA CYS A 601 -18.22 -43.24 14.26
C CYS A 601 -19.06 -43.15 15.53
N LEU A 602 -20.11 -43.96 15.65
CA LEU A 602 -20.94 -43.96 16.85
C LEU A 602 -20.32 -44.75 17.99
N SER A 603 -19.21 -45.44 17.76
CA SER A 603 -18.49 -46.14 18.81
C SER A 603 -17.27 -45.35 19.28
N GLN A 604 -17.16 -44.09 18.86
CA GLN A 604 -16.05 -43.22 19.25
C GLN A 604 -16.39 -42.46 20.52
N GLN A 605 -15.59 -41.43 20.82
CA GLN A 605 -15.78 -40.63 22.02
C GLN A 605 -17.17 -40.01 22.05
N ALA A 606 -17.57 -39.58 23.24
CA ALA A 606 -18.89 -38.97 23.41
C ALA A 606 -19.00 -37.62 22.71
N ASP A 607 -17.87 -36.98 22.41
CA ASP A 607 -17.91 -35.73 21.65
C ASP A 607 -18.44 -35.97 20.24
N VAL A 608 -17.98 -37.04 19.60
CA VAL A 608 -18.43 -37.36 18.24
C VAL A 608 -19.89 -37.82 18.28
N ARG A 609 -20.26 -38.60 19.30
CA ARG A 609 -21.64 -39.07 19.41
C ARG A 609 -22.60 -37.91 19.58
N LEU A 610 -22.21 -36.89 20.34
CA LEU A 610 -23.06 -35.73 20.54
C LEU A 610 -23.31 -34.99 19.22
N MET A 611 -22.27 -34.86 18.40
CA MET A 611 -22.43 -34.20 17.11
C MET A 611 -23.40 -34.96 16.20
N LEU A 612 -23.27 -36.29 16.15
CA LEU A 612 -24.10 -37.07 15.26
C LEU A 612 -25.57 -37.03 15.67
N TYR A 613 -25.84 -37.11 16.98
CA TYR A 613 -27.22 -37.05 17.45
C TYR A 613 -27.86 -35.71 17.11
N GLU A 614 -27.08 -34.63 17.14
CA GLU A 614 -27.60 -33.32 16.75
C GLU A 614 -27.75 -33.22 15.24
N GLY A 615 -26.95 -33.96 14.47
CA GLY A 615 -26.98 -33.84 13.03
C GLY A 615 -27.96 -34.74 12.33
N PHE A 616 -28.28 -35.89 12.93
CA PHE A 616 -29.13 -36.87 12.25
C PHE A 616 -30.53 -36.32 11.98
N TYR A 617 -31.03 -35.42 12.84
CA TYR A 617 -32.36 -34.86 12.63
C TYR A 617 -32.41 -34.01 11.36
N ASP A 618 -31.38 -33.19 11.14
CA ASP A 618 -31.35 -32.34 9.95
C ASP A 618 -30.99 -33.16 8.71
N VAL A 619 -30.15 -34.18 8.87
CA VAL A 619 -29.83 -35.07 7.76
C VAL A 619 -31.09 -35.78 7.26
N LEU A 620 -31.90 -36.27 8.19
CA LEU A 620 -33.09 -37.02 7.81
C LEU A 620 -34.17 -36.11 7.24
N ARG A 621 -34.18 -34.83 7.64
CA ARG A 621 -35.12 -33.88 7.06
C ARG A 621 -34.70 -33.47 5.66
N ARG A 622 -33.39 -33.31 5.43
CA ARG A 622 -32.90 -32.94 4.11
C ARG A 622 -33.05 -34.07 3.12
N ASN A 623 -32.40 -35.20 3.39
CA ASN A 623 -32.47 -36.38 2.55
C ASN A 623 -33.52 -37.33 3.13
N SER A 624 -34.74 -37.26 2.62
CA SER A 624 -35.76 -38.21 3.01
C SER A 624 -35.44 -39.63 2.56
N GLN A 625 -34.52 -39.77 1.61
CA GLN A 625 -34.05 -41.06 1.15
C GLN A 625 -33.06 -41.71 2.10
N LEU A 626 -32.54 -40.96 3.07
CA LEU A 626 -31.68 -41.51 4.12
C LEU A 626 -32.44 -41.83 5.39
N ALA A 627 -33.77 -41.71 5.37
CA ALA A 627 -34.54 -41.90 6.60
C ALA A 627 -34.39 -43.31 7.15
N ASN A 628 -34.43 -44.32 6.27
CA ASN A 628 -34.28 -45.69 6.73
C ASN A 628 -32.88 -45.92 7.32
N SER A 629 -31.84 -45.40 6.67
CA SER A 629 -30.48 -45.60 7.16
C SER A 629 -30.27 -44.94 8.52
N VAL A 630 -30.81 -43.74 8.70
CA VAL A 630 -30.65 -43.03 9.97
C VAL A 630 -31.43 -43.74 11.07
N MET A 631 -32.68 -44.13 10.77
CA MET A 631 -33.52 -44.74 11.80
C MET A 631 -32.98 -46.09 12.25
N GLN A 632 -32.50 -46.90 11.31
CA GLN A 632 -31.89 -48.17 11.68
C GLN A 632 -30.62 -47.95 12.50
N THR A 633 -29.84 -46.93 12.16
CA THR A 633 -28.66 -46.59 12.95
C THR A 633 -29.05 -46.20 14.37
N LEU A 634 -30.11 -45.41 14.52
CA LEU A 634 -30.57 -45.01 15.84
C LEU A 634 -31.10 -46.21 16.61
N LEU A 635 -31.85 -47.09 15.94
CA LEU A 635 -32.37 -48.29 16.60
C LEU A 635 -31.25 -49.19 17.10
N SER A 636 -30.20 -49.38 16.29
CA SER A 636 -29.11 -50.24 16.70
C SER A 636 -28.40 -49.70 17.93
N GLN A 637 -28.22 -48.39 18.00
CA GLN A 637 -27.56 -47.79 19.16
C GLN A 637 -28.43 -47.90 20.41
N LEU A 638 -29.75 -47.77 20.25
CA LEU A 638 -30.64 -47.85 21.41
C LEU A 638 -30.71 -49.26 21.97
N LYS A 639 -30.59 -50.28 21.12
CA LYS A 639 -30.62 -51.66 21.60
C LYS A 639 -29.44 -51.97 22.52
N GLN A 640 -28.34 -51.23 22.39
CA GLN A 640 -27.18 -51.48 23.25
C GLN A 640 -27.41 -51.03 24.68
N PHE A 641 -28.41 -50.20 24.93
CA PHE A 641 -28.68 -49.67 26.26
C PHE A 641 -30.10 -49.88 26.73
N TYR A 642 -30.93 -50.59 25.98
CA TYR A 642 -32.33 -50.80 26.32
C TYR A 642 -32.53 -52.24 26.78
N GLU A 643 -33.20 -52.42 27.92
CA GLU A 643 -33.52 -53.74 28.42
C GLU A 643 -34.86 -54.18 27.86
N PRO A 644 -34.89 -55.18 26.97
CA PRO A 644 -36.17 -55.61 26.39
C PRO A 644 -37.06 -56.37 27.34
N LYS A 645 -36.58 -56.72 28.53
CA LYS A 645 -37.36 -57.49 29.49
C LYS A 645 -38.54 -56.65 29.98
N PRO A 646 -39.79 -57.12 29.84
CA PRO A 646 -40.95 -56.32 30.24
C PRO A 646 -40.99 -55.96 31.72
N ASP A 647 -40.31 -56.69 32.59
CA ASP A 647 -40.39 -56.45 34.02
C ASP A 647 -39.08 -56.01 34.66
N LEU A 648 -37.95 -56.06 33.94
CA LEU A 648 -36.67 -55.66 34.52
C LEU A 648 -36.61 -54.14 34.63
N LEU A 649 -36.18 -53.65 35.80
CA LEU A 649 -35.99 -52.24 36.03
C LEU A 649 -34.54 -51.98 36.40
N PRO A 650 -33.92 -50.90 35.92
CA PRO A 650 -34.45 -49.86 35.03
C PRO A 650 -34.44 -50.28 33.56
N PRO A 651 -35.20 -49.60 32.70
CA PRO A 651 -35.20 -49.95 31.28
C PRO A 651 -33.96 -49.49 30.52
N LEU A 652 -33.06 -48.75 31.16
CA LEU A 652 -31.87 -48.23 30.51
C LEU A 652 -30.63 -48.61 31.31
N LYS A 653 -29.63 -49.13 30.61
CA LYS A 653 -28.37 -49.55 31.23
C LYS A 653 -27.47 -48.33 31.36
N LEU A 654 -27.59 -47.63 32.49
CA LEU A 654 -26.79 -46.43 32.72
C LEU A 654 -25.34 -46.74 33.06
N GLU A 655 -25.00 -48.01 33.33
CA GLU A 655 -23.62 -48.36 33.60
C GLU A 655 -22.80 -48.59 32.34
N ALA A 656 -23.45 -48.95 31.23
CA ALA A 656 -22.75 -49.08 29.97
C ALA A 656 -22.40 -47.72 29.36
N CYS A 657 -23.12 -46.67 29.75
CA CYS A 657 -22.84 -45.32 29.29
C CYS A 657 -21.62 -44.71 29.96
N ILE A 658 -21.05 -45.37 30.96
CA ILE A 658 -19.94 -44.85 31.73
C ILE A 658 -18.68 -45.61 31.35
N LEU A 659 -17.63 -44.88 30.96
CA LEU A 659 -16.34 -45.47 30.61
C LEU A 659 -15.36 -45.21 31.74
N THR A 660 -14.75 -46.27 32.26
CA THR A 660 -13.80 -46.20 33.36
C THR A 660 -12.43 -46.59 32.86
N GLN A 661 -11.45 -45.72 33.06
CA GLN A 661 -10.08 -45.98 32.63
C GLN A 661 -9.09 -45.13 33.41
N LYS A 664 -10.01 -42.71 36.11
CA LYS A 664 -10.88 -41.58 35.81
C LYS A 664 -12.19 -42.06 35.19
N ILE A 665 -13.28 -41.38 35.53
CA ILE A 665 -14.61 -41.72 35.04
C ILE A 665 -15.09 -40.59 34.14
N SER A 666 -15.42 -40.94 32.90
CA SER A 666 -15.94 -40.00 31.91
C SER A 666 -17.18 -40.59 31.27
N LEU A 667 -17.99 -39.73 30.65
CA LEU A 667 -19.21 -40.16 29.98
C LEU A 667 -18.87 -40.70 28.59
N GLN A 668 -19.36 -41.91 28.30
CA GLN A 668 -19.14 -42.55 27.01
C GLN A 668 -20.28 -42.37 26.04
N GLU A 669 -21.53 -42.57 26.48
CA GLU A 669 -22.69 -42.46 25.62
C GLU A 669 -23.67 -41.47 26.22
N PRO A 670 -23.97 -40.36 25.54
CA PRO A 670 -25.03 -39.47 26.00
C PRO A 670 -26.40 -40.06 25.72
N LEU A 671 -26.86 -40.94 26.62
CA LEU A 671 -28.11 -41.66 26.40
C LEU A 671 -29.29 -40.71 26.30
N ASP A 672 -29.28 -39.63 27.07
CA ASP A 672 -30.38 -38.67 27.02
C ASP A 672 -30.46 -37.99 25.65
N TYR A 673 -29.31 -37.69 25.05
CA TYR A 673 -29.30 -37.07 23.73
C TYR A 673 -29.67 -38.07 22.64
N LEU A 674 -29.38 -39.36 22.85
CA LEU A 674 -29.75 -40.37 21.86
C LEU A 674 -31.25 -40.48 21.73
N LEU A 675 -31.97 -40.49 22.85
CA LEU A 675 -33.43 -40.54 22.80
C LEU A 675 -34.04 -39.26 22.28
N CYS A 676 -33.39 -38.11 22.51
CA CYS A 676 -33.89 -36.85 21.96
C CYS A 676 -33.84 -36.87 20.44
N CYS A 677 -32.75 -37.38 19.87
CA CYS A 677 -32.66 -37.52 18.42
C CYS A 677 -33.66 -38.54 17.91
N ILE A 678 -33.82 -39.66 18.63
CA ILE A 678 -34.75 -40.70 18.22
C ILE A 678 -36.18 -40.17 18.24
N GLN A 679 -36.54 -39.45 19.30
CA GLN A 679 -37.91 -38.96 19.45
C GLN A 679 -38.23 -37.93 18.37
N HIS A 680 -37.28 -37.04 18.05
CA HIS A 680 -37.52 -36.03 17.03
C HIS A 680 -37.50 -36.65 15.63
N CYS A 681 -36.57 -37.56 15.38
CA CYS A 681 -36.55 -38.24 14.08
C CYS A 681 -37.79 -39.08 13.87
N LEU A 682 -38.25 -39.77 14.92
CA LEU A 682 -39.49 -40.53 14.83
C LEU A 682 -40.69 -39.62 14.60
N ALA A 683 -40.70 -38.45 15.25
CA ALA A 683 -41.80 -37.52 15.06
C ALA A 683 -41.86 -37.02 13.62
N TRP A 684 -40.70 -36.74 13.02
CA TRP A 684 -40.67 -36.34 11.62
C TRP A 684 -41.11 -37.48 10.72
N TYR A 685 -40.75 -38.72 11.07
CA TYR A 685 -41.11 -39.87 10.25
C TYR A 685 -42.62 -40.06 10.17
N LYS A 686 -43.32 -39.88 11.28
CA LYS A 686 -44.75 -40.18 11.32
C LYS A 686 -45.61 -39.08 10.70
N ASN A 687 -45.03 -37.94 10.34
CA ASN A 687 -45.82 -36.84 9.76
C ASN A 687 -45.23 -36.31 8.46
N THR A 688 -44.20 -36.95 7.90
CA THR A 688 -43.63 -36.46 6.65
C THR A 688 -43.60 -37.53 5.57
N VAL A 689 -43.26 -38.77 5.95
CA VAL A 689 -43.11 -39.82 4.95
C VAL A 689 -44.23 -40.86 5.00
N ILE A 690 -44.88 -41.03 6.16
CA ILE A 690 -46.02 -41.95 6.23
C ILE A 690 -47.18 -41.47 5.37
N PRO A 691 -47.60 -40.18 5.42
CA PRO A 691 -48.68 -39.80 4.50
C PRO A 691 -48.15 -39.41 3.11
N PHE A 705 -39.98 -50.67 11.55
CA PHE A 705 -39.16 -50.27 12.69
C PHE A 705 -39.80 -49.12 13.46
N TYR A 706 -40.60 -48.32 12.75
CA TYR A 706 -41.26 -47.17 13.40
C TYR A 706 -42.24 -47.64 14.46
N GLU A 707 -43.02 -48.69 14.19
CA GLU A 707 -43.88 -49.25 15.23
C GLU A 707 -43.05 -49.89 16.34
N ASP A 708 -41.92 -50.50 15.99
CA ASP A 708 -41.02 -51.04 17.01
C ASP A 708 -40.49 -49.92 17.91
N LEU A 709 -40.08 -48.81 17.31
CA LEU A 709 -39.63 -47.66 18.08
C LEU A 709 -40.77 -47.08 18.93
N ASP A 710 -41.97 -47.02 18.36
CA ASP A 710 -43.11 -46.50 19.10
C ASP A 710 -43.41 -47.36 20.32
N ASP A 711 -43.22 -48.68 20.20
CA ASP A 711 -43.46 -49.58 21.33
C ASP A 711 -42.35 -49.53 22.36
N ILE A 712 -41.10 -49.34 21.93
CA ILE A 712 -39.99 -49.23 22.88
C ILE A 712 -40.16 -47.99 23.75
N LEU A 713 -40.52 -46.86 23.14
CA LEU A 713 -40.66 -45.62 23.90
C LEU A 713 -41.78 -45.73 24.93
N GLU A 714 -42.88 -46.39 24.59
CA GLU A 714 -43.93 -46.62 25.56
C GLU A 714 -43.44 -47.52 26.70
N SER A 715 -42.68 -48.56 26.37
CA SER A 715 -42.15 -49.43 27.41
C SER A 715 -41.14 -48.70 28.29
N ILE A 716 -40.29 -47.86 27.69
CA ILE A 716 -39.35 -47.07 28.48
C ILE A 716 -40.09 -46.14 29.41
N THR A 717 -41.14 -45.49 28.91
CA THR A 717 -41.91 -44.55 29.73
C THR A 717 -42.53 -45.24 30.94
N ASN A 718 -43.11 -46.42 30.74
CA ASN A 718 -43.77 -47.11 31.83
C ASN A 718 -42.75 -47.55 32.90
N ARG A 719 -41.59 -48.02 32.47
CA ARG A 719 -40.61 -48.54 33.42
C ARG A 719 -39.82 -47.42 34.11
N MET A 720 -39.65 -46.27 33.45
CA MET A 720 -39.07 -45.12 34.14
C MET A 720 -40.01 -44.60 35.22
N ILE A 721 -41.32 -44.62 34.96
CA ILE A 721 -42.28 -44.15 35.95
C ILE A 721 -42.33 -45.10 37.14
N LYS A 722 -42.37 -46.41 36.89
CA LYS A 722 -42.45 -47.37 37.97
C LYS A 722 -41.11 -47.62 38.65
N SER A 723 -40.02 -47.08 38.12
CA SER A 723 -38.75 -47.12 38.81
C SER A 723 -38.79 -46.21 40.04
N GLU A 724 -38.16 -46.66 41.12
CA GLU A 724 -38.20 -45.94 42.39
C GLU A 724 -36.93 -45.13 42.65
N LEU A 725 -36.12 -44.90 41.61
CA LEU A 725 -34.87 -44.14 41.68
C LEU A 725 -33.78 -44.93 42.42
N GLU A 726 -34.16 -46.05 43.01
CA GLU A 726 -33.17 -46.96 43.58
C GLU A 726 -32.63 -47.92 42.53
N ASP A 727 -33.41 -48.17 41.47
CA ASP A 727 -32.96 -49.06 40.42
C ASP A 727 -31.83 -48.46 39.60
N PHE A 728 -31.73 -47.12 39.59
CA PHE A 728 -30.64 -46.44 38.90
C PHE A 728 -29.38 -46.34 39.74
N GLU A 729 -29.34 -47.04 40.88
CA GLU A 729 -28.23 -46.96 41.85
C GLU A 729 -28.06 -45.55 42.40
N LEU A 730 -29.14 -44.79 42.49
CA LEU A 730 -29.10 -43.44 43.02
C LEU A 730 -29.89 -43.35 44.33
N SER A 733 -29.81 -41.13 47.06
CA SER A 733 -28.59 -40.44 47.44
C SER A 733 -27.64 -41.40 48.17
N ALA A 734 -26.53 -41.75 47.52
CA ALA A 734 -25.52 -42.61 48.13
C ALA A 734 -24.23 -41.86 48.44
N ASP A 735 -23.59 -41.28 47.41
CA ASP A 735 -22.46 -40.38 47.64
C ASP A 735 -22.70 -38.99 47.06
N PHE A 736 -23.00 -38.89 45.76
CA PHE A 736 -23.20 -37.62 45.08
C PHE A 736 -22.11 -36.61 45.41
N SER A 737 -20.86 -37.06 45.33
CA SER A 737 -19.70 -36.25 45.62
C SER A 737 -19.02 -35.82 44.32
N GLN A 738 -18.41 -34.63 44.35
CA GLN A 738 -17.79 -34.06 43.17
C GLN A 738 -16.33 -34.45 43.00
N SER A 739 -15.79 -35.30 43.88
CA SER A 739 -14.40 -35.73 43.80
C SER A 739 -14.23 -37.23 43.73
N THR A 740 -15.02 -37.99 44.49
CA THR A 740 -14.88 -39.43 44.51
C THR A 740 -15.39 -40.04 43.20
N SER A 741 -14.87 -41.22 42.88
CA SER A 741 -15.24 -41.88 41.63
C SER A 741 -16.73 -42.22 41.60
N ILE A 742 -17.25 -42.79 42.69
CA ILE A 742 -18.66 -43.14 42.73
C ILE A 742 -19.53 -41.90 42.66
N GLY A 743 -19.09 -40.80 43.26
CA GLY A 743 -19.84 -39.56 43.18
C GLY A 743 -19.90 -39.01 41.76
N ILE A 744 -18.78 -39.07 41.03
CA ILE A 744 -18.78 -38.62 39.64
C ILE A 744 -19.70 -39.49 38.80
N LYS A 745 -19.65 -40.82 39.02
CA LYS A 745 -20.55 -41.71 38.30
C LYS A 745 -22.01 -41.45 38.67
N ASN A 746 -22.28 -41.19 39.95
CA ASN A 746 -23.63 -40.89 40.37
C ASN A 746 -24.12 -39.57 39.81
N ASN A 747 -23.24 -38.56 39.76
CA ASN A 747 -23.63 -37.26 39.23
C ASN A 747 -23.99 -37.34 37.75
N ILE A 748 -23.17 -38.04 36.96
CA ILE A 748 -23.46 -38.18 35.53
C ILE A 748 -24.75 -38.95 35.33
N CYS A 749 -24.92 -40.04 36.06
CA CYS A 749 -26.15 -40.84 35.95
C CYS A 749 -27.38 -40.05 36.36
N ALA A 750 -27.22 -39.07 37.25
CA ALA A 750 -28.34 -38.20 37.60
C ALA A 750 -28.74 -37.34 36.41
N PHE A 751 -27.77 -36.82 35.67
CA PHE A 751 -28.08 -36.00 34.51
C PHE A 751 -28.80 -36.80 33.43
N LEU A 752 -28.37 -38.05 33.21
CA LEU A 752 -28.98 -38.86 32.16
C LEU A 752 -30.44 -39.18 32.49
N VAL A 753 -30.75 -39.46 33.75
CA VAL A 753 -32.12 -39.77 34.14
C VAL A 753 -33.02 -38.56 33.94
N MET A 754 -32.54 -37.38 34.36
CA MET A 754 -33.30 -36.15 34.15
C MET A 754 -33.45 -35.85 32.66
N GLY A 755 -32.37 -36.06 31.90
CA GLY A 755 -32.45 -35.85 30.46
C GLY A 755 -33.43 -36.79 29.79
N VAL A 756 -33.45 -38.05 30.21
CA VAL A 756 -34.40 -39.01 29.65
C VAL A 756 -35.82 -38.62 30.01
N CYS A 757 -36.03 -38.17 31.25
CA CYS A 757 -37.37 -37.78 31.67
C CYS A 757 -37.90 -36.60 30.86
N GLU A 758 -37.04 -35.63 30.55
CA GLU A 758 -37.46 -34.51 29.71
C GLU A 758 -37.88 -34.97 28.33
N VAL A 759 -37.10 -35.86 27.71
CA VAL A 759 -37.43 -36.35 26.38
C VAL A 759 -38.73 -37.15 26.40
N LEU A 760 -38.91 -37.99 27.42
CA LEU A 760 -40.15 -38.76 27.54
C LEU A 760 -41.34 -37.86 27.84
N ILE A 761 -41.12 -36.76 28.56
CA ILE A 761 -42.19 -35.79 28.76
C ILE A 761 -42.60 -35.18 27.42
N GLU A 762 -41.63 -34.85 26.57
CA GLU A 762 -41.93 -34.32 25.25
C GLU A 762 -42.63 -35.36 24.39
N TYR A 763 -42.22 -36.63 24.51
CA TYR A 763 -42.82 -37.70 23.71
C TYR A 763 -44.28 -37.91 24.06
N ASN A 764 -44.59 -38.01 25.36
CA ASN A 764 -45.96 -38.33 25.77
C ASN A 764 -46.93 -37.19 25.52
N PHE A 765 -46.44 -35.95 25.42
CA PHE A 765 -47.32 -34.83 25.14
C PHE A 765 -47.92 -34.94 23.74
N SER A 766 -47.08 -35.22 22.74
CA SER A 766 -47.55 -35.27 21.37
C SER A 766 -48.35 -36.54 21.09
N ILE A 767 -47.90 -37.68 21.60
CA ILE A 767 -48.58 -38.94 21.31
C ILE A 767 -49.92 -38.98 22.04
N SER A 768 -50.89 -39.65 21.41
CA SER A 768 -52.24 -39.81 21.97
C SER A 768 -52.93 -38.48 22.20
N SER A 769 -52.45 -37.43 21.53
CA SER A 769 -53.00 -36.08 21.64
C SER A 769 -53.18 -35.65 23.09
N PHE A 770 -54.30 -34.99 23.37
CA PHE A 770 -54.60 -34.50 24.72
C PHE A 770 -55.43 -35.55 25.45
N SER A 771 -54.74 -36.52 26.04
CA SER A 771 -55.36 -37.58 26.81
C SER A 771 -54.95 -37.47 28.26
N LYS A 772 -55.91 -37.71 29.17
CA LYS A 772 -55.62 -37.60 30.59
C LYS A 772 -54.58 -38.63 31.03
N ASN A 773 -54.65 -39.84 30.48
CA ASN A 773 -53.73 -40.90 30.89
C ASN A 773 -52.29 -40.53 30.58
N ARG A 774 -52.03 -40.03 29.36
CA ARG A 774 -50.67 -39.69 28.98
C ARG A 774 -50.14 -38.51 29.77
N PHE A 775 -51.00 -37.53 30.07
CA PHE A 775 -50.56 -36.39 30.87
C PHE A 775 -50.24 -36.79 32.30
N GLU A 776 -50.94 -37.81 32.83
CA GLU A 776 -50.56 -38.37 34.12
C GLU A 776 -49.18 -39.02 34.05
N ASP A 777 -48.86 -39.63 32.91
CA ASP A 777 -47.52 -40.16 32.71
C ASP A 777 -46.49 -39.03 32.71
N ILE A 778 -46.82 -37.90 32.08
CA ILE A 778 -45.91 -36.76 32.06
C ILE A 778 -45.67 -36.24 33.47
N LEU A 779 -46.73 -36.11 34.26
CA LEU A 779 -46.58 -35.64 35.64
C LEU A 779 -45.74 -36.61 36.46
N SER A 780 -45.96 -37.91 36.27
CA SER A 780 -45.13 -38.91 36.95
C SER A 780 -43.68 -38.80 36.52
N LEU A 781 -43.45 -38.58 35.21
CA LEU A 781 -42.09 -38.37 34.74
C LEU A 781 -41.47 -37.10 35.31
N PHE A 782 -42.27 -36.04 35.45
CA PHE A 782 -41.75 -34.79 35.98
C PHE A 782 -41.32 -34.94 37.44
N MET A 783 -42.11 -35.68 38.24
CA MET A 783 -41.75 -35.89 39.63
C MET A 783 -40.42 -36.63 39.74
N CYS A 784 -40.19 -37.62 38.88
CA CYS A 784 -38.90 -38.28 38.84
C CYS A 784 -37.79 -37.31 38.46
N TYR A 785 -38.08 -36.43 37.49
CA TYR A 785 -37.11 -35.41 37.10
C TYR A 785 -36.86 -34.43 38.23
N LYS A 786 -37.93 -33.98 38.90
CA LYS A 786 -37.78 -32.92 39.90
C LYS A 786 -37.15 -33.46 41.18
N LYS A 787 -37.55 -34.67 41.59
CA LYS A 787 -37.00 -35.25 42.81
C LYS A 787 -35.49 -35.43 42.71
N LEU A 788 -35.03 -35.92 41.56
CA LEU A 788 -33.59 -36.06 41.35
C LEU A 788 -32.92 -34.69 41.24
N SER A 789 -33.62 -33.70 40.70
CA SER A 789 -33.05 -32.36 40.60
C SER A 789 -32.87 -31.74 41.98
N ASP A 790 -33.84 -31.93 42.88
CA ASP A 790 -33.71 -31.40 44.23
C ASP A 790 -32.55 -32.03 44.97
N ILE A 791 -32.35 -33.33 44.80
CA ILE A 791 -31.25 -34.02 45.48
C ILE A 791 -29.91 -33.45 45.04
N LEU A 792 -29.73 -33.26 43.74
CA LEU A 792 -28.46 -32.75 43.23
C LEU A 792 -28.25 -31.29 43.62
N ASN A 793 -29.32 -30.50 43.63
CA ASN A 793 -29.18 -29.08 43.92
C ASN A 793 -28.74 -28.83 45.36
N GLU A 794 -29.40 -29.49 46.33
CA GLU A 794 -29.07 -29.21 47.73
C GLU A 794 -27.71 -29.77 48.12
N LYS A 795 -27.29 -30.88 47.51
CA LYS A 795 -25.97 -31.41 47.78
C LYS A 795 -24.88 -30.61 47.09
N ALA A 796 -25.24 -29.75 46.16
CA ALA A 796 -24.26 -28.93 45.45
C ALA A 796 -23.92 -27.68 46.26
N THR A 807 -27.21 -25.34 35.38
CA THR A 807 -26.38 -26.54 35.25
C THR A 807 -26.31 -27.01 33.80
N SER A 808 -27.18 -27.95 33.45
CA SER A 808 -27.23 -28.50 32.10
C SER A 808 -28.47 -28.00 31.37
N ASP A 809 -28.35 -27.93 30.05
CA ASP A 809 -29.44 -27.45 29.21
C ASP A 809 -30.60 -28.43 29.23
N SER A 810 -31.81 -27.91 29.03
CA SER A 810 -32.98 -28.75 28.89
C SER A 810 -33.02 -29.35 27.49
N LEU A 811 -33.56 -30.56 27.39
CA LEU A 811 -33.65 -31.27 26.12
C LEU A 811 -34.96 -31.02 25.39
N LEU A 812 -35.86 -30.22 25.96
CA LEU A 812 -37.08 -29.87 25.26
C LEU A 812 -36.79 -28.93 24.11
N SER A 813 -37.38 -29.20 22.95
CA SER A 813 -37.25 -28.30 21.81
C SER A 813 -38.01 -27.02 22.09
N MET A 814 -37.51 -25.91 21.53
CA MET A 814 -38.14 -24.62 21.78
C MET A 814 -39.54 -24.57 21.21
N LYS A 815 -39.79 -25.31 20.12
CA LYS A 815 -41.14 -25.41 19.58
C LYS A 815 -42.07 -26.10 20.57
N PHE A 816 -41.59 -27.15 21.24
CA PHE A 816 -42.42 -27.85 22.22
C PHE A 816 -42.69 -26.96 23.44
N VAL A 817 -41.67 -26.24 23.90
CA VAL A 817 -41.85 -25.36 25.05
C VAL A 817 -42.88 -24.28 24.73
N SER A 818 -42.82 -23.72 23.53
CA SER A 818 -43.84 -22.76 23.09
C SER A 818 -45.20 -23.43 23.03
N SER A 819 -45.26 -24.66 22.52
CA SER A 819 -46.53 -25.38 22.44
C SER A 819 -47.02 -25.80 23.82
N LEU A 820 -46.10 -26.21 24.69
CA LEU A 820 -46.49 -26.60 26.05
C LEU A 820 -47.04 -25.42 26.83
N LEU A 821 -46.38 -24.26 26.72
CA LEU A 821 -46.84 -23.09 27.46
C LEU A 821 -48.21 -22.62 26.99
N THR A 822 -48.44 -22.64 25.67
CA THR A 822 -49.71 -22.15 25.13
C THR A 822 -50.87 -23.00 25.63
N ALA A 823 -50.70 -24.33 25.63
CA ALA A 823 -51.76 -25.20 26.12
C ALA A 823 -51.89 -25.14 27.64
N LEU A 824 -50.77 -24.94 28.35
CA LEU A 824 -50.79 -24.98 29.80
C LEU A 824 -51.37 -23.71 30.42
N PHE A 825 -51.43 -22.62 29.66
CA PHE A 825 -51.95 -21.35 30.15
C PHE A 825 -53.11 -20.80 29.33
N ARG A 826 -53.12 -21.04 28.02
CA ARG A 826 -54.11 -20.40 27.15
C ARG A 826 -54.87 -21.42 26.31
N ASP A 827 -55.36 -22.49 26.93
CA ASP A 827 -56.17 -23.49 26.25
C ASP A 827 -57.52 -23.61 26.94
N SER A 828 -58.60 -23.51 26.17
CA SER A 828 -59.95 -23.55 26.70
C SER A 828 -60.84 -24.54 25.97
N ILE A 829 -60.27 -25.40 25.12
CA ILE A 829 -61.08 -26.40 24.43
C ILE A 829 -61.58 -27.41 25.45
N GLN A 830 -62.88 -27.74 25.37
CA GLN A 830 -63.55 -28.52 26.40
C GLN A 830 -62.89 -29.88 26.63
N SER A 831 -62.56 -30.58 25.54
CA SER A 831 -61.94 -31.90 25.69
C SER A 831 -60.56 -31.79 26.35
N HIS A 832 -59.80 -30.74 26.03
CA HIS A 832 -58.44 -30.62 26.54
C HIS A 832 -58.41 -30.25 28.02
N GLN A 833 -59.47 -29.59 28.50
CA GLN A 833 -59.47 -29.10 29.88
C GLN A 833 -59.38 -30.24 30.89
N GLU A 834 -60.05 -31.37 30.61
CA GLU A 834 -60.00 -32.50 31.53
C GLU A 834 -58.59 -33.05 31.68
N SER A 835 -57.87 -33.18 30.57
CA SER A 835 -56.51 -33.71 30.62
C SER A 835 -55.52 -32.67 31.14
N LEU A 836 -55.75 -31.39 30.81
CA LEU A 836 -54.81 -30.35 31.20
C LEU A 836 -54.91 -30.00 32.68
N SER A 837 -56.02 -30.35 33.33
CA SER A 837 -56.16 -30.07 34.76
C SER A 837 -55.16 -30.88 35.58
N VAL A 838 -54.71 -32.02 35.04
CA VAL A 838 -53.69 -32.81 35.74
C VAL A 838 -52.38 -32.06 35.78
N LEU A 839 -51.96 -31.49 34.65
CA LEU A 839 -50.71 -30.74 34.61
C LEU A 839 -50.82 -29.41 35.35
N ARG A 840 -51.95 -28.71 35.18
CA ARG A 840 -52.13 -27.41 35.81
C ARG A 840 -52.20 -27.50 37.33
N SER A 841 -52.57 -28.65 37.88
CA SER A 841 -52.68 -28.79 39.33
C SER A 841 -51.33 -28.79 40.02
N SER A 842 -50.25 -29.09 39.31
CA SER A 842 -48.90 -29.14 39.89
C SER A 842 -48.25 -27.78 39.66
N ASN A 843 -48.11 -27.00 40.75
CA ASN A 843 -47.47 -25.69 40.65
C ASN A 843 -46.00 -25.82 40.28
N GLU A 844 -45.34 -26.89 40.75
CA GLU A 844 -43.94 -27.08 40.41
C GLU A 844 -43.76 -27.34 38.91
N PHE A 845 -44.72 -28.05 38.30
CA PHE A 845 -44.71 -28.21 36.85
C PHE A 845 -44.91 -26.87 36.15
N MET A 846 -45.78 -26.02 36.69
CA MET A 846 -45.97 -24.68 36.13
C MET A 846 -44.68 -23.89 36.15
N ARG A 847 -43.95 -23.94 37.26
CA ARG A 847 -42.66 -23.25 37.36
C ARG A 847 -41.65 -23.82 36.38
N TYR A 848 -41.63 -25.15 36.24
CA TYR A 848 -40.65 -25.79 35.37
C TYR A 848 -40.85 -25.39 33.90
N ALA A 849 -42.10 -25.34 33.45
CA ALA A 849 -42.38 -25.02 32.06
C ALA A 849 -41.94 -23.60 31.72
N VAL A 850 -42.20 -22.65 32.62
CA VAL A 850 -41.84 -21.26 32.36
C VAL A 850 -40.32 -21.10 32.42
N ASN A 851 -39.68 -21.77 33.38
CA ASN A 851 -38.23 -21.62 33.54
C ASN A 851 -37.47 -22.11 32.32
N VAL A 852 -37.93 -23.21 31.72
CA VAL A 852 -37.26 -23.72 30.51
C VAL A 852 -37.38 -22.72 29.37
N ALA A 853 -38.53 -22.04 29.27
CA ALA A 853 -38.68 -20.99 28.27
C ALA A 853 -37.70 -19.85 28.52
N LEU A 854 -37.43 -19.54 29.79
CA LEU A 854 -36.44 -18.52 30.11
C LEU A 854 -35.04 -18.96 29.71
N GLN A 855 -34.75 -20.26 29.84
CA GLN A 855 -33.46 -20.78 29.40
C GLN A 855 -33.28 -20.62 27.90
N LYS A 856 -34.33 -20.90 27.13
CA LYS A 856 -34.23 -20.77 25.67
C LYS A 856 -33.95 -19.33 25.27
N VAL A 857 -34.62 -18.37 25.90
CA VAL A 857 -34.37 -16.97 25.62
C VAL A 857 -32.96 -16.58 26.05
N GLN A 858 -32.53 -17.09 27.20
CA GLN A 858 -31.19 -16.78 27.70
C GLN A 858 -30.12 -17.33 26.76
N GLN A 859 -30.33 -18.53 26.22
CA GLN A 859 -29.38 -19.09 25.24
C GLN A 859 -29.29 -18.21 24.00
N LEU A 860 -30.44 -17.66 23.56
CA LEU A 860 -30.43 -16.78 22.41
C LEU A 860 -29.58 -15.53 22.67
N LYS A 861 -29.73 -14.93 23.84
CA LYS A 861 -28.96 -13.74 24.17
C LYS A 861 -27.47 -14.05 24.26
N GLU A 862 -27.12 -15.17 24.91
CA GLU A 862 -25.71 -15.50 25.11
C GLU A 862 -25.04 -15.93 23.82
N THR A 863 -25.69 -16.80 23.06
CA THR A 863 -25.03 -17.46 21.92
C THR A 863 -25.58 -17.02 20.56
N GLY A 864 -26.79 -16.47 20.50
CA GLY A 864 -27.40 -16.13 19.24
C GLY A 864 -28.26 -17.20 18.63
N HIS A 865 -28.30 -18.39 19.23
CA HIS A 865 -29.12 -19.49 18.74
C HIS A 865 -29.52 -20.39 19.90
N VAL A 866 -30.52 -21.23 19.66
CA VAL A 866 -31.06 -22.12 20.69
C VAL A 866 -30.52 -23.52 20.45
N SER A 867 -30.41 -24.29 21.53
CA SER A 867 -29.72 -25.58 21.48
C SER A 867 -30.50 -26.66 20.73
N GLY A 868 -31.83 -26.66 20.84
CA GLY A 868 -32.62 -27.78 20.36
C GLY A 868 -32.77 -27.82 18.85
N PRO A 869 -33.64 -28.71 18.37
CA PRO A 869 -33.90 -28.80 16.94
C PRO A 869 -34.47 -27.49 16.40
N ASP A 870 -34.09 -27.17 15.16
CA ASP A 870 -34.44 -25.91 14.51
C ASP A 870 -33.96 -24.70 15.33
N GLY A 871 -32.97 -24.91 16.18
CA GLY A 871 -32.45 -23.87 17.05
C GLY A 871 -31.46 -22.93 16.41
N GLN A 872 -31.12 -23.15 15.13
CA GLN A 872 -30.27 -22.23 14.38
C GLN A 872 -30.99 -21.65 13.17
N ASN A 873 -32.32 -21.66 13.20
CA ASN A 873 -33.14 -21.06 12.15
C ASN A 873 -33.76 -19.78 12.68
N PRO A 874 -33.27 -18.61 12.24
CA PRO A 874 -33.79 -17.35 12.83
C PRO A 874 -35.29 -17.15 12.64
N GLU A 875 -35.84 -17.61 11.52
CA GLU A 875 -37.27 -17.41 11.28
C GLU A 875 -38.11 -18.24 12.25
N LYS A 876 -37.68 -19.47 12.55
CA LYS A 876 -38.45 -20.33 13.43
C LYS A 876 -38.24 -19.96 14.90
N ILE A 877 -37.05 -19.48 15.26
CA ILE A 877 -36.83 -18.97 16.61
C ILE A 877 -37.71 -17.76 16.87
N PHE A 878 -37.80 -16.86 15.88
CA PHE A 878 -38.64 -15.67 16.04
C PHE A 878 -40.11 -16.04 16.21
N GLN A 879 -40.58 -17.03 15.46
CA GLN A 879 -41.97 -17.44 15.57
C GLN A 879 -42.28 -17.99 16.96
N ASN A 880 -41.34 -18.75 17.53
CA ASN A 880 -41.53 -19.25 18.89
C ASN A 880 -41.42 -18.13 19.92
N LEU A 881 -40.57 -17.14 19.65
CA LEU A 881 -40.47 -15.99 20.54
C LEU A 881 -41.79 -15.24 20.62
N CYS A 882 -42.46 -15.08 19.48
CA CYS A 882 -43.76 -14.41 19.47
C CYS A 882 -44.80 -15.21 20.23
N ASP A 883 -44.78 -16.54 20.08
CA ASP A 883 -45.79 -17.37 20.74
C ASP A 883 -45.55 -17.43 22.24
N ILE A 884 -44.29 -17.48 22.67
CA ILE A 884 -43.99 -17.49 24.10
C ILE A 884 -44.33 -16.13 24.72
N THR A 885 -44.06 -15.05 23.99
CA THR A 885 -44.32 -13.71 24.51
C THR A 885 -45.81 -13.51 24.76
N ARG A 886 -46.65 -14.03 23.85
CA ARG A 886 -48.09 -13.87 23.99
C ARG A 886 -48.60 -14.54 25.27
N VAL A 887 -48.06 -15.72 25.60
CA VAL A 887 -48.48 -16.42 26.81
C VAL A 887 -47.96 -15.69 28.05
N LEU A 888 -46.70 -15.24 28.01
CA LEU A 888 -46.14 -14.54 29.16
C LEU A 888 -46.83 -13.22 29.41
N LEU A 889 -47.18 -12.49 28.34
CA LEU A 889 -47.95 -11.26 28.49
C LEU A 889 -49.30 -11.55 29.14
N TRP A 890 -49.98 -12.59 28.67
CA TRP A 890 -51.32 -12.88 29.16
C TRP A 890 -51.30 -13.28 30.63
N ARG A 891 -50.41 -14.20 31.00
CA ARG A 891 -50.40 -14.72 32.37
C ARG A 891 -50.07 -13.61 33.37
N TYR A 892 -49.10 -12.76 33.04
CA TYR A 892 -48.71 -11.69 33.96
C TYR A 892 -49.85 -10.68 34.13
N THR A 893 -50.48 -10.27 33.04
CA THR A 893 -51.46 -9.19 33.10
C THR A 893 -52.83 -9.70 33.57
N SER A 894 -53.21 -10.91 33.16
CA SER A 894 -54.53 -11.42 33.51
C SER A 894 -54.65 -11.69 35.01
N ILE A 895 -53.67 -12.38 35.58
CA ILE A 895 -53.62 -12.66 37.01
C ILE A 895 -52.38 -12.00 37.59
N PRO A 896 -52.53 -11.03 38.49
CA PRO A 896 -51.37 -10.39 39.12
C PRO A 896 -50.91 -11.18 40.34
N THR A 897 -49.93 -10.63 41.03
CA THR A 897 -49.40 -11.24 42.24
C THR A 897 -49.45 -10.28 43.42
N GLY A 908 -40.38 -21.26 44.76
CA GLY A 908 -39.58 -20.05 44.72
C GLY A 908 -40.36 -18.83 44.28
N LYS A 909 -39.89 -18.20 43.20
CA LYS A 909 -40.55 -17.02 42.68
C LYS A 909 -41.92 -17.39 42.10
N SER A 910 -42.84 -16.43 42.14
CA SER A 910 -44.19 -16.66 41.65
C SER A 910 -44.17 -16.84 40.13
N ILE A 911 -45.23 -17.49 39.63
CA ILE A 911 -45.34 -17.73 38.20
C ILE A 911 -45.47 -16.41 37.44
N SER A 912 -46.27 -15.48 37.96
CA SER A 912 -46.43 -14.19 37.32
C SER A 912 -45.11 -13.42 37.30
N LEU A 913 -44.34 -13.50 38.38
CA LEU A 913 -43.03 -12.85 38.41
C LEU A 913 -42.08 -13.46 37.39
N LEU A 914 -42.12 -14.78 37.24
CA LEU A 914 -41.26 -15.43 36.25
C LEU A 914 -41.63 -15.02 34.84
N CYS A 915 -42.92 -14.86 34.56
CA CYS A 915 -43.35 -14.39 33.25
C CYS A 915 -42.85 -12.97 32.99
N LEU A 916 -42.76 -12.15 34.04
CA LEU A 916 -42.21 -10.81 33.89
C LEU A 916 -40.73 -10.87 33.53
N GLU A 917 -39.98 -11.79 34.17
CA GLU A 917 -38.57 -11.94 33.84
C GLU A 917 -38.38 -12.39 32.39
N GLY A 918 -39.22 -13.33 31.94
CA GLY A 918 -39.14 -13.76 30.56
C GLY A 918 -39.49 -12.66 29.58
N LEU A 919 -40.45 -11.82 29.94
CA LEU A 919 -40.82 -10.69 29.09
C LEU A 919 -39.66 -9.72 28.92
N GLN A 920 -38.97 -9.42 30.03
CA GLN A 920 -37.83 -8.52 29.95
C GLN A 920 -36.72 -9.10 29.09
N LYS A 921 -36.45 -10.40 29.24
CA LYS A 921 -35.41 -11.04 28.44
C LYS A 921 -35.78 -11.06 26.97
N ILE A 922 -37.06 -11.33 26.65
CA ILE A 922 -37.48 -11.39 25.26
C ILE A 922 -37.36 -10.02 24.60
N PHE A 923 -37.81 -8.96 25.29
CA PHE A 923 -37.75 -7.63 24.72
C PHE A 923 -36.31 -7.22 24.42
N SER A 924 -35.40 -7.51 25.34
CA SER A 924 -33.98 -7.26 25.08
C SER A 924 -33.46 -8.12 23.93
N ALA A 925 -33.86 -9.40 23.91
CA ALA A 925 -33.36 -10.31 22.87
C ALA A 925 -33.91 -9.95 21.50
N VAL A 926 -35.17 -9.56 21.43
CA VAL A 926 -35.77 -9.21 20.14
C VAL A 926 -35.10 -7.99 19.54
N GLN A 927 -34.86 -6.96 20.35
CA GLN A 927 -34.20 -5.76 19.85
C GLN A 927 -32.75 -6.02 19.49
N GLN A 928 -32.08 -6.93 20.21
CA GLN A 928 -30.68 -7.21 19.95
C GLN A 928 -30.49 -7.98 18.64
N PHE A 929 -31.38 -8.91 18.33
CA PHE A 929 -31.22 -9.79 17.18
C PHE A 929 -32.21 -9.50 16.06
N TYR A 930 -33.50 -9.47 16.36
CA TYR A 930 -34.52 -9.21 15.34
C TYR A 930 -34.92 -7.75 15.33
N GLN A 931 -33.94 -6.91 15.01
CA GLN A 931 -34.20 -5.48 14.88
C GLN A 931 -35.15 -5.14 13.75
N PRO A 932 -35.00 -5.65 12.53
CA PRO A 932 -35.94 -5.28 11.46
C PRO A 932 -37.32 -5.91 11.61
N LYS A 933 -37.49 -6.88 12.50
CA LYS A 933 -38.76 -7.58 12.67
C LYS A 933 -39.54 -7.08 13.88
N ILE A 934 -39.21 -5.90 14.40
CA ILE A 934 -39.88 -5.40 15.60
C ILE A 934 -41.34 -5.08 15.32
N GLN A 935 -41.63 -4.52 14.14
CA GLN A 935 -43.01 -4.27 13.77
C GLN A 935 -43.81 -5.57 13.69
N GLN A 936 -43.21 -6.61 13.10
CA GLN A 936 -43.85 -7.92 13.07
C GLN A 936 -43.97 -8.52 14.46
N PHE A 937 -42.95 -8.31 15.30
CA PHE A 937 -43.00 -8.83 16.66
C PHE A 937 -44.12 -8.17 17.47
N LEU A 938 -44.23 -6.84 17.38
CA LEU A 938 -45.28 -6.14 18.12
C LEU A 938 -46.65 -6.41 17.52
N ARG A 939 -46.72 -6.66 16.21
CA ARG A 939 -48.00 -6.99 15.59
C ARG A 939 -48.56 -8.30 16.11
N ALA A 940 -47.70 -9.30 16.29
CA ALA A 940 -48.10 -10.63 16.73
C ALA A 940 -48.53 -10.68 18.19
N LEU A 941 -48.64 -9.56 18.89
CA LEU A 941 -49.06 -9.52 20.28
C LEU A 941 -50.47 -8.98 20.37
N ASP A 942 -51.34 -9.72 21.05
CA ASP A 942 -52.75 -9.33 21.19
C ASP A 942 -53.41 -10.14 22.30
N VAL A 956 -51.70 1.12 12.78
CA VAL A 956 -50.77 1.63 13.78
C VAL A 956 -49.34 1.30 13.40
N SER A 957 -48.38 1.95 14.07
CA SER A 957 -46.97 1.80 13.77
C SER A 957 -46.23 1.29 14.99
N VAL A 958 -44.91 1.23 14.89
CA VAL A 958 -44.08 0.71 15.99
C VAL A 958 -44.28 1.56 17.24
N THR A 959 -44.34 2.89 17.08
CA THR A 959 -44.51 3.77 18.23
C THR A 959 -45.88 3.57 18.88
N GLN A 960 -46.91 3.37 18.06
CA GLN A 960 -48.27 3.24 18.60
C GLN A 960 -48.45 1.91 19.32
N ARG A 961 -47.92 0.82 18.75
CA ARG A 961 -48.03 -0.48 19.42
C ARG A 961 -47.17 -0.53 20.67
N THR A 962 -45.97 0.05 20.62
CA THR A 962 -45.11 0.07 21.80
C THR A 962 -45.75 0.86 22.93
N ALA A 963 -46.39 1.98 22.62
CA ALA A 963 -47.05 2.78 23.65
C ALA A 963 -48.19 2.00 24.31
N PHE A 964 -48.87 1.14 23.55
CA PHE A 964 -49.92 0.33 24.14
C PHE A 964 -49.36 -0.65 25.16
N GLN A 965 -48.23 -1.28 24.84
CA GLN A 965 -47.58 -2.15 25.81
C GLN A 965 -46.99 -1.36 26.96
N ILE A 966 -46.44 -0.18 26.67
CA ILE A 966 -45.84 0.66 27.71
C ILE A 966 -46.89 1.09 28.72
N ARG A 967 -48.06 1.54 28.24
CA ARG A 967 -49.13 1.92 29.16
C ARG A 967 -49.64 0.71 29.94
N GLN A 968 -49.48 -0.48 29.37
CA GLN A 968 -49.96 -1.69 30.05
C GLN A 968 -49.04 -2.04 31.21
N PHE A 969 -47.74 -1.80 31.06
CA PHE A 969 -46.80 -1.99 32.16
C PHE A 969 -46.77 -0.78 33.10
N GLN A 970 -47.16 0.40 32.60
CA GLN A 970 -47.24 1.57 33.46
C GLN A 970 -48.28 1.38 34.55
N ARG A 971 -49.43 0.78 34.21
CA ARG A 971 -50.46 0.52 35.21
C ARG A 971 -50.00 -0.47 36.25
N SER A 972 -49.18 -1.45 35.84
CA SER A 972 -48.66 -2.43 36.79
C SER A 972 -47.78 -1.77 37.85
N LEU A 973 -46.89 -0.87 37.43
CA LEU A 973 -46.00 -0.21 38.37
C LEU A 973 -46.78 0.63 39.37
N LEU A 974 -47.86 1.26 38.92
CA LEU A 974 -48.67 2.08 39.81
C LEU A 974 -49.30 1.25 40.93
N ASN A 975 -49.65 -0.01 40.63
CA ASN A 975 -50.27 -0.85 41.65
C ASN A 975 -49.31 -1.15 42.79
N LEU A 976 -48.05 -1.48 42.47
CA LEU A 976 -47.07 -1.71 43.53
C LEU A 976 -46.81 -0.45 44.34
N LEU A 977 -46.72 0.70 43.66
CA LEU A 977 -46.50 1.95 44.38
C LEU A 977 -47.70 2.34 45.23
N SER A 978 -48.90 1.89 44.85
CA SER A 978 -50.08 2.15 45.67
C SER A 978 -50.12 1.28 46.92
N SER A 979 -49.23 0.30 47.05
CA SER A 979 -49.19 -0.56 48.21
C SER A 979 -48.37 0.09 49.33
N GLN A 980 -48.27 -0.62 50.46
CA GLN A 980 -47.58 -0.09 51.62
C GLN A 980 -46.07 -0.26 51.47
N GLU A 981 -45.33 0.43 52.35
CA GLU A 981 -43.87 0.38 52.30
C GLU A 981 -43.34 -1.01 52.60
N GLU A 982 -43.90 -1.67 53.61
CA GLU A 982 -43.45 -3.02 53.96
C GLU A 982 -43.88 -4.04 52.93
N ASP A 983 -44.99 -3.80 52.25
CA ASP A 983 -45.51 -4.72 51.24
C ASP A 983 -44.97 -4.42 49.84
N PHE A 984 -44.08 -3.45 49.71
CA PHE A 984 -43.53 -3.09 48.41
C PHE A 984 -42.75 -4.25 47.82
N ASN A 985 -43.16 -4.71 46.65
CA ASN A 985 -42.49 -5.81 45.94
C ASN A 985 -41.35 -5.20 45.14
N SER A 986 -40.17 -5.14 45.76
CA SER A 986 -39.02 -4.50 45.12
C SER A 986 -38.58 -5.26 43.87
N LYS A 987 -38.62 -6.59 43.91
CA LYS A 987 -38.16 -7.39 42.79
C LYS A 987 -39.02 -7.14 41.55
N GLU A 988 -40.33 -7.08 41.72
CA GLU A 988 -41.21 -6.85 40.58
C GLU A 988 -41.09 -5.42 40.06
N ALA A 989 -40.98 -4.44 40.97
CA ALA A 989 -40.89 -3.04 40.56
C ALA A 989 -39.62 -2.79 39.76
N LEU A 990 -38.51 -3.41 40.17
CA LEU A 990 -37.27 -3.27 39.42
C LEU A 990 -37.40 -3.84 38.01
N LEU A 991 -38.09 -4.99 37.89
CA LEU A 991 -38.31 -5.59 36.58
C LEU A 991 -39.18 -4.71 35.69
N LEU A 992 -40.20 -4.08 36.27
CA LEU A 992 -41.09 -3.24 35.48
C LEU A 992 -40.36 -2.03 34.89
N VAL A 993 -39.49 -1.41 35.68
CA VAL A 993 -38.70 -0.29 35.17
C VAL A 993 -37.75 -0.76 34.09
N THR A 994 -37.19 -1.95 34.25
CA THR A 994 -36.32 -2.50 33.21
C THR A 994 -37.10 -2.79 31.94
N VAL A 995 -38.33 -3.31 32.06
CA VAL A 995 -39.17 -3.53 30.90
C VAL A 995 -39.55 -2.19 30.26
N LEU A 996 -39.90 -1.20 31.09
CA LEU A 996 -40.26 0.11 30.58
C LEU A 996 -39.08 0.78 29.88
N THR A 997 -37.88 0.63 30.44
CA THR A 997 -36.70 1.22 29.83
C THR A 997 -36.43 0.63 28.45
N SER A 998 -36.55 -0.70 28.33
CA SER A 998 -36.29 -1.34 27.04
C SER A 998 -37.37 -1.00 26.02
N LEU A 999 -38.63 -0.99 26.45
CA LEU A 999 -39.72 -0.66 25.54
C LEU A 999 -39.63 0.79 25.07
N SER A 1000 -39.26 1.71 25.97
CA SER A 1000 -39.17 3.12 25.62
C SER A 1000 -38.07 3.41 24.61
N LYS A 1001 -37.17 2.47 24.37
CA LYS A 1001 -36.17 2.65 23.32
C LYS A 1001 -36.79 2.60 21.93
N LEU A 1002 -38.04 2.14 21.82
CA LEU A 1002 -38.71 2.01 20.54
C LEU A 1002 -39.51 3.24 20.14
N LEU A 1003 -39.95 4.04 21.12
CA LEU A 1003 -40.71 5.23 20.80
C LEU A 1003 -39.86 6.25 20.05
N GLU A 1004 -40.49 6.93 19.11
CA GLU A 1004 -39.83 8.03 18.41
C GLU A 1004 -39.83 9.27 19.31
N PRO A 1005 -38.67 9.90 19.54
CA PRO A 1005 -38.64 11.05 20.45
C PRO A 1005 -39.53 12.21 20.01
N SER A 1006 -39.70 12.41 18.71
CA SER A 1006 -40.56 13.47 18.20
C SER A 1006 -41.96 12.91 17.94
N SER A 1007 -42.63 12.54 19.03
CA SER A 1007 -43.96 11.96 18.97
C SER A 1007 -44.66 12.22 20.28
N PRO A 1008 -46.00 12.34 20.27
CA PRO A 1008 -46.72 12.50 21.54
C PRO A 1008 -46.60 11.31 22.47
N GLN A 1009 -46.37 10.11 21.92
CA GLN A 1009 -46.22 8.93 22.76
C GLN A 1009 -44.97 9.04 23.63
N PHE A 1010 -43.87 9.54 23.06
CA PHE A 1010 -42.66 9.74 23.85
C PHE A 1010 -42.89 10.79 24.94
N VAL A 1011 -43.62 11.86 24.62
CA VAL A 1011 -43.88 12.92 25.58
C VAL A 1011 -44.69 12.38 26.76
N GLN A 1012 -45.66 11.51 26.49
CA GLN A 1012 -46.44 10.90 27.56
C GLN A 1012 -45.57 10.03 28.45
N MET A 1013 -44.65 9.28 27.85
CA MET A 1013 -43.76 8.42 28.63
C MET A 1013 -42.87 9.25 29.55
N LEU A 1014 -42.32 10.36 29.03
CA LEU A 1014 -41.52 11.24 29.86
C LEU A 1014 -42.35 11.91 30.94
N SER A 1015 -43.58 12.31 30.60
CA SER A 1015 -44.43 12.99 31.58
C SER A 1015 -44.86 12.03 32.68
N TRP A 1016 -45.07 10.75 32.34
CA TRP A 1016 -45.44 9.77 33.35
C TRP A 1016 -44.27 9.47 34.28
N THR A 1017 -43.07 9.32 33.72
CA THR A 1017 -41.90 9.04 34.54
C THR A 1017 -41.59 10.20 35.48
N SER A 1018 -41.71 11.43 34.98
CA SER A 1018 -41.49 12.61 35.82
C SER A 1018 -42.49 12.66 36.95
N LYS A 1019 -43.76 12.34 36.66
CA LYS A 1019 -44.79 12.38 37.70
C LYS A 1019 -44.56 11.32 38.76
N ILE A 1020 -44.11 10.12 38.36
CA ILE A 1020 -43.86 9.06 39.32
C ILE A 1020 -42.72 9.44 40.25
N CYS A 1021 -41.65 10.01 39.70
CA CYS A 1021 -40.53 10.45 40.53
C CYS A 1021 -40.94 11.57 41.47
N LYS A 1022 -41.78 12.50 41.01
CA LYS A 1022 -42.15 13.67 41.80
C LYS A 1022 -43.09 13.34 42.95
N GLU A 1023 -43.73 12.17 42.95
CA GLU A 1023 -44.80 11.88 43.89
C GLU A 1023 -44.56 10.67 44.77
N ASN A 1024 -43.79 9.69 44.32
CA ASN A 1024 -43.63 8.43 45.04
C ASN A 1024 -42.30 8.42 45.78
N SER A 1025 -42.36 8.10 47.08
CA SER A 1025 -41.19 8.07 47.95
C SER A 1025 -41.01 6.64 48.45
N ARG A 1026 -40.09 5.91 47.84
CA ARG A 1026 -39.76 4.55 48.24
C ARG A 1026 -38.44 4.53 48.98
N GLU A 1027 -38.29 3.57 49.89
CA GLU A 1027 -37.05 3.40 50.64
C GLU A 1027 -36.07 2.46 49.96
N ASP A 1028 -36.39 1.97 48.77
CA ASP A 1028 -35.50 1.08 48.02
C ASP A 1028 -34.54 1.93 47.21
N ALA A 1029 -33.24 1.84 47.55
CA ALA A 1029 -32.23 2.60 46.82
C ALA A 1029 -32.11 2.12 45.38
N LEU A 1030 -32.20 0.81 45.16
CA LEU A 1030 -32.08 0.28 43.80
C LEU A 1030 -33.25 0.72 42.92
N PHE A 1031 -34.45 0.77 43.49
CA PHE A 1031 -35.61 1.22 42.72
C PHE A 1031 -35.47 2.69 42.33
N CYS A 1032 -35.00 3.52 43.25
CA CYS A 1032 -34.80 4.94 42.94
C CYS A 1032 -33.74 5.12 41.86
N LYS A 1033 -32.64 4.37 41.94
CA LYS A 1033 -31.58 4.50 40.95
C LYS A 1033 -32.07 4.13 39.56
N SER A 1034 -32.84 3.05 39.46
CA SER A 1034 -33.36 2.64 38.15
C SER A 1034 -34.38 3.64 37.62
N LEU A 1035 -35.26 4.14 38.49
CA LEU A 1035 -36.28 5.10 38.06
C LEU A 1035 -35.65 6.39 37.57
N MET A 1036 -34.64 6.91 38.28
CA MET A 1036 -33.98 8.13 37.85
C MET A 1036 -33.21 7.91 36.55
N ASN A 1037 -32.60 6.73 36.39
CA ASN A 1037 -31.90 6.44 35.15
C ASN A 1037 -32.85 6.43 33.97
N LEU A 1038 -34.06 5.91 34.16
CA LEU A 1038 -35.07 5.97 33.11
C LEU A 1038 -35.49 7.41 32.83
N LEU A 1039 -35.68 8.20 33.89
CA LEU A 1039 -36.09 9.59 33.71
C LEU A 1039 -35.03 10.39 32.97
N PHE A 1040 -33.76 10.18 33.32
CA PHE A 1040 -32.69 10.93 32.66
C PHE A 1040 -32.48 10.46 31.23
N SER A 1041 -32.68 9.16 30.97
CA SER A 1041 -32.55 8.65 29.61
C SER A 1041 -33.59 9.26 28.70
N LEU A 1042 -34.83 9.38 29.18
CA LEU A 1042 -35.88 10.01 28.39
C LEU A 1042 -35.64 11.52 28.25
N HIS A 1043 -35.22 12.17 29.34
CA HIS A 1043 -35.11 13.62 29.35
C HIS A 1043 -34.00 14.11 28.41
N VAL A 1044 -32.86 13.42 28.41
CA VAL A 1044 -31.70 13.89 27.63
C VAL A 1044 -32.04 13.91 26.14
N SER A 1045 -32.76 12.89 25.67
CA SER A 1045 -33.18 12.87 24.28
C SER A 1045 -34.30 13.87 23.98
N TYR A 1046 -34.86 14.50 25.01
CA TYR A 1046 -35.90 15.52 24.85
C TYR A 1046 -35.35 16.93 24.93
N LYS A 1047 -34.61 17.25 25.99
CA LYS A 1047 -33.99 18.56 26.14
C LYS A 1047 -32.85 18.45 27.15
N SER A 1048 -32.22 19.58 27.43
CA SER A 1048 -31.08 19.59 28.35
C SER A 1048 -31.56 19.35 29.78
N PRO A 1049 -30.93 18.44 30.53
CA PRO A 1049 -31.40 18.15 31.88
C PRO A 1049 -30.77 19.04 32.95
N VAL A 1050 -30.17 20.16 32.55
CA VAL A 1050 -29.50 21.01 33.52
C VAL A 1050 -30.49 21.62 34.50
N ILE A 1051 -31.70 21.94 34.05
CA ILE A 1051 -32.73 22.41 34.95
C ILE A 1051 -33.19 21.27 35.86
N LEU A 1052 -33.30 20.07 35.30
CA LEU A 1052 -33.62 18.89 36.12
C LEU A 1052 -32.52 18.60 37.12
N LEU A 1053 -31.26 18.72 36.69
CA LEU A 1053 -30.13 18.49 37.59
C LEU A 1053 -30.11 19.50 38.72
N ARG A 1054 -30.43 20.77 38.41
CA ARG A 1054 -30.39 21.81 39.43
C ARG A 1054 -31.43 21.56 40.52
N ASP A 1055 -32.62 21.10 40.14
CA ASP A 1055 -33.67 20.86 41.13
C ASP A 1055 -33.34 19.65 42.00
N LEU A 1056 -32.68 18.65 41.44
CA LEU A 1056 -32.32 17.47 42.22
C LEU A 1056 -31.22 17.79 43.23
N SER A 1057 -30.30 18.68 42.86
CA SER A 1057 -29.24 19.08 43.78
C SER A 1057 -29.80 19.80 44.99
N GLN A 1058 -30.86 20.59 44.80
CA GLN A 1058 -31.46 21.29 45.92
C GLN A 1058 -32.10 20.32 46.90
N ASP A 1059 -32.69 19.23 46.39
CA ASP A 1059 -33.26 18.21 47.28
C ASP A 1059 -32.18 17.55 48.12
N ILE A 1060 -31.03 17.24 47.51
CA ILE A 1060 -29.92 16.66 48.27
C ILE A 1060 -29.43 17.64 49.33
N HIS A 1061 -29.38 18.93 48.98
CA HIS A 1061 -28.95 19.94 49.95
C HIS A 1061 -29.93 20.03 51.12
N GLY A 1062 -31.23 19.98 50.84
CA GLY A 1062 -32.21 20.08 51.91
C GLY A 1062 -32.18 18.88 52.85
N HIS A 1063 -32.03 17.68 52.29
CA HIS A 1063 -32.07 16.48 53.11
C HIS A 1063 -30.80 16.30 53.94
N LEU A 1064 -29.64 16.58 53.33
CA LEU A 1064 -28.36 16.36 54.00
C LEU A 1064 -27.87 17.57 54.79
N GLY A 1065 -28.51 18.72 54.65
CA GLY A 1065 -28.12 19.89 55.40
C GLY A 1065 -26.95 20.64 54.76
N ASP A 1066 -26.41 21.58 55.53
CA ASP A 1066 -25.36 22.46 55.09
C ASP A 1066 -24.07 22.21 55.88
N ILE A 1067 -22.93 22.46 55.22
CA ILE A 1067 -21.65 22.32 55.88
C ILE A 1067 -21.36 23.46 56.85
N ASP A 1068 -22.10 24.57 56.75
CA ASP A 1068 -21.87 25.70 57.62
C ASP A 1068 -22.21 25.39 59.08
N GLN A 1069 -23.18 24.51 59.31
CA GLN A 1069 -23.65 24.09 60.63
C GLN A 1069 -24.26 25.23 61.43
N ASP A 1070 -24.37 26.43 60.84
CA ASP A 1070 -25.04 27.54 61.48
C ASP A 1070 -26.19 28.11 60.66
N VAL A 1071 -26.41 27.61 59.44
CA VAL A 1071 -27.51 28.05 58.60
C VAL A 1071 -28.45 26.88 58.40
N GLU A 1072 -29.71 27.19 58.11
CA GLU A 1072 -30.74 26.19 57.85
C GLU A 1072 -31.18 26.33 56.39
N VAL A 1073 -31.07 25.24 55.63
CA VAL A 1073 -31.41 25.23 54.22
C VAL A 1073 -32.87 24.82 54.07
N GLU A 1074 -33.62 25.58 53.28
CA GLU A 1074 -35.03 25.29 53.08
C GLU A 1074 -35.21 24.06 52.19
N LYS A 1075 -36.08 23.16 52.62
CA LYS A 1075 -36.30 21.90 51.91
C LYS A 1075 -37.24 22.15 50.74
N THR A 1076 -36.71 22.04 49.52
CA THR A 1076 -37.51 22.32 48.34
C THR A 1076 -38.50 21.19 48.07
N ASN A 1077 -38.06 19.94 48.23
CA ASN A 1077 -38.88 18.76 47.96
C ASN A 1077 -39.44 18.79 46.54
N HIS A 1078 -38.55 19.01 45.57
CA HIS A 1078 -38.96 18.97 44.18
C HIS A 1078 -39.39 17.56 43.77
N PHE A 1079 -38.66 16.55 44.22
CA PHE A 1079 -38.94 15.16 43.89
C PHE A 1079 -39.07 14.36 45.17
N ALA A 1080 -40.15 13.60 45.29
CA ALA A 1080 -40.37 12.77 46.46
C ALA A 1080 -39.47 11.53 46.46
N ILE A 1081 -39.00 11.10 45.29
CA ILE A 1081 -38.13 9.93 45.23
C ILE A 1081 -36.81 10.20 45.92
N VAL A 1082 -36.41 11.47 46.02
CA VAL A 1082 -35.19 11.86 46.71
C VAL A 1082 -35.55 12.12 48.17
N ASN A 1083 -35.30 11.13 49.02
CA ASN A 1083 -35.53 11.24 50.45
C ASN A 1083 -34.20 11.18 51.18
N LEU A 1084 -34.26 11.20 52.51
CA LEU A 1084 -33.05 11.27 53.31
C LEU A 1084 -32.17 10.05 53.12
N ARG A 1085 -32.76 8.91 52.77
CA ARG A 1085 -31.98 7.69 52.58
C ARG A 1085 -31.37 7.61 51.19
N THR A 1086 -32.11 8.00 50.15
CA THR A 1086 -31.63 7.88 48.77
C THR A 1086 -30.90 9.11 48.28
N ALA A 1087 -30.90 10.21 49.03
CA ALA A 1087 -30.22 11.43 48.57
C ALA A 1087 -28.73 11.20 48.42
N ALA A 1088 -28.15 10.33 49.22
CA ALA A 1088 -26.73 9.98 49.12
C ALA A 1088 -26.53 8.57 49.68
N PRO A 1089 -25.71 7.74 49.02
CA PRO A 1089 -24.93 8.00 47.81
C PRO A 1089 -25.64 7.59 46.52
N THR A 1090 -26.97 7.52 46.50
CA THR A 1090 -27.67 7.03 45.32
C THR A 1090 -27.96 8.16 44.34
N VAL A 1091 -28.73 9.15 44.76
CA VAL A 1091 -29.07 10.25 43.86
C VAL A 1091 -27.86 11.12 43.59
N CYS A 1092 -27.06 11.40 44.62
CA CYS A 1092 -25.93 12.30 44.48
C CYS A 1092 -24.92 11.78 43.45
N LEU A 1093 -24.62 10.49 43.51
CA LEU A 1093 -23.72 9.89 42.53
C LEU A 1093 -24.37 9.86 41.14
N LEU A 1094 -25.70 9.78 41.09
CA LEU A 1094 -26.38 9.70 39.80
C LEU A 1094 -26.42 11.06 39.11
N VAL A 1095 -26.70 12.12 39.87
CA VAL A 1095 -26.75 13.46 39.27
C VAL A 1095 -25.35 13.93 38.88
N LEU A 1096 -24.33 13.52 39.63
CA LEU A 1096 -22.97 13.91 39.29
C LEU A 1096 -22.53 13.28 37.96
N SER A 1097 -22.94 12.03 37.72
CA SER A 1097 -22.60 11.39 36.44
C SER A 1097 -23.31 12.06 35.28
N GLN A 1098 -24.51 12.60 35.50
CA GLN A 1098 -25.21 13.30 34.43
C GLN A 1098 -24.61 14.66 34.15
N ALA A 1099 -24.20 15.38 35.19
CA ALA A 1099 -23.48 16.63 34.98
C ALA A 1099 -22.14 16.41 34.28
N GLU A 1100 -21.54 15.24 34.50
CA GLU A 1100 -20.33 14.90 33.74
C GLU A 1100 -20.63 14.84 32.25
N LYS A 1101 -21.76 14.24 31.87
CA LYS A 1101 -22.12 14.14 30.47
C LYS A 1101 -22.45 15.50 29.88
N VAL A 1102 -23.03 16.39 30.68
CA VAL A 1102 -23.31 17.75 30.22
C VAL A 1102 -22.01 18.48 29.91
N LEU A 1103 -21.01 18.35 30.79
CA LEU A 1103 -19.72 19.01 30.55
C LEU A 1103 -19.02 18.42 29.33
N GLU A 1104 -19.14 17.12 29.11
CA GLU A 1104 -18.57 16.51 27.91
C GLU A 1104 -19.22 17.06 26.65
N GLU A 1105 -20.52 17.34 26.70
CA GLU A 1105 -21.20 17.94 25.57
C GLU A 1105 -20.70 19.35 25.32
N VAL A 1106 -20.59 20.16 26.38
CA VAL A 1106 -20.11 21.53 26.24
C VAL A 1106 -18.65 21.54 25.79
N ASP A 1107 -17.82 20.66 26.37
CA ASP A 1107 -16.43 20.55 25.95
C ASP A 1107 -16.33 20.23 24.47
N TRP A 1108 -17.27 19.42 23.97
CA TRP A 1108 -17.29 19.10 22.54
C TRP A 1108 -17.64 20.34 21.71
N LEU A 1109 -18.59 21.14 22.17
CA LEU A 1109 -18.96 22.35 21.45
C LEU A 1109 -17.81 23.35 21.40
N ILE A 1110 -17.17 23.59 22.55
CA ILE A 1110 -16.08 24.56 22.60
C ILE A 1110 -14.94 24.13 21.69
N THR A 1111 -14.66 22.82 21.67
CA THR A 1111 -13.60 22.31 20.81
C THR A 1111 -13.93 22.53 19.34
N LYS A 1112 -15.20 22.36 18.96
CA LYS A 1112 -15.61 22.58 17.57
C LYS A 1112 -15.52 24.05 17.21
N LEU A 1113 -16.01 24.94 18.07
CA LEU A 1113 -15.91 26.37 17.82
C LEU A 1113 -14.46 26.82 17.76
N LYS A 1114 -13.62 26.29 18.66
CA LYS A 1114 -12.22 26.69 18.70
C LYS A 1114 -11.51 26.34 17.41
N GLY A 1115 -11.78 25.15 16.85
CA GLY A 1115 -11.24 24.79 15.56
C GLY A 1115 -11.97 25.37 14.38
N GLN A 1116 -13.21 25.82 14.57
CA GLN A 1116 -13.98 26.40 13.47
C GLN A 1116 -13.38 27.72 13.02
N VAL A 1117 -12.90 28.53 13.95
CA VAL A 1117 -12.28 29.80 13.62
C VAL A 1117 -10.77 29.67 13.63
N PRO A 1133 -22.22 29.10 12.47
CA PRO A 1133 -22.96 29.73 13.55
C PRO A 1133 -22.19 29.73 14.87
N ASN A 1134 -21.93 30.91 15.41
CA ASN A 1134 -21.22 31.07 16.68
C ASN A 1134 -22.05 31.72 17.77
N GLN A 1135 -22.75 32.81 17.46
CA GLN A 1135 -23.57 33.48 18.46
C GLN A 1135 -24.64 32.58 19.06
N PRO A 1136 -25.44 31.82 18.28
CA PRO A 1136 -26.38 30.90 18.92
C PRO A 1136 -25.70 29.82 19.74
N VAL A 1137 -24.53 29.33 19.29
CA VAL A 1137 -23.82 28.30 20.04
C VAL A 1137 -23.22 28.89 21.31
N GLU A 1138 -22.64 30.10 21.23
CA GLU A 1138 -22.03 30.70 22.39
C GLU A 1138 -23.05 30.98 23.49
N LYS A 1139 -24.24 31.44 23.10
CA LYS A 1139 -25.28 31.70 24.09
C LYS A 1139 -25.75 30.41 24.76
N ALA A 1140 -25.90 29.34 23.97
CA ALA A 1140 -26.33 28.06 24.53
C ALA A 1140 -25.26 27.49 25.45
N ILE A 1141 -23.99 27.62 25.08
CA ILE A 1141 -22.90 27.13 25.93
C ILE A 1141 -22.90 27.87 27.28
N ILE A 1142 -23.06 29.19 27.23
CA ILE A 1142 -23.09 29.98 28.46
C ILE A 1142 -24.33 29.65 29.28
N MET A 1143 -25.46 29.42 28.60
CA MET A 1143 -26.69 29.06 29.31
C MET A 1143 -26.55 27.71 30.00
N GLN A 1144 -25.89 26.76 29.35
CA GLN A 1144 -25.65 25.46 29.97
C GLN A 1144 -24.72 25.60 31.19
N LEU A 1145 -23.61 26.31 31.00
CA LEU A 1145 -22.67 26.48 32.11
C LEU A 1145 -23.23 27.35 33.21
N GLY A 1146 -24.11 28.30 32.85
CA GLY A 1146 -24.75 29.12 33.88
C GLY A 1146 -25.67 28.32 34.77
N THR A 1147 -26.47 27.43 34.17
CA THR A 1147 -27.38 26.60 34.98
C THR A 1147 -26.60 25.54 35.74
N LEU A 1148 -25.58 24.94 35.11
CA LEU A 1148 -24.78 23.93 35.78
C LEU A 1148 -23.94 24.54 36.90
N LEU A 1149 -23.72 25.85 36.88
CA LEU A 1149 -23.07 26.52 37.99
C LEU A 1149 -23.93 26.47 39.24
N THR A 1150 -25.25 26.66 39.08
CA THR A 1150 -26.15 26.62 40.23
C THR A 1150 -26.31 25.20 40.75
N PHE A 1151 -26.20 24.20 39.87
CA PHE A 1151 -26.21 22.82 40.32
C PHE A 1151 -25.02 22.52 41.21
N PHE A 1152 -23.83 22.93 40.77
CA PHE A 1152 -22.63 22.75 41.59
C PHE A 1152 -22.65 23.64 42.81
N HIS A 1153 -23.30 24.81 42.72
CA HIS A 1153 -23.36 25.73 43.84
C HIS A 1153 -24.12 25.12 45.02
N GLU A 1154 -25.12 24.29 44.73
CA GLU A 1154 -25.87 23.64 45.81
C GLU A 1154 -25.07 22.48 46.41
N LEU A 1155 -24.31 21.77 45.59
CA LEU A 1155 -23.59 20.59 46.05
C LEU A 1155 -22.34 20.94 46.87
N VAL A 1156 -21.67 22.05 46.55
CA VAL A 1156 -20.45 22.41 47.26
C VAL A 1156 -20.71 22.82 48.71
N GLN A 1157 -21.93 23.20 49.04
CA GLN A 1157 -22.29 23.52 50.41
C GLN A 1157 -23.25 22.49 51.02
N THR A 1158 -23.19 21.24 50.57
CA THR A 1158 -23.97 20.16 51.15
C THR A 1158 -23.05 19.25 51.96
N ALA A 1159 -23.53 18.81 53.13
CA ALA A 1159 -22.73 17.94 53.98
C ALA A 1159 -22.79 16.51 53.47
N LEU A 1160 -22.02 16.21 52.43
CA LEU A 1160 -21.96 14.91 51.80
C LEU A 1160 -21.19 13.92 52.65
N PRO A 1161 -21.51 12.63 52.55
CA PRO A 1161 -20.72 11.61 53.25
C PRO A 1161 -19.30 11.53 52.71
N SER A 1162 -18.39 11.12 53.59
CA SER A 1162 -16.96 11.08 53.28
C SER A 1162 -16.58 10.02 52.27
N GLY A 1163 -17.55 9.31 51.68
CA GLY A 1163 -17.23 8.23 50.76
C GLY A 1163 -16.91 8.71 49.35
N SER A 1164 -17.52 8.07 48.36
CA SER A 1164 -17.28 8.42 46.96
C SER A 1164 -18.05 9.66 46.52
N CYS A 1165 -19.00 10.14 47.33
CA CYS A 1165 -19.70 11.38 46.98
C CYS A 1165 -18.75 12.56 46.97
N VAL A 1166 -17.89 12.67 47.98
CA VAL A 1166 -16.90 13.75 48.02
C VAL A 1166 -15.87 13.56 46.91
N ASP A 1167 -15.44 12.31 46.70
CA ASP A 1167 -14.46 12.03 45.66
C ASP A 1167 -14.98 12.40 44.27
N THR A 1168 -16.25 12.09 44.01
CA THR A 1168 -16.81 12.38 42.69
C THR A 1168 -17.11 13.86 42.52
N LEU A 1169 -17.56 14.52 43.59
CA LEU A 1169 -17.84 15.96 43.49
C LEU A 1169 -16.56 16.75 43.26
N LEU A 1170 -15.48 16.41 43.96
CA LEU A 1170 -14.20 17.08 43.75
C LEU A 1170 -13.69 16.87 42.33
N LYS A 1171 -13.83 15.65 41.82
CA LYS A 1171 -13.44 15.37 40.43
C LYS A 1171 -14.32 16.12 39.45
N ASP A 1172 -15.61 16.27 39.76
CA ASP A 1172 -16.53 16.97 38.88
C ASP A 1172 -16.31 18.47 38.91
N LEU A 1173 -15.96 19.02 40.07
CA LEU A 1173 -15.61 20.44 40.13
C LEU A 1173 -14.37 20.75 39.31
N CYS A 1174 -13.40 19.82 39.30
CA CYS A 1174 -12.24 19.98 38.43
C CYS A 1174 -12.64 19.98 36.97
N LYS A 1175 -13.63 19.16 36.60
CA LYS A 1175 -14.13 19.16 35.24
C LYS A 1175 -14.90 20.45 34.92
N MET A 1176 -15.63 20.98 35.91
CA MET A 1176 -16.35 22.23 35.69
C MET A 1176 -15.39 23.38 35.44
N TYR A 1177 -14.31 23.46 36.22
CA TYR A 1177 -13.34 24.54 36.05
C TYR A 1177 -12.48 24.35 34.82
N THR A 1178 -12.21 23.10 34.43
CA THR A 1178 -11.54 22.84 33.17
C THR A 1178 -12.39 23.29 31.99
N THR A 1179 -13.70 23.06 32.07
CA THR A 1179 -14.60 23.53 31.02
C THR A 1179 -14.66 25.05 30.97
N LEU A 1180 -14.68 25.70 32.13
CA LEU A 1180 -14.66 27.16 32.17
C LEU A 1180 -13.37 27.70 31.56
N THR A 1181 -12.24 27.04 31.87
CA THR A 1181 -10.97 27.46 31.28
C THR A 1181 -10.99 27.32 29.76
N ALA A 1182 -11.57 26.22 29.26
CA ALA A 1182 -11.66 26.03 27.82
C ALA A 1182 -12.50 27.11 27.16
N LEU A 1183 -13.57 27.55 27.83
CA LEU A 1183 -14.38 28.64 27.29
C LEU A 1183 -13.61 29.95 27.27
N VAL A 1184 -12.86 30.24 28.35
CA VAL A 1184 -12.07 31.46 28.41
C VAL A 1184 -10.99 31.45 27.34
N ARG A 1185 -10.30 30.31 27.18
CA ARG A 1185 -9.26 30.21 26.17
C ARG A 1185 -9.83 30.36 24.76
N TYR A 1186 -11.10 30.00 24.57
CA TYR A 1186 -11.74 30.21 23.28
C TYR A 1186 -11.87 31.69 22.97
N TYR A 1187 -12.25 32.50 23.97
CA TYR A 1187 -12.38 33.93 23.76
C TYR A 1187 -11.03 34.61 23.57
N LEU A 1188 -9.97 34.06 24.17
CA LEU A 1188 -8.63 34.55 23.90
C LEU A 1188 -8.30 34.48 22.42
N GLN A 1189 -8.73 33.41 21.76
CA GLN A 1189 -8.51 33.28 20.33
C GLN A 1189 -9.44 34.16 19.51
N VAL A 1190 -10.64 34.45 20.02
CA VAL A 1190 -11.64 35.18 19.26
C VAL A 1190 -11.61 36.67 19.58
N CYS A 1191 -11.65 37.04 20.86
CA CYS A 1191 -11.77 38.44 21.24
C CYS A 1191 -10.49 39.20 20.99
N GLN A 1192 -10.41 39.89 19.85
CA GLN A 1192 -9.23 40.68 19.51
C GLN A 1192 -9.32 42.07 20.14
N ILE A 1197 -15.63 41.48 25.07
CA ILE A 1197 -16.29 40.36 25.72
C ILE A 1197 -17.78 40.65 25.88
N PRO A 1198 -18.61 39.73 25.41
CA PRO A 1198 -20.06 39.94 25.49
C PRO A 1198 -20.55 39.90 26.93
N LYS A 1199 -21.76 40.44 27.14
CA LYS A 1199 -22.31 40.55 28.48
C LYS A 1199 -22.58 39.19 29.11
N ASN A 1200 -23.09 38.23 28.32
CA ASN A 1200 -23.40 36.92 28.87
C ASN A 1200 -22.16 36.21 29.39
N MET A 1201 -21.04 36.34 28.66
CA MET A 1201 -19.79 35.75 29.13
C MET A 1201 -19.30 36.42 30.41
N GLU A 1202 -19.45 37.75 30.49
CA GLU A 1202 -19.03 38.47 31.69
C GLU A 1202 -19.86 38.05 32.90
N LYS A 1203 -21.17 37.91 32.73
CA LYS A 1203 -22.02 37.50 33.85
C LYS A 1203 -21.72 36.08 34.28
N LEU A 1204 -21.35 35.19 33.35
CA LEU A 1204 -20.92 33.86 33.70
C LEU A 1204 -19.65 33.89 34.54
N VAL A 1205 -18.70 34.76 34.17
CA VAL A 1205 -17.48 34.90 34.95
C VAL A 1205 -17.79 35.44 36.34
N LYS A 1206 -18.70 36.42 36.42
CA LYS A 1206 -19.08 36.98 37.72
C LYS A 1206 -19.75 35.93 38.60
N LEU A 1207 -20.63 35.11 38.02
CA LEU A 1207 -21.32 34.09 38.78
C LEU A 1207 -20.35 33.05 39.31
N SER A 1208 -19.38 32.64 38.49
CA SER A 1208 -18.40 31.65 38.93
C SER A 1208 -17.58 32.17 40.11
N GLY A 1209 -17.34 33.49 40.14
CA GLY A 1209 -16.53 34.06 41.21
C GLY A 1209 -17.29 34.31 42.50
N SER A 1210 -18.61 34.46 42.42
CA SER A 1210 -19.40 34.77 43.59
C SER A 1210 -20.14 33.56 44.17
N HIS A 1211 -20.34 32.50 43.39
CA HIS A 1211 -21.13 31.37 43.85
C HIS A 1211 -20.40 30.03 43.84
N LEU A 1212 -19.24 29.92 43.20
CA LEU A 1212 -18.53 28.65 43.16
C LEU A 1212 -17.14 28.73 43.81
N THR A 1213 -16.32 29.68 43.40
CA THR A 1213 -14.92 29.70 43.87
C THR A 1213 -14.79 29.88 45.38
N PRO A 1214 -15.45 30.86 46.03
CA PRO A 1214 -15.31 30.94 47.49
C PRO A 1214 -15.89 29.74 48.21
N LEU A 1215 -16.96 29.14 47.68
CA LEU A 1215 -17.56 28.00 48.33
C LEU A 1215 -16.76 26.72 48.10
N CYS A 1216 -15.99 26.66 47.00
CA CYS A 1216 -15.10 25.52 46.80
C CYS A 1216 -14.04 25.46 47.88
N TYR A 1217 -13.50 26.61 48.28
CA TYR A 1217 -12.53 26.64 49.37
C TYR A 1217 -13.15 26.21 50.68
N SER A 1218 -14.40 26.64 50.94
CA SER A 1218 -15.09 26.21 52.16
C SER A 1218 -15.33 24.70 52.15
N PHE A 1219 -15.72 24.15 51.00
CA PHE A 1219 -15.91 22.71 50.91
C PHE A 1219 -14.60 21.96 51.11
N ILE A 1220 -13.50 22.49 50.56
CA ILE A 1220 -12.19 21.86 50.75
C ILE A 1220 -11.83 21.87 52.23
N SER A 1221 -12.06 22.99 52.91
CA SER A 1221 -11.82 23.06 54.35
C SER A 1221 -12.73 22.09 55.11
N TYR A 1222 -14.00 22.01 54.70
CA TYR A 1222 -14.95 21.13 55.36
C TYR A 1222 -14.53 19.66 55.24
N VAL A 1223 -14.13 19.25 54.04
CA VAL A 1223 -13.77 17.85 53.80
C VAL A 1223 -12.57 17.46 54.65
N GLN A 1224 -11.56 18.34 54.70
CA GLN A 1224 -10.31 17.99 55.37
C GLN A 1224 -10.45 18.01 56.88
N ASN A 1225 -11.22 18.95 57.42
CA ASN A 1225 -11.29 19.12 58.87
C ASN A 1225 -11.99 17.95 59.55
N LYS A 1226 -13.17 17.56 59.04
CA LYS A 1226 -13.94 16.50 59.68
C LYS A 1226 -13.45 15.13 59.24
N SER A 1227 -13.43 14.20 60.19
CA SER A 1227 -12.97 12.84 59.92
C SER A 1227 -13.98 11.82 60.43
N VAL A 1243 -0.50 -2.24 55.95
CA VAL A 1243 0.32 -2.78 54.87
C VAL A 1243 0.41 -1.78 53.72
N ALA A 1244 0.88 -2.26 52.57
CA ALA A 1244 1.06 -1.39 51.41
C ALA A 1244 -0.26 -0.93 50.81
N THR A 1245 -1.35 -1.67 51.03
CA THR A 1245 -2.65 -1.25 50.50
C THR A 1245 -3.09 0.07 51.13
N ALA A 1246 -2.89 0.22 52.44
CA ALA A 1246 -3.20 1.48 53.10
C ALA A 1246 -2.28 2.60 52.61
N MET A 1247 -1.02 2.27 52.32
CA MET A 1247 -0.08 3.26 51.80
C MET A 1247 -0.56 3.82 50.47
N ALA A 1248 -1.06 2.95 49.59
CA ALA A 1248 -1.61 3.41 48.32
C ALA A 1248 -2.87 4.25 48.54
N ARG A 1249 -3.71 3.85 49.50
CA ARG A 1249 -4.96 4.58 49.73
C ARG A 1249 -4.70 5.99 50.23
N VAL A 1250 -3.77 6.16 51.18
CA VAL A 1250 -3.54 7.48 51.75
C VAL A 1250 -2.90 8.41 50.72
N LEU A 1251 -2.02 7.86 49.86
CA LEU A 1251 -1.42 8.68 48.82
C LEU A 1251 -2.38 8.97 47.68
N ARG A 1252 -3.36 8.09 47.44
CA ARG A 1252 -4.35 8.34 46.40
C ARG A 1252 -5.31 9.45 46.80
N GLU A 1253 -5.57 9.59 48.11
CA GLU A 1253 -6.50 10.61 48.58
C GLU A 1253 -5.86 12.00 48.57
N THR A 1254 -4.54 12.09 48.38
CA THR A 1254 -3.88 13.37 48.29
C THR A 1254 -3.94 13.97 46.88
N LYS A 1255 -4.51 13.26 45.92
CA LYS A 1255 -4.64 13.74 44.55
C LYS A 1255 -5.81 14.69 44.32
N PRO A 1256 -7.03 14.37 44.77
CA PRO A 1256 -8.21 15.13 44.28
C PRO A 1256 -8.18 16.62 44.61
N ILE A 1257 -7.93 16.99 45.87
CA ILE A 1257 -7.99 18.39 46.28
C ILE A 1257 -6.94 19.23 45.57
N PRO A 1258 -5.67 18.81 45.49
CA PRO A 1258 -4.71 19.58 44.68
C PRO A 1258 -5.09 19.67 43.21
N ASN A 1259 -5.77 18.66 42.67
CA ASN A 1259 -6.23 18.73 41.29
C ASN A 1259 -7.23 19.85 41.09
N LEU A 1260 -8.13 20.04 42.05
CA LEU A 1260 -9.10 21.14 41.97
C LEU A 1260 -8.40 22.48 42.14
N ILE A 1261 -7.41 22.56 43.03
CA ILE A 1261 -6.69 23.81 43.25
C ILE A 1261 -5.97 24.24 41.99
N PHE A 1262 -5.36 23.29 41.28
CA PHE A 1262 -4.75 23.61 39.99
C PHE A 1262 -5.78 24.08 38.99
N ALA A 1263 -6.97 23.46 38.99
CA ALA A 1263 -8.01 23.82 38.03
C ALA A 1263 -8.49 25.24 38.23
N ILE A 1264 -8.69 25.65 39.48
CA ILE A 1264 -9.13 27.01 39.75
C ILE A 1264 -8.03 28.02 39.41
N GLU A 1265 -6.79 27.71 39.78
CA GLU A 1265 -5.69 28.63 39.49
C GLU A 1265 -5.40 28.69 38.00
N GLN A 1266 -5.53 27.56 37.29
CA GLN A 1266 -5.42 27.59 35.84
C GLN A 1266 -6.54 28.42 35.22
N TYR A 1267 -7.74 28.33 35.80
CA TYR A 1267 -8.86 29.13 35.32
C TYR A 1267 -8.62 30.61 35.53
N GLU A 1268 -8.10 30.98 36.71
CA GLU A 1268 -7.84 32.39 36.99
C GLU A 1268 -6.62 32.91 36.23
N LYS A 1269 -5.70 32.02 35.88
CA LYS A 1269 -4.54 32.43 35.08
C LYS A 1269 -4.97 32.93 33.71
N PHE A 1270 -5.87 32.20 33.06
CA PHE A 1270 -6.33 32.58 31.73
C PHE A 1270 -7.34 33.72 31.76
N LEU A 1271 -7.97 33.96 32.91
CA LEU A 1271 -8.82 35.13 33.03
C LEU A 1271 -7.99 36.41 33.18
N ILE A 1272 -6.77 36.29 33.70
CA ILE A 1272 -5.85 37.43 33.66
C ILE A 1272 -5.44 37.71 32.22
N HIS A 1273 -5.19 36.65 31.44
CA HIS A 1273 -4.85 36.83 30.03
C HIS A 1273 -5.99 37.49 29.28
N LEU A 1274 -7.23 37.04 29.52
CA LEU A 1274 -8.38 37.59 28.82
C LEU A 1274 -8.60 39.06 29.21
N SER A 1275 -8.44 39.37 30.50
CA SER A 1275 -8.60 40.75 30.94
C SER A 1275 -7.53 41.65 30.34
N LYS A 1276 -6.31 41.14 30.17
CA LYS A 1276 -5.26 41.92 29.53
C LYS A 1276 -5.55 42.10 28.05
N LYS A 1277 -6.02 41.04 27.37
CA LYS A 1277 -6.23 41.10 25.94
C LYS A 1277 -7.47 41.91 25.59
N SER A 1278 -8.55 41.72 26.33
CA SER A 1278 -9.84 42.36 26.02
C SER A 1278 -10.01 43.70 26.72
N LYS A 1279 -9.03 44.14 27.51
CA LYS A 1279 -9.02 45.43 28.17
C LYS A 1279 -10.19 45.64 29.13
N VAL A 1280 -10.85 44.56 29.55
CA VAL A 1280 -11.90 44.63 30.57
C VAL A 1280 -11.46 43.77 31.75
N ASN A 1281 -11.50 44.34 32.95
CA ASN A 1281 -10.98 43.68 34.14
C ASN A 1281 -11.99 42.64 34.60
N LEU A 1282 -11.68 41.37 34.34
CA LEU A 1282 -12.52 40.27 34.78
C LEU A 1282 -12.15 39.75 36.16
N MET A 1283 -11.06 40.25 36.74
CA MET A 1283 -10.63 39.83 38.07
C MET A 1283 -11.21 40.68 39.19
N GLN A 1284 -12.06 41.66 38.86
CA GLN A 1284 -12.74 42.40 39.91
C GLN A 1284 -13.86 41.58 40.54
N HIS A 1285 -14.38 40.60 39.81
CA HIS A 1285 -15.42 39.72 40.32
C HIS A 1285 -14.86 38.61 41.21
N MET A 1286 -13.55 38.39 41.17
CA MET A 1286 -12.92 37.30 41.89
C MET A 1286 -12.20 37.83 43.12
N LYS A 1287 -12.55 37.28 44.29
CA LYS A 1287 -11.85 37.58 45.52
C LYS A 1287 -10.48 36.91 45.52
N LEU A 1288 -9.63 37.35 46.44
CA LEU A 1288 -8.30 36.78 46.55
C LEU A 1288 -8.38 35.31 46.94
N SER A 1289 -7.48 34.50 46.37
CA SER A 1289 -7.48 33.08 46.65
C SER A 1289 -7.21 32.81 48.12
N THR A 1290 -7.89 31.80 48.66
CA THR A 1290 -7.76 31.42 50.06
C THR A 1290 -6.90 30.17 50.16
N SER A 1291 -5.83 30.26 50.93
CA SER A 1291 -4.90 29.15 51.12
C SER A 1291 -5.05 28.57 52.51
N ARG A 1292 -4.69 27.30 52.64
CA ARG A 1292 -4.80 26.58 53.89
C ARG A 1292 -3.43 26.14 54.37
N ASP A 1293 -3.27 26.09 55.69
CA ASP A 1293 -2.04 25.63 56.32
C ASP A 1293 -2.36 24.54 57.33
N PHE A 1294 -1.46 23.58 57.47
CA PHE A 1294 -1.64 22.51 58.43
C PHE A 1294 -1.03 22.87 59.77
N LYS A 1295 -1.70 22.44 60.84
CA LYS A 1295 -1.19 22.59 62.19
C LYS A 1295 -1.68 21.42 63.03
N ILE A 1296 -0.75 20.76 63.70
CA ILE A 1296 -1.00 19.48 64.35
C ILE A 1296 -1.26 19.71 65.83
N LYS A 1297 -2.34 19.13 66.33
CA LYS A 1297 -2.70 19.23 67.74
C LYS A 1297 -1.95 18.20 68.57
N LEU B 258 -4.94 -38.58 24.71
CA LEU B 258 -4.17 -39.16 25.82
C LEU B 258 -4.22 -38.25 27.04
N ASP B 259 -3.53 -38.66 28.10
CA ASP B 259 -3.46 -37.85 29.31
C ASP B 259 -2.64 -36.58 29.04
N PRO B 260 -3.16 -35.40 29.40
CA PRO B 260 -2.38 -34.17 29.14
C PRO B 260 -1.01 -34.17 29.80
N ASN B 261 -0.90 -34.67 31.02
CA ASN B 261 0.39 -34.70 31.70
C ASN B 261 1.32 -35.74 31.09
N PHE B 262 0.76 -36.86 30.62
CA PHE B 262 1.57 -37.86 29.95
C PHE B 262 2.18 -37.31 28.67
N LEU B 263 1.40 -36.52 27.92
CA LEU B 263 1.92 -35.91 26.70
C LEU B 263 3.05 -34.92 27.00
N LEU B 264 2.91 -34.14 28.08
CA LEU B 264 3.98 -33.23 28.45
C LEU B 264 5.24 -34.00 28.86
N LYS B 265 5.06 -35.09 29.60
CA LYS B 265 6.22 -35.84 30.08
C LYS B 265 7.01 -36.44 28.93
N VAL B 266 6.31 -37.04 27.95
CA VAL B 266 7.02 -37.60 26.80
C VAL B 266 7.60 -36.49 25.93
N ARG B 267 6.94 -35.34 25.87
CA ARG B 267 7.48 -34.21 25.12
C ARG B 267 8.77 -33.70 25.77
N GLN B 268 8.81 -33.66 27.11
CA GLN B 268 10.02 -33.25 27.80
C GLN B 268 11.16 -34.23 27.54
N LEU B 269 10.85 -35.52 27.49
CA LEU B 269 11.89 -36.51 27.19
C LEU B 269 12.49 -36.29 25.81
N VAL B 270 11.64 -35.98 24.83
CA VAL B 270 12.13 -35.68 23.49
C VAL B 270 12.97 -34.40 23.51
N MET B 271 12.51 -33.39 24.24
CA MET B 271 13.23 -32.12 24.30
C MET B 271 14.59 -32.28 24.98
N ASP B 272 14.68 -33.18 25.95
CA ASP B 272 15.92 -33.31 26.73
C ASP B 272 17.09 -33.73 25.85
N LYS B 273 16.87 -34.70 24.94
CA LYS B 273 17.92 -35.23 24.10
C LYS B 273 18.04 -34.50 22.76
N LEU B 274 17.59 -33.25 22.69
CA LEU B 274 17.62 -32.53 21.41
C LEU B 274 19.04 -32.34 20.90
N SER B 275 20.02 -32.27 21.80
CA SER B 275 21.41 -32.07 21.39
C SER B 275 22.03 -33.36 20.85
N SER B 276 21.63 -34.52 21.37
CA SER B 276 22.28 -35.78 21.04
C SER B 276 21.63 -36.51 19.87
N ILE B 277 20.53 -36.00 19.32
CA ILE B 277 19.86 -36.66 18.21
C ILE B 277 20.61 -36.36 16.91
N ARG B 278 20.25 -37.08 15.85
CA ARG B 278 20.86 -36.89 14.54
C ARG B 278 20.32 -35.62 13.90
N LEU B 279 20.64 -35.40 12.62
CA LEU B 279 20.22 -34.20 11.92
C LEU B 279 18.95 -34.42 11.10
N GLU B 280 18.80 -35.60 10.51
CA GLU B 280 17.64 -35.86 9.65
C GLU B 280 16.34 -35.88 10.45
N ASP B 281 16.37 -36.39 11.68
CA ASP B 281 15.16 -36.49 12.48
C ASP B 281 14.76 -35.19 13.16
N LEU B 282 15.57 -34.14 13.05
CA LEU B 282 15.21 -32.86 13.65
C LEU B 282 13.93 -32.27 13.06
N PRO B 283 13.72 -32.23 11.72
CA PRO B 283 12.46 -31.65 11.21
C PRO B 283 11.20 -32.27 11.80
N VAL B 284 11.12 -33.59 11.86
CA VAL B 284 9.92 -34.24 12.37
C VAL B 284 9.81 -34.04 13.88
N ILE B 285 10.93 -34.08 14.59
CA ILE B 285 10.90 -33.84 16.03
C ILE B 285 10.45 -32.41 16.33
N ILE B 286 10.99 -31.44 15.60
CA ILE B 286 10.53 -30.05 15.76
C ILE B 286 9.08 -29.93 15.35
N LYS B 287 8.67 -30.67 14.32
CA LYS B 287 7.26 -30.66 13.89
C LYS B 287 6.37 -31.20 15.00
N PHE B 288 6.79 -32.28 15.67
CA PHE B 288 5.98 -32.84 16.74
C PHE B 288 5.86 -31.88 17.91
N ILE B 289 6.97 -31.23 18.31
CA ILE B 289 6.93 -30.32 19.44
C ILE B 289 6.07 -29.10 19.13
N LEU B 290 6.24 -28.52 17.93
CA LEU B 290 5.51 -27.31 17.60
C LEU B 290 4.02 -27.59 17.45
N HIS B 291 3.65 -28.74 16.90
CA HIS B 291 2.23 -29.07 16.73
C HIS B 291 1.54 -29.45 18.02
N SER B 292 2.26 -30.06 18.97
CA SER B 292 1.66 -30.54 20.21
C SER B 292 1.88 -29.49 21.31
N VAL B 293 1.22 -28.34 21.14
CA VAL B 293 1.25 -27.27 22.12
C VAL B 293 -0.17 -26.77 22.35
N THR B 294 -0.36 -26.10 23.48
CA THR B 294 -1.61 -25.45 23.84
C THR B 294 -1.37 -23.95 24.01
N ALA B 295 -2.41 -23.25 24.47
CA ALA B 295 -2.33 -21.79 24.57
C ALA B 295 -1.38 -21.34 25.66
N MET B 296 -1.48 -21.94 26.85
CA MET B 296 -0.73 -21.45 28.00
C MET B 296 0.75 -21.85 27.96
N ASP B 297 1.09 -22.96 27.34
CA ASP B 297 2.48 -23.41 27.32
C ASP B 297 3.24 -22.92 26.09
N THR B 298 2.63 -22.12 25.23
CA THR B 298 3.30 -21.67 24.02
C THR B 298 4.53 -20.81 24.36
N LEU B 299 4.41 -19.95 25.36
CA LEU B 299 5.52 -19.09 25.74
C LEU B 299 6.70 -19.90 26.25
N GLU B 300 6.43 -20.92 27.06
CA GLU B 300 7.52 -21.67 27.68
C GLU B 300 8.15 -22.67 26.72
N VAL B 301 7.34 -23.37 25.94
CA VAL B 301 7.88 -24.35 24.99
C VAL B 301 8.75 -23.64 23.95
N ILE B 302 8.29 -22.50 23.45
CA ILE B 302 9.10 -21.73 22.50
C ILE B 302 10.38 -21.25 23.15
N SER B 303 10.28 -20.74 24.40
CA SER B 303 11.47 -20.27 25.10
C SER B 303 12.47 -21.41 25.32
N GLU B 304 11.98 -22.58 25.71
CA GLU B 304 12.87 -23.73 25.90
C GLU B 304 13.50 -24.14 24.57
N LEU B 305 12.75 -24.07 23.48
CA LEU B 305 13.26 -24.48 22.19
C LEU B 305 14.39 -23.58 21.71
N ARG B 306 14.40 -22.33 22.15
CA ARG B 306 15.40 -21.38 21.68
C ARG B 306 16.80 -21.77 22.17
N GLU B 307 16.94 -22.00 23.47
CA GLU B 307 18.23 -22.35 24.04
C GLU B 307 18.65 -23.79 23.75
N LYS B 308 17.70 -24.69 23.55
CA LYS B 308 18.01 -26.09 23.30
C LYS B 308 18.45 -26.38 21.87
N LEU B 309 17.96 -25.62 20.90
CA LEU B 309 18.30 -25.86 19.50
C LEU B 309 19.61 -25.17 19.16
N ASP B 310 20.56 -25.95 18.64
CA ASP B 310 21.89 -25.44 18.29
C ASP B 310 22.17 -25.43 16.80
N LEU B 311 21.66 -26.43 16.06
CA LEU B 311 21.76 -26.47 14.60
C LEU B 311 23.21 -26.61 14.13
N GLN B 312 24.14 -26.68 15.08
CA GLN B 312 25.56 -26.78 14.75
C GLN B 312 25.91 -28.18 14.26
N SER B 342 25.19 -33.06 3.01
CA SER B 342 23.78 -33.08 3.34
C SER B 342 23.46 -32.13 4.48
N GLY B 343 24.49 -31.43 4.96
CA GLY B 343 24.28 -30.49 6.06
C GLY B 343 23.36 -29.34 5.67
N GLN B 344 23.52 -28.81 4.46
CA GLN B 344 22.64 -27.73 4.01
C GLN B 344 21.22 -28.23 3.78
N SER B 345 21.09 -29.43 3.21
CA SER B 345 19.76 -29.94 2.87
C SER B 345 18.91 -30.17 4.12
N CYS B 346 19.52 -30.75 5.17
CA CYS B 346 18.79 -30.99 6.40
C CYS B 346 18.37 -29.68 7.05
N ILE B 347 19.25 -28.67 7.02
CA ILE B 347 18.89 -27.37 7.57
C ILE B 347 17.77 -26.72 6.76
N ILE B 348 17.84 -26.83 5.42
CA ILE B 348 16.79 -26.29 4.58
C ILE B 348 15.46 -26.97 4.88
N LEU B 349 15.47 -28.31 4.99
CA LEU B 349 14.25 -29.03 5.35
C LEU B 349 13.82 -28.70 6.77
N LEU B 350 14.78 -28.42 7.65
CA LEU B 350 14.44 -28.00 9.01
C LEU B 350 13.69 -26.68 9.00
N PHE B 351 14.21 -25.70 8.25
CA PHE B 351 13.56 -24.39 8.19
C PHE B 351 12.27 -24.44 7.38
N ASP B 352 12.19 -25.34 6.40
CA ASP B 352 10.95 -25.48 5.64
C ASP B 352 9.81 -25.98 6.54
N VAL B 353 10.12 -26.91 7.45
CA VAL B 353 9.11 -27.39 8.39
C VAL B 353 8.65 -26.25 9.30
N ILE B 354 9.59 -25.45 9.80
CA ILE B 354 9.24 -24.35 10.70
C ILE B 354 8.35 -23.34 9.98
N LYS B 355 8.65 -23.05 8.71
CA LYS B 355 7.80 -22.16 7.94
C LYS B 355 6.38 -22.72 7.80
N SER B 356 6.26 -24.02 7.55
CA SER B 356 4.94 -24.64 7.46
C SER B 356 4.29 -24.72 8.84
N ALA B 357 5.09 -24.92 9.89
CA ALA B 357 4.54 -25.08 11.23
C ALA B 357 3.96 -23.79 11.78
N ILE B 358 4.56 -22.64 11.43
CA ILE B 358 4.08 -21.35 11.92
C ILE B 358 3.29 -20.60 10.87
N ARG B 359 3.00 -21.22 9.72
CA ARG B 359 2.28 -20.52 8.66
C ARG B 359 0.88 -20.12 9.12
N TYR B 360 0.18 -21.01 9.81
CA TYR B 360 -1.18 -20.76 10.28
C TYR B 360 -1.25 -20.51 11.78
N GLU B 361 -0.12 -20.32 12.44
CA GLU B 361 -0.07 -20.12 13.89
C GLU B 361 0.62 -18.79 14.19
N LYS B 362 -0.17 -17.76 14.45
CA LYS B 362 0.39 -16.44 14.75
C LYS B 362 0.93 -16.36 16.17
N THR B 363 0.28 -17.01 17.12
CA THR B 363 0.70 -16.92 18.52
C THR B 363 2.08 -17.53 18.73
N ILE B 364 2.39 -18.61 18.01
CA ILE B 364 3.71 -19.22 18.12
C ILE B 364 4.79 -18.23 17.66
N SER B 365 4.53 -17.52 16.57
CA SER B 365 5.48 -16.51 16.09
C SER B 365 5.63 -15.38 17.10
N GLU B 366 4.52 -14.95 17.69
CA GLU B 366 4.60 -13.89 18.71
C GLU B 366 5.39 -14.35 19.93
N ALA B 367 5.23 -15.62 20.30
CA ALA B 367 5.98 -16.14 21.44
C ALA B 367 7.48 -16.23 21.14
N TRP B 368 7.84 -16.40 19.86
CA TRP B 368 9.25 -16.48 19.49
C TRP B 368 9.91 -15.11 19.64
N ILE B 369 9.21 -14.05 19.23
CA ILE B 369 9.76 -12.70 19.35
C ILE B 369 9.85 -12.29 20.81
N LYS B 370 8.87 -12.69 21.63
CA LYS B 370 8.94 -12.43 23.06
C LYS B 370 10.15 -13.11 23.68
N ALA B 371 10.45 -14.33 23.24
CA ALA B 371 11.64 -15.03 23.73
C ALA B 371 12.92 -14.28 23.34
N ILE B 372 12.97 -13.75 22.13
CA ILE B 372 14.13 -12.99 21.70
C ILE B 372 14.23 -11.68 22.48
N GLU B 373 13.11 -11.00 22.66
CA GLU B 373 13.11 -9.71 23.34
C GLU B 373 13.57 -9.84 24.78
N ASN B 374 13.15 -10.91 25.46
CA ASN B 374 13.52 -11.09 26.86
C ASN B 374 15.01 -11.34 27.04
N THR B 375 15.68 -11.87 26.00
CA THR B 375 17.10 -12.13 26.09
C THR B 375 17.88 -10.83 26.33
N ALA B 376 18.80 -10.87 27.30
CA ALA B 376 19.53 -9.69 27.71
C ALA B 376 21.05 -9.87 27.66
N SER B 377 21.54 -10.92 27.00
CA SER B 377 22.97 -11.17 26.88
C SER B 377 23.34 -11.32 25.41
N VAL B 378 24.46 -10.70 25.02
CA VAL B 378 24.87 -10.70 23.62
C VAL B 378 25.25 -12.10 23.17
N SER B 379 25.97 -12.85 24.01
CA SER B 379 26.49 -14.15 23.61
C SER B 379 25.36 -15.16 23.35
N GLU B 380 24.21 -14.97 23.98
CA GLU B 380 23.09 -15.90 23.77
C GLU B 380 22.50 -15.75 22.37
N HIS B 381 22.50 -14.55 21.82
CA HIS B 381 22.04 -14.35 20.45
C HIS B 381 22.91 -15.14 19.48
N LYS B 382 22.26 -15.82 18.54
CA LYS B 382 22.94 -16.77 17.66
C LYS B 382 22.45 -16.54 16.24
N VAL B 383 23.15 -17.14 15.27
CA VAL B 383 22.74 -17.05 13.87
C VAL B 383 21.31 -17.56 13.70
N PHE B 384 20.97 -18.69 14.31
CA PHE B 384 19.62 -19.22 14.23
C PHE B 384 18.61 -18.23 14.79
N ASP B 385 19.01 -17.46 15.81
CA ASP B 385 18.13 -16.44 16.35
C ASP B 385 17.82 -15.35 15.32
N LEU B 386 18.82 -14.95 14.54
CA LEU B 386 18.61 -13.90 13.55
C LEU B 386 17.85 -14.41 12.33
N VAL B 387 18.13 -15.66 11.92
CA VAL B 387 17.45 -16.23 10.75
C VAL B 387 15.95 -16.34 11.01
N MET B 388 15.58 -16.79 12.21
CA MET B 388 14.17 -16.97 12.54
C MET B 388 13.43 -15.63 12.54
N LEU B 389 14.10 -14.56 12.97
CA LEU B 389 13.50 -13.24 12.94
C LEU B 389 13.17 -12.82 11.51
N PHE B 390 14.02 -13.19 10.55
CA PHE B 390 13.73 -12.88 9.16
C PHE B 390 12.64 -13.79 8.60
N ILE B 391 12.55 -15.03 9.12
CA ILE B 391 11.55 -15.97 8.62
C ILE B 391 10.15 -15.51 9.01
N ILE B 392 9.97 -15.11 10.27
CA ILE B 392 8.67 -14.63 10.72
C ILE B 392 8.29 -13.35 9.98
N TYR B 393 9.29 -12.49 9.71
CA TYR B 393 9.03 -11.25 8.99
C TYR B 393 8.50 -11.54 7.59
N SER B 394 9.09 -12.53 6.90
CA SER B 394 8.65 -12.84 5.55
C SER B 394 7.34 -13.61 5.52
N THR B 395 7.13 -14.49 6.49
CA THR B 395 5.95 -15.36 6.46
C THR B 395 4.70 -14.63 6.93
N ASN B 396 4.71 -14.14 8.17
CA ASN B 396 3.54 -13.49 8.77
C ASN B 396 3.65 -11.99 8.58
N THR B 397 2.65 -11.41 7.93
CA THR B 397 2.62 -9.97 7.69
C THR B 397 2.06 -9.17 8.86
N GLN B 398 1.47 -9.83 9.84
CA GLN B 398 0.93 -9.15 11.01
C GLN B 398 1.97 -8.90 12.09
N THR B 399 3.19 -9.42 11.92
CA THR B 399 4.27 -9.25 12.89
C THR B 399 5.33 -8.28 12.40
N LYS B 400 5.07 -7.54 11.32
CA LYS B 400 6.07 -6.62 10.77
C LYS B 400 6.46 -5.56 11.78
N LYS B 401 5.45 -4.91 12.39
CA LYS B 401 5.74 -3.80 13.30
C LYS B 401 6.43 -4.27 14.57
N TYR B 402 6.01 -5.42 15.12
CA TYR B 402 6.62 -5.91 16.34
C TYR B 402 8.06 -6.35 16.11
N ILE B 403 8.32 -7.02 14.98
CA ILE B 403 9.68 -7.42 14.66
C ILE B 403 10.57 -6.20 14.46
N ASP B 404 10.03 -5.16 13.85
CA ASP B 404 10.81 -3.94 13.64
C ASP B 404 11.16 -3.27 14.96
N ARG B 405 10.19 -3.13 15.85
CA ARG B 405 10.42 -2.39 17.10
C ARG B 405 11.44 -3.10 17.98
N VAL B 406 11.36 -4.43 18.07
CA VAL B 406 12.35 -5.17 18.86
C VAL B 406 13.71 -5.11 18.19
N LEU B 407 13.75 -5.15 16.85
CA LEU B 407 15.03 -5.11 16.14
C LEU B 407 15.75 -3.79 16.38
N ARG B 408 15.02 -2.68 16.44
CA ARG B 408 15.65 -1.41 16.78
C ARG B 408 16.27 -1.47 18.17
N ASN B 409 15.56 -2.05 19.13
CA ASN B 409 16.04 -2.09 20.50
C ASN B 409 17.30 -2.94 20.62
N LYS B 410 17.32 -4.10 19.96
CA LYS B 410 18.49 -4.96 20.02
C LYS B 410 19.70 -4.31 19.34
N ILE B 411 19.47 -3.62 18.22
CA ILE B 411 20.56 -2.94 17.53
C ILE B 411 21.11 -1.81 18.39
N ARG B 412 20.22 -1.02 18.99
CA ARG B 412 20.66 0.09 19.83
C ARG B 412 21.43 -0.42 21.04
N SER B 413 20.98 -1.52 21.65
CA SER B 413 21.65 -2.08 22.81
C SER B 413 22.90 -2.88 22.44
N GLY B 414 23.12 -3.14 21.16
CA GLY B 414 24.27 -3.92 20.73
C GLY B 414 24.08 -5.42 20.76
N CYS B 415 22.85 -5.90 21.02
CA CYS B 415 22.61 -7.34 21.03
C CYS B 415 22.83 -7.94 19.64
N ILE B 416 22.33 -7.28 18.60
CA ILE B 416 22.57 -7.68 17.22
C ILE B 416 23.69 -6.82 16.67
N GLN B 417 24.75 -7.47 16.20
CA GLN B 417 25.98 -6.78 15.81
C GLN B 417 26.41 -7.28 14.44
N GLU B 418 27.34 -6.52 13.82
CA GLU B 418 27.72 -6.77 12.43
C GLU B 418 28.25 -8.18 12.23
N GLN B 419 29.12 -8.65 13.14
CA GLN B 419 29.70 -9.98 12.98
C GLN B 419 28.64 -11.06 13.05
N LEU B 420 27.66 -10.89 13.94
CA LEU B 420 26.53 -11.82 13.98
C LEU B 420 25.74 -11.78 12.68
N LEU B 421 25.50 -10.58 12.14
CA LEU B 421 24.84 -10.46 10.85
C LEU B 421 25.70 -11.05 9.74
N GLN B 422 27.01 -10.79 9.78
CA GLN B 422 27.90 -11.34 8.76
C GLN B 422 27.91 -12.86 8.79
N SER B 423 27.96 -13.44 10.00
CA SER B 423 27.96 -14.90 10.11
C SER B 423 26.63 -15.48 9.65
N THR B 424 25.53 -14.78 9.92
CA THR B 424 24.21 -15.25 9.50
C THR B 424 24.13 -15.39 7.99
N PHE B 425 24.54 -14.34 7.26
CA PHE B 425 24.46 -14.38 5.81
C PHE B 425 25.50 -15.34 5.23
N SER B 426 26.67 -15.43 5.86
CA SER B 426 27.76 -16.23 5.30
C SER B 426 27.41 -17.72 5.26
N VAL B 427 26.79 -18.25 6.32
CA VAL B 427 26.57 -19.69 6.42
C VAL B 427 25.13 -20.10 6.13
N HIS B 428 24.20 -19.15 6.02
CA HIS B 428 22.81 -19.47 5.75
C HIS B 428 22.23 -18.54 4.69
N TYR B 429 22.97 -18.32 3.61
CA TYR B 429 22.44 -17.52 2.51
C TYR B 429 21.54 -18.33 1.58
N LEU B 430 21.48 -19.66 1.76
CA LEU B 430 20.55 -20.46 0.97
C LEU B 430 19.11 -20.18 1.38
N VAL B 431 18.83 -20.21 2.68
CA VAL B 431 17.48 -19.95 3.16
C VAL B 431 17.10 -18.48 3.03
N LEU B 432 18.05 -17.57 3.26
CA LEU B 432 17.77 -16.13 3.17
C LEU B 432 17.48 -15.69 1.75
N LYS B 433 17.98 -16.41 0.74
CA LYS B 433 17.83 -15.97 -0.65
C LYS B 433 16.37 -16.02 -1.10
N ASP B 434 15.58 -16.94 -0.55
CA ASP B 434 14.19 -17.08 -0.99
C ASP B 434 13.33 -15.89 -0.58
N MET B 435 13.81 -15.03 0.30
CA MET B 435 13.05 -13.89 0.80
C MET B 435 13.89 -12.61 0.78
N CYS B 436 14.59 -12.36 -0.33
CA CYS B 436 15.42 -11.17 -0.41
C CYS B 436 14.57 -9.90 -0.34
N SER B 437 13.38 -9.92 -0.95
CA SER B 437 12.52 -8.76 -0.90
C SER B 437 12.07 -8.45 0.53
N SER B 438 11.84 -9.49 1.32
CA SER B 438 11.51 -9.29 2.73
C SER B 438 12.66 -8.65 3.48
N ILE B 439 13.89 -9.11 3.20
CA ILE B 439 15.07 -8.52 3.83
C ILE B 439 15.26 -7.08 3.38
N LEU B 440 15.09 -6.83 2.07
CA LEU B 440 15.30 -5.48 1.55
C LEU B 440 14.28 -4.49 2.08
N SER B 441 13.02 -4.94 2.23
CA SER B 441 12.01 -4.06 2.82
C SER B 441 12.37 -3.71 4.26
N LEU B 442 12.89 -4.68 5.00
CA LEU B 442 13.39 -4.39 6.35
C LEU B 442 14.59 -3.46 6.31
N ALA B 443 15.52 -3.70 5.38
CA ALA B 443 16.69 -2.86 5.28
C ALA B 443 16.34 -1.43 4.91
N GLN B 444 15.42 -1.26 3.95
CA GLN B 444 15.03 0.08 3.53
C GLN B 444 14.36 0.84 4.67
N SER B 445 13.53 0.16 5.44
CA SER B 445 12.87 0.79 6.58
C SER B 445 13.89 1.16 7.66
N LEU B 446 14.89 0.32 7.88
CA LEU B 446 15.90 0.61 8.89
C LEU B 446 16.72 1.83 8.55
N LEU B 447 16.91 2.12 7.26
CA LEU B 447 17.70 3.27 6.85
C LEU B 447 16.97 4.58 7.06
N HIS B 448 15.64 4.55 7.25
CA HIS B 448 14.85 5.75 7.50
C HIS B 448 14.95 6.23 8.93
N SER B 449 15.63 5.49 9.81
CA SER B 449 15.71 5.85 11.22
C SER B 449 16.64 7.04 11.41
N LEU B 450 16.84 7.45 12.67
CA LEU B 450 17.65 8.59 13.01
C LEU B 450 18.87 8.23 13.85
N ASP B 451 19.04 6.97 14.21
CA ASP B 451 20.17 6.52 15.00
C ASP B 451 21.23 5.92 14.08
N GLN B 452 22.49 6.35 14.28
CA GLN B 452 23.57 5.87 13.43
C GLN B 452 23.77 4.36 13.57
N SER B 453 23.53 3.82 14.76
CA SER B 453 23.67 2.38 14.95
C SER B 453 22.66 1.62 14.11
N ILE B 454 21.40 2.08 14.08
CA ILE B 454 20.39 1.44 13.25
C ILE B 454 20.67 1.71 11.78
N ILE B 455 21.09 2.93 11.45
CA ILE B 455 21.40 3.28 10.06
C ILE B 455 22.54 2.42 9.53
N SER B 456 23.58 2.22 10.34
CA SER B 456 24.71 1.41 9.91
C SER B 456 24.29 -0.04 9.69
N PHE B 457 23.39 -0.55 10.53
CA PHE B 457 22.92 -1.93 10.34
C PHE B 457 22.13 -2.07 9.05
N GLY B 458 21.26 -1.11 8.75
CA GLY B 458 20.53 -1.15 7.50
C GLY B 458 21.42 -1.09 6.28
N SER B 459 22.53 -0.34 6.38
CA SER B 459 23.51 -0.33 5.30
C SER B 459 24.15 -1.70 5.11
N LEU B 460 24.47 -2.38 6.21
CA LEU B 460 25.05 -3.72 6.13
C LEU B 460 24.05 -4.71 5.56
N LEU B 461 22.78 -4.57 5.90
CA LEU B 461 21.75 -5.46 5.37
C LEU B 461 21.61 -5.29 3.85
N TYR B 462 21.90 -4.08 3.35
CA TYR B 462 21.99 -3.89 1.91
C TYR B 462 23.24 -4.53 1.33
N LYS B 463 24.38 -4.34 2.00
CA LYS B 463 25.64 -4.86 1.48
C LYS B 463 25.66 -6.38 1.43
N TYR B 464 25.15 -7.04 2.48
CA TYR B 464 25.17 -8.48 2.53
C TYR B 464 24.18 -9.09 1.56
N ALA B 465 23.02 -8.44 1.37
CA ALA B 465 22.05 -8.92 0.40
C ALA B 465 22.63 -8.87 -1.01
N PHE B 466 23.37 -7.81 -1.33
CA PHE B 466 24.00 -7.72 -2.65
C PHE B 466 25.05 -8.80 -2.85
N LYS B 467 25.80 -9.12 -1.79
CA LYS B 467 26.92 -10.04 -1.94
C LYS B 467 26.44 -11.48 -2.07
N PHE B 468 25.47 -11.90 -1.26
CA PHE B 468 25.14 -13.30 -1.10
C PHE B 468 23.88 -13.75 -1.84
N PHE B 469 23.24 -12.87 -2.59
CA PHE B 469 22.03 -13.23 -3.33
C PHE B 469 22.34 -13.28 -4.83
N ASP B 470 21.31 -13.59 -5.61
CA ASP B 470 21.46 -13.80 -7.04
C ASP B 470 21.39 -12.46 -7.78
N THR B 471 21.39 -12.53 -9.11
CA THR B 471 21.42 -11.31 -9.93
C THR B 471 20.17 -10.47 -9.74
N TYR B 472 19.00 -11.12 -9.66
CA TYR B 472 17.75 -10.37 -9.57
C TYR B 472 17.66 -9.59 -8.26
N CYS B 473 18.03 -10.21 -7.14
CA CYS B 473 17.95 -9.52 -5.86
C CYS B 473 19.05 -8.47 -5.74
N GLN B 474 20.11 -8.59 -6.54
CA GLN B 474 21.13 -7.54 -6.58
C GLN B 474 20.61 -6.28 -7.25
N GLN B 475 19.84 -6.43 -8.32
CA GLN B 475 19.27 -5.27 -8.99
C GLN B 475 18.27 -4.55 -8.10
N GLU B 476 17.55 -5.30 -7.26
CA GLU B 476 16.65 -4.68 -6.30
C GLU B 476 17.43 -3.86 -5.28
N VAL B 477 18.62 -4.33 -4.90
CA VAL B 477 19.44 -3.60 -3.94
C VAL B 477 19.87 -2.26 -4.53
N VAL B 478 20.34 -2.27 -5.78
CA VAL B 478 20.75 -1.04 -6.43
C VAL B 478 19.55 -0.12 -6.65
N GLY B 479 18.43 -0.69 -7.09
CA GLY B 479 17.24 0.11 -7.28
C GLY B 479 16.73 0.73 -6.00
N ALA B 480 16.87 0.01 -4.88
CA ALA B 480 16.48 0.57 -3.59
C ALA B 480 17.38 1.72 -3.18
N LEU B 481 18.69 1.59 -3.45
CA LEU B 481 19.62 2.66 -3.12
C LEU B 481 19.36 3.90 -3.97
N VAL B 482 19.05 3.70 -5.25
CA VAL B 482 18.76 4.83 -6.14
C VAL B 482 17.56 5.62 -5.62
N THR B 483 16.54 4.92 -5.14
CA THR B 483 15.38 5.59 -4.58
C THR B 483 15.72 6.36 -3.32
N HIS B 484 16.68 5.85 -2.53
CA HIS B 484 17.11 6.57 -1.33
C HIS B 484 17.80 7.88 -1.68
N ILE B 485 18.64 7.88 -2.71
CA ILE B 485 19.34 9.10 -3.12
C ILE B 485 18.36 10.13 -3.68
N CYS B 486 17.34 9.67 -4.41
CA CYS B 486 16.35 10.55 -5.00
C CYS B 486 15.17 10.81 -4.08
N SER B 487 15.37 10.69 -2.76
CA SER B 487 14.29 10.87 -1.79
C SER B 487 14.17 12.31 -1.30
N GLY B 488 15.26 12.89 -0.79
CA GLY B 488 15.21 14.25 -0.30
C GLY B 488 15.82 14.45 1.07
N ASN B 489 15.95 13.36 1.84
CA ASN B 489 16.55 13.42 3.16
C ASN B 489 18.07 13.41 3.02
N GLU B 490 18.72 14.38 3.66
CA GLU B 490 20.17 14.50 3.54
C GLU B 490 20.88 13.25 4.06
N ALA B 491 20.53 12.83 5.28
CA ALA B 491 21.22 11.68 5.88
C ALA B 491 20.98 10.41 5.07
N GLU B 492 19.78 10.26 4.50
CA GLU B 492 19.48 9.08 3.69
C GLU B 492 20.29 9.06 2.41
N VAL B 493 20.51 10.24 1.80
CA VAL B 493 21.23 10.29 0.54
C VAL B 493 22.71 9.96 0.74
N ASP B 494 23.35 10.55 1.76
CA ASP B 494 24.77 10.30 1.96
C ASP B 494 25.04 8.86 2.37
N THR B 495 24.14 8.26 3.16
CA THR B 495 24.33 6.88 3.55
C THR B 495 24.20 5.93 2.37
N ALA B 496 23.22 6.18 1.50
CA ALA B 496 23.05 5.32 0.32
C ALA B 496 24.21 5.48 -0.65
N LEU B 497 24.78 6.68 -0.74
CA LEU B 497 25.95 6.88 -1.57
C LEU B 497 27.17 6.16 -1.00
N ASP B 498 27.24 6.05 0.33
CA ASP B 498 28.32 5.28 0.95
C ASP B 498 28.19 3.80 0.60
N VAL B 499 26.96 3.27 0.61
CA VAL B 499 26.75 1.87 0.24
C VAL B 499 27.08 1.65 -1.23
N LEU B 500 26.67 2.60 -2.09
CA LEU B 500 26.96 2.47 -3.52
C LEU B 500 28.46 2.42 -3.79
N LEU B 501 29.22 3.27 -3.11
CA LEU B 501 30.67 3.24 -3.27
C LEU B 501 31.24 1.91 -2.77
N GLU B 502 30.73 1.41 -1.65
CA GLU B 502 31.20 0.12 -1.13
C GLU B 502 30.90 -1.01 -2.09
N LEU B 503 29.68 -1.04 -2.64
CA LEU B 503 29.30 -2.11 -3.56
C LEU B 503 30.16 -2.09 -4.81
N VAL B 504 30.55 -0.90 -5.27
CA VAL B 504 31.42 -0.79 -6.44
C VAL B 504 32.79 -1.38 -6.15
N VAL B 505 33.35 -1.09 -4.97
CA VAL B 505 34.70 -1.53 -4.64
C VAL B 505 34.75 -3.05 -4.49
N LEU B 506 33.81 -3.62 -3.73
CA LEU B 506 33.85 -5.06 -3.48
C LEU B 506 33.49 -5.84 -4.73
N ASN B 507 32.43 -5.45 -5.43
CA ASN B 507 31.93 -6.19 -6.60
C ASN B 507 31.76 -5.23 -7.78
N PRO B 508 32.86 -4.79 -8.40
CA PRO B 508 32.72 -3.96 -9.60
C PRO B 508 32.03 -4.68 -10.75
N SER B 509 32.21 -6.00 -10.87
CA SER B 509 31.59 -6.74 -11.97
C SER B 509 30.08 -6.73 -11.87
N ALA B 510 29.54 -6.91 -10.66
CA ALA B 510 28.09 -6.91 -10.50
C ALA B 510 27.50 -5.52 -10.66
N MET B 511 28.27 -4.49 -10.29
CA MET B 511 27.79 -3.12 -10.44
C MET B 511 27.85 -2.64 -11.88
N MET B 512 28.73 -3.22 -12.71
CA MET B 512 28.79 -2.83 -14.11
C MET B 512 27.52 -3.18 -14.86
N MET B 513 26.79 -4.20 -14.43
CA MET B 513 25.51 -4.56 -15.02
C MET B 513 24.37 -3.70 -14.53
N ASN B 514 24.57 -2.93 -13.46
CA ASN B 514 23.55 -2.06 -12.89
C ASN B 514 23.82 -0.59 -13.18
N ALA B 515 24.77 -0.29 -14.06
CA ALA B 515 25.16 1.09 -14.33
C ALA B 515 24.02 1.92 -14.92
N VAL B 516 23.08 1.28 -15.62
CA VAL B 516 21.97 2.01 -16.21
C VAL B 516 21.11 2.64 -15.11
N PHE B 517 20.85 1.90 -14.03
CA PHE B 517 20.04 2.43 -12.95
C PHE B 517 20.79 3.47 -12.13
N VAL B 518 22.10 3.27 -11.95
CA VAL B 518 22.91 4.26 -11.23
C VAL B 518 23.02 5.55 -12.04
N LYS B 519 23.13 5.43 -13.37
CA LYS B 519 23.20 6.62 -14.22
C LYS B 519 21.90 7.41 -14.17
N GLY B 520 20.79 6.77 -13.83
CA GLY B 520 19.50 7.45 -13.80
C GLY B 520 19.40 8.52 -12.73
N ILE B 521 20.28 8.49 -11.74
CA ILE B 521 20.27 9.51 -10.69
C ILE B 521 20.65 10.88 -11.24
N LEU B 522 21.36 10.93 -12.38
CA LEU B 522 21.77 12.20 -12.96
C LEU B 522 20.60 13.04 -13.44
N ASP B 523 19.40 12.47 -13.55
CA ASP B 523 18.22 13.20 -13.95
C ASP B 523 17.55 13.92 -12.78
N TYR B 524 18.03 13.73 -11.56
CA TYR B 524 17.44 14.31 -10.36
C TYR B 524 18.50 15.02 -9.54
N LEU B 525 19.31 15.85 -10.22
CA LEU B 525 20.35 16.62 -9.54
C LEU B 525 19.82 17.92 -8.94
N ASP B 526 18.55 18.25 -9.16
CA ASP B 526 17.99 19.48 -8.60
C ASP B 526 17.84 19.37 -7.10
N ASN B 527 17.43 18.21 -6.60
CA ASN B 527 17.24 17.99 -5.17
C ASN B 527 18.44 17.31 -4.51
N ILE B 528 19.65 17.57 -5.04
CA ILE B 528 20.87 16.97 -4.52
C ILE B 528 21.86 18.10 -4.25
N SER B 529 22.48 18.07 -3.07
CA SER B 529 23.42 19.11 -2.69
C SER B 529 24.73 18.94 -3.47
N PRO B 530 25.49 20.04 -3.62
CA PRO B 530 26.77 19.93 -4.33
C PRO B 530 27.75 18.93 -3.72
N GLN B 531 27.72 18.77 -2.39
CA GLN B 531 28.58 17.77 -1.77
C GLN B 531 28.19 16.37 -2.19
N GLN B 532 26.89 16.09 -2.29
CA GLN B 532 26.43 14.78 -2.72
C GLN B 532 26.61 14.59 -4.23
N ILE B 533 26.59 15.67 -4.99
CA ILE B 533 26.86 15.58 -6.43
C ILE B 533 28.29 15.11 -6.66
N ARG B 534 29.23 15.65 -5.89
CA ARG B 534 30.62 15.23 -6.03
C ARG B 534 30.80 13.76 -5.67
N LYS B 535 30.11 13.30 -4.62
CA LYS B 535 30.17 11.89 -4.25
C LYS B 535 29.50 11.01 -5.30
N LEU B 536 28.39 11.48 -5.87
CA LEU B 536 27.71 10.71 -6.91
C LEU B 536 28.59 10.57 -8.15
N PHE B 537 29.33 11.63 -8.50
CA PHE B 537 30.23 11.54 -9.64
C PHE B 537 31.45 10.69 -9.30
N TYR B 538 31.78 10.56 -8.02
CA TYR B 538 32.93 9.76 -7.62
C TYR B 538 32.63 8.27 -7.78
N VAL B 539 31.46 7.82 -7.34
CA VAL B 539 31.10 6.42 -7.47
C VAL B 539 30.88 6.05 -8.94
N LEU B 540 30.30 6.96 -9.71
CA LEU B 540 30.12 6.71 -11.14
C LEU B 540 31.45 6.60 -11.86
N SER B 541 32.39 7.48 -11.53
CA SER B 541 33.69 7.47 -12.22
C SER B 541 34.53 6.29 -11.79
N THR B 542 34.54 5.97 -10.49
CA THR B 542 35.32 4.83 -10.02
C THR B 542 34.74 3.51 -10.50
N LEU B 543 33.44 3.45 -10.79
CA LEU B 543 32.86 2.25 -11.36
C LEU B 543 33.23 2.09 -12.84
N ALA B 544 33.18 3.19 -13.60
CA ALA B 544 33.47 3.12 -15.03
C ALA B 544 34.92 2.74 -15.30
N PHE B 545 35.85 3.22 -14.48
CA PHE B 545 37.27 2.98 -14.68
C PHE B 545 37.81 1.86 -13.79
N SER B 546 36.93 1.13 -13.10
CA SER B 546 37.37 0.02 -12.25
C SER B 546 37.98 -1.09 -13.09
N LYS B 547 37.33 -1.47 -14.19
CA LYS B 547 37.80 -2.49 -15.10
C LYS B 547 38.09 -1.88 -16.46
N GLN B 548 38.76 -2.66 -17.31
CA GLN B 548 39.09 -2.24 -18.67
C GLN B 548 38.44 -3.14 -19.72
N ASN B 549 37.40 -3.87 -19.35
CA ASN B 549 36.70 -4.71 -20.31
C ASN B 549 35.79 -3.87 -21.19
N GLU B 550 35.20 -4.53 -22.19
CA GLU B 550 34.35 -3.82 -23.15
C GLU B 550 33.10 -3.25 -22.48
N ALA B 551 32.65 -3.86 -21.39
CA ALA B 551 31.50 -3.32 -20.67
C ALA B 551 31.81 -1.97 -20.06
N SER B 552 33.02 -1.79 -19.53
CA SER B 552 33.39 -0.53 -18.90
C SER B 552 33.63 0.56 -19.93
N SER B 553 34.05 0.20 -21.14
CA SER B 553 34.30 1.21 -22.18
C SER B 553 33.00 1.90 -22.59
N HIS B 554 31.86 1.23 -22.45
CA HIS B 554 30.60 1.85 -22.83
C HIS B 554 30.17 2.90 -21.81
N ILE B 555 30.33 2.61 -20.52
CA ILE B 555 29.98 3.60 -19.51
C ILE B 555 31.04 4.69 -19.42
N GLN B 556 32.29 4.35 -19.74
CA GLN B 556 33.36 5.36 -19.73
C GLN B 556 33.06 6.48 -20.71
N ASP B 557 32.68 6.13 -21.95
CA ASP B 557 32.31 7.14 -22.93
C ASP B 557 30.94 7.73 -22.67
N ASP B 558 30.07 7.01 -21.97
CA ASP B 558 28.75 7.54 -21.66
C ASP B 558 28.83 8.64 -20.59
N MET B 559 29.71 8.46 -19.61
CA MET B 559 29.93 9.50 -18.61
C MET B 559 30.53 10.75 -19.24
N HIS B 560 31.38 10.56 -20.24
CA HIS B 560 31.96 11.69 -20.96
C HIS B 560 30.89 12.51 -21.65
N LEU B 561 29.89 11.83 -22.24
CA LEU B 561 28.85 12.54 -22.98
C LEU B 561 27.96 13.37 -22.06
N VAL B 562 27.63 12.83 -20.89
CA VAL B 562 26.77 13.55 -19.96
C VAL B 562 27.44 14.84 -19.51
N ILE B 563 28.73 14.77 -19.19
CA ILE B 563 29.44 15.95 -18.70
C ILE B 563 29.69 16.96 -19.81
N ARG B 564 29.99 16.50 -21.03
CA ARG B 564 30.21 17.42 -22.15
C ARG B 564 29.00 18.27 -22.44
N LYS B 565 27.81 17.85 -22.03
CA LYS B 565 26.60 18.61 -22.31
C LYS B 565 26.07 19.34 -21.09
N GLN B 566 26.50 18.96 -19.88
CA GLN B 566 26.30 19.81 -18.72
C GLN B 566 27.21 21.03 -18.76
N LEU B 567 28.45 20.84 -19.21
CA LEU B 567 29.37 21.97 -19.38
C LEU B 567 28.84 22.94 -20.42
N SER B 568 28.20 22.43 -21.47
CA SER B 568 27.68 23.26 -22.55
C SER B 568 26.22 23.65 -22.36
N SER B 569 25.62 23.30 -21.23
CA SER B 569 24.23 23.66 -20.98
C SER B 569 24.08 25.17 -20.82
N THR B 570 22.89 25.67 -21.18
CA THR B 570 22.62 27.09 -21.03
C THR B 570 22.39 27.48 -19.58
N VAL B 571 21.88 26.57 -18.76
CA VAL B 571 21.64 26.86 -17.36
C VAL B 571 22.98 26.93 -16.62
N PHE B 572 23.13 27.95 -15.79
CA PHE B 572 24.38 28.09 -15.04
C PHE B 572 24.52 27.00 -13.98
N LYS B 573 23.39 26.56 -13.41
CA LYS B 573 23.45 25.51 -12.38
C LYS B 573 24.02 24.21 -12.95
N TYR B 574 23.63 23.85 -14.17
CA TYR B 574 24.14 22.62 -14.77
C TYR B 574 25.58 22.77 -15.22
N LYS B 575 25.99 23.97 -15.61
CA LYS B 575 27.39 24.18 -16.00
C LYS B 575 28.33 23.99 -14.82
N LEU B 576 27.92 24.43 -13.63
CA LEU B 576 28.73 24.20 -12.43
C LEU B 576 28.79 22.72 -12.08
N ILE B 577 27.68 22.00 -12.28
CA ILE B 577 27.68 20.57 -12.02
C ILE B 577 28.64 19.85 -12.96
N GLY B 578 28.71 20.29 -14.22
CA GLY B 578 29.62 19.66 -15.16
C GLY B 578 31.07 19.86 -14.78
N ILE B 579 31.41 21.02 -14.20
CA ILE B 579 32.77 21.27 -13.74
C ILE B 579 33.13 20.32 -12.61
N ILE B 580 32.20 20.13 -11.67
CA ILE B 580 32.44 19.24 -10.54
C ILE B 580 32.65 17.81 -11.02
N GLY B 581 31.77 17.34 -11.90
CA GLY B 581 31.88 15.97 -12.38
C GLY B 581 33.10 15.72 -13.23
N ALA B 582 33.46 16.69 -14.08
CA ALA B 582 34.60 16.50 -14.97
C ALA B 582 35.92 16.48 -14.21
N VAL B 583 36.04 17.33 -13.18
CA VAL B 583 37.23 17.31 -12.34
C VAL B 583 37.27 16.02 -11.53
N THR B 584 36.12 15.57 -11.05
CA THR B 584 36.05 14.31 -10.29
C THR B 584 36.50 13.13 -11.15
N MET B 585 36.00 13.05 -12.39
CA MET B 585 36.38 11.95 -13.26
C MET B 585 37.87 12.04 -13.62
N ALA B 586 38.37 13.25 -13.87
CA ALA B 586 39.77 13.41 -14.27
C ALA B 586 40.71 12.95 -13.18
N GLY B 587 40.31 13.08 -11.92
CA GLY B 587 41.12 12.59 -10.82
C GLY B 587 41.24 11.08 -10.81
N ILE B 588 40.19 10.37 -11.22
CA ILE B 588 40.23 8.92 -11.22
C ILE B 588 40.92 8.38 -12.48
N MET B 589 40.77 9.06 -13.61
CA MET B 589 41.53 8.67 -14.80
C MET B 589 43.02 8.83 -14.59
N ALA B 590 43.43 9.92 -13.95
CA ALA B 590 44.84 10.23 -13.74
C ALA B 590 45.38 9.67 -12.44
N ALA B 591 44.57 8.92 -11.68
CA ALA B 591 45.04 8.36 -10.42
C ALA B 591 46.22 7.43 -10.65
N ASP B 592 47.27 7.62 -9.86
CA ASP B 592 48.48 6.82 -10.01
C ASP B 592 48.32 5.48 -9.31
N ARG B 593 48.79 4.42 -9.97
CA ARG B 593 48.68 3.08 -9.43
C ARG B 593 50.05 2.42 -9.29
N LEU B 606 50.10 4.52 -16.48
CA LEU B 606 49.18 5.27 -17.34
C LEU B 606 49.83 5.55 -18.69
N SER B 607 49.24 5.02 -19.76
CA SER B 607 49.80 5.16 -21.09
C SER B 607 49.62 6.59 -21.61
N ASP B 608 50.27 6.88 -22.74
CA ASP B 608 50.19 8.20 -23.33
C ASP B 608 48.77 8.53 -23.79
N GLU B 609 48.05 7.56 -24.34
CA GLU B 609 46.69 7.81 -24.79
C GLU B 609 45.76 8.06 -23.62
N GLN B 610 46.01 7.41 -22.47
CA GLN B 610 45.26 7.73 -21.26
C GLN B 610 45.59 9.12 -20.76
N CYS B 611 46.87 9.52 -20.86
CA CYS B 611 47.29 10.82 -20.34
C CYS B 611 46.72 11.96 -21.17
N THR B 612 46.50 11.74 -22.47
CA THR B 612 45.94 12.80 -23.29
C THR B 612 44.42 12.87 -23.17
N GLN B 613 43.78 11.82 -22.63
CA GLN B 613 42.34 11.87 -22.39
C GLN B 613 42.02 12.75 -21.18
N VAL B 614 42.79 12.61 -20.10
CA VAL B 614 42.60 13.49 -18.95
C VAL B 614 43.01 14.91 -19.29
N THR B 615 44.04 15.06 -20.13
CA THR B 615 44.42 16.39 -20.60
C THR B 615 43.33 17.01 -21.46
N SER B 616 42.69 16.20 -22.32
CA SER B 616 41.63 16.72 -23.17
C SER B 616 40.42 17.15 -22.35
N LEU B 617 40.08 16.39 -21.31
CA LEU B 617 38.94 16.75 -20.47
C LEU B 617 39.21 18.04 -19.71
N LEU B 618 40.43 18.21 -19.18
CA LEU B 618 40.75 19.43 -18.44
C LEU B 618 40.71 20.65 -19.34
N GLN B 619 41.18 20.51 -20.59
CA GLN B 619 41.09 21.63 -21.54
C GLN B 619 39.64 21.98 -21.83
N LEU B 620 38.75 20.98 -21.81
CA LEU B 620 37.33 21.25 -22.06
C LEU B 620 36.72 22.07 -20.93
N VAL B 621 37.02 21.71 -19.68
CA VAL B 621 36.49 22.46 -18.53
C VAL B 621 37.06 23.88 -18.51
N HIS B 622 38.36 24.01 -18.78
CA HIS B 622 38.98 25.32 -18.80
C HIS B 622 38.37 26.21 -19.88
N SER B 623 38.08 25.62 -21.06
CA SER B 623 37.47 26.39 -22.13
C SER B 623 36.03 26.75 -21.80
N CYS B 624 35.29 25.82 -21.19
CA CYS B 624 33.87 26.06 -20.93
C CYS B 624 33.64 26.99 -19.74
N SER B 625 34.64 27.17 -18.88
CA SER B 625 34.50 28.02 -17.70
C SER B 625 35.17 29.38 -17.86
N GLU B 626 35.74 29.67 -19.03
CA GLU B 626 36.44 30.93 -19.23
C GLU B 626 35.49 32.12 -19.16
N GLN B 627 34.28 31.98 -19.70
CA GLN B 627 33.37 33.11 -19.81
C GLN B 627 32.94 33.61 -18.44
N SER B 628 32.53 32.71 -17.56
CA SER B 628 32.06 33.23 -16.28
C SER B 628 33.18 33.22 -15.25
N PRO B 629 33.32 34.28 -14.45
CA PRO B 629 34.38 34.29 -13.43
C PRO B 629 34.10 33.35 -12.27
N GLN B 630 32.86 33.33 -11.77
CA GLN B 630 32.52 32.42 -10.67
C GLN B 630 32.63 30.96 -11.13
N ALA B 631 32.20 30.66 -12.35
CA ALA B 631 32.38 29.32 -12.89
C ALA B 631 33.85 28.99 -13.06
N SER B 632 34.66 29.98 -13.47
CA SER B 632 36.10 29.77 -13.57
C SER B 632 36.70 29.55 -12.19
N ALA B 633 36.25 30.31 -11.18
CA ALA B 633 36.77 30.16 -9.84
C ALA B 633 36.47 28.78 -9.28
N LEU B 634 35.31 28.21 -9.62
CA LEU B 634 34.99 26.87 -9.18
C LEU B 634 35.93 25.84 -9.82
N TYR B 635 36.30 26.06 -11.08
CA TYR B 635 37.21 25.13 -11.74
C TYR B 635 38.58 25.14 -11.08
N TYR B 636 39.08 26.32 -10.72
CA TYR B 636 40.39 26.40 -10.08
C TYR B 636 40.37 25.78 -8.69
N ASP B 637 39.27 25.96 -7.96
CA ASP B 637 39.17 25.38 -6.63
C ASP B 637 39.09 23.85 -6.70
N GLU B 638 38.22 23.33 -7.58
CA GLU B 638 38.04 21.88 -7.68
C GLU B 638 39.32 21.20 -8.15
N PHE B 639 40.00 21.80 -9.13
CA PHE B 639 41.20 21.17 -9.67
C PHE B 639 42.37 21.30 -8.71
N ALA B 640 42.39 22.35 -7.90
CA ALA B 640 43.44 22.48 -6.88
C ALA B 640 43.22 21.49 -5.74
N ASN B 641 41.98 21.36 -5.27
CA ASN B 641 41.68 20.40 -4.22
C ASN B 641 41.99 18.98 -4.65
N LEU B 642 41.87 18.71 -5.96
CA LEU B 642 42.19 17.38 -6.47
C LEU B 642 43.67 17.09 -6.35
N ILE B 643 44.51 18.06 -6.74
CA ILE B 643 45.96 17.85 -6.70
C ILE B 643 46.44 17.73 -5.26
N GLN B 644 45.88 18.54 -4.36
CA GLN B 644 46.36 18.56 -2.98
C GLN B 644 46.08 17.23 -2.27
N HIS B 645 44.92 16.64 -2.50
CA HIS B 645 44.47 15.48 -1.72
C HIS B 645 44.56 14.17 -2.49
N GLU B 646 45.09 14.18 -3.72
CA GLU B 646 45.23 12.97 -4.50
C GLU B 646 46.61 12.91 -5.14
N LYS B 647 47.06 11.69 -5.42
CA LYS B 647 48.33 11.45 -6.10
C LYS B 647 48.03 11.04 -7.53
N LEU B 648 48.44 11.86 -8.49
CA LEU B 648 48.17 11.64 -9.90
C LEU B 648 49.40 11.05 -10.58
N ASP B 649 49.25 10.75 -11.87
CA ASP B 649 50.37 10.24 -12.64
C ASP B 649 51.44 11.31 -12.80
N PRO B 650 52.72 10.93 -12.81
CA PRO B 650 53.77 11.94 -13.06
C PRO B 650 53.60 12.68 -14.36
N LYS B 651 53.20 11.99 -15.43
CA LYS B 651 53.04 12.65 -16.73
C LYS B 651 51.88 13.64 -16.71
N ALA B 652 50.77 13.27 -16.05
CA ALA B 652 49.63 14.18 -15.97
C ALA B 652 50.00 15.45 -15.22
N LEU B 653 50.84 15.33 -14.20
CA LEU B 653 51.29 16.51 -13.47
C LEU B 653 52.21 17.39 -14.31
N GLU B 654 52.89 16.79 -15.30
CA GLU B 654 53.79 17.57 -16.15
C GLU B 654 53.01 18.58 -16.99
N TRP B 655 51.97 18.11 -17.69
CA TRP B 655 51.23 19.00 -18.59
C TRP B 655 50.54 20.11 -17.83
N VAL B 656 49.90 19.78 -16.71
CA VAL B 656 49.11 20.78 -15.99
C VAL B 656 50.00 21.89 -15.45
N GLY B 657 51.22 21.54 -15.02
CA GLY B 657 52.12 22.56 -14.50
C GLY B 657 52.56 23.55 -15.55
N HIS B 658 52.89 23.06 -16.76
CA HIS B 658 53.39 23.93 -17.81
C HIS B 658 52.33 24.91 -18.27
N THR B 659 51.09 24.44 -18.44
CA THR B 659 50.04 25.32 -18.95
C THR B 659 49.57 26.31 -17.89
N ILE B 660 49.50 25.87 -16.64
CA ILE B 660 49.06 26.76 -15.57
C ILE B 660 50.11 27.82 -15.27
N CYS B 661 51.39 27.41 -15.22
CA CYS B 661 52.46 28.36 -14.95
C CYS B 661 52.56 29.41 -16.05
N ASN B 662 52.41 28.98 -17.31
CA ASN B 662 52.50 29.92 -18.42
C ASN B 662 51.31 30.87 -18.46
N ASP B 663 50.10 30.33 -18.31
CA ASP B 663 48.91 31.16 -18.39
C ASP B 663 48.86 32.17 -17.23
N PHE B 664 49.17 31.73 -16.02
CA PHE B 664 49.13 32.62 -14.86
C PHE B 664 50.16 33.74 -15.01
N GLN B 665 51.35 33.42 -15.49
CA GLN B 665 52.36 34.44 -15.74
C GLN B 665 51.88 35.44 -16.77
N ASP B 666 51.24 34.96 -17.84
CA ASP B 666 50.74 35.85 -18.88
C ASP B 666 49.50 36.60 -18.46
N ALA B 667 48.81 36.16 -17.41
CA ALA B 667 47.55 36.76 -16.99
C ALA B 667 47.76 37.90 -15.99
N PHE B 668 48.48 37.62 -14.90
CA PHE B 668 48.60 38.57 -13.80
C PHE B 668 49.99 39.17 -13.67
N VAL B 669 51.05 38.37 -13.83
CA VAL B 669 52.40 38.86 -13.62
C VAL B 669 52.81 39.75 -14.78
N VAL B 670 53.26 40.97 -14.47
CA VAL B 670 53.76 41.90 -15.46
C VAL B 670 55.09 42.47 -14.97
N ASP B 671 55.85 43.01 -15.91
CA ASP B 671 57.15 43.60 -15.58
C ASP B 671 56.95 44.92 -14.83
N SER B 672 57.80 45.17 -13.85
CA SER B 672 57.76 46.40 -13.09
C SER B 672 58.42 47.57 -13.80
N CYS B 673 59.20 47.30 -14.85
CA CYS B 673 59.84 48.39 -15.60
C CYS B 673 58.82 49.24 -16.33
N VAL B 674 57.73 48.63 -16.78
CA VAL B 674 56.68 49.37 -17.48
C VAL B 674 55.75 50.01 -16.46
N VAL B 675 55.64 51.33 -16.50
CA VAL B 675 54.76 52.07 -15.59
C VAL B 675 53.33 51.88 -16.05
N PRO B 676 52.35 51.91 -15.13
CA PRO B 676 50.95 51.72 -15.54
C PRO B 676 50.43 52.90 -16.36
N GLU B 677 49.51 52.58 -17.26
CA GLU B 677 48.85 53.59 -18.08
C GLU B 677 47.35 53.33 -18.09
N GLY B 678 46.58 54.41 -18.09
CA GLY B 678 45.14 54.29 -18.13
C GLY B 678 44.48 55.57 -17.63
N ASP B 679 43.15 55.50 -17.58
CA ASP B 679 42.32 56.62 -17.12
C ASP B 679 41.85 56.44 -15.69
N PHE B 680 42.68 55.85 -14.84
CA PHE B 680 42.29 55.58 -13.46
C PHE B 680 42.11 56.88 -12.69
N PRO B 681 40.98 57.06 -11.99
CA PRO B 681 40.79 58.27 -11.18
C PRO B 681 41.60 58.30 -9.90
N PHE B 682 42.45 57.31 -9.67
CA PHE B 682 43.33 57.23 -8.52
C PHE B 682 44.76 57.01 -8.99
N PRO B 683 45.75 57.52 -8.26
CA PRO B 683 47.15 57.24 -8.62
C PRO B 683 47.47 55.76 -8.51
N VAL B 684 48.15 55.23 -9.51
CA VAL B 684 48.50 53.81 -9.56
C VAL B 684 49.98 53.67 -9.29
N LYS B 685 50.32 52.92 -8.23
CA LYS B 685 51.71 52.72 -7.83
C LYS B 685 51.90 51.29 -7.37
N ALA B 686 53.14 50.83 -7.41
CA ALA B 686 53.48 49.52 -6.86
C ALA B 686 53.59 49.62 -5.34
N LEU B 687 52.85 48.77 -4.64
CA LEU B 687 52.74 48.87 -3.20
C LEU B 687 53.04 47.52 -2.54
N TYR B 688 53.43 47.59 -1.27
CA TYR B 688 53.62 46.42 -0.41
C TYR B 688 54.65 45.45 -1.00
N GLY B 689 55.68 46.00 -1.62
CA GLY B 689 56.80 45.19 -2.04
C GLY B 689 57.75 44.88 -0.90
N LEU B 690 58.65 43.94 -1.15
CA LEU B 690 59.63 43.52 -0.16
C LEU B 690 61.04 43.78 -0.68
N GLU B 691 61.93 44.13 0.24
CA GLU B 691 63.35 44.43 -0.01
C GLU B 691 63.59 45.16 -1.34
N ASP B 697 64.24 46.05 -12.61
CA ASP B 697 64.37 44.67 -13.07
C ASP B 697 63.66 43.72 -12.12
N GLY B 698 62.34 43.62 -12.24
CA GLY B 698 61.56 42.75 -11.38
C GLY B 698 60.14 42.62 -11.90
N ILE B 699 59.44 41.65 -11.34
CA ILE B 699 58.06 41.38 -11.72
C ILE B 699 57.12 41.95 -10.67
N ALA B 700 55.89 42.24 -11.08
CA ALA B 700 54.87 42.77 -10.19
C ALA B 700 53.52 42.24 -10.61
N ILE B 701 52.58 42.25 -9.67
CA ILE B 701 51.24 41.72 -9.89
C ILE B 701 50.37 42.83 -10.48
N ASN B 702 49.82 42.58 -11.66
CA ASN B 702 48.92 43.52 -12.32
C ASN B 702 47.50 43.25 -11.82
N LEU B 703 47.08 44.02 -10.82
CA LEU B 703 45.79 43.79 -10.18
C LEU B 703 44.83 44.96 -10.37
N LEU B 704 45.25 46.19 -10.05
CA LEU B 704 44.35 47.33 -10.12
C LEU B 704 43.80 47.59 -11.52
N PRO B 705 44.61 47.59 -12.59
CA PRO B 705 44.01 47.77 -13.93
C PRO B 705 42.98 46.72 -14.29
N LEU B 706 43.19 45.47 -13.89
CA LEU B 706 42.22 44.42 -14.22
C LEU B 706 40.89 44.65 -13.50
N LEU B 707 40.94 44.99 -12.21
CA LEU B 707 39.70 45.23 -11.48
C LEU B 707 38.97 46.46 -12.01
N PHE B 708 39.69 47.51 -12.40
CA PHE B 708 39.04 48.67 -12.97
C PHE B 708 38.47 48.37 -14.35
N SER B 709 39.14 47.51 -15.12
CA SER B 709 38.62 47.10 -16.42
C SER B 709 37.35 46.27 -16.29
N GLN B 710 37.10 45.69 -15.11
CA GLN B 710 35.88 44.94 -14.85
C GLN B 710 34.73 45.83 -14.39
N ASP B 711 34.83 47.14 -14.62
CA ASP B 711 33.79 48.08 -14.21
C ASP B 711 32.49 47.83 -14.96
N VAL B 729 41.93 36.66 -17.93
CA VAL B 729 41.52 36.05 -16.68
C VAL B 729 41.00 37.13 -15.72
N SER B 730 39.85 36.87 -15.10
CA SER B 730 39.27 37.83 -14.18
C SER B 730 40.14 37.96 -12.93
N PRO B 731 40.27 39.16 -12.37
CA PRO B 731 41.01 39.30 -11.10
C PRO B 731 40.35 38.59 -9.93
N LEU B 732 39.05 38.29 -10.02
CA LEU B 732 38.37 37.60 -8.94
C LEU B 732 38.87 36.18 -8.76
N CYS B 733 39.54 35.63 -9.77
CA CYS B 733 40.12 34.29 -9.70
C CYS B 733 41.62 34.31 -9.44
N LEU B 734 42.17 35.47 -9.05
CA LEU B 734 43.60 35.57 -8.82
C LEU B 734 44.05 34.66 -7.69
N ALA B 735 43.29 34.62 -6.59
CA ALA B 735 43.70 33.78 -5.46
C ALA B 735 43.48 32.30 -5.75
N PRO B 736 42.31 31.83 -6.19
CA PRO B 736 42.17 30.39 -6.46
C PRO B 736 43.11 29.88 -7.55
N TYR B 737 43.43 30.72 -8.55
CA TYR B 737 44.34 30.28 -9.59
C TYR B 737 45.76 30.13 -9.06
N PHE B 738 46.21 31.07 -8.22
CA PHE B 738 47.57 30.95 -7.68
C PHE B 738 47.69 29.75 -6.76
N ARG B 739 46.62 29.41 -6.04
CA ARG B 739 46.63 28.18 -5.25
C ARG B 739 46.82 26.96 -6.13
N LEU B 740 46.16 26.94 -7.28
CA LEU B 740 46.35 25.86 -8.24
C LEU B 740 47.79 25.82 -8.75
N LEU B 741 48.35 26.99 -9.09
CA LEU B 741 49.73 27.04 -9.55
C LEU B 741 50.70 26.56 -8.48
N ARG B 742 50.49 27.01 -7.24
CA ARG B 742 51.39 26.62 -6.16
C ARG B 742 51.37 25.12 -5.92
N LEU B 743 50.18 24.51 -5.94
CA LEU B 743 50.07 23.08 -5.72
C LEU B 743 50.69 22.30 -6.88
N CYS B 744 50.58 22.84 -8.10
CA CYS B 744 51.18 22.17 -9.26
C CYS B 744 52.70 22.17 -9.16
N VAL B 745 53.30 23.30 -8.79
CA VAL B 745 54.75 23.40 -8.70
C VAL B 745 55.27 22.52 -7.57
N GLU B 746 54.52 22.45 -6.47
CA GLU B 746 54.94 21.62 -5.33
C GLU B 746 55.01 20.15 -5.72
N ARG B 747 54.01 19.67 -6.46
CA ARG B 747 53.99 18.26 -6.84
C ARG B 747 55.06 17.95 -7.89
N GLN B 748 55.25 18.87 -8.85
CA GLN B 748 56.26 18.64 -9.88
C GLN B 748 57.66 18.59 -9.30
N HIS B 749 57.96 19.50 -8.37
CA HIS B 749 59.31 19.63 -7.82
C HIS B 749 59.45 18.99 -6.45
N ASN B 750 58.44 18.24 -6.01
CA ASN B 750 58.48 17.51 -4.73
C ASN B 750 58.72 18.46 -3.56
N GLY B 751 57.77 19.39 -3.39
CA GLY B 751 57.82 20.33 -2.29
C GLY B 751 58.76 21.50 -2.49
N ASN B 752 59.32 21.68 -3.69
CA ASN B 752 60.25 22.76 -3.96
C ASN B 752 59.52 23.92 -4.63
N LEU B 753 59.83 25.13 -4.19
CA LEU B 753 59.18 26.35 -4.68
C LEU B 753 60.19 27.38 -5.15
N GLU B 754 61.29 26.92 -5.75
CA GLU B 754 62.28 27.86 -6.29
C GLU B 754 61.80 28.54 -7.56
N GLU B 755 60.77 28.00 -8.22
CA GLU B 755 60.28 28.59 -9.46
C GLU B 755 59.43 29.84 -9.21
N ILE B 756 58.70 29.87 -8.11
CA ILE B 756 57.74 30.95 -7.86
C ILE B 756 58.16 31.78 -6.66
N ASP B 757 59.47 31.82 -6.37
CA ASP B 757 59.96 32.58 -5.23
C ASP B 757 59.76 34.07 -5.42
N GLY B 758 59.64 34.54 -6.67
CA GLY B 758 59.52 35.95 -6.92
C GLY B 758 58.14 36.52 -6.67
N LEU B 759 57.13 35.67 -6.50
CA LEU B 759 55.78 36.16 -6.24
C LEU B 759 55.59 36.57 -4.78
N LEU B 760 56.45 36.09 -3.88
CA LEU B 760 56.35 36.48 -2.48
C LEU B 760 56.77 37.93 -2.26
N ASP B 761 57.86 38.35 -2.88
CA ASP B 761 58.40 39.68 -2.68
C ASP B 761 58.05 40.67 -3.79
N CYS B 762 57.23 40.27 -4.76
CA CYS B 762 56.87 41.18 -5.84
C CYS B 762 55.92 42.25 -5.31
N PRO B 763 55.98 43.46 -5.85
CA PRO B 763 55.04 44.51 -5.45
C PRO B 763 53.66 44.26 -6.05
N ILE B 764 52.72 45.10 -5.64
CA ILE B 764 51.33 45.01 -6.10
C ILE B 764 50.90 46.40 -6.55
N PHE B 765 50.33 46.49 -7.75
CA PHE B 765 49.82 47.75 -8.25
C PHE B 765 48.57 48.15 -7.47
N LEU B 766 48.70 49.17 -6.61
CA LEU B 766 47.59 49.63 -5.80
C LEU B 766 47.58 51.14 -5.75
N THR B 767 46.44 51.70 -5.37
CA THR B 767 46.28 53.13 -5.21
C THR B 767 46.71 53.54 -3.79
N ASP B 768 46.52 54.83 -3.47
CA ASP B 768 46.77 55.32 -2.12
C ASP B 768 45.58 54.90 -1.25
N LEU B 769 45.61 53.63 -0.84
CA LEU B 769 44.51 53.06 -0.07
C LEU B 769 44.38 53.64 1.33
N GLU B 770 45.36 54.40 1.79
CA GLU B 770 45.25 55.07 3.08
C GLU B 770 44.25 56.22 2.95
N PRO B 771 43.17 56.23 3.75
CA PRO B 771 42.20 57.32 3.63
C PRO B 771 42.75 58.65 4.13
N GLY B 772 42.92 59.60 3.22
CA GLY B 772 43.44 60.91 3.58
C GLY B 772 42.34 61.91 3.90
N GLU B 773 41.54 61.60 4.92
CA GLU B 773 40.43 62.45 5.35
C GLU B 773 39.43 62.71 4.22
N LYS B 774 39.28 61.73 3.32
CA LYS B 774 38.34 61.83 2.21
C LYS B 774 37.30 60.71 2.26
N LEU B 775 37.10 60.10 3.42
CA LEU B 775 36.18 58.97 3.53
C LEU B 775 34.74 59.40 3.25
N GLU B 776 34.33 60.57 3.78
CA GLU B 776 32.97 61.03 3.55
C GLU B 776 32.77 61.48 2.10
N SER B 777 33.79 62.10 1.50
CA SER B 777 33.68 62.60 0.14
C SER B 777 33.69 61.48 -0.89
N MET B 778 34.09 60.26 -0.52
CA MET B 778 34.13 59.16 -1.47
C MET B 778 32.72 58.79 -1.91
N SER B 779 32.57 58.56 -3.22
CA SER B 779 31.27 58.25 -3.79
C SER B 779 30.89 56.80 -3.52
N ALA B 780 29.60 56.49 -3.74
CA ALA B 780 29.11 55.14 -3.49
C ALA B 780 29.77 54.12 -4.40
N LYS B 781 30.00 54.47 -5.67
CA LYS B 781 30.69 53.56 -6.57
C LYS B 781 32.14 53.37 -6.15
N GLU B 782 32.80 54.44 -5.70
CA GLU B 782 34.21 54.35 -5.36
C GLU B 782 34.43 53.53 -4.09
N ARG B 783 33.58 53.72 -3.08
CA ARG B 783 33.73 52.95 -1.85
C ARG B 783 33.50 51.46 -2.10
N SER B 784 32.55 51.11 -2.96
CA SER B 784 32.34 49.72 -3.31
C SER B 784 33.54 49.15 -4.05
N PHE B 785 34.12 49.95 -4.95
CA PHE B 785 35.35 49.54 -5.61
C PHE B 785 36.50 49.46 -4.63
N MET B 786 36.54 50.39 -3.66
CA MET B 786 37.60 50.40 -2.66
C MET B 786 37.53 49.16 -1.79
N CYS B 787 36.32 48.78 -1.36
CA CYS B 787 36.17 47.60 -0.52
C CYS B 787 36.58 46.33 -1.26
N SER B 788 36.17 46.21 -2.53
CA SER B 788 36.56 45.05 -3.32
C SER B 788 38.07 45.03 -3.55
N LEU B 789 38.69 46.21 -3.60
CA LEU B 789 40.14 46.26 -3.77
C LEU B 789 40.86 45.65 -2.57
N ILE B 790 40.34 45.88 -1.37
CA ILE B 790 40.99 45.36 -0.17
C ILE B 790 40.86 43.85 -0.09
N PHE B 791 39.68 43.31 -0.38
CA PHE B 791 39.46 41.87 -0.26
C PHE B 791 40.37 41.08 -1.20
N LEU B 792 40.49 41.52 -2.46
CA LEU B 792 41.35 40.81 -3.39
C LEU B 792 42.81 40.89 -2.98
N THR B 793 43.25 42.05 -2.48
CA THR B 793 44.62 42.17 -1.99
C THR B 793 44.83 41.34 -0.73
N LEU B 794 43.83 41.31 0.15
CA LEU B 794 43.91 40.47 1.34
C LEU B 794 43.92 39.00 0.96
N ASN B 795 43.05 38.59 0.03
CA ASN B 795 42.99 37.19 -0.37
C ASN B 795 44.28 36.76 -1.06
N TRP B 796 44.88 37.66 -1.84
CA TRP B 796 46.17 37.36 -2.46
C TRP B 796 47.25 37.19 -1.41
N PHE B 797 47.27 38.07 -0.40
CA PHE B 797 48.27 37.96 0.66
C PHE B 797 48.07 36.71 1.49
N ARG B 798 46.82 36.35 1.76
CA ARG B 798 46.54 35.14 2.54
C ARG B 798 47.03 33.89 1.82
N GLU B 799 46.88 33.85 0.50
CA GLU B 799 47.30 32.67 -0.25
C GLU B 799 48.81 32.59 -0.39
N ILE B 800 49.49 33.74 -0.41
CA ILE B 800 50.95 33.74 -0.38
C ILE B 800 51.45 33.13 0.92
N VAL B 801 50.82 33.49 2.04
CA VAL B 801 51.19 32.91 3.33
C VAL B 801 50.97 31.40 3.32
N ASN B 802 49.89 30.95 2.66
CA ASN B 802 49.65 29.52 2.51
C ASN B 802 50.78 28.86 1.73
N ALA B 803 51.30 29.54 0.71
CA ALA B 803 52.28 28.92 -0.18
C ALA B 803 53.62 28.71 0.53
N PHE B 804 54.13 29.74 1.21
CA PHE B 804 55.50 29.75 1.69
C PHE B 804 55.60 29.57 3.21
N CYS B 805 54.57 29.00 3.83
CA CYS B 805 54.62 28.74 5.27
C CYS B 805 55.41 27.49 5.63
N GLN B 806 55.83 26.70 4.64
CA GLN B 806 56.51 25.44 4.89
C GLN B 806 58.01 25.53 4.58
N GLU B 807 58.52 26.72 4.26
CA GLU B 807 59.92 26.87 3.91
C GLU B 807 60.80 26.84 5.16
N THR B 808 62.11 26.90 4.96
CA THR B 808 63.06 26.74 6.06
C THR B 808 64.07 27.89 6.09
N SER B 809 64.22 28.59 4.98
CA SER B 809 65.23 29.64 4.90
C SER B 809 64.89 30.78 5.87
N PRO B 810 65.85 31.20 6.70
CA PRO B 810 65.57 32.29 7.65
C PRO B 810 65.12 33.58 6.99
N GLU B 811 65.69 33.94 5.83
CA GLU B 811 65.24 35.14 5.14
C GLU B 811 63.89 34.92 4.49
N MET B 812 63.53 33.67 4.19
CA MET B 812 62.21 33.36 3.66
C MET B 812 61.14 33.57 4.72
N LYS B 813 61.43 33.17 5.97
CA LYS B 813 60.44 33.27 7.04
C LYS B 813 60.11 34.72 7.36
N GLY B 814 61.11 35.60 7.31
CA GLY B 814 60.86 37.02 7.56
C GLY B 814 59.92 37.62 6.53
N LYS B 815 60.04 37.18 5.28
CA LYS B 815 59.12 37.64 4.25
C LYS B 815 57.71 37.18 4.53
N VAL B 816 57.55 35.93 4.99
CA VAL B 816 56.23 35.43 5.36
C VAL B 816 55.67 36.23 6.53
N LEU B 817 56.52 36.52 7.52
CA LEU B 817 56.07 37.33 8.65
C LEU B 817 55.67 38.73 8.21
N THR B 818 56.43 39.32 7.28
CA THR B 818 56.07 40.63 6.75
C THR B 818 54.73 40.59 6.03
N ARG B 819 54.50 39.54 5.24
CA ARG B 819 53.22 39.39 4.56
C ARG B 819 52.09 39.23 5.57
N LEU B 820 52.34 38.46 6.63
CA LEU B 820 51.35 38.33 7.70
C LEU B 820 51.07 39.67 8.35
N LYS B 821 52.12 40.48 8.56
CA LYS B 821 51.93 41.82 9.11
C LYS B 821 51.10 42.69 8.17
N HIS B 822 51.30 42.53 6.86
CA HIS B 822 50.51 43.28 5.90
C HIS B 822 49.04 42.88 5.97
N ILE B 823 48.75 41.60 6.19
CA ILE B 823 47.37 41.14 6.30
C ILE B 823 46.67 41.83 7.48
N VAL B 824 47.36 41.91 8.62
CA VAL B 824 46.78 42.56 9.79
C VAL B 824 46.55 44.04 9.51
N GLU B 825 47.53 44.69 8.90
CA GLU B 825 47.39 46.12 8.59
C GLU B 825 46.26 46.37 7.60
N LEU B 826 46.19 45.56 6.54
CA LEU B 826 45.13 45.74 5.54
C LEU B 826 43.76 45.49 6.14
N GLN B 827 43.65 44.48 7.01
CA GLN B 827 42.35 44.16 7.61
C GLN B 827 41.86 45.30 8.49
N ILE B 828 42.77 45.95 9.22
CA ILE B 828 42.38 47.12 10.02
C ILE B 828 41.93 48.26 9.11
N ILE B 829 42.64 48.48 8.00
CA ILE B 829 42.26 49.51 7.04
C ILE B 829 40.91 49.20 6.44
N LEU B 830 40.61 47.92 6.22
CA LEU B 830 39.30 47.54 5.67
C LEU B 830 38.16 48.03 6.55
N GLU B 831 38.37 48.09 7.87
CA GLU B 831 37.33 48.55 8.77
C GLU B 831 36.97 50.02 8.52
N LYS B 832 37.95 50.82 8.12
CA LYS B 832 37.67 52.23 7.83
C LYS B 832 36.69 52.37 6.67
N TYR B 833 36.90 51.60 5.60
CA TYR B 833 35.96 51.63 4.48
C TYR B 833 34.67 50.89 4.80
N LEU B 834 34.73 49.89 5.70
CA LEU B 834 33.54 49.15 6.07
C LEU B 834 32.57 50.01 6.86
N ALA B 835 33.07 50.93 7.68
CA ALA B 835 32.20 51.79 8.48
C ALA B 835 31.33 52.68 7.59
N VAL B 836 31.91 53.24 6.53
CA VAL B 836 31.17 54.11 5.62
C VAL B 836 30.40 53.33 4.57
N THR B 837 30.41 52.00 4.65
CA THR B 837 29.77 51.13 3.66
C THR B 837 28.82 50.20 4.40
N PRO B 838 27.58 50.62 4.64
CA PRO B 838 26.62 49.78 5.37
C PRO B 838 26.34 48.45 4.68
N ASP B 839 25.87 48.48 3.44
CA ASP B 839 25.46 47.29 2.70
C ASP B 839 26.41 47.08 1.53
N TYR B 840 27.01 45.89 1.47
CA TYR B 840 27.95 45.55 0.40
C TYR B 840 28.19 44.05 0.43
N VAL B 841 28.15 43.43 -0.73
CA VAL B 841 28.37 41.99 -0.87
C VAL B 841 29.75 41.80 -1.51
N PRO B 842 30.74 41.31 -0.77
CA PRO B 842 32.06 41.05 -1.35
C PRO B 842 31.95 40.06 -2.50
N PRO B 843 32.71 40.27 -3.57
CA PRO B 843 32.63 39.36 -4.73
C PRO B 843 33.20 38.00 -4.40
N LEU B 844 32.69 36.99 -5.10
CA LEU B 844 33.14 35.62 -4.91
C LEU B 844 33.58 35.00 -6.23
N ASN B 924 31.50 37.27 10.19
CA ASN B 924 31.39 36.29 9.12
C ASN B 924 32.50 36.47 8.09
N SER B 925 33.73 36.73 8.56
CA SER B 925 34.85 36.90 7.66
C SER B 925 35.32 35.58 7.07
N HIS B 926 35.11 34.47 7.80
CA HIS B 926 35.58 33.17 7.33
C HIS B 926 34.86 32.75 6.05
N ALA B 927 33.63 33.21 5.84
CA ALA B 927 32.89 32.84 4.65
C ALA B 927 33.36 33.60 3.41
N PHE B 928 34.13 34.67 3.59
CA PHE B 928 34.55 35.52 2.49
C PHE B 928 36.04 35.48 2.21
N PHE B 929 36.87 35.25 3.22
CA PHE B 929 38.32 35.22 3.05
C PHE B 929 38.79 33.83 2.67
N ARG B 930 39.90 33.78 1.94
CA ARG B 930 40.50 32.50 1.58
C ARG B 930 40.98 31.77 2.83
N GLU B 931 40.69 30.47 2.89
CA GLU B 931 41.07 29.67 4.04
C GLU B 931 42.59 29.55 4.13
N LEU B 932 43.10 29.66 5.35
CA LEU B 932 44.52 29.45 5.61
C LEU B 932 44.78 27.99 5.93
N ASP B 933 45.88 27.46 5.40
CA ASP B 933 46.18 26.05 5.58
C ASP B 933 46.60 25.75 7.02
N ILE B 934 46.51 24.47 7.39
CA ILE B 934 46.89 24.05 8.73
C ILE B 934 48.39 24.21 8.94
N GLU B 935 49.18 24.25 7.87
CA GLU B 935 50.62 24.42 7.98
C GLU B 935 51.02 25.87 8.20
N VAL B 936 50.09 26.81 8.13
CA VAL B 936 50.41 28.22 8.36
C VAL B 936 50.85 28.44 9.79
N PHE B 937 50.19 27.77 10.74
CA PHE B 937 50.49 27.96 12.16
C PHE B 937 51.85 27.39 12.55
N SER B 938 52.61 26.83 11.62
CA SER B 938 53.98 26.41 11.90
C SER B 938 54.90 27.59 12.17
N ILE B 939 54.49 28.81 11.79
CA ILE B 939 55.29 30.00 12.08
C ILE B 939 55.05 30.52 13.49
N LEU B 940 54.26 29.82 14.30
CA LEU B 940 54.14 30.15 15.71
C LEU B 940 55.43 29.88 16.48
N HIS B 941 56.37 29.15 15.89
CA HIS B 941 57.67 28.94 16.52
C HIS B 941 58.46 30.23 16.67
N CYS B 942 58.13 31.25 15.88
CA CYS B 942 58.79 32.54 16.02
C CYS B 942 58.44 33.17 17.37
N GLY B 943 59.43 33.82 17.98
CA GLY B 943 59.21 34.44 19.26
C GLY B 943 58.35 35.67 19.16
N LEU B 944 57.81 36.09 20.30
CA LEU B 944 56.93 37.25 20.38
C LEU B 944 57.71 38.45 20.90
N VAL B 945 57.54 39.59 20.24
CA VAL B 945 58.21 40.83 20.62
C VAL B 945 57.14 41.89 20.87
N THR B 946 57.20 42.49 22.06
CA THR B 946 56.27 43.54 22.46
C THR B 946 57.02 44.86 22.55
N LYS B 947 56.39 45.91 22.03
CA LYS B 947 57.05 47.22 21.98
C LYS B 947 57.28 47.79 23.37
N PHE B 948 56.33 47.61 24.28
CA PHE B 948 56.35 48.29 25.57
C PHE B 948 56.36 47.29 26.71
N ILE B 949 56.84 47.78 27.87
CA ILE B 949 56.94 47.04 29.12
C ILE B 949 57.76 45.76 28.90
N LEU B 950 58.75 45.84 28.03
CA LEU B 950 59.74 44.78 27.87
C LEU B 950 61.08 45.36 27.40
N VAL B 961 65.99 41.94 12.09
CA VAL B 961 65.15 40.95 11.43
C VAL B 961 63.68 41.25 11.68
N VAL B 962 62.80 40.40 11.15
CA VAL B 962 61.37 40.52 11.34
C VAL B 962 60.92 39.44 12.32
N GLN B 963 60.23 39.85 13.38
CA GLN B 963 59.78 38.94 14.42
C GLN B 963 58.30 39.14 14.67
N LEU B 964 57.67 38.08 15.20
CA LEU B 964 56.22 38.09 15.39
C LEU B 964 55.81 39.14 16.40
N GLY B 965 54.69 39.82 16.11
CA GLY B 965 54.19 40.86 16.98
C GLY B 965 52.84 40.49 17.59
N PRO B 966 52.39 41.28 18.55
CA PRO B 966 51.10 40.99 19.21
C PRO B 966 49.94 40.97 18.23
N PRO B 967 49.77 41.99 17.37
CA PRO B 967 48.62 41.92 16.45
C PRO B 967 48.69 40.75 15.49
N GLU B 968 49.90 40.35 15.07
CA GLU B 968 50.03 39.22 14.17
C GLU B 968 49.81 37.90 14.91
N LEU B 969 50.20 37.84 16.19
CA LEU B 969 49.93 36.65 16.99
C LEU B 969 48.43 36.46 17.19
N LEU B 970 47.69 37.55 17.39
CA LEU B 970 46.25 37.45 17.56
C LEU B 970 45.59 36.92 16.29
N PHE B 971 46.07 37.34 15.13
CA PHE B 971 45.51 36.87 13.86
C PHE B 971 45.68 35.36 13.72
N LEU B 972 46.88 34.85 14.05
CA LEU B 972 47.11 33.41 13.93
C LEU B 972 46.32 32.63 14.96
N LEU B 973 46.21 33.17 16.19
CA LEU B 973 45.49 32.46 17.24
C LEU B 973 43.99 32.46 16.99
N GLU B 974 43.45 33.56 16.49
CA GLU B 974 42.02 33.63 16.20
C GLU B 974 41.64 32.62 15.12
N ASP B 975 42.47 32.48 14.10
CA ASP B 975 42.19 31.50 13.04
C ASP B 975 42.33 30.08 13.55
N LEU B 976 43.38 29.82 14.35
CA LEU B 976 43.59 28.48 14.89
C LEU B 976 42.47 28.09 15.84
N SER B 977 42.02 29.02 16.69
CA SER B 977 40.94 28.73 17.61
C SER B 977 39.64 28.44 16.86
N GLN B 978 39.39 29.19 15.78
CA GLN B 978 38.20 28.94 14.97
C GLN B 978 38.24 27.57 14.32
N LYS B 979 39.42 27.16 13.85
CA LYS B 979 39.56 25.85 13.21
C LYS B 979 39.24 24.72 14.17
N LEU B 980 39.82 24.77 15.38
CA LEU B 980 39.58 23.71 16.36
C LEU B 980 38.12 23.71 16.79
N GLU B 981 37.54 24.89 17.01
CA GLU B 981 36.14 24.96 17.43
C GLU B 981 35.22 24.35 16.39
N SER B 982 35.60 24.42 15.12
CA SER B 982 34.75 23.90 14.05
C SER B 982 34.57 22.38 14.16
N MET B 983 35.66 21.65 14.42
CA MET B 983 35.60 20.19 14.40
C MET B 983 35.65 19.59 15.80
N LEU B 984 36.59 20.04 16.63
CA LEU B 984 36.71 19.47 17.97
C LEU B 984 35.46 19.73 18.79
N THR B 985 34.90 20.93 18.70
CA THR B 985 33.66 21.26 19.40
C THR B 985 32.45 20.88 18.57
N ARG B 1001 27.69 26.25 7.73
CA ARG B 1001 28.75 25.86 8.67
C ARG B 1001 30.03 25.48 7.94
N ASN B 1002 29.88 24.72 6.85
CA ASN B 1002 31.03 24.22 6.11
C ASN B 1002 31.76 25.31 5.33
N ILE B 1003 31.20 26.51 5.22
CA ILE B 1003 31.85 27.58 4.48
C ILE B 1003 33.00 28.13 5.31
N GLY B 1004 34.17 28.25 4.68
CA GLY B 1004 35.36 28.71 5.36
C GLY B 1004 36.17 27.62 6.03
N PHE B 1005 35.69 26.37 6.01
CA PHE B 1005 36.42 25.25 6.60
C PHE B 1005 36.50 24.07 5.64
N SER B 1006 36.32 24.32 4.34
CA SER B 1006 36.25 23.22 3.37
C SER B 1006 37.55 22.42 3.34
N HIS B 1007 38.70 23.11 3.35
CA HIS B 1007 39.97 22.41 3.37
C HIS B 1007 40.25 21.74 4.71
N LEU B 1008 39.66 22.26 5.79
CA LEU B 1008 39.87 21.68 7.11
C LEU B 1008 39.12 20.36 7.29
N GLN B 1009 37.89 20.29 6.79
CA GLN B 1009 37.09 19.07 6.94
C GLN B 1009 37.68 17.89 6.18
N GLN B 1010 38.46 18.13 5.12
CA GLN B 1010 39.09 17.04 4.40
C GLN B 1010 40.06 16.28 5.30
N ARG B 1011 40.83 17.00 6.13
CA ARG B 1011 41.70 16.36 7.09
C ARG B 1011 40.87 15.74 8.22
N SER B 1012 41.39 14.64 8.76
CA SER B 1012 40.72 13.95 9.85
C SER B 1012 40.90 14.72 11.14
N ALA B 1013 40.02 14.45 12.11
CA ALA B 1013 40.11 15.10 13.41
C ALA B 1013 41.41 14.72 14.12
N GLN B 1014 41.80 13.45 14.01
CA GLN B 1014 43.02 13.00 14.69
C GLN B 1014 44.25 13.70 14.13
N GLU B 1015 44.32 13.87 12.81
CA GLU B 1015 45.47 14.52 12.20
C GLU B 1015 45.58 15.98 12.64
N ILE B 1016 44.45 16.67 12.73
CA ILE B 1016 44.47 18.07 13.15
C ILE B 1016 44.88 18.18 14.61
N VAL B 1017 44.34 17.30 15.47
CA VAL B 1017 44.81 17.23 16.85
C VAL B 1017 46.28 16.88 16.90
N HIS B 1018 46.72 15.97 16.02
CA HIS B 1018 48.13 15.66 15.92
C HIS B 1018 48.94 16.87 15.47
N CYS B 1019 48.39 17.66 14.55
CA CYS B 1019 49.09 18.85 14.07
C CYS B 1019 49.26 19.89 15.16
N VAL B 1020 48.22 20.11 15.97
CA VAL B 1020 48.30 21.09 17.04
C VAL B 1020 49.23 20.59 18.15
N PHE B 1021 49.50 19.28 18.20
CA PHE B 1021 50.36 18.74 19.24
C PHE B 1021 51.76 19.31 19.15
N GLN B 1022 52.32 19.41 17.95
CA GLN B 1022 53.64 20.01 17.80
C GLN B 1022 53.64 21.51 18.10
N LEU B 1023 52.46 22.12 18.15
CA LEU B 1023 52.37 23.54 18.45
C LEU B 1023 52.38 23.84 19.95
N LEU B 1024 52.36 22.80 20.79
CA LEU B 1024 52.34 23.02 22.24
C LEU B 1024 53.59 23.77 22.71
N THR B 1025 54.76 23.35 22.23
CA THR B 1025 55.99 24.01 22.66
C THR B 1025 56.04 25.49 22.27
N PRO B 1026 55.71 25.89 21.03
CA PRO B 1026 55.68 27.33 20.74
C PRO B 1026 54.57 28.08 21.46
N MET B 1027 53.38 27.46 21.63
CA MET B 1027 52.31 28.17 22.34
C MET B 1027 52.66 28.37 23.81
N CYS B 1028 53.28 27.36 24.44
CA CYS B 1028 53.68 27.53 25.84
C CYS B 1028 54.71 28.64 25.98
N ASN B 1029 55.62 28.76 25.01
CA ASN B 1029 56.54 29.90 25.02
C ASN B 1029 55.79 31.21 24.82
N HIS B 1030 54.80 31.22 23.92
CA HIS B 1030 53.94 32.38 23.79
C HIS B 1030 53.11 32.60 25.05
N LEU B 1031 52.60 31.52 25.64
CA LEU B 1031 51.82 31.64 26.87
C LEU B 1031 52.65 32.19 28.01
N GLU B 1032 53.89 31.71 28.15
CA GLU B 1032 54.75 32.20 29.22
C GLU B 1032 55.13 33.66 29.02
N ASN B 1033 55.36 34.06 27.76
CA ASN B 1033 55.71 35.46 27.50
C ASN B 1033 54.56 36.38 27.83
N ILE B 1034 53.34 35.98 27.50
CA ILE B 1034 52.16 36.79 27.85
C ILE B 1034 52.00 36.83 29.36
N HIS B 1035 52.29 35.72 30.04
CA HIS B 1035 52.30 35.70 31.50
C HIS B 1035 53.26 36.75 32.05
N ASN B 1036 54.50 36.77 31.54
CA ASN B 1036 55.49 37.71 32.05
C ASN B 1036 55.14 39.15 31.69
N TYR B 1037 54.50 39.35 30.53
CA TYR B 1037 54.11 40.70 30.13
C TYR B 1037 53.10 41.30 31.10
N PHE B 1038 52.14 40.49 31.55
CA PHE B 1038 51.12 40.99 32.47
C PHE B 1038 51.68 41.17 33.87
N GLN B 1039 52.58 40.27 34.29
CA GLN B 1039 53.19 40.39 35.62
C GLN B 1039 54.03 41.65 35.73
N CYS B 1040 54.73 42.03 34.65
CA CYS B 1040 55.54 43.23 34.66
C CYS B 1040 54.71 44.51 34.70
N LEU B 1041 53.40 44.41 34.50
CA LEU B 1041 52.51 45.56 34.57
C LEU B 1041 52.07 45.88 36.00
N ALA B 1042 52.50 45.09 36.98
CA ALA B 1042 52.17 45.39 38.37
C ALA B 1042 52.76 46.72 38.81
N ALA B 1043 53.98 47.01 38.38
CA ALA B 1043 54.64 48.27 38.71
C ALA B 1043 54.24 49.37 37.71
N LYS B 1055 49.99 51.59 24.01
CA LYS B 1055 49.73 51.41 25.44
C LYS B 1055 48.39 50.72 25.69
N VAL B 1056 47.32 51.50 25.65
CA VAL B 1056 46.00 50.97 25.92
C VAL B 1056 45.55 50.03 24.81
N GLN B 1057 45.73 50.44 23.55
CA GLN B 1057 45.31 49.61 22.43
C GLN B 1057 46.07 48.29 22.38
N GLU B 1058 47.37 48.34 22.64
CA GLU B 1058 48.17 47.12 22.64
C GLU B 1058 47.87 46.25 23.85
N TYR B 1059 47.26 46.83 24.90
CA TYR B 1059 46.86 46.05 26.06
C TYR B 1059 45.76 45.05 25.71
N HIS B 1060 44.76 45.50 24.93
CA HIS B 1060 43.66 44.61 24.58
C HIS B 1060 44.11 43.47 23.70
N ILE B 1061 45.01 43.74 22.75
CA ILE B 1061 45.49 42.69 21.86
C ILE B 1061 46.23 41.62 22.65
N MET B 1062 47.08 42.05 23.60
CA MET B 1062 47.79 41.09 24.43
C MET B 1062 46.84 40.26 25.28
N SER B 1063 45.80 40.90 25.84
CA SER B 1063 44.79 40.17 26.60
C SER B 1063 44.01 39.22 25.70
N SER B 1064 43.67 39.67 24.49
CA SER B 1064 42.95 38.81 23.56
C SER B 1064 43.80 37.62 23.14
N CYS B 1065 45.11 37.82 22.95
CA CYS B 1065 46.00 36.70 22.68
C CYS B 1065 46.01 35.72 23.84
N TYR B 1066 45.97 36.24 25.07
CA TYR B 1066 45.99 35.38 26.26
C TYR B 1066 44.68 34.61 26.36
N GLN B 1067 43.57 35.25 25.95
CA GLN B 1067 42.29 34.56 25.92
C GLN B 1067 42.27 33.47 24.85
N ARG B 1068 42.85 33.75 23.68
CA ARG B 1068 42.81 32.78 22.58
C ARG B 1068 43.63 31.54 22.89
N LEU B 1069 44.79 31.70 23.52
CA LEU B 1069 45.64 30.55 23.82
C LEU B 1069 44.95 29.57 24.75
N LEU B 1070 44.29 30.07 25.79
CA LEU B 1070 43.60 29.20 26.73
C LEU B 1070 42.45 28.46 26.07
N GLN B 1071 41.74 29.13 25.15
CA GLN B 1071 40.68 28.48 24.41
C GLN B 1071 41.22 27.35 23.54
N ILE B 1072 42.36 27.58 22.90
CA ILE B 1072 43.01 26.51 22.12
C ILE B 1072 43.50 25.40 23.05
N PHE B 1073 44.10 25.78 24.18
CA PHE B 1073 44.56 24.78 25.13
C PHE B 1073 43.40 23.95 25.66
N HIS B 1074 42.30 24.62 26.02
CA HIS B 1074 41.12 23.88 26.49
C HIS B 1074 40.52 23.01 25.40
N GLY B 1075 40.44 23.54 24.17
CA GLY B 1075 39.83 22.77 23.10
C GLY B 1075 40.61 21.52 22.75
N LEU B 1076 41.94 21.59 22.83
CA LEU B 1076 42.77 20.43 22.52
C LEU B 1076 42.56 19.31 23.53
N PHE B 1077 42.64 19.65 24.83
CA PHE B 1077 42.52 18.62 25.85
C PHE B 1077 41.08 18.15 26.03
N ALA B 1078 40.09 19.02 25.80
CA ALA B 1078 38.69 18.65 25.89
C ALA B 1078 38.22 18.13 24.53
N TRP B 1079 38.79 17.01 24.13
CA TRP B 1079 38.47 16.36 22.87
C TRP B 1079 37.86 14.99 23.15
N SER B 1080 36.83 14.64 22.40
CA SER B 1080 36.17 13.35 22.57
C SER B 1080 37.09 12.18 22.24
N GLY B 1081 38.15 12.42 21.47
CA GLY B 1081 39.04 11.33 21.07
C GLY B 1081 39.94 10.82 22.18
N PHE B 1082 40.19 11.64 23.20
CA PHE B 1082 41.04 11.20 24.30
C PHE B 1082 40.36 10.14 25.18
N SER B 1083 39.04 10.00 25.08
CA SER B 1083 38.37 8.90 25.78
C SER B 1083 38.75 7.55 25.18
N GLN B 1084 39.14 7.52 23.90
CA GLN B 1084 39.55 6.29 23.27
C GLN B 1084 40.94 5.88 23.74
N PRO B 1085 41.27 4.59 23.69
CA PRO B 1085 42.60 4.14 24.12
C PRO B 1085 43.70 4.34 23.10
N GLU B 1086 43.37 4.53 21.82
CA GLU B 1086 44.41 4.66 20.81
C GLU B 1086 45.17 5.98 20.97
N ASN B 1087 44.49 7.04 21.41
CA ASN B 1087 45.08 8.36 21.51
C ASN B 1087 45.66 8.64 22.89
N GLN B 1088 45.67 7.66 23.79
CA GLN B 1088 46.23 7.88 25.11
C GLN B 1088 47.73 8.16 25.06
N ASN B 1089 48.43 7.56 24.09
CA ASN B 1089 49.85 7.88 23.92
C ASN B 1089 50.05 9.35 23.56
N LEU B 1090 49.20 9.87 22.69
CA LEU B 1090 49.25 11.30 22.36
C LEU B 1090 48.92 12.15 23.58
N LEU B 1091 47.91 11.74 24.36
CA LEU B 1091 47.55 12.47 25.56
C LEU B 1091 48.70 12.47 26.56
N TYR B 1092 49.37 11.34 26.72
CA TYR B 1092 50.56 11.27 27.56
C TYR B 1092 51.64 12.21 27.04
N SER B 1093 51.85 12.21 25.72
CA SER B 1093 52.87 13.07 25.13
C SER B 1093 52.52 14.55 25.33
N ALA B 1094 51.25 14.91 25.17
CA ALA B 1094 50.85 16.30 25.36
C ALA B 1094 51.06 16.76 26.79
N LEU B 1095 50.73 15.90 27.76
CA LEU B 1095 50.94 16.26 29.16
C LEU B 1095 52.42 16.34 29.50
N HIS B 1096 53.25 15.50 28.88
CA HIS B 1096 54.69 15.54 29.14
C HIS B 1096 55.28 16.87 28.73
N VAL B 1097 54.77 17.46 27.64
CA VAL B 1097 55.23 18.79 27.22
C VAL B 1097 54.89 19.82 28.29
N LEU B 1098 53.66 19.76 28.81
CA LEU B 1098 53.23 20.70 29.84
C LEU B 1098 54.03 20.52 31.12
N SER B 1099 54.26 19.26 31.52
CA SER B 1099 54.98 18.99 32.76
C SER B 1099 56.43 19.46 32.66
N SER B 1100 57.06 19.27 31.51
CA SER B 1100 58.48 19.60 31.34
C SER B 1100 58.74 21.10 31.35
N ARG B 1101 57.69 21.94 31.31
CA ARG B 1101 57.89 23.38 31.34
C ARG B 1101 58.48 23.85 32.67
N LEU B 1102 58.43 23.02 33.71
CA LEU B 1102 58.98 23.36 35.01
C LEU B 1102 60.22 22.55 35.34
N LYS B 1103 60.12 21.22 35.29
CA LYS B 1103 61.24 20.33 35.57
C LYS B 1103 61.17 19.12 34.65
N GLN B 1104 62.34 18.73 34.14
CA GLN B 1104 62.41 17.56 33.26
C GLN B 1104 63.69 16.78 33.50
N SER B 1108 59.88 7.63 31.51
CA SER B 1108 58.61 6.91 31.65
C SER B 1108 57.94 7.26 32.97
N GLN B 1109 57.63 8.54 33.14
CA GLN B 1109 56.96 8.99 34.36
C GLN B 1109 55.54 8.43 34.43
N PRO B 1110 55.04 8.16 35.64
CA PRO B 1110 53.65 7.71 35.77
C PRO B 1110 52.69 8.83 35.39
N LEU B 1111 51.49 8.43 34.97
CA LEU B 1111 50.51 9.39 34.48
C LEU B 1111 50.08 10.36 35.58
N GLU B 1112 50.01 9.88 36.83
CA GLU B 1112 49.44 10.70 37.90
C GLU B 1112 50.23 11.98 38.13
N GLU B 1113 51.56 11.88 38.18
CA GLU B 1113 52.35 13.09 38.39
C GLU B 1113 52.39 13.96 37.14
N LEU B 1114 52.14 13.37 35.97
CA LEU B 1114 52.07 14.16 34.75
C LEU B 1114 50.91 15.15 34.80
N LEU B 1115 49.74 14.67 35.25
CA LEU B 1115 48.61 15.58 35.47
C LEU B 1115 48.91 16.55 36.62
N SER B 1116 49.53 16.05 37.69
CA SER B 1116 49.82 16.90 38.84
C SER B 1116 50.75 18.05 38.45
N GLN B 1117 51.77 17.75 37.66
CA GLN B 1117 52.69 18.81 37.22
C GLN B 1117 52.01 19.75 36.24
N SER B 1118 51.20 19.21 35.32
CA SER B 1118 50.57 20.04 34.31
C SER B 1118 49.57 21.02 34.93
N VAL B 1119 48.74 20.54 35.87
CA VAL B 1119 47.79 21.42 36.53
C VAL B 1119 48.52 22.48 37.34
N HIS B 1120 49.58 22.08 38.04
CA HIS B 1120 50.35 23.04 38.83
C HIS B 1120 50.98 24.11 37.94
N TYR B 1121 51.51 23.70 36.79
CA TYR B 1121 52.06 24.67 35.84
C TYR B 1121 50.96 25.60 35.31
N LEU B 1122 49.80 25.03 34.98
CA LEU B 1122 48.71 25.84 34.44
C LEU B 1122 48.10 26.73 35.50
N GLN B 1123 47.94 26.21 36.73
CA GLN B 1123 47.38 27.01 37.81
C GLN B 1123 48.27 28.20 38.18
N ASN B 1124 49.55 28.16 37.78
CA ASN B 1124 50.45 29.27 38.07
C ASN B 1124 50.12 30.51 37.25
N PHE B 1125 49.21 30.39 36.28
CA PHE B 1125 48.83 31.51 35.43
C PHE B 1125 47.71 32.35 36.00
N HIS B 1126 47.19 32.01 37.18
CA HIS B 1126 45.97 32.64 37.67
C HIS B 1126 46.18 34.11 38.05
N GLN B 1127 47.35 34.45 38.60
CA GLN B 1127 47.56 35.82 39.05
C GLN B 1127 47.68 36.80 37.89
N SER B 1128 48.08 36.33 36.71
CA SER B 1128 48.29 37.19 35.56
C SER B 1128 47.05 37.29 34.67
N ILE B 1129 45.95 36.65 35.02
CA ILE B 1129 44.73 36.68 34.22
C ILE B 1129 44.22 38.11 34.13
N PRO B 1130 44.02 38.66 32.93
CA PRO B 1130 43.65 40.08 32.80
C PRO B 1130 42.16 40.32 32.66
N SER B 1131 41.37 39.26 32.48
CA SER B 1131 39.95 39.43 32.19
C SER B 1131 39.17 38.24 32.72
N PHE B 1132 37.86 38.45 32.87
CA PHE B 1132 37.00 37.40 33.40
C PHE B 1132 36.92 36.20 32.47
N GLN B 1133 36.89 36.45 31.15
CA GLN B 1133 36.78 35.35 30.20
C GLN B 1133 37.99 34.43 30.25
N CYS B 1134 39.19 35.01 30.39
CA CYS B 1134 40.40 34.19 30.48
C CYS B 1134 40.38 33.33 31.74
N ALA B 1135 39.87 33.88 32.85
CA ALA B 1135 39.79 33.11 34.09
C ALA B 1135 38.86 31.92 33.94
N LEU B 1136 37.72 32.11 33.26
CA LEU B 1136 36.79 31.00 33.06
C LEU B 1136 37.40 29.92 32.16
N TYR B 1137 38.16 30.33 31.14
CA TYR B 1137 38.82 29.35 30.28
C TYR B 1137 39.95 28.66 31.03
N LEU B 1138 40.65 29.37 31.91
CA LEU B 1138 41.69 28.74 32.71
C LEU B 1138 41.11 27.72 33.68
N ILE B 1139 40.01 28.07 34.35
CA ILE B 1139 39.41 27.16 35.32
C ILE B 1139 38.79 25.96 34.61
N ARG B 1140 38.23 26.16 33.42
CA ARG B 1140 37.66 25.04 32.68
C ARG B 1140 38.73 24.16 32.06
N LEU B 1141 39.89 24.72 31.76
CA LEU B 1141 41.01 23.91 31.28
C LEU B 1141 41.54 23.01 32.38
N LEU B 1142 41.56 23.51 33.62
CA LEU B 1142 41.97 22.68 34.75
C LEU B 1142 40.98 21.54 34.98
N MET B 1143 39.69 21.81 34.82
CA MET B 1143 38.66 20.80 35.07
C MET B 1143 38.83 19.58 34.15
N VAL B 1144 39.03 19.83 32.85
CA VAL B 1144 39.08 18.73 31.90
C VAL B 1144 40.34 17.88 32.11
N ILE B 1145 41.46 18.51 32.46
CA ILE B 1145 42.68 17.75 32.71
C ILE B 1145 42.55 16.95 33.99
N LEU B 1146 42.01 17.56 35.05
CA LEU B 1146 41.82 16.86 36.31
C LEU B 1146 40.77 15.76 36.21
N GLU B 1147 39.92 15.79 35.18
CA GLU B 1147 38.92 14.74 35.00
C GLU B 1147 39.57 13.41 34.71
N LYS B 1148 40.74 13.41 34.08
CA LYS B 1148 41.44 12.15 33.80
C LYS B 1148 41.86 11.46 35.09
N SER B 1149 42.33 12.23 36.08
CA SER B 1149 42.80 11.65 37.32
C SER B 1149 41.65 11.00 38.07
N THR B 1150 41.89 9.78 38.58
CA THR B 1150 40.85 9.06 39.31
C THR B 1150 40.59 9.71 40.68
N ALA B 1151 41.65 10.13 41.37
CA ALA B 1151 41.52 10.73 42.69
C ALA B 1151 40.95 12.13 42.54
N SER B 1152 39.76 12.36 43.10
CA SER B 1152 39.09 13.64 43.02
C SER B 1152 38.76 14.22 44.40
N ALA B 1153 39.38 13.67 45.45
CA ALA B 1153 39.12 14.19 46.80
C ALA B 1153 39.65 15.60 46.96
N GLN B 1154 40.90 15.84 46.55
CA GLN B 1154 41.49 17.17 46.63
C GLN B 1154 41.44 17.94 45.32
N ASN B 1155 41.10 17.26 44.22
CA ASN B 1155 40.97 17.96 42.94
C ASN B 1155 39.81 18.96 42.98
N LYS B 1156 38.71 18.59 43.63
CA LYS B 1156 37.58 19.50 43.73
C LYS B 1156 37.92 20.72 44.59
N GLU B 1157 38.78 20.53 45.59
CA GLU B 1157 39.13 21.64 46.48
C GLU B 1157 39.95 22.69 45.74
N LYS B 1158 40.92 22.27 44.93
CA LYS B 1158 41.74 23.23 44.21
C LYS B 1158 40.93 23.92 43.12
N ILE B 1159 39.98 23.21 42.51
CA ILE B 1159 39.09 23.83 41.54
C ILE B 1159 38.21 24.85 42.23
N ALA B 1160 37.66 24.49 43.39
CA ALA B 1160 36.74 25.39 44.09
C ALA B 1160 37.48 26.57 44.71
N SER B 1161 38.68 26.33 45.24
CA SER B 1161 39.45 27.42 45.83
C SER B 1161 39.85 28.45 44.78
N LEU B 1162 40.26 27.99 43.59
CA LEU B 1162 40.58 28.91 42.51
C LEU B 1162 39.32 29.61 42.01
N ALA B 1163 38.20 28.88 41.92
CA ALA B 1163 36.95 29.48 41.47
C ALA B 1163 36.48 30.57 42.42
N ARG B 1164 36.60 30.34 43.73
CA ARG B 1164 36.24 31.37 44.70
C ARG B 1164 37.14 32.58 44.59
N GLN B 1165 38.44 32.36 44.36
CA GLN B 1165 39.37 33.47 44.21
C GLN B 1165 39.01 34.32 42.99
N PHE B 1166 38.59 33.68 41.90
CA PHE B 1166 38.12 34.42 40.73
C PHE B 1166 36.86 35.23 41.07
N LEU B 1167 35.94 34.63 41.82
CA LEU B 1167 34.72 35.33 42.20
C LEU B 1167 35.01 36.50 43.13
N CYS B 1168 35.97 36.34 44.04
CA CYS B 1168 36.32 37.38 44.99
C CYS B 1168 37.29 38.42 44.42
N ARG B 1169 37.79 38.21 43.21
CA ARG B 1169 38.74 39.15 42.63
C ARG B 1169 38.00 40.39 42.10
N VAL B 1170 38.64 41.55 42.26
CA VAL B 1170 38.09 42.81 41.76
C VAL B 1170 38.55 42.94 40.31
N TRP B 1171 37.71 42.47 39.40
CA TRP B 1171 38.04 42.52 37.98
C TRP B 1171 37.91 43.94 37.46
N PRO B 1172 38.94 44.50 36.81
CA PRO B 1172 38.85 45.88 36.34
C PRO B 1172 37.76 46.05 35.30
N SER B 1173 37.13 47.22 35.33
CA SER B 1173 36.04 47.54 34.41
C SER B 1173 36.38 48.76 33.57
N ASN B 1180 31.94 44.63 31.95
CA ASN B 1180 32.68 43.78 31.05
C ASN B 1180 32.33 42.30 31.25
N ILE B 1181 32.01 41.95 32.50
CA ILE B 1181 31.66 40.58 32.82
C ILE B 1181 30.23 40.30 32.38
N SER B 1182 30.07 39.29 31.54
CA SER B 1182 28.75 38.88 31.08
C SER B 1182 28.09 37.96 32.10
N ASN B 1183 26.76 37.98 32.12
CA ASN B 1183 26.02 37.17 33.08
C ASN B 1183 26.17 35.68 32.77
N ASP B 1184 26.27 35.32 31.50
CA ASP B 1184 26.44 33.92 31.14
C ASP B 1184 27.77 33.38 31.66
N GLN B 1185 28.85 34.17 31.55
CA GLN B 1185 30.13 33.74 32.09
C GLN B 1185 30.10 33.68 33.61
N LEU B 1186 29.46 34.67 34.25
CA LEU B 1186 29.34 34.65 35.71
C LEU B 1186 28.50 33.46 36.17
N HIS B 1187 27.45 33.14 35.43
CA HIS B 1187 26.64 31.96 35.75
C HIS B 1187 27.47 30.68 35.66
N ALA B 1188 28.34 30.59 34.66
CA ALA B 1188 29.16 29.39 34.50
C ALA B 1188 30.16 29.25 35.64
N LEU B 1189 30.77 30.36 36.07
CA LEU B 1189 31.75 30.29 37.15
C LEU B 1189 31.09 29.97 38.48
N LEU B 1190 29.90 30.53 38.73
CA LEU B 1190 29.19 30.24 39.97
C LEU B 1190 28.80 28.76 40.05
N CYS B 1191 28.38 28.18 38.92
CA CYS B 1191 28.07 26.75 38.91
C CYS B 1191 29.32 25.92 39.22
N ILE B 1192 30.47 26.32 38.67
CA ILE B 1192 31.70 25.58 38.92
C ILE B 1192 32.08 25.65 40.40
N TYR B 1193 31.98 26.84 40.98
CA TYR B 1193 32.34 27.00 42.40
C TYR B 1193 31.41 26.20 43.30
N LEU B 1194 30.11 26.25 43.04
CA LEU B 1194 29.16 25.61 43.94
C LEU B 1194 29.18 24.09 43.78
N GLU B 1195 29.31 23.60 42.54
CA GLU B 1195 29.32 22.16 42.32
C GLU B 1195 30.58 21.49 42.82
N HIS B 1196 31.65 22.26 43.09
CA HIS B 1196 32.92 21.69 43.51
C HIS B 1196 33.29 22.02 44.94
N THR B 1197 32.58 22.93 45.59
CA THR B 1197 32.89 23.27 46.98
C THR B 1197 32.61 22.09 47.90
N GLU B 1198 33.24 22.12 49.07
CA GLU B 1198 33.12 21.00 50.01
C GLU B 1198 31.69 20.85 50.51
N SER B 1199 31.09 21.95 50.97
CA SER B 1199 29.71 21.97 51.45
C SER B 1199 28.93 22.98 50.62
N ILE B 1200 28.07 22.47 49.73
CA ILE B 1200 27.29 23.37 48.88
C ILE B 1200 26.30 24.17 49.72
N LEU B 1201 25.75 23.57 50.76
CA LEU B 1201 24.82 24.30 51.62
C LEU B 1201 25.52 25.42 52.37
N LYS B 1202 26.68 25.13 52.98
CA LYS B 1202 27.40 26.14 53.75
C LYS B 1202 27.85 27.29 52.85
N ALA B 1203 28.19 26.99 51.60
CA ALA B 1203 28.56 28.06 50.66
C ALA B 1203 27.38 28.98 50.41
N ILE B 1204 26.18 28.41 50.28
CA ILE B 1204 24.99 29.23 50.03
C ILE B 1204 24.70 30.15 51.20
N GLU B 1205 24.96 29.67 52.43
CA GLU B 1205 24.81 30.53 53.60
C GLU B 1205 25.74 31.72 53.52
N GLU B 1206 26.99 31.49 53.10
CA GLU B 1206 27.96 32.57 53.05
C GLU B 1206 27.59 33.64 52.04
N ILE B 1207 27.18 33.24 50.83
CA ILE B 1207 26.80 34.21 49.82
C ILE B 1207 25.52 34.94 50.22
N ALA B 1208 24.50 34.18 50.63
CA ALA B 1208 23.21 34.80 50.92
C ALA B 1208 23.19 35.50 52.27
N GLY B 1209 23.88 34.97 53.26
CA GLY B 1209 23.82 35.51 54.60
C GLY B 1209 24.85 36.58 54.91
N VAL B 1210 25.91 36.65 54.11
CA VAL B 1210 26.99 37.62 54.31
C VAL B 1210 27.13 38.54 53.10
N GLY B 1211 27.22 37.97 51.90
CA GLY B 1211 27.44 38.79 50.72
C GLY B 1211 26.27 39.72 50.42
N VAL B 1212 25.05 39.19 50.42
CA VAL B 1212 23.88 40.00 50.11
C VAL B 1212 23.65 41.11 51.12
N PRO B 1213 23.73 40.87 52.45
CA PRO B 1213 23.59 42.01 53.38
C PRO B 1213 24.64 43.09 53.17
N GLU B 1214 25.86 42.73 52.77
CA GLU B 1214 26.87 43.73 52.47
C GLU B 1214 26.49 44.57 51.27
N LEU B 1215 25.88 43.95 50.26
CA LEU B 1215 25.42 44.70 49.09
C LEU B 1215 24.34 45.70 49.46
N ILE B 1216 23.44 45.33 50.37
CA ILE B 1216 22.36 46.22 50.77
C ILE B 1216 22.93 47.45 51.47
N ASN B 1217 23.86 47.23 52.41
CA ASN B 1217 24.44 48.35 53.15
C ASN B 1217 25.28 49.24 52.24
N SER B 1218 25.86 48.68 51.19
CA SER B 1218 26.62 49.47 50.23
C SER B 1218 25.67 50.33 49.40
N PRO B 1219 26.17 51.42 48.82
CA PRO B 1219 25.31 52.26 47.96
C PRO B 1219 24.90 51.52 46.70
N LYS B 1220 24.05 52.19 45.92
CA LYS B 1220 23.45 51.55 44.75
C LYS B 1220 24.50 51.12 43.74
N ASP B 1221 25.46 51.99 43.44
CA ASP B 1221 26.52 51.67 42.48
C ASP B 1221 27.78 51.19 43.23
N ALA B 1222 27.63 50.05 43.89
CA ALA B 1222 28.72 49.45 44.65
C ALA B 1222 28.65 47.94 44.47
N SER B 1223 29.40 47.22 45.30
CA SER B 1223 29.45 45.76 45.22
C SER B 1223 29.75 45.20 46.60
N SER B 1224 29.46 43.91 46.76
CA SER B 1224 29.72 43.25 48.03
C SER B 1224 31.23 43.19 48.30
N SER B 1225 31.60 43.39 49.57
CA SER B 1225 33.01 43.38 49.92
C SER B 1225 33.61 41.99 49.80
N THR B 1226 32.87 40.96 50.24
CA THR B 1226 33.40 39.60 50.15
C THR B 1226 33.40 39.09 48.71
N PHE B 1227 32.37 39.45 47.94
CA PHE B 1227 32.25 39.04 46.54
C PHE B 1227 32.07 40.29 45.69
N PRO B 1228 33.17 40.90 45.23
CA PRO B 1228 33.05 42.10 44.38
C PRO B 1228 32.30 41.85 43.08
N THR B 1229 32.25 40.60 42.61
CA THR B 1229 31.46 40.29 41.42
C THR B 1229 29.96 40.31 41.70
N LEU B 1230 29.55 40.41 42.97
CA LEU B 1230 28.14 40.43 43.34
C LEU B 1230 27.72 41.88 43.53
N THR B 1231 27.04 42.42 42.52
CA THR B 1231 26.47 43.76 42.57
C THR B 1231 24.97 43.68 42.34
N ARG B 1232 24.30 44.83 42.37
CA ARG B 1232 22.86 44.86 42.19
C ARG B 1232 22.44 44.42 40.79
N HIS B 1233 23.34 44.48 39.81
CA HIS B 1233 23.05 43.99 38.48
C HIS B 1233 23.28 42.49 38.36
N THR B 1234 24.14 41.92 39.19
CA THR B 1234 24.47 40.50 39.14
C THR B 1234 23.77 39.69 40.22
N PHE B 1235 22.87 40.29 40.99
CA PHE B 1235 22.15 39.53 42.02
C PHE B 1235 21.27 38.47 41.41
N VAL B 1236 20.64 38.75 40.27
CA VAL B 1236 19.78 37.77 39.61
C VAL B 1236 20.57 36.53 39.24
N VAL B 1237 21.80 36.71 38.77
CA VAL B 1237 22.64 35.57 38.43
C VAL B 1237 22.99 34.78 39.69
N PHE B 1238 23.38 35.49 40.76
CA PHE B 1238 23.70 34.82 42.02
C PHE B 1238 22.47 34.15 42.61
N PHE B 1239 21.32 34.81 42.56
CA PHE B 1239 20.09 34.22 43.08
C PHE B 1239 19.67 32.99 42.29
N ARG B 1240 19.76 33.07 40.96
CA ARG B 1240 19.32 31.95 40.13
C ARG B 1240 20.21 30.73 40.33
N VAL B 1241 21.52 30.93 40.44
CA VAL B 1241 22.44 29.80 40.61
C VAL B 1241 22.24 29.15 41.97
N MET B 1242 22.13 29.98 43.02
CA MET B 1242 21.98 29.44 44.37
C MET B 1242 20.69 28.64 44.52
N MET B 1243 19.59 29.15 43.96
CA MET B 1243 18.33 28.42 44.03
C MET B 1243 18.37 27.15 43.20
N ALA B 1244 18.94 27.22 42.00
CA ALA B 1244 19.02 26.03 41.14
C ALA B 1244 19.96 24.99 41.73
N GLU B 1245 21.09 25.43 42.29
CA GLU B 1245 22.03 24.48 42.89
C GLU B 1245 21.47 23.87 44.16
N LEU B 1246 20.76 24.67 44.96
CA LEU B 1246 20.11 24.13 46.15
C LEU B 1246 19.08 23.07 45.80
N GLU B 1247 18.29 23.33 44.75
CA GLU B 1247 17.29 22.35 44.33
C GLU B 1247 17.95 21.06 43.84
N LYS B 1248 19.08 21.18 43.13
CA LYS B 1248 19.78 19.99 42.65
C LYS B 1248 20.32 19.16 43.81
N THR B 1249 20.85 19.82 44.85
CA THR B 1249 21.35 19.11 46.01
C THR B 1249 20.22 18.37 46.73
N VAL B 1250 19.06 19.01 46.86
CA VAL B 1250 17.93 18.41 47.55
C VAL B 1250 17.45 17.17 46.81
N LYS B 1251 17.41 17.22 45.49
CA LYS B 1251 16.97 16.06 44.71
C LYS B 1251 17.86 14.85 44.94
N LYS B 1252 19.13 15.07 45.27
CA LYS B 1252 20.06 13.97 45.43
C LYS B 1252 19.92 13.25 46.77
N ILE B 1253 19.33 13.89 47.77
CA ILE B 1253 19.14 13.26 49.07
C ILE B 1253 18.09 12.17 48.95
N GLU B 1254 18.38 10.99 49.48
CA GLU B 1254 17.44 9.89 49.42
C GLU B 1254 16.82 9.63 50.80
N PRO B 1255 15.54 9.29 50.85
CA PRO B 1255 14.89 9.06 52.14
C PRO B 1255 15.38 7.81 52.87
N GLY B 1256 16.04 6.89 52.18
CA GLY B 1256 16.48 5.68 52.83
C GLY B 1256 15.32 4.75 53.15
N THR B 1257 15.52 3.89 54.15
CA THR B 1257 14.50 2.96 54.59
C THR B 1257 14.36 3.05 56.10
N ALA B 1258 13.26 2.50 56.61
CA ALA B 1258 13.01 2.48 58.05
C ALA B 1258 13.94 1.51 58.79
N ALA B 1259 14.64 0.64 58.07
CA ALA B 1259 15.56 -0.31 58.67
C ALA B 1259 16.98 0.23 58.79
N ASP B 1260 17.22 1.47 58.39
CA ASP B 1260 18.56 2.04 58.44
C ASP B 1260 18.93 2.40 59.88
N SER B 1261 20.17 2.84 60.06
CA SER B 1261 20.65 3.19 61.39
C SER B 1261 19.92 4.41 61.94
N GLN B 1262 19.74 4.44 63.26
CA GLN B 1262 19.04 5.54 63.90
C GLN B 1262 19.79 6.86 63.74
N GLN B 1263 21.11 6.84 63.89
CA GLN B 1263 21.89 8.07 63.76
C GLN B 1263 21.94 8.53 62.31
N ILE B 1264 21.81 7.62 61.35
CA ILE B 1264 21.75 8.02 59.95
C ILE B 1264 20.52 8.87 59.70
N HIS B 1265 19.37 8.46 60.26
CA HIS B 1265 18.15 9.25 60.11
C HIS B 1265 18.30 10.62 60.78
N GLU B 1266 19.02 10.69 61.90
CA GLU B 1266 19.22 11.97 62.58
C GLU B 1266 20.03 12.93 61.71
N GLU B 1267 21.07 12.44 61.06
CA GLU B 1267 21.87 13.32 60.20
C GLU B 1267 21.09 13.76 58.98
N LYS B 1268 20.21 12.91 58.45
CA LYS B 1268 19.35 13.31 57.33
C LYS B 1268 18.35 14.36 57.77
N LEU B 1269 17.79 14.22 58.97
CA LEU B 1269 16.90 15.25 59.50
C LEU B 1269 17.65 16.56 59.70
N LEU B 1270 18.88 16.49 60.21
CA LEU B 1270 19.70 17.70 60.35
C LEU B 1270 20.07 18.26 58.99
N TYR B 1271 20.38 17.39 58.02
CA TYR B 1271 20.70 17.85 56.67
C TYR B 1271 19.50 18.54 56.03
N TRP B 1272 18.30 17.99 56.24
CA TRP B 1272 17.09 18.62 55.72
C TRP B 1272 16.81 19.95 56.42
N ASN B 1273 17.17 20.05 57.70
CA ASN B 1273 17.00 21.32 58.40
C ASN B 1273 17.89 22.40 57.82
N MET B 1274 19.13 22.05 57.47
CA MET B 1274 20.03 23.02 56.86
C MET B 1274 19.54 23.45 55.48
N ALA B 1275 19.01 22.50 54.71
CA ALA B 1275 18.49 22.84 53.39
C ALA B 1275 17.31 23.80 53.49
N VAL B 1276 16.42 23.58 54.47
CA VAL B 1276 15.28 24.48 54.66
C VAL B 1276 15.75 25.86 55.12
N ARG B 1277 16.79 25.89 55.97
CA ARG B 1277 17.31 27.17 56.42
C ARG B 1277 17.90 27.97 55.25
N ASP B 1278 18.63 27.29 54.36
CA ASP B 1278 19.12 27.96 53.16
C ASP B 1278 17.98 28.42 52.27
N PHE B 1279 16.93 27.60 52.15
CA PHE B 1279 15.75 28.00 51.42
C PHE B 1279 15.10 29.23 52.05
N SER B 1280 15.04 29.27 53.39
CA SER B 1280 14.42 30.39 54.07
C SER B 1280 15.18 31.69 53.79
N ILE B 1281 16.52 31.63 53.84
CA ILE B 1281 17.31 32.83 53.59
C ILE B 1281 17.16 33.29 52.15
N LEU B 1282 17.17 32.34 51.21
CA LEU B 1282 17.06 32.70 49.80
C LEU B 1282 15.70 33.31 49.48
N ILE B 1283 14.62 32.67 49.92
CA ILE B 1283 13.29 33.14 49.57
C ILE B 1283 13.02 34.49 50.21
N ASN B 1284 13.54 34.72 51.42
CA ASN B 1284 13.33 35.99 52.10
C ASN B 1284 14.02 37.16 51.41
N LEU B 1285 14.91 36.89 50.46
CA LEU B 1285 15.61 37.96 49.76
C LEU B 1285 14.71 38.69 48.77
N ILE B 1286 13.51 38.17 48.49
CA ILE B 1286 12.60 38.82 47.56
C ILE B 1286 11.88 40.01 48.16
N LYS B 1287 11.94 40.19 49.48
CA LYS B 1287 11.33 41.35 50.10
C LYS B 1287 12.03 42.64 49.67
N VAL B 1288 13.35 42.62 49.57
CA VAL B 1288 14.10 43.78 49.14
C VAL B 1288 14.36 43.76 47.64
N PHE B 1289 14.68 42.59 47.08
CA PHE B 1289 14.87 42.43 45.64
C PHE B 1289 13.58 41.87 45.06
N ASP B 1290 12.67 42.75 44.66
CA ASP B 1290 11.35 42.37 44.19
C ASP B 1290 11.15 42.71 42.72
N SER B 1291 12.21 42.57 41.92
CA SER B 1291 12.09 42.76 40.50
C SER B 1291 11.52 41.50 39.84
N HIS B 1292 11.07 41.65 38.59
CA HIS B 1292 10.49 40.52 37.88
C HIS B 1292 11.45 39.35 37.70
N PRO B 1293 12.70 39.54 37.26
CA PRO B 1293 13.59 38.36 37.12
C PRO B 1293 13.85 37.65 38.43
N VAL B 1294 13.91 38.39 39.55
CA VAL B 1294 14.13 37.75 40.84
C VAL B 1294 12.90 36.94 41.26
N LEU B 1295 11.72 37.52 41.09
CA LEU B 1295 10.50 36.83 41.48
C LEU B 1295 10.24 35.61 40.61
N HIS B 1296 10.59 35.70 39.32
CA HIS B 1296 10.42 34.56 38.43
C HIS B 1296 11.26 33.36 38.87
N VAL B 1297 12.50 33.63 39.29
CA VAL B 1297 13.36 32.56 39.77
C VAL B 1297 12.82 31.97 41.06
N CYS B 1298 12.41 32.82 41.99
CA CYS B 1298 11.84 32.35 43.25
C CYS B 1298 10.55 31.57 43.01
N LEU B 1299 9.71 32.05 42.09
CA LEU B 1299 8.46 31.36 41.78
C LEU B 1299 8.70 30.01 41.13
N LYS B 1300 9.71 29.91 40.25
CA LYS B 1300 9.95 28.67 39.52
C LYS B 1300 10.73 27.66 40.36
N TYR B 1301 11.85 28.08 40.96
CA TYR B 1301 12.67 27.17 41.73
C TYR B 1301 12.14 26.95 43.14
N GLY B 1302 11.30 27.85 43.65
CA GLY B 1302 10.61 27.58 44.90
C GLY B 1302 9.66 26.40 44.79
N ARG B 1303 8.98 26.29 43.65
CA ARG B 1303 8.13 25.12 43.40
C ARG B 1303 8.95 23.85 43.32
N LEU B 1304 10.12 23.92 42.66
CA LEU B 1304 10.94 22.72 42.48
C LEU B 1304 11.52 22.27 43.82
N PHE B 1305 11.83 23.21 44.71
CA PHE B 1305 12.29 22.84 46.05
C PHE B 1305 11.19 22.12 46.82
N VAL B 1306 9.96 22.60 46.73
CA VAL B 1306 8.84 21.93 47.40
C VAL B 1306 8.56 20.58 46.76
N GLU B 1307 8.70 20.50 45.43
CA GLU B 1307 8.51 19.22 44.74
C GLU B 1307 9.52 18.19 45.22
N ALA B 1308 10.77 18.61 45.41
CA ALA B 1308 11.80 17.69 45.88
C ALA B 1308 11.62 17.40 47.38
N PHE B 1309 11.07 18.36 48.12
CA PHE B 1309 10.85 18.15 49.55
C PHE B 1309 9.83 17.04 49.79
N LEU B 1310 8.67 17.13 49.14
CA LEU B 1310 7.63 16.14 49.38
C LEU B 1310 7.88 14.82 48.66
N LYS B 1311 8.89 14.76 47.78
CA LYS B 1311 9.25 13.50 47.14
C LYS B 1311 10.39 12.80 47.85
N GLN B 1312 11.23 13.53 48.57
CA GLN B 1312 12.37 12.97 49.28
C GLN B 1312 12.25 13.06 50.79
N CYS B 1313 11.97 14.25 51.32
CA CYS B 1313 11.87 14.41 52.76
C CYS B 1313 10.60 13.78 53.33
N MET B 1314 9.49 13.90 52.62
CA MET B 1314 8.23 13.35 53.11
C MET B 1314 8.29 11.83 53.32
N PRO B 1315 8.80 11.02 52.38
CA PRO B 1315 8.95 9.59 52.69
C PRO B 1315 9.86 9.34 53.87
N LEU B 1316 10.88 10.18 54.07
CA LEU B 1316 11.76 10.02 55.22
C LEU B 1316 11.01 10.24 56.53
N LEU B 1317 10.13 11.24 56.56
CA LEU B 1317 9.37 11.51 57.78
C LEU B 1317 8.38 10.40 58.08
N ASP B 1318 7.94 9.65 57.07
CA ASP B 1318 7.09 8.50 57.32
C ASP B 1318 7.80 7.45 58.14
N PHE B 1319 9.07 7.16 57.80
CA PHE B 1319 9.83 6.16 58.54
C PHE B 1319 10.10 6.61 59.96
N SER B 1320 10.46 7.88 60.17
CA SER B 1320 10.92 8.37 61.45
C SER B 1320 10.02 9.52 61.90
N PHE B 1321 8.94 9.20 62.61
CA PHE B 1321 8.09 10.21 63.21
C PHE B 1321 7.84 9.88 64.67
N ARG B 1322 7.85 8.59 65.00
CA ARG B 1322 7.66 8.17 66.39
C ARG B 1322 8.89 8.47 67.24
N LYS B 1323 10.03 7.88 66.88
CA LYS B 1323 11.25 8.13 67.63
C LYS B 1323 11.67 9.60 67.53
N HIS B 1324 11.60 10.18 66.34
CA HIS B 1324 11.90 11.58 66.11
C HIS B 1324 10.58 12.31 65.86
N ARG B 1325 10.06 12.99 66.88
CA ARG B 1325 8.79 13.69 66.78
C ARG B 1325 8.94 15.19 66.94
N GLU B 1326 9.75 15.64 67.90
CA GLU B 1326 10.00 17.07 68.04
C GLU B 1326 10.77 17.61 66.84
N ASP B 1327 11.73 16.84 66.34
CA ASP B 1327 12.50 17.26 65.17
C ASP B 1327 11.61 17.34 63.93
N VAL B 1328 10.73 16.35 63.74
CA VAL B 1328 9.84 16.37 62.58
C VAL B 1328 8.87 17.54 62.66
N LEU B 1329 8.28 17.76 63.85
CA LEU B 1329 7.38 18.89 64.02
C LEU B 1329 8.09 20.21 63.80
N SER B 1330 9.29 20.36 64.37
CA SER B 1330 10.04 21.61 64.20
C SER B 1330 10.42 21.82 62.75
N LEU B 1331 10.82 20.75 62.05
CA LEU B 1331 11.14 20.87 60.64
C LEU B 1331 9.93 21.31 59.82
N LEU B 1332 8.75 20.74 60.13
CA LEU B 1332 7.55 21.11 59.40
C LEU B 1332 7.14 22.54 59.71
N GLU B 1333 7.25 22.96 60.97
CA GLU B 1333 6.89 24.33 61.32
C GLU B 1333 7.81 25.34 60.66
N THR B 1334 9.12 25.05 60.63
CA THR B 1334 10.06 25.95 59.97
C THR B 1334 9.79 26.02 58.47
N PHE B 1335 9.56 24.87 57.84
CA PHE B 1335 9.24 24.86 56.42
C PHE B 1335 7.89 25.53 56.13
N GLN B 1336 6.96 25.45 57.08
CA GLN B 1336 5.66 26.09 56.87
C GLN B 1336 5.79 27.60 56.76
N LEU B 1337 6.77 28.18 57.44
CA LEU B 1337 7.01 29.61 57.31
C LEU B 1337 7.48 29.96 55.91
N ASP B 1338 8.27 29.07 55.28
CA ASP B 1338 8.72 29.31 53.92
C ASP B 1338 7.56 29.19 52.93
N THR B 1339 6.71 28.17 53.11
CA THR B 1339 5.59 27.99 52.20
C THR B 1339 4.58 29.12 52.30
N ARG B 1340 4.45 29.74 53.48
CA ARG B 1340 3.56 30.89 53.61
C ARG B 1340 4.04 32.06 52.75
N LEU B 1341 5.35 32.29 52.72
CA LEU B 1341 5.89 33.34 51.87
C LEU B 1341 5.73 32.99 50.39
N LEU B 1342 5.75 31.69 50.07
CA LEU B 1342 5.47 31.27 48.70
C LEU B 1342 4.03 31.58 48.31
N HIS B 1343 3.09 31.44 49.24
CA HIS B 1343 1.70 31.76 48.96
C HIS B 1343 1.52 33.25 48.73
N HIS B 1344 2.20 34.07 49.51
CA HIS B 1344 2.07 35.53 49.35
C HIS B 1344 2.70 35.99 48.04
N LEU B 1345 3.78 35.35 47.62
CA LEU B 1345 4.36 35.65 46.32
C LEU B 1345 3.40 35.26 45.19
N CYS B 1346 2.70 34.13 45.35
CA CYS B 1346 1.69 33.75 44.36
C CYS B 1346 0.58 34.79 44.30
N GLY B 1347 0.11 35.25 45.45
CA GLY B 1347 -0.92 36.29 45.46
C GLY B 1347 -0.42 37.60 44.89
N HIS B 1348 0.83 37.95 45.18
CA HIS B 1348 1.40 39.18 44.64
C HIS B 1348 1.49 39.12 43.11
N SER B 1349 1.86 37.96 42.57
CA SER B 1349 1.97 37.81 41.13
C SER B 1349 0.62 38.00 40.44
N LYS B 1350 -0.46 37.45 41.03
CA LYS B 1350 -1.78 37.56 40.43
C LYS B 1350 -2.35 38.96 40.58
N ILE B 1351 -2.06 39.64 41.70
CA ILE B 1351 -2.60 40.97 41.94
C ILE B 1351 -2.07 41.95 40.90
N HIS B 1352 -0.77 41.88 40.60
CA HIS B 1352 -0.18 42.76 39.61
C HIS B 1352 -0.39 42.28 38.18
N GLN B 1353 -0.95 41.09 38.00
CA GLN B 1353 -1.33 40.56 36.69
C GLN B 1353 -0.14 40.52 35.72
N ASP B 1354 0.99 40.05 36.21
CA ASP B 1354 2.17 39.85 35.37
C ASP B 1354 2.04 38.49 34.68
N THR B 1355 1.88 38.52 33.36
CA THR B 1355 1.64 37.29 32.62
C THR B 1355 2.82 36.33 32.74
N ARG B 1356 4.04 36.85 32.71
CA ARG B 1356 5.22 35.99 32.86
C ARG B 1356 5.31 35.39 34.26
N LEU B 1357 4.68 36.01 35.26
CA LEU B 1357 4.71 35.50 36.61
C LEU B 1357 3.53 34.57 36.91
N THR B 1358 2.32 34.95 36.46
CA THR B 1358 1.14 34.16 36.78
C THR B 1358 1.14 32.81 36.07
N GLN B 1359 2.03 32.60 35.09
CA GLN B 1359 2.11 31.30 34.44
C GLN B 1359 2.87 30.26 35.25
N HIS B 1360 3.44 30.64 36.39
CA HIS B 1360 4.00 29.70 37.34
C HIS B 1360 3.10 29.47 38.55
N VAL B 1361 2.10 30.32 38.76
CA VAL B 1361 1.24 30.20 39.95
C VAL B 1361 0.45 28.90 39.98
N PRO B 1362 -0.23 28.48 38.91
CA PRO B 1362 -1.08 27.27 39.02
C PRO B 1362 -0.34 26.03 39.48
N LEU B 1363 0.90 25.83 39.04
CA LEU B 1363 1.62 24.61 39.42
C LEU B 1363 2.23 24.74 40.81
N LEU B 1364 2.60 25.97 41.22
CA LEU B 1364 3.08 26.16 42.57
C LEU B 1364 1.95 26.01 43.58
N LYS B 1365 0.77 26.52 43.26
CA LYS B 1365 -0.37 26.38 44.16
C LYS B 1365 -0.75 24.91 44.31
N LYS B 1366 -0.67 24.13 43.23
CA LYS B 1366 -0.98 22.71 43.30
C LYS B 1366 -0.01 21.98 44.22
N THR B 1367 1.28 22.29 44.10
CA THR B 1367 2.28 21.59 44.91
C THR B 1367 2.23 22.06 46.37
N LEU B 1368 1.93 23.33 46.60
CA LEU B 1368 1.78 23.81 47.97
C LEU B 1368 0.59 23.14 48.66
N GLU B 1369 -0.52 22.98 47.94
CA GLU B 1369 -1.64 22.23 48.48
C GLU B 1369 -1.33 20.74 48.57
N LEU B 1370 -0.54 20.22 47.61
CA LEU B 1370 -0.13 18.83 47.66
C LEU B 1370 0.71 18.53 48.89
N LEU B 1371 1.44 19.52 49.40
CA LEU B 1371 2.21 19.31 50.62
C LEU B 1371 1.32 19.20 51.84
N VAL B 1372 0.26 20.02 51.90
CA VAL B 1372 -0.68 19.94 53.02
C VAL B 1372 -1.35 18.58 53.07
N CYS B 1373 -1.78 18.09 51.90
CA CYS B 1373 -2.38 16.75 51.84
C CYS B 1373 -1.36 15.67 52.17
N ARG B 1374 -0.11 15.86 51.78
CA ARG B 1374 0.92 14.86 52.05
C ARG B 1374 1.25 14.79 53.54
N VAL B 1375 1.13 15.91 54.26
CA VAL B 1375 1.34 15.87 55.71
C VAL B 1375 0.23 15.07 56.37
N LYS B 1376 -1.00 15.20 55.88
CA LYS B 1376 -2.10 14.40 56.41
C LYS B 1376 -1.87 12.92 56.18
N ALA B 1377 -1.33 12.55 55.02
CA ALA B 1377 -1.02 11.15 54.75
C ALA B 1377 0.03 10.63 55.71
N MET B 1378 1.04 11.44 56.03
CA MET B 1378 2.07 11.03 56.98
C MET B 1378 1.47 10.74 58.35
N LEU B 1379 0.57 11.61 58.81
CA LEU B 1379 -0.09 11.39 60.10
C LEU B 1379 -0.98 10.16 60.04
N THR B 1380 -1.68 9.96 58.93
CA THR B 1380 -2.58 8.81 58.82
C THR B 1380 -1.80 7.49 58.88
N LEU B 1381 -0.66 7.43 58.19
CA LEU B 1381 0.19 6.24 58.28
C LEU B 1381 0.75 6.03 59.67
N ASN B 1382 0.74 7.07 60.51
CA ASN B 1382 1.26 7.00 61.87
C ASN B 1382 0.15 7.02 62.91
N ASN B 1383 -1.09 6.77 62.49
CA ASN B 1383 -2.25 6.68 63.39
C ASN B 1383 -2.44 7.95 64.21
N CYS B 1384 -2.23 9.09 63.58
CA CYS B 1384 -2.43 10.40 64.21
C CYS B 1384 -3.30 11.29 63.33
N ARG B 1385 -4.28 10.68 62.65
CA ARG B 1385 -5.12 11.43 61.72
C ARG B 1385 -5.93 12.51 62.44
N GLU B 1386 -6.42 12.21 63.64
CA GLU B 1386 -7.22 13.18 64.39
C GLU B 1386 -6.41 14.40 64.80
N ALA B 1387 -5.07 14.29 64.85
CA ALA B 1387 -4.23 15.43 65.17
C ALA B 1387 -4.13 16.42 64.02
N PHE B 1388 -4.41 15.97 62.79
CA PHE B 1388 -4.31 16.86 61.64
C PHE B 1388 -5.44 17.87 61.65
N TRP B 1389 -5.14 19.09 61.22
CA TRP B 1389 -6.09 20.20 61.34
C TRP B 1389 -5.66 21.38 60.46
N LEU B 1390 -6.60 21.92 59.70
CA LEU B 1390 -6.31 22.99 58.75
C LEU B 1390 -6.73 24.35 59.30
N GLY B 1391 -6.33 25.39 58.60
CA GLY B 1391 -6.75 26.75 58.88
C GLY B 1391 -6.43 27.63 57.70
N ASN B 1392 -7.24 28.67 57.54
CA ASN B 1392 -7.06 29.60 56.43
C ASN B 1392 -6.04 30.66 56.83
N LEU B 1393 -4.87 30.62 56.21
CA LEU B 1393 -3.84 31.61 56.49
C LEU B 1393 -4.19 32.94 55.84
N LYS B 1394 -3.83 34.02 56.52
CA LYS B 1394 -4.18 35.35 56.05
C LYS B 1394 -3.37 35.71 54.81
N ASN B 1395 -3.99 36.47 53.91
CA ASN B 1395 -3.30 36.94 52.71
C ASN B 1395 -2.45 38.16 53.07
N ARG B 1396 -1.18 38.11 52.68
CA ARG B 1396 -0.21 39.13 53.04
C ARG B 1396 0.50 39.63 51.80
N ASP B 1397 1.05 40.84 51.89
CA ASP B 1397 1.88 41.39 50.84
C ASP B 1397 3.27 40.75 50.89
N LEU B 1398 4.12 41.14 49.94
CA LEU B 1398 5.50 40.68 49.96
C LEU B 1398 6.23 41.17 51.20
N GLN B 1399 5.97 42.41 51.61
CA GLN B 1399 6.55 42.93 52.85
C GLN B 1399 5.96 42.26 54.07
N GLY B 1400 4.66 41.96 54.06
CA GLY B 1400 4.02 41.30 55.18
C GLY B 1400 2.74 41.96 55.64
N GLU B 1401 2.38 43.07 55.00
CA GLU B 1401 1.15 43.78 55.37
C GLU B 1401 -0.07 42.99 54.93
N GLU B 1402 -1.06 42.90 55.83
CA GLU B 1402 -2.28 42.16 55.52
C GLU B 1402 -3.06 42.85 54.41
N ILE B 1403 -3.63 42.04 53.52
CA ILE B 1403 -4.42 42.54 52.40
C ILE B 1403 -5.89 42.40 52.80
N LYS B 1404 -6.45 43.48 53.33
CA LYS B 1404 -7.86 43.50 53.70
C LYS B 1404 -8.34 44.92 53.93
N SER C 4 -13.69 -5.27 -36.21
CA SER C 4 -14.28 -5.03 -37.52
C SER C 4 -13.31 -5.39 -38.64
N MET C 5 -12.07 -4.92 -38.52
CA MET C 5 -11.03 -5.22 -39.49
C MET C 5 -9.76 -5.59 -38.75
N GLN C 6 -8.91 -6.37 -39.43
CA GLN C 6 -7.68 -6.88 -38.85
C GLN C 6 -6.49 -6.26 -39.56
N ILE C 7 -5.55 -5.73 -38.77
CA ILE C 7 -4.34 -5.11 -39.29
C ILE C 7 -3.14 -5.80 -38.66
N PHE C 8 -1.98 -5.61 -39.29
CA PHE C 8 -0.73 -6.21 -38.84
C PHE C 8 0.21 -5.14 -38.29
N VAL C 9 0.97 -5.52 -37.27
CA VAL C 9 1.99 -4.66 -36.68
C VAL C 9 3.29 -5.45 -36.63
N LYS C 10 4.34 -4.91 -37.23
CA LYS C 10 5.66 -5.52 -37.17
C LYS C 10 6.39 -4.97 -35.94
N THR C 11 6.69 -5.85 -35.00
CA THR C 11 7.15 -5.45 -33.69
C THR C 11 8.66 -5.20 -33.70
N LEU C 12 9.25 -5.04 -32.52
CA LEU C 12 10.64 -4.61 -32.43
C LEU C 12 11.60 -5.67 -32.95
N THR C 13 11.27 -6.94 -32.76
CA THR C 13 12.07 -8.05 -33.25
C THR C 13 11.78 -8.41 -34.70
N GLY C 14 10.86 -7.69 -35.34
CA GLY C 14 10.43 -8.02 -36.68
C GLY C 14 9.29 -9.00 -36.76
N LYS C 15 8.83 -9.52 -35.63
CA LYS C 15 7.73 -10.47 -35.63
C LYS C 15 6.40 -9.74 -35.80
N THR C 16 5.52 -10.32 -36.62
CA THR C 16 4.25 -9.69 -36.95
C THR C 16 3.17 -10.17 -35.98
N ILE C 17 2.41 -9.21 -35.44
CA ILE C 17 1.26 -9.49 -34.61
C ILE C 17 0.02 -8.95 -35.32
N THR C 18 -1.14 -9.33 -34.81
CA THR C 18 -2.43 -8.93 -35.40
C THR C 18 -3.25 -8.15 -34.38
N LEU C 19 -4.02 -7.19 -34.88
CA LEU C 19 -4.91 -6.39 -34.05
C LEU C 19 -6.29 -6.34 -34.70
N GLU C 20 -7.32 -6.31 -33.86
CA GLU C 20 -8.69 -6.10 -34.30
C GLU C 20 -9.08 -4.66 -34.01
N VAL C 21 -9.34 -3.89 -35.06
CA VAL C 21 -9.58 -2.46 -34.94
C VAL C 21 -10.82 -2.08 -35.76
N GLU C 22 -11.41 -0.96 -35.37
CA GLU C 22 -12.47 -0.24 -36.05
C GLU C 22 -11.86 0.88 -36.89
N PRO C 23 -12.50 1.26 -38.00
CA PRO C 23 -12.03 2.46 -38.72
C PRO C 23 -12.10 3.72 -37.88
N SER C 24 -12.89 3.72 -36.81
CA SER C 24 -13.07 4.89 -35.96
C SER C 24 -12.13 4.92 -34.74
N ASP C 25 -11.31 3.89 -34.55
CA ASP C 25 -10.35 3.91 -33.45
C ASP C 25 -9.35 5.04 -33.62
N THR C 26 -9.07 5.73 -32.52
CA THR C 26 -8.02 6.71 -32.46
C THR C 26 -6.67 6.03 -32.29
N ILE C 27 -5.60 6.77 -32.56
CA ILE C 27 -4.26 6.21 -32.47
C ILE C 27 -3.93 5.81 -31.04
N GLU C 28 -4.56 6.45 -30.05
CA GLU C 28 -4.33 6.04 -28.67
C GLU C 28 -4.94 4.69 -28.37
N ASN C 29 -6.03 4.33 -29.06
CA ASN C 29 -6.63 3.01 -28.87
C ASN C 29 -5.76 1.90 -29.46
N VAL C 30 -5.17 2.14 -30.63
CA VAL C 30 -4.29 1.15 -31.23
C VAL C 30 -3.07 0.93 -30.35
N LYS C 31 -2.49 2.01 -29.84
CA LYS C 31 -1.31 1.89 -28.97
C LYS C 31 -1.63 1.15 -27.69
N ALA C 32 -2.84 1.30 -27.16
CA ALA C 32 -3.25 0.53 -25.99
C ALA C 32 -3.36 -0.95 -26.31
N LYS C 33 -3.82 -1.28 -27.52
CA LYS C 33 -3.89 -2.68 -27.94
C LYS C 33 -2.50 -3.27 -28.12
N ILE C 34 -1.57 -2.49 -28.67
CA ILE C 34 -0.20 -2.97 -28.86
C ILE C 34 0.48 -3.20 -27.52
N GLN C 35 0.19 -2.36 -26.53
CA GLN C 35 0.75 -2.55 -25.20
C GLN C 35 0.24 -3.83 -24.56
N ASP C 36 -1.01 -4.19 -24.86
CA ASP C 36 -1.57 -5.43 -24.31
C ASP C 36 -0.86 -6.66 -24.87
N LYS C 37 -0.40 -6.59 -26.12
CA LYS C 37 0.27 -7.73 -26.75
C LYS C 37 1.79 -7.68 -26.61
N GLU C 38 2.38 -6.48 -26.48
CA GLU C 38 3.82 -6.34 -26.43
C GLU C 38 4.36 -5.81 -25.11
N GLY C 39 3.56 -5.10 -24.32
CA GLY C 39 4.05 -4.57 -23.06
C GLY C 39 4.89 -3.32 -23.18
N ILE C 40 4.66 -2.52 -24.21
CA ILE C 40 5.39 -1.27 -24.44
C ILE C 40 4.44 -0.12 -24.17
N PRO C 41 4.80 0.82 -23.30
CA PRO C 41 3.88 1.92 -22.95
C PRO C 41 3.52 2.73 -24.18
N PRO C 42 2.26 3.19 -24.28
CA PRO C 42 1.83 3.94 -25.46
C PRO C 42 2.62 5.22 -25.70
N ASP C 43 3.05 5.91 -24.64
CA ASP C 43 3.82 7.14 -24.82
C ASP C 43 5.21 6.87 -25.38
N GLN C 44 5.68 5.64 -25.28
CA GLN C 44 6.98 5.27 -25.86
C GLN C 44 6.87 4.75 -27.29
N GLN C 45 5.66 4.54 -27.79
CA GLN C 45 5.46 3.89 -29.08
C GLN C 45 5.43 4.89 -30.22
N ARG C 46 6.11 4.54 -31.31
CA ARG C 46 6.01 5.25 -32.58
C ARG C 46 5.46 4.29 -33.63
N LEU C 47 4.37 4.67 -34.26
CA LEU C 47 3.70 3.84 -35.26
C LEU C 47 3.87 4.47 -36.63
N ILE C 48 4.45 3.71 -37.56
CA ILE C 48 4.71 4.16 -38.92
C ILE C 48 3.82 3.37 -39.86
N PHE C 49 3.03 4.09 -40.67
CA PHE C 49 2.19 3.47 -41.68
C PHE C 49 2.44 4.15 -43.02
N ALA C 50 2.86 3.37 -44.01
CA ALA C 50 3.11 3.88 -45.36
C ALA C 50 4.09 5.05 -45.35
N GLY C 51 5.12 4.93 -44.51
CA GLY C 51 6.14 5.96 -44.42
C GLY C 51 5.75 7.19 -43.62
N LYS C 52 4.59 7.18 -42.96
CA LYS C 52 4.11 8.31 -42.19
C LYS C 52 3.86 7.89 -40.75
N GLN C 53 4.29 8.73 -39.82
CA GLN C 53 4.08 8.46 -38.40
C GLN C 53 2.65 8.82 -38.00
N LEU C 54 1.98 7.90 -37.32
CA LEU C 54 0.62 8.17 -36.87
C LEU C 54 0.64 9.16 -35.71
N GLU C 55 -0.15 10.22 -35.81
CA GLU C 55 -0.18 11.26 -34.81
C GLU C 55 -1.32 11.03 -33.82
N ASP C 56 -1.06 11.30 -32.55
CA ASP C 56 -2.08 11.10 -31.53
C ASP C 56 -3.26 12.04 -31.74
N GLY C 57 -4.45 11.52 -31.48
CA GLY C 57 -5.68 12.27 -31.63
C GLY C 57 -6.41 12.03 -32.93
N ARG C 58 -5.73 11.51 -33.95
CA ARG C 58 -6.37 11.19 -35.21
C ARG C 58 -6.90 9.76 -35.17
N THR C 59 -7.64 9.37 -36.21
CA THR C 59 -8.24 8.05 -36.29
C THR C 59 -7.63 7.26 -37.44
N LEU C 60 -7.90 5.95 -37.44
CA LEU C 60 -7.38 5.08 -38.49
C LEU C 60 -7.99 5.41 -39.84
N SER C 61 -9.21 5.93 -39.86
CA SER C 61 -9.83 6.32 -41.12
C SER C 61 -9.16 7.56 -41.71
N ASP C 62 -8.53 8.38 -40.85
CA ASP C 62 -7.82 9.56 -41.34
C ASP C 62 -6.64 9.18 -42.21
N TYR C 63 -5.99 8.05 -41.89
CA TYR C 63 -4.81 7.59 -42.61
C TYR C 63 -5.14 6.58 -43.70
N ASN C 64 -6.42 6.28 -43.92
CA ASN C 64 -6.84 5.27 -44.89
C ASN C 64 -6.27 3.90 -44.53
N ILE C 65 -6.30 3.57 -43.24
CA ILE C 65 -5.84 2.27 -42.77
C ILE C 65 -6.99 1.27 -42.93
N GLN C 66 -6.76 0.22 -43.70
CA GLN C 66 -7.77 -0.76 -44.06
C GLN C 66 -7.37 -2.14 -43.54
N LYS C 67 -8.12 -3.16 -43.93
CA LYS C 67 -7.79 -4.52 -43.57
C LYS C 67 -6.47 -4.92 -44.24
N GLU C 68 -5.67 -5.71 -43.52
CA GLU C 68 -4.35 -6.19 -43.94
C GLU C 68 -3.31 -5.09 -44.03
N SER C 69 -3.62 -3.88 -43.56
CA SER C 69 -2.63 -2.81 -43.54
C SER C 69 -1.61 -3.07 -42.44
N THR C 70 -0.35 -2.81 -42.74
CA THR C 70 0.76 -3.14 -41.85
C THR C 70 1.32 -1.86 -41.23
N LEU C 71 1.28 -1.79 -39.90
CA LEU C 71 1.97 -0.76 -39.16
C LEU C 71 3.35 -1.27 -38.73
N HIS C 72 4.24 -0.33 -38.44
CA HIS C 72 5.58 -0.64 -37.95
C HIS C 72 5.78 0.03 -36.60
N LEU C 73 6.21 -0.75 -35.61
CA LEU C 73 6.37 -0.26 -34.25
C LEU C 73 7.86 -0.02 -33.99
N VAL C 74 8.19 1.21 -33.61
CA VAL C 74 9.53 1.59 -33.20
C VAL C 74 9.42 2.46 -31.96
N LEU C 75 10.55 2.62 -31.27
CA LEU C 75 10.66 3.51 -30.13
C LEU C 75 11.55 4.70 -30.49
N ARG C 76 11.78 5.57 -29.52
CA ARG C 76 12.60 6.75 -29.71
C ARG C 76 13.98 6.55 -29.11
N LEU C 77 15.00 6.66 -29.95
CA LEU C 77 16.40 6.62 -29.51
C LEU C 77 16.84 8.08 -29.37
N ARG C 78 16.53 8.66 -28.21
CA ARG C 78 16.76 10.08 -27.99
C ARG C 78 18.24 10.38 -27.90
N GLY C 79 18.60 11.58 -28.35
CA GLY C 79 19.98 12.01 -28.34
C GLY C 79 20.06 13.51 -28.44
N GLY C 80 21.23 14.03 -28.08
CA GLY C 80 21.45 15.47 -28.08
C GLY C 80 22.68 15.84 -27.30
N GLY D 83 32.95 28.77 -29.24
CA GLY D 83 31.72 29.46 -29.54
C GLY D 83 30.66 28.55 -30.14
N LEU D 84 31.08 27.36 -30.56
CA LEU D 84 30.19 26.36 -31.15
C LEU D 84 29.97 25.18 -30.21
N ASN D 85 29.92 25.42 -28.91
CA ASN D 85 29.62 24.38 -27.94
C ASN D 85 28.14 24.07 -27.85
N ASN D 86 27.30 24.86 -28.50
CA ASN D 86 25.86 24.62 -28.54
C ASN D 86 25.44 23.72 -29.70
N LEU D 87 26.38 23.31 -30.55
CA LEU D 87 26.04 22.39 -31.63
C LEU D 87 25.57 21.06 -31.08
N GLY D 88 26.16 20.61 -29.97
CA GLY D 88 25.81 19.32 -29.40
C GLY D 88 24.40 19.23 -28.87
N ASN D 89 23.77 20.37 -28.55
CA ASN D 89 22.43 20.34 -28.00
C ASN D 89 21.40 19.86 -29.03
N THR D 90 21.72 19.95 -30.31
CA THR D 90 20.83 19.51 -31.39
C THR D 90 21.53 18.51 -32.29
N SER D 91 22.28 17.57 -31.70
CA SER D 91 23.01 16.59 -32.50
C SER D 91 22.09 15.66 -33.27
N TYR D 92 20.84 15.52 -32.83
CA TYR D 92 19.86 14.76 -33.60
C TYR D 92 19.57 15.44 -34.94
N LEU D 93 19.42 16.77 -34.92
CA LEU D 93 19.16 17.50 -36.15
C LEU D 93 20.43 17.68 -36.97
N ASN D 94 21.58 17.85 -36.30
CA ASN D 94 22.83 18.01 -37.02
C ASN D 94 23.18 16.77 -37.82
N SER D 95 22.97 15.59 -37.24
CA SER D 95 23.27 14.35 -37.95
C SER D 95 22.41 14.20 -39.19
N ILE D 96 21.13 14.55 -39.09
CA ILE D 96 20.23 14.46 -40.24
C ILE D 96 20.65 15.44 -41.33
N LEU D 97 21.00 16.67 -40.92
CA LEU D 97 21.40 17.67 -41.90
C LEU D 97 22.74 17.32 -42.54
N GLN D 98 23.66 16.75 -41.77
CA GLN D 98 24.94 16.32 -42.33
C GLN D 98 24.74 15.22 -43.36
N VAL D 99 23.82 14.29 -43.10
CA VAL D 99 23.55 13.22 -44.05
C VAL D 99 22.84 13.77 -45.29
N LEU D 100 21.82 14.60 -45.07
CA LEU D 100 21.07 15.16 -46.20
C LEU D 100 21.94 16.04 -47.07
N TYR D 101 22.99 16.64 -46.51
CA TYR D 101 23.87 17.49 -47.30
C TYR D 101 24.60 16.69 -48.37
N PHE D 102 25.03 15.47 -48.04
CA PHE D 102 25.79 14.64 -48.95
C PHE D 102 24.93 13.64 -49.71
N CYS D 103 23.61 13.69 -49.55
CA CYS D 103 22.75 12.86 -50.38
C CYS D 103 22.79 13.34 -51.82
N PRO D 104 23.12 12.49 -52.78
CA PRO D 104 23.19 12.92 -54.19
C PRO D 104 21.87 13.50 -54.66
N GLY D 105 21.90 14.78 -55.00
CA GLY D 105 20.75 15.45 -55.56
C GLY D 105 19.83 16.13 -54.58
N PHE D 106 20.05 15.96 -53.26
CA PHE D 106 19.17 16.60 -52.29
C PHE D 106 19.33 18.11 -52.32
N LYS D 107 20.57 18.61 -52.25
CA LYS D 107 20.78 20.05 -52.31
C LYS D 107 20.60 20.59 -53.72
N SER D 108 20.78 19.75 -54.74
CA SER D 108 20.44 20.15 -56.10
C SER D 108 18.94 20.38 -56.24
N GLY D 109 18.13 19.53 -55.60
CA GLY D 109 16.69 19.70 -55.69
C GLY D 109 16.17 20.80 -54.80
N VAL D 110 16.84 21.05 -53.67
CA VAL D 110 16.37 22.08 -52.75
C VAL D 110 16.56 23.47 -53.35
N LYS D 111 17.70 23.70 -54.02
CA LYS D 111 17.91 24.99 -54.65
C LYS D 111 16.93 25.22 -55.79
N HIS D 112 16.51 24.16 -56.48
CA HIS D 112 15.48 24.29 -57.50
C HIS D 112 14.16 24.75 -56.90
N LEU D 113 13.79 24.18 -55.75
CA LEU D 113 12.56 24.62 -55.08
C LEU D 113 12.70 26.02 -54.51
N PHE D 114 13.90 26.37 -54.03
CA PHE D 114 14.10 27.70 -53.48
C PHE D 114 13.89 28.78 -54.52
N ASN D 115 14.39 28.55 -55.74
CA ASN D 115 14.19 29.51 -56.81
C ASN D 115 12.71 29.69 -57.14
N ILE D 116 11.96 28.59 -57.18
CA ILE D 116 10.54 28.66 -57.48
C ILE D 116 9.79 29.43 -56.41
N ILE D 117 10.12 29.18 -55.14
CA ILE D 117 9.48 29.92 -54.05
C ILE D 117 9.98 31.35 -54.02
N SER D 118 11.17 31.61 -54.56
CA SER D 118 11.74 32.96 -54.53
C SER D 118 10.88 33.95 -55.31
N ARG D 119 10.56 33.61 -56.56
CA ARG D 119 9.77 34.52 -57.39
C ARG D 119 8.27 34.34 -57.22
N LYS D 120 7.84 33.34 -56.44
CA LYS D 120 6.41 33.19 -56.15
C LYS D 120 5.89 34.38 -55.37
N LYS D 121 6.67 34.86 -54.40
CA LYS D 121 6.28 36.02 -53.61
C LYS D 121 6.23 37.29 -54.45
N TYR D 144 6.75 27.47 -46.33
CA TYR D 144 7.68 28.04 -47.29
C TYR D 144 8.99 28.41 -46.61
N GLU D 145 8.91 28.73 -45.31
CA GLU D 145 10.09 29.14 -44.56
C GLU D 145 11.08 27.99 -44.41
N LEU D 146 10.59 26.74 -44.36
CA LEU D 146 11.49 25.60 -44.22
C LEU D 146 12.43 25.47 -45.40
N ILE D 147 11.92 25.68 -46.62
CA ILE D 147 12.78 25.63 -47.80
C ILE D 147 13.79 26.78 -47.77
N CYS D 148 13.34 27.98 -47.40
CA CYS D 148 14.23 29.13 -47.34
C CYS D 148 15.32 28.92 -46.28
N SER D 149 14.93 28.44 -45.10
CA SER D 149 15.92 28.19 -44.05
C SER D 149 16.87 27.07 -44.47
N LEU D 150 16.36 26.07 -45.18
CA LEU D 150 17.22 24.99 -45.66
C LEU D 150 18.28 25.51 -46.63
N GLN D 151 17.89 26.40 -47.55
CA GLN D 151 18.84 26.95 -48.50
C GLN D 151 19.91 27.79 -47.80
N SER D 152 19.50 28.60 -46.82
CA SER D 152 20.47 29.42 -46.09
C SER D 152 21.50 28.54 -45.38
N LEU D 153 21.04 27.45 -44.77
CA LEU D 153 21.97 26.54 -44.11
C LEU D 153 22.88 25.84 -45.12
N ILE D 154 22.33 25.48 -46.28
CA ILE D 154 23.16 24.85 -47.31
C ILE D 154 24.21 25.82 -47.83
N ILE D 155 23.83 27.09 -48.01
CA ILE D 155 24.81 28.11 -48.41
C ILE D 155 25.85 28.29 -47.32
N SER D 156 25.42 28.32 -46.06
CA SER D 156 26.36 28.51 -44.95
C SER D 156 27.37 27.37 -44.90
N VAL D 157 26.93 26.13 -45.08
CA VAL D 157 27.85 25.01 -45.07
C VAL D 157 28.79 25.06 -46.27
N GLU D 158 28.29 25.52 -47.42
CA GLU D 158 29.15 25.65 -48.59
C GLU D 158 30.28 26.65 -48.34
N GLN D 159 29.97 27.76 -47.67
CA GLN D 159 31.03 28.69 -47.27
C GLN D 159 32.01 28.03 -46.32
N LEU D 160 31.50 27.27 -45.34
CA LEU D 160 32.37 26.60 -44.40
C LEU D 160 33.21 25.52 -45.07
N GLN D 161 32.60 24.73 -45.95
CA GLN D 161 33.33 23.65 -46.61
C GLN D 161 34.41 24.21 -47.53
N ALA D 162 34.11 25.29 -48.24
CA ALA D 162 35.12 25.91 -49.11
C ALA D 162 36.30 26.43 -48.30
N SER D 163 36.03 27.06 -47.16
CA SER D 163 37.10 27.52 -46.28
C SER D 163 37.92 26.34 -45.77
N PHE D 164 37.26 25.24 -45.43
CA PHE D 164 37.98 24.05 -44.97
C PHE D 164 38.90 23.51 -46.05
N LEU D 165 38.42 23.45 -47.29
CA LEU D 165 39.22 22.86 -48.37
C LEU D 165 40.35 23.78 -48.81
N LEU D 166 40.18 25.09 -48.69
CA LEU D 166 41.18 26.04 -49.16
C LEU D 166 42.12 26.49 -48.05
N ASN D 167 41.58 26.80 -46.87
CA ASN D 167 42.37 27.32 -45.75
C ASN D 167 42.07 26.47 -44.51
N PRO D 168 42.69 25.29 -44.38
CA PRO D 168 42.51 24.42 -43.23
C PRO D 168 42.94 25.06 -41.91
N LEU D 197 15.18 19.60 -25.50
CA LEU D 197 15.08 18.17 -25.23
C LEU D 197 16.00 17.37 -26.13
N GLN D 198 15.99 16.06 -25.93
CA GLN D 198 16.74 15.11 -26.77
C GLN D 198 15.75 14.34 -27.63
N HIS D 199 16.05 14.23 -28.92
CA HIS D 199 15.10 13.75 -29.90
C HIS D 199 15.71 12.63 -30.73
N ASP D 200 14.83 11.76 -31.25
CA ASP D 200 15.25 10.70 -32.15
C ASP D 200 15.70 11.27 -33.48
N ALA D 201 16.76 10.70 -34.04
CA ALA D 201 17.28 11.20 -35.31
C ALA D 201 16.37 10.82 -36.47
N GLN D 202 15.85 9.60 -36.47
CA GLN D 202 14.95 9.17 -37.54
C GLN D 202 13.66 9.99 -37.55
N GLU D 203 13.13 10.28 -36.36
CA GLU D 203 11.90 11.08 -36.28
C GLU D 203 12.10 12.46 -36.87
N VAL D 204 13.25 13.09 -36.59
CA VAL D 204 13.52 14.42 -37.14
C VAL D 204 13.62 14.36 -38.66
N LEU D 205 14.31 13.35 -39.19
CA LEU D 205 14.38 13.18 -40.63
C LEU D 205 13.00 12.97 -41.23
N GLN D 206 12.12 12.27 -40.51
CA GLN D 206 10.76 12.06 -40.98
C GLN D 206 10.00 13.37 -41.08
N CYS D 207 10.14 14.24 -40.08
CA CYS D 207 9.45 15.54 -40.11
C CYS D 207 9.98 16.43 -41.23
N ILE D 208 11.30 16.44 -41.42
CA ILE D 208 11.90 17.29 -42.45
C ILE D 208 11.44 16.85 -43.84
N LEU D 209 11.52 15.56 -44.11
CA LEU D 209 11.11 15.06 -45.43
C LEU D 209 9.61 15.19 -45.63
N GLY D 210 8.83 15.02 -44.56
CA GLY D 210 7.39 15.19 -44.67
C GLY D 210 7.00 16.63 -44.97
N ASN D 211 7.65 17.58 -44.32
CA ASN D 211 7.33 18.99 -44.56
C ASN D 211 7.78 19.42 -45.95
N ILE D 212 8.92 18.91 -46.41
CA ILE D 212 9.35 19.19 -47.78
C ILE D 212 8.34 18.65 -48.78
N GLN D 213 7.82 17.45 -48.51
CA GLN D 213 6.83 16.85 -49.41
C GLN D 213 5.57 17.71 -49.50
N GLU D 214 5.06 18.18 -48.36
CA GLU D 214 3.83 18.97 -48.37
C GLU D 214 4.01 20.26 -49.15
N THR D 215 5.16 20.92 -49.02
CA THR D 215 5.42 22.12 -49.80
C THR D 215 5.46 21.80 -51.29
N CYS D 216 6.05 20.67 -51.66
CA CYS D 216 6.08 20.27 -53.07
C CYS D 216 4.69 20.03 -53.61
N GLN D 217 3.83 19.37 -52.84
CA GLN D 217 2.46 19.15 -53.28
C GLN D 217 1.68 20.46 -53.34
N LEU D 218 1.99 21.41 -52.45
CA LEU D 218 1.38 22.73 -52.54
C LEU D 218 1.83 23.45 -53.80
N LEU D 219 3.09 23.24 -54.20
CA LEU D 219 3.58 23.88 -55.42
C LEU D 219 2.88 23.33 -56.66
N LYS D 220 2.33 22.13 -56.59
CA LYS D 220 1.48 21.62 -57.67
C LYS D 220 0.24 22.49 -57.83
N LYS D 221 -0.40 22.86 -56.72
CA LYS D 221 -1.62 23.63 -56.75
C LYS D 221 -1.33 25.13 -56.72
N GLY D 423 11.72 17.95 -60.26
CA GLY D 423 10.89 19.12 -60.03
C GLY D 423 10.29 19.17 -58.64
N PHE D 424 9.01 18.87 -58.54
CA PHE D 424 8.28 18.86 -57.28
C PHE D 424 8.19 17.47 -56.68
N GLU D 425 9.03 16.54 -57.12
CA GLU D 425 9.01 15.16 -56.64
C GLU D 425 10.36 14.79 -56.02
N LEU D 426 10.91 15.70 -55.21
CA LEU D 426 12.22 15.46 -54.61
C LEU D 426 12.15 14.34 -53.59
N VAL D 427 11.17 14.36 -52.71
CA VAL D 427 11.03 13.32 -51.69
C VAL D 427 10.65 11.99 -52.34
N GLU D 428 9.71 12.03 -53.30
CA GLU D 428 9.23 10.80 -53.93
C GLU D 428 10.34 10.09 -54.67
N LYS D 429 11.16 10.83 -55.41
CA LYS D 429 12.22 10.20 -56.19
C LYS D 429 13.41 9.76 -55.33
N LEU D 430 13.71 10.50 -54.26
CA LEU D 430 14.89 10.22 -53.45
C LEU D 430 14.64 9.11 -52.43
N PHE D 431 13.62 9.26 -51.59
CA PHE D 431 13.48 8.43 -50.40
C PHE D 431 12.26 7.52 -50.41
N GLN D 432 11.27 7.76 -51.27
CA GLN D 432 10.01 7.04 -51.22
C GLN D 432 10.03 5.89 -52.22
N GLY D 433 9.83 4.67 -51.72
CA GLY D 433 9.67 3.49 -52.57
C GLY D 433 8.32 2.86 -52.35
N GLN D 434 8.08 1.70 -52.95
CA GLN D 434 6.79 1.03 -52.82
C GLN D 434 7.01 -0.44 -52.46
N LEU D 435 6.28 -0.91 -51.46
CA LEU D 435 6.33 -2.30 -51.02
C LEU D 435 5.09 -3.05 -51.47
N VAL D 436 5.26 -4.35 -51.70
CA VAL D 436 4.15 -5.26 -51.97
C VAL D 436 4.12 -6.25 -50.82
N LEU D 437 3.06 -6.19 -50.01
CA LEU D 437 2.91 -7.08 -48.87
C LEU D 437 1.97 -8.22 -49.25
N ARG D 438 2.47 -9.44 -49.15
CA ARG D 438 1.76 -10.62 -49.63
C ARG D 438 1.39 -11.51 -48.46
N THR D 439 0.12 -11.88 -48.38
CA THR D 439 -0.38 -12.81 -47.37
C THR D 439 -0.91 -14.06 -48.06
N ARG D 440 -0.54 -15.23 -47.54
CA ARG D 440 -0.99 -16.51 -48.07
C ARG D 440 -1.62 -17.32 -46.95
N CYS D 441 -2.90 -17.61 -47.07
CA CYS D 441 -3.58 -18.46 -46.10
C CYS D 441 -3.08 -19.89 -46.24
N LEU D 442 -2.89 -20.56 -45.11
CA LEU D 442 -2.39 -21.93 -45.14
C LEU D 442 -3.50 -22.96 -45.28
N GLU D 443 -4.76 -22.55 -45.21
CA GLU D 443 -5.88 -23.47 -45.42
C GLU D 443 -6.29 -23.51 -46.89
N CYS D 444 -6.66 -22.36 -47.45
CA CYS D 444 -7.11 -22.28 -48.84
C CYS D 444 -5.98 -22.00 -49.82
N GLU D 445 -4.84 -21.50 -49.33
CA GLU D 445 -3.69 -21.16 -50.18
C GLU D 445 -4.05 -20.09 -51.21
N SER D 446 -4.91 -19.16 -50.81
CA SER D 446 -5.27 -18.01 -51.63
C SER D 446 -4.39 -16.82 -51.25
N LEU D 447 -3.99 -16.05 -52.25
CA LEU D 447 -3.04 -14.97 -52.07
C LEU D 447 -3.76 -13.64 -52.05
N THR D 448 -3.41 -12.79 -51.08
CA THR D 448 -3.90 -11.42 -51.00
C THR D 448 -2.70 -10.48 -50.91
N GLU D 449 -2.82 -9.31 -51.54
CA GLU D 449 -1.70 -8.38 -51.65
C GLU D 449 -2.13 -6.98 -51.24
N ARG D 450 -1.20 -6.27 -50.60
CA ARG D 450 -1.35 -4.86 -50.28
C ARG D 450 -0.17 -4.09 -50.84
N ARG D 451 -0.42 -2.86 -51.30
CA ARG D 451 0.61 -1.98 -51.80
C ARG D 451 0.76 -0.81 -50.83
N GLU D 452 1.97 -0.62 -50.31
CA GLU D 452 2.23 0.44 -49.36
C GLU D 452 3.54 1.14 -49.70
N ASP D 453 3.55 2.45 -49.54
CA ASP D 453 4.77 3.23 -49.71
C ASP D 453 5.67 3.06 -48.48
N PHE D 454 6.96 3.33 -48.68
CA PHE D 454 7.90 3.34 -47.57
C PHE D 454 9.00 4.34 -47.85
N GLN D 455 9.49 4.97 -46.80
CA GLN D 455 10.65 5.86 -46.90
C GLN D 455 11.91 5.28 -46.27
N ASP D 456 11.77 4.33 -45.35
CA ASP D 456 12.90 3.64 -44.77
C ASP D 456 12.51 2.19 -44.51
N ILE D 457 13.50 1.38 -44.20
CA ILE D 457 13.32 -0.04 -43.93
C ILE D 457 13.71 -0.29 -42.49
N SER D 458 12.73 -0.63 -41.65
CA SER D 458 12.97 -0.89 -40.24
C SER D 458 13.25 -2.38 -40.04
N VAL D 459 14.44 -2.70 -39.55
CA VAL D 459 14.84 -4.10 -39.41
C VAL D 459 15.33 -4.36 -37.99
N PRO D 460 15.14 -5.57 -37.47
CA PRO D 460 15.69 -5.90 -36.15
C PRO D 460 17.19 -6.11 -36.19
N VAL D 461 17.83 -5.91 -35.03
CA VAL D 461 19.27 -6.12 -34.90
C VAL D 461 19.61 -7.40 -34.15
N GLN D 462 18.68 -7.95 -33.37
CA GLN D 462 18.92 -9.20 -32.65
C GLN D 462 17.67 -10.06 -32.76
N GLU D 463 17.88 -11.38 -32.65
CA GLU D 463 16.78 -12.34 -32.74
C GLU D 463 16.12 -12.53 -31.37
N ASP D 464 14.81 -12.73 -31.40
CA ASP D 464 14.04 -13.01 -30.19
C ASP D 464 12.65 -13.50 -30.55
N MET D 483 27.20 -13.93 -34.84
CA MET D 483 27.24 -12.59 -35.40
C MET D 483 26.26 -12.46 -36.57
N LYS D 484 25.36 -11.49 -36.47
CA LYS D 484 24.33 -11.27 -37.48
C LYS D 484 24.75 -10.16 -38.44
N THR D 485 24.26 -10.27 -39.66
CA THR D 485 24.57 -9.34 -40.73
C THR D 485 23.34 -8.53 -41.10
N LEU D 486 23.52 -7.57 -42.00
CA LEU D 486 22.39 -6.79 -42.49
C LEU D 486 21.45 -7.63 -43.35
N ARG D 487 21.99 -8.62 -44.04
CA ARG D 487 21.13 -9.51 -44.84
C ARG D 487 20.18 -10.30 -43.96
N TRP D 488 20.64 -10.72 -42.77
CA TRP D 488 19.77 -11.39 -41.83
C TRP D 488 18.65 -10.46 -41.36
N ALA D 489 18.97 -9.18 -41.16
CA ALA D 489 17.97 -8.23 -40.69
C ALA D 489 16.88 -8.00 -41.73
N ILE D 490 17.27 -7.86 -43.00
CA ILE D 490 16.28 -7.69 -44.06
C ILE D 490 15.50 -8.98 -44.28
N SER D 491 16.15 -10.14 -44.07
CA SER D 491 15.41 -11.40 -44.13
C SER D 491 14.35 -11.47 -43.05
N GLN D 492 14.67 -11.02 -41.84
CA GLN D 492 13.64 -10.93 -40.81
C GLN D 492 12.56 -9.92 -41.17
N PHE D 493 12.84 -9.04 -42.13
CA PHE D 493 11.88 -8.03 -42.52
C PHE D 493 11.03 -8.50 -43.71
N ALA D 494 11.68 -9.04 -44.74
CA ALA D 494 11.01 -9.28 -46.01
C ALA D 494 10.85 -10.75 -46.38
N SER D 495 11.52 -11.68 -45.71
CA SER D 495 11.35 -13.08 -46.04
C SER D 495 10.02 -13.59 -45.48
N VAL D 496 9.66 -14.81 -45.88
CA VAL D 496 8.38 -15.38 -45.49
C VAL D 496 8.36 -15.62 -43.98
N GLU D 497 7.37 -15.05 -43.31
CA GLU D 497 7.14 -15.28 -41.89
C GLU D 497 5.78 -15.93 -41.72
N ARG D 498 5.71 -16.89 -40.80
CA ARG D 498 4.47 -17.60 -40.51
C ARG D 498 3.84 -17.02 -39.25
N ILE D 499 2.61 -16.55 -39.36
CA ILE D 499 1.86 -16.00 -38.23
C ILE D 499 0.89 -17.07 -37.74
N VAL D 500 1.12 -17.55 -36.52
CA VAL D 500 0.38 -18.67 -35.96
C VAL D 500 -0.07 -18.30 -34.55
N GLY D 501 -0.83 -19.22 -33.94
CA GLY D 501 -1.22 -19.06 -32.55
C GLY D 501 -2.13 -17.89 -32.29
N GLU D 502 -1.69 -16.98 -31.43
CA GLU D 502 -2.49 -15.81 -31.09
C GLU D 502 -2.53 -14.78 -32.20
N ASP D 503 -1.73 -14.93 -33.25
CA ASP D 503 -1.65 -13.98 -34.34
C ASP D 503 -2.12 -14.60 -35.65
N LYS D 504 -3.23 -15.34 -35.59
CA LYS D 504 -3.75 -16.00 -36.78
C LYS D 504 -4.42 -14.99 -37.71
N TYR D 505 -4.33 -15.26 -39.01
CA TYR D 505 -4.88 -14.40 -40.04
C TYR D 505 -6.34 -14.77 -40.30
N PHE D 506 -7.20 -13.76 -40.41
CA PHE D 506 -8.61 -13.98 -40.72
C PHE D 506 -8.78 -13.99 -42.23
N CYS D 507 -9.00 -15.18 -42.79
CA CYS D 507 -9.20 -15.33 -44.23
C CYS D 507 -10.65 -15.02 -44.57
N GLU D 508 -10.85 -14.10 -45.51
CA GLU D 508 -12.20 -13.82 -45.99
C GLU D 508 -12.71 -14.91 -46.91
N ASN D 509 -11.83 -15.70 -47.52
CA ASN D 509 -12.27 -16.80 -48.35
C ASN D 509 -12.76 -17.97 -47.50
N CYS D 510 -12.09 -18.24 -46.38
CA CYS D 510 -12.50 -19.29 -45.46
C CYS D 510 -13.47 -18.79 -44.40
N HIS D 511 -13.61 -17.47 -44.22
CA HIS D 511 -14.42 -16.89 -43.15
C HIS D 511 -14.01 -17.46 -41.81
N HIS D 512 -12.70 -17.61 -41.61
CA HIS D 512 -12.17 -18.30 -40.44
C HIS D 512 -10.79 -17.76 -40.12
N TYR D 513 -10.38 -17.96 -38.88
CA TYR D 513 -9.02 -17.63 -38.46
C TYR D 513 -8.10 -18.78 -38.83
N THR D 514 -7.11 -18.48 -39.67
CA THR D 514 -6.19 -19.50 -40.19
C THR D 514 -4.76 -19.02 -40.06
N GLU D 515 -3.83 -19.97 -39.99
CA GLU D 515 -2.43 -19.63 -40.06
C GLU D 515 -2.08 -19.16 -41.47
N ALA D 516 -1.15 -18.21 -41.56
CA ALA D 516 -0.81 -17.61 -42.83
C ALA D 516 0.69 -17.36 -42.92
N GLU D 517 1.15 -17.17 -44.15
CA GLU D 517 2.53 -16.79 -44.43
C GLU D 517 2.54 -15.38 -45.01
N ARG D 518 3.35 -14.50 -44.43
CA ARG D 518 3.48 -13.13 -44.89
C ARG D 518 4.87 -12.90 -45.45
N SER D 519 4.94 -12.26 -46.60
CA SER D 519 6.20 -11.91 -47.23
C SER D 519 6.09 -10.51 -47.83
N LEU D 520 7.18 -9.76 -47.75
CA LEU D 520 7.26 -8.42 -48.28
C LEU D 520 8.22 -8.39 -49.46
N LEU D 521 7.86 -7.64 -50.49
CA LEU D 521 8.68 -7.54 -51.70
C LEU D 521 8.85 -6.09 -52.08
N PHE D 522 10.04 -5.76 -52.60
CA PHE D 522 10.37 -4.42 -53.05
C PHE D 522 9.96 -4.29 -54.51
N ASP D 523 8.92 -3.51 -54.78
CA ASP D 523 8.48 -3.29 -56.16
C ASP D 523 9.20 -2.12 -56.81
N LYS D 524 9.08 -0.94 -56.23
CA LYS D 524 9.70 0.27 -56.75
C LYS D 524 10.78 0.73 -55.78
N MET D 525 11.98 0.99 -56.31
CA MET D 525 13.13 1.35 -55.49
C MET D 525 13.42 2.83 -55.60
N PRO D 526 13.60 3.53 -54.48
CA PRO D 526 14.06 4.93 -54.54
C PRO D 526 15.57 4.99 -54.73
N GLU D 527 16.06 6.21 -54.96
CA GLU D 527 17.50 6.38 -55.14
C GLU D 527 18.26 6.17 -53.84
N VAL D 528 17.66 6.51 -52.70
CA VAL D 528 18.31 6.36 -51.39
C VAL D 528 17.51 5.37 -50.58
N ILE D 529 18.17 4.31 -50.12
CA ILE D 529 17.58 3.31 -49.25
C ILE D 529 18.02 3.59 -47.81
N THR D 530 17.08 3.95 -46.96
CA THR D 530 17.36 4.22 -45.55
C THR D 530 17.03 2.98 -44.73
N ILE D 531 17.99 2.55 -43.91
CA ILE D 531 17.82 1.39 -43.05
C ILE D 531 17.70 1.90 -41.62
N HIS D 532 16.52 1.72 -41.03
CA HIS D 532 16.27 2.09 -39.64
C HIS D 532 16.52 0.85 -38.79
N LEU D 533 17.55 0.89 -37.95
CA LEU D 533 17.95 -0.25 -37.15
C LEU D 533 17.30 -0.16 -35.78
N LYS D 534 16.53 -1.18 -35.42
CA LYS D 534 15.86 -1.25 -34.12
C LYS D 534 16.87 -1.74 -33.08
N CYS D 535 17.82 -0.87 -32.75
CA CYS D 535 18.87 -1.19 -31.78
C CYS D 535 18.38 -0.92 -30.36
N PHE D 536 17.24 -1.53 -30.06
CA PHE D 536 16.49 -1.36 -28.82
C PHE D 536 15.46 -2.46 -28.70
N ALA D 537 15.28 -2.96 -27.47
CA ALA D 537 14.43 -4.11 -27.19
C ALA D 537 13.51 -3.81 -26.03
N ALA D 538 12.61 -4.74 -25.74
CA ALA D 538 11.66 -4.63 -24.64
C ALA D 538 11.61 -5.95 -23.89
N SER D 539 11.28 -5.87 -22.59
CA SER D 539 11.14 -7.05 -21.76
C SER D 539 9.73 -7.63 -21.84
N GLY D 549 11.41 -1.25 -18.73
CA GLY D 549 11.81 -2.51 -19.33
C GLY D 549 12.50 -2.33 -20.67
N LEU D 550 12.36 -1.14 -21.25
CA LEU D 550 12.98 -0.84 -22.52
C LEU D 550 14.49 -0.68 -22.35
N SER D 551 15.25 -1.27 -23.27
CA SER D 551 16.70 -1.23 -23.20
C SER D 551 17.25 -0.93 -24.59
N LYS D 552 18.56 -0.72 -24.65
CA LYS D 552 19.27 -0.46 -25.89
C LYS D 552 20.18 -1.62 -26.21
N ILE D 553 20.09 -2.13 -27.44
CA ILE D 553 20.96 -3.20 -27.90
C ILE D 553 22.23 -2.56 -28.45
N ASN D 554 23.35 -2.80 -27.79
CA ASN D 554 24.62 -2.19 -28.18
C ASN D 554 25.42 -3.03 -29.17
N THR D 555 24.94 -4.22 -29.52
CA THR D 555 25.65 -5.06 -30.47
C THR D 555 25.14 -4.77 -31.88
N PRO D 556 25.95 -4.21 -32.77
CA PRO D 556 25.48 -3.91 -34.12
C PRO D 556 25.58 -5.12 -35.04
N LEU D 557 25.00 -4.97 -36.21
CA LEU D 557 25.10 -5.98 -37.25
C LEU D 557 26.41 -5.83 -38.02
N LEU D 558 26.61 -6.72 -38.99
CA LEU D 558 27.76 -6.63 -39.88
C LEU D 558 27.34 -5.83 -41.10
N THR D 559 27.53 -4.53 -41.04
CA THR D 559 27.07 -3.64 -42.09
C THR D 559 27.95 -3.77 -43.33
N PRO D 560 27.40 -4.12 -44.49
CA PRO D 560 28.21 -4.19 -45.71
C PRO D 560 28.18 -2.88 -46.49
N LEU D 561 29.29 -2.63 -47.19
CA LEU D 561 29.36 -1.45 -48.05
C LEU D 561 28.50 -1.60 -49.30
N LYS D 562 28.22 -2.84 -49.73
CA LYS D 562 27.41 -3.11 -50.90
C LYS D 562 26.12 -3.78 -50.46
N LEU D 563 25.00 -3.37 -51.04
CA LEU D 563 23.70 -3.93 -50.70
C LEU D 563 22.94 -4.26 -51.98
N SER D 564 22.51 -5.51 -52.10
CA SER D 564 21.67 -5.97 -53.21
C SER D 564 20.33 -6.39 -52.65
N LEU D 565 19.25 -5.79 -53.16
CA LEU D 565 17.91 -6.10 -52.71
C LEU D 565 17.14 -6.96 -53.72
N GLU D 566 17.85 -7.67 -54.59
CA GLU D 566 17.20 -8.53 -55.56
C GLU D 566 16.56 -9.75 -54.91
N GLU D 567 17.04 -10.14 -53.73
CA GLU D 567 16.49 -11.32 -53.05
C GLU D 567 15.05 -11.09 -52.63
N TRP D 568 14.65 -9.85 -52.38
CA TRP D 568 13.30 -9.52 -51.94
C TRP D 568 12.62 -8.55 -52.90
N SER D 569 12.91 -8.66 -54.19
CA SER D 569 12.33 -7.79 -55.20
C SER D 569 11.33 -8.54 -56.05
N THR D 570 10.29 -7.84 -56.48
CA THR D 570 9.27 -8.45 -57.32
C THR D 570 9.84 -8.88 -58.68
N LYS D 571 10.86 -8.19 -59.15
CA LYS D 571 11.48 -8.47 -60.43
C LYS D 571 12.99 -8.61 -60.26
N PRO D 572 13.65 -9.42 -61.08
CA PRO D 572 15.11 -9.53 -61.00
C PRO D 572 15.77 -8.26 -61.52
N THR D 573 16.53 -7.60 -60.65
CA THR D 573 17.19 -6.35 -60.97
C THR D 573 18.67 -6.46 -60.67
N ASN D 574 19.49 -5.80 -61.50
CA ASN D 574 20.93 -5.77 -61.33
C ASN D 574 21.40 -4.49 -60.65
N ASP D 575 20.48 -3.68 -60.16
CA ASP D 575 20.84 -2.42 -59.49
C ASP D 575 21.38 -2.73 -58.10
N SER D 576 22.61 -2.31 -57.84
CA SER D 576 23.24 -2.47 -56.53
C SER D 576 23.25 -1.13 -55.79
N TYR D 577 23.53 -1.20 -54.50
CA TYR D 577 23.53 -0.03 -53.64
C TYR D 577 24.81 0.02 -52.83
N GLY D 578 25.26 1.24 -52.58
CA GLY D 578 26.48 1.45 -51.81
C GLY D 578 26.24 2.36 -50.63
N LEU D 579 26.80 1.96 -49.48
CA LEU D 579 26.66 2.76 -48.27
C LEU D 579 27.42 4.06 -48.39
N PHE D 580 26.80 5.16 -47.98
CA PHE D 580 27.43 6.47 -48.03
C PHE D 580 27.23 7.32 -46.78
N ALA D 581 26.36 6.91 -45.86
CA ALA D 581 26.12 7.69 -44.65
C ALA D 581 25.62 6.79 -43.54
N VAL D 582 26.21 6.92 -42.36
CA VAL D 582 25.81 6.17 -41.17
C VAL D 582 25.55 7.16 -40.05
N VAL D 583 24.42 7.01 -39.39
CA VAL D 583 24.06 7.80 -38.22
C VAL D 583 24.13 6.89 -37.00
N MET D 584 25.06 7.18 -36.09
CA MET D 584 25.28 6.38 -34.91
C MET D 584 24.74 7.10 -33.68
N HIS D 585 24.54 6.32 -32.62
CA HIS D 585 24.05 6.84 -31.34
C HIS D 585 24.93 6.29 -30.24
N SER D 586 25.44 7.18 -29.39
CA SER D 586 26.29 6.81 -28.28
C SER D 586 25.54 6.99 -26.97
N GLY D 587 25.54 5.97 -26.14
CA GLY D 587 24.83 5.99 -24.88
C GLY D 587 24.45 4.57 -24.48
N ILE D 588 24.20 4.40 -23.18
CA ILE D 588 23.81 3.11 -22.64
C ILE D 588 22.30 2.98 -22.48
N THR D 589 21.55 4.05 -22.74
CA THR D 589 20.09 4.03 -22.64
C THR D 589 19.50 4.62 -23.91
N ILE D 590 18.21 4.34 -24.11
CA ILE D 590 17.47 4.92 -25.22
C ILE D 590 16.87 6.28 -24.87
N SER D 591 16.84 6.64 -23.59
CA SER D 591 16.21 7.89 -23.18
C SER D 591 17.12 9.10 -23.44
N SER D 592 18.43 8.90 -23.46
CA SER D 592 19.36 9.99 -23.69
C SER D 592 20.62 9.44 -24.33
N GLY D 593 21.40 10.35 -24.92
CA GLY D 593 22.62 9.93 -25.59
C GLY D 593 23.13 11.03 -26.50
N HIS D 594 23.99 10.64 -27.43
CA HIS D 594 24.60 11.57 -28.37
C HIS D 594 24.58 10.96 -29.76
N TYR D 595 24.31 11.79 -30.77
CA TYR D 595 24.24 11.36 -32.15
C TYR D 595 25.45 11.86 -32.92
N THR D 596 26.10 10.96 -33.65
CA THR D 596 27.16 11.31 -34.57
C THR D 596 26.84 10.75 -35.94
N ALA D 597 27.41 11.37 -36.97
CA ALA D 597 27.17 10.97 -38.35
C ALA D 597 28.49 10.77 -39.07
N SER D 598 28.58 9.72 -39.87
CA SER D 598 29.72 9.47 -40.73
C SER D 598 29.23 9.37 -42.17
N VAL D 599 29.61 10.34 -43.00
CA VAL D 599 29.18 10.39 -44.38
C VAL D 599 30.37 10.12 -45.29
N LYS D 600 30.08 9.88 -46.56
CA LYS D 600 31.09 9.60 -47.57
C LYS D 600 31.03 10.67 -48.65
N VAL D 601 32.19 11.14 -49.08
CA VAL D 601 32.29 12.17 -50.12
C VAL D 601 32.41 11.49 -51.47
N THR D 602 31.49 11.80 -52.37
CA THR D 602 31.49 11.20 -53.70
C THR D 602 31.58 12.27 -54.79
N TYR D 744 39.88 13.64 -51.37
CA TYR D 744 38.90 13.58 -50.29
C TYR D 744 37.74 12.66 -50.63
N GLU D 745 37.49 12.48 -51.92
CA GLU D 745 36.44 11.57 -52.36
C GLU D 745 36.83 10.13 -52.04
N GLY D 746 35.88 9.36 -51.50
CA GLY D 746 36.15 8.02 -51.03
C GLY D 746 36.52 7.93 -49.57
N LYS D 747 36.69 9.05 -48.88
CA LYS D 747 36.96 9.08 -47.46
C LYS D 747 35.68 9.36 -46.68
N TRP D 748 35.70 9.00 -45.40
CA TRP D 748 34.54 9.16 -44.53
C TRP D 748 34.76 10.33 -43.59
N LEU D 749 33.79 11.25 -43.56
CA LEU D 749 33.82 12.40 -42.66
C LEU D 749 33.08 12.04 -41.38
N LEU D 750 33.77 12.12 -40.25
CA LEU D 750 33.18 11.87 -38.95
C LEU D 750 32.80 13.21 -38.32
N PHE D 751 31.51 13.52 -38.35
CA PHE D 751 31.00 14.73 -37.72
C PHE D 751 30.74 14.43 -36.25
N ASP D 752 31.51 15.07 -35.37
CA ASP D 752 31.36 14.92 -33.93
C ASP D 752 31.24 16.31 -33.33
N ASP D 753 29.99 16.74 -33.10
CA ASP D 753 29.69 18.05 -32.57
C ASP D 753 30.33 19.16 -33.39
N SER D 754 31.49 19.65 -32.94
CA SER D 754 32.15 20.78 -33.58
C SER D 754 33.41 20.39 -34.34
N GLU D 755 33.80 19.12 -34.34
CA GLU D 755 35.02 18.68 -35.00
C GLU D 755 34.69 17.71 -36.12
N VAL D 756 35.50 17.75 -37.17
CA VAL D 756 35.36 16.89 -38.34
C VAL D 756 36.65 16.10 -38.52
N LYS D 757 36.52 14.79 -38.69
CA LYS D 757 37.65 13.90 -38.87
C LYS D 757 37.50 13.16 -40.20
N VAL D 758 38.61 13.02 -40.92
CA VAL D 758 38.64 12.31 -42.20
C VAL D 758 39.38 11.01 -42.02
N THR D 759 38.78 9.90 -42.45
CA THR D 759 39.39 8.59 -42.33
C THR D 759 39.24 7.84 -43.64
N GLU D 760 40.10 6.84 -43.82
CA GLU D 760 39.99 5.96 -44.98
C GLU D 760 38.75 5.08 -44.86
N GLU D 761 38.29 4.58 -46.01
CA GLU D 761 37.13 3.71 -46.02
C GLU D 761 37.37 2.43 -45.22
N LYS D 762 38.57 1.86 -45.34
CA LYS D 762 38.90 0.65 -44.59
C LYS D 762 38.88 0.90 -43.09
N ASP D 763 39.42 2.05 -42.66
CA ASP D 763 39.45 2.36 -41.23
C ASP D 763 38.05 2.49 -40.65
N PHE D 764 37.15 3.16 -41.37
CA PHE D 764 35.79 3.31 -40.89
C PHE D 764 35.06 1.96 -40.83
N LEU D 765 35.31 1.11 -41.81
CA LEU D 765 34.66 -0.21 -41.83
C LEU D 765 35.03 -1.02 -40.60
N ASN D 766 36.31 -0.99 -40.21
CA ASN D 766 36.73 -1.72 -39.02
C ASN D 766 36.09 -1.14 -37.76
N SER D 767 35.89 0.19 -37.74
CA SER D 767 35.23 0.81 -36.59
C SER D 767 33.78 0.36 -36.47
N LEU D 768 33.17 -0.08 -37.58
CA LEU D 768 31.79 -0.56 -37.54
C LEU D 768 31.68 -2.02 -37.15
N SER D 769 32.80 -2.71 -36.95
CA SER D 769 32.75 -4.13 -36.65
C SER D 769 32.14 -4.37 -35.28
N PRO D 770 31.14 -5.25 -35.16
CA PRO D 770 30.59 -5.57 -33.83
C PRO D 770 31.57 -6.30 -32.93
N SER D 771 32.62 -6.90 -33.50
CA SER D 771 33.59 -7.62 -32.67
C SER D 771 34.33 -6.67 -31.74
N THR D 772 34.69 -5.48 -32.22
CA THR D 772 35.38 -4.50 -31.41
C THR D 772 34.48 -3.86 -30.35
N SER D 773 33.17 -4.11 -30.40
CA SER D 773 32.18 -3.54 -29.50
C SER D 773 32.25 -2.02 -29.52
N PRO D 774 31.85 -1.38 -30.63
CA PRO D 774 31.93 0.08 -30.70
C PRO D 774 30.99 0.74 -29.71
N THR D 775 31.41 1.92 -29.23
CA THR D 775 30.55 2.68 -28.33
C THR D 775 29.43 3.38 -29.07
N SER D 776 29.67 3.79 -30.32
CA SER D 776 28.63 4.41 -31.15
C SER D 776 27.83 3.29 -31.83
N THR D 777 26.57 3.14 -31.44
CA THR D 777 25.72 2.12 -32.04
C THR D 777 25.09 2.66 -33.31
N PRO D 778 25.30 2.02 -34.47
CA PRO D 778 24.65 2.50 -35.70
C PRO D 778 23.14 2.49 -35.57
N TYR D 779 22.51 3.53 -36.10
CA TYR D 779 21.07 3.69 -36.00
C TYR D 779 20.39 3.84 -37.35
N LEU D 780 21.00 4.54 -38.28
CA LEU D 780 20.45 4.72 -39.62
C LEU D 780 21.55 4.46 -40.64
N LEU D 781 21.27 3.58 -41.59
CA LEU D 781 22.17 3.33 -42.71
C LEU D 781 21.52 3.87 -43.99
N PHE D 782 22.32 4.55 -44.80
CA PHE D 782 21.85 5.13 -46.04
C PHE D 782 22.64 4.54 -47.21
N TYR D 783 21.90 4.04 -48.20
CA TYR D 783 22.49 3.44 -49.39
C TYR D 783 21.98 4.18 -50.61
N LYS D 784 22.88 4.42 -51.57
CA LYS D 784 22.53 5.11 -52.80
C LYS D 784 22.69 4.16 -53.98
N LYS D 785 21.81 4.28 -54.96
CA LYS D 785 21.86 3.41 -56.12
C LYS D 785 23.09 3.72 -56.97
N LEU D 786 23.74 2.67 -57.44
CA LEU D 786 24.95 2.82 -58.24
C LEU D 786 24.61 2.86 -59.73
N ARG E 30 -9.45 -16.15 -18.18
CA ARG E 30 -9.97 -15.29 -19.24
C ARG E 30 -11.39 -14.83 -18.92
N LYS E 31 -11.93 -13.97 -19.76
CA LYS E 31 -13.30 -13.50 -19.61
C LYS E 31 -14.25 -14.44 -20.34
N VAL E 32 -15.33 -14.82 -19.68
CA VAL E 32 -16.28 -15.77 -20.26
C VAL E 32 -17.27 -15.01 -21.14
N GLN E 33 -17.43 -15.48 -22.37
CA GLN E 33 -18.40 -14.93 -23.31
C GLN E 33 -19.59 -15.86 -23.44
N VAL E 34 -20.74 -15.30 -23.78
CA VAL E 34 -21.96 -16.06 -24.02
C VAL E 34 -22.29 -15.93 -25.50
N SER E 35 -22.40 -17.07 -26.19
CA SER E 35 -22.71 -17.09 -27.61
C SER E 35 -23.81 -18.11 -27.86
N TYR E 36 -24.56 -17.88 -28.94
CA TYR E 36 -25.63 -18.78 -29.33
C TYR E 36 -25.75 -18.75 -30.85
N VAL E 37 -26.39 -19.80 -31.38
CA VAL E 37 -26.51 -19.99 -32.83
C VAL E 37 -27.97 -19.85 -33.21
N ILE E 38 -28.24 -19.03 -34.22
CA ILE E 38 -29.57 -18.90 -34.79
C ILE E 38 -29.69 -19.92 -35.93
N ARG E 39 -30.44 -20.99 -35.69
CA ARG E 39 -30.52 -22.09 -36.63
C ARG E 39 -31.85 -22.82 -36.44
N ASP E 40 -32.08 -23.82 -37.27
CA ASP E 40 -33.22 -24.71 -37.13
C ASP E 40 -32.92 -25.79 -36.10
N GLU E 41 -33.99 -26.47 -35.64
CA GLU E 41 -33.79 -27.57 -34.72
C GLU E 41 -33.01 -28.72 -35.37
N VAL E 42 -33.33 -29.02 -36.62
CA VAL E 42 -32.66 -30.08 -37.38
C VAL E 42 -32.02 -29.46 -38.60
N GLU E 43 -30.70 -29.64 -38.72
CA GLU E 43 -29.95 -29.21 -39.91
C GLU E 43 -29.52 -30.47 -40.65
N LYS E 44 -30.38 -30.93 -41.57
CA LYS E 44 -30.11 -32.18 -42.27
C LYS E 44 -28.87 -32.08 -43.15
N TYR E 45 -28.70 -30.96 -43.85
CA TYR E 45 -27.65 -30.82 -44.85
C TYR E 45 -26.50 -29.98 -44.30
N ASN E 46 -25.32 -30.20 -44.86
CA ASN E 46 -24.16 -29.42 -44.47
C ASN E 46 -24.35 -27.95 -44.85
N ARG E 47 -24.00 -27.07 -43.92
CA ARG E 47 -24.06 -25.63 -44.16
C ARG E 47 -22.70 -25.04 -44.49
N ASN E 48 -21.71 -25.88 -44.74
CA ASN E 48 -20.35 -25.44 -45.07
C ASN E 48 -19.63 -26.62 -45.71
N GLY E 49 -18.32 -26.48 -45.91
CA GLY E 49 -17.54 -27.54 -46.49
C GLY E 49 -17.39 -28.73 -45.58
N VAL E 50 -16.91 -29.83 -46.16
CA VAL E 50 -16.71 -31.08 -45.44
C VAL E 50 -15.21 -31.37 -45.40
N ASN E 51 -14.67 -31.56 -44.19
CA ASN E 51 -13.23 -31.70 -44.01
C ASN E 51 -12.76 -33.15 -44.05
N ALA E 52 -13.56 -34.08 -43.52
CA ALA E 52 -13.14 -35.47 -43.42
C ALA E 52 -14.30 -36.39 -43.79
N LEU E 53 -13.96 -37.63 -44.12
CA LEU E 53 -14.94 -38.65 -44.50
C LEU E 53 -14.55 -39.98 -43.88
N GLN E 54 -15.56 -40.72 -43.41
CA GLN E 54 -15.37 -42.07 -42.92
C GLN E 54 -16.48 -42.96 -43.46
N LEU E 55 -16.13 -44.16 -43.89
CA LEU E 55 -17.07 -45.11 -44.47
C LEU E 55 -17.16 -46.34 -43.58
N ASP E 56 -18.39 -46.75 -43.27
CA ASP E 56 -18.62 -47.93 -42.45
C ASP E 56 -19.09 -49.06 -43.37
N PRO E 57 -18.24 -50.06 -43.65
CA PRO E 57 -18.67 -51.12 -44.58
C PRO E 57 -19.72 -52.05 -44.01
N ALA E 58 -19.77 -52.20 -42.68
CA ALA E 58 -20.73 -53.12 -42.09
C ALA E 58 -22.16 -52.63 -42.24
N LEU E 59 -22.41 -51.36 -41.92
CA LEU E 59 -23.75 -50.79 -41.98
C LEU E 59 -23.98 -49.96 -43.24
N ASN E 60 -22.97 -49.85 -44.11
CA ASN E 60 -23.05 -49.02 -45.31
C ASN E 60 -23.40 -47.58 -44.95
N ARG E 61 -22.57 -47.00 -44.08
CA ARG E 61 -22.80 -45.67 -43.54
C ARG E 61 -21.60 -44.77 -43.84
N LEU E 62 -21.88 -43.52 -44.19
CA LEU E 62 -20.85 -42.52 -44.44
C LEU E 62 -20.90 -41.45 -43.37
N PHE E 63 -19.73 -41.06 -42.87
CA PHE E 63 -19.61 -40.00 -41.88
C PHE E 63 -18.92 -38.81 -42.51
N THR E 64 -19.53 -37.63 -42.38
CA THR E 64 -18.96 -36.40 -42.90
C THR E 64 -18.64 -35.46 -41.76
N ALA E 65 -17.40 -35.02 -41.69
CA ALA E 65 -16.96 -34.03 -40.71
C ALA E 65 -17.05 -32.66 -41.37
N GLY E 66 -18.06 -31.89 -41.00
CA GLY E 66 -18.34 -30.65 -41.69
C GLY E 66 -17.65 -29.46 -41.05
N ARG E 67 -17.50 -28.40 -41.86
CA ARG E 67 -16.99 -27.13 -41.38
C ARG E 67 -18.05 -26.35 -40.60
N ASP E 68 -19.29 -26.83 -40.57
CA ASP E 68 -20.36 -26.23 -39.78
C ASP E 68 -20.42 -26.79 -38.36
N SER E 69 -19.37 -27.50 -37.93
CA SER E 69 -19.23 -28.04 -36.58
C SER E 69 -20.19 -29.18 -36.28
N ILE E 70 -20.68 -29.88 -37.31
CA ILE E 70 -21.63 -30.97 -37.13
C ILE E 70 -21.14 -32.17 -37.92
N ILE E 71 -21.12 -33.34 -37.27
CA ILE E 71 -20.84 -34.61 -37.93
C ILE E 71 -22.16 -35.28 -38.25
N ARG E 72 -22.31 -35.73 -39.50
CA ARG E 72 -23.56 -36.32 -39.95
C ARG E 72 -23.32 -37.73 -40.45
N ILE E 73 -24.33 -38.58 -40.29
CA ILE E 73 -24.30 -39.98 -40.71
C ILE E 73 -25.23 -40.13 -41.89
N TRP E 74 -24.74 -40.75 -42.96
CA TRP E 74 -25.50 -40.95 -44.18
C TRP E 74 -25.51 -42.42 -44.56
N SER E 75 -26.57 -42.85 -45.23
CA SER E 75 -26.67 -44.20 -45.74
C SER E 75 -26.29 -44.19 -47.22
N VAL E 76 -25.33 -45.03 -47.59
CA VAL E 76 -24.78 -45.01 -48.94
C VAL E 76 -25.56 -45.98 -49.83
N ASN E 77 -26.67 -46.50 -49.31
CA ASN E 77 -27.54 -47.34 -50.12
C ASN E 77 -28.25 -46.50 -51.16
N GLN E 78 -28.28 -47.00 -52.39
CA GLN E 78 -28.91 -46.25 -53.48
C GLN E 78 -30.42 -46.26 -53.40
N HIS E 79 -31.01 -47.24 -52.70
CA HIS E 79 -32.46 -47.32 -52.62
C HIS E 79 -33.06 -46.14 -51.87
N LYS E 80 -32.39 -45.70 -50.80
CA LYS E 80 -32.93 -44.63 -49.97
C LYS E 80 -32.88 -43.29 -50.72
N GLN E 81 -34.03 -42.63 -50.85
CA GLN E 81 -34.07 -41.30 -51.43
C GLN E 81 -33.74 -40.22 -50.41
N ASP E 82 -33.66 -40.57 -49.14
CA ASP E 82 -33.23 -39.67 -48.08
C ASP E 82 -32.10 -40.33 -47.30
N PRO E 83 -30.83 -40.09 -47.65
CA PRO E 83 -29.72 -40.77 -46.97
C PRO E 83 -29.47 -40.28 -45.56
N TYR E 84 -30.09 -39.20 -45.13
CA TYR E 84 -29.83 -38.65 -43.81
C TYR E 84 -30.24 -39.63 -42.71
N ILE E 85 -29.38 -39.77 -41.70
CA ILE E 85 -29.63 -40.68 -40.60
C ILE E 85 -29.66 -39.90 -39.29
N ALA E 86 -28.55 -39.24 -38.95
CA ALA E 86 -28.47 -38.52 -37.69
C ALA E 86 -27.42 -37.42 -37.80
N SER E 87 -27.52 -36.46 -36.89
CA SER E 87 -26.55 -35.39 -36.76
C SER E 87 -25.86 -35.50 -35.41
N MET E 88 -24.54 -35.35 -35.41
CA MET E 88 -23.72 -35.51 -34.22
C MET E 88 -23.15 -34.13 -33.88
N GLU E 89 -23.89 -33.38 -33.07
CA GLU E 89 -23.64 -31.97 -32.85
C GLU E 89 -23.18 -31.74 -31.40
N HIS E 90 -21.86 -31.70 -31.19
CA HIS E 90 -21.35 -31.24 -29.92
C HIS E 90 -20.15 -30.31 -30.05
N HIS E 91 -19.51 -30.22 -31.20
CA HIS E 91 -18.40 -29.30 -31.43
C HIS E 91 -18.91 -27.87 -31.62
N THR E 92 -18.00 -26.90 -31.50
CA THR E 92 -18.33 -25.50 -31.67
C THR E 92 -17.53 -24.82 -32.77
N ASP E 93 -16.74 -25.58 -33.54
CA ASP E 93 -15.92 -25.01 -34.61
C ASP E 93 -15.70 -26.09 -35.66
N TRP E 94 -14.85 -25.80 -36.63
CA TRP E 94 -14.58 -26.74 -37.72
C TRP E 94 -14.18 -28.10 -37.17
N VAL E 95 -14.78 -29.15 -37.71
CA VAL E 95 -14.35 -30.52 -37.42
C VAL E 95 -13.37 -30.92 -38.51
N ASN E 96 -12.13 -31.20 -38.12
CA ASN E 96 -11.05 -31.34 -39.10
C ASN E 96 -10.81 -32.78 -39.51
N ASP E 97 -10.95 -33.73 -38.59
CA ASP E 97 -10.69 -35.13 -38.92
C ASP E 97 -11.58 -36.02 -38.07
N ILE E 98 -11.97 -37.16 -38.64
CA ILE E 98 -12.71 -38.19 -37.94
C ILE E 98 -12.13 -39.54 -38.35
N VAL E 99 -12.03 -40.44 -37.38
CA VAL E 99 -11.62 -41.82 -37.63
C VAL E 99 -12.67 -42.74 -37.02
N LEU E 100 -13.04 -43.78 -37.77
CA LEU E 100 -14.02 -44.77 -37.32
C LEU E 100 -13.26 -46.00 -36.84
N CYS E 101 -13.43 -46.32 -35.56
CA CYS E 101 -12.65 -47.38 -34.92
C CYS E 101 -13.58 -48.32 -34.16
N CYS E 102 -13.01 -49.46 -33.75
CA CYS E 102 -13.72 -50.47 -32.96
C CYS E 102 -14.93 -51.01 -33.71
N ASN E 103 -14.69 -51.47 -34.94
CA ASN E 103 -15.72 -52.07 -35.79
C ASN E 103 -16.91 -51.13 -35.99
N GLY E 104 -16.63 -49.84 -36.13
CA GLY E 104 -17.68 -48.88 -36.39
C GLY E 104 -18.54 -48.53 -35.20
N LYS E 105 -18.10 -48.83 -33.99
CA LYS E 105 -18.85 -48.47 -32.80
C LYS E 105 -18.42 -47.15 -32.20
N THR E 106 -17.18 -46.73 -32.42
CA THR E 106 -16.63 -45.52 -31.83
C THR E 106 -16.11 -44.61 -32.93
N LEU E 107 -16.41 -43.32 -32.82
CA LEU E 107 -15.87 -42.29 -33.70
C LEU E 107 -15.04 -41.32 -32.88
N ILE E 108 -13.82 -41.04 -33.34
CA ILE E 108 -12.94 -40.05 -32.74
C ILE E 108 -12.90 -38.85 -33.67
N SER E 109 -13.11 -37.66 -33.12
CA SER E 109 -13.18 -36.44 -33.92
C SER E 109 -12.20 -35.41 -33.39
N ALA E 110 -11.62 -34.65 -34.32
CA ALA E 110 -10.75 -33.52 -34.01
C ALA E 110 -11.38 -32.26 -34.56
N SER E 111 -11.16 -31.14 -33.88
CA SER E 111 -11.85 -29.92 -34.26
C SER E 111 -11.00 -28.69 -33.97
N SER E 112 -11.39 -27.58 -34.59
CA SER E 112 -10.72 -26.30 -34.40
C SER E 112 -10.97 -25.70 -33.02
N ASP E 113 -11.92 -26.23 -32.25
CA ASP E 113 -12.14 -25.79 -30.89
C ASP E 113 -11.14 -26.39 -29.90
N THR E 114 -10.03 -26.94 -30.41
CA THR E 114 -8.92 -27.45 -29.63
C THR E 114 -9.31 -28.64 -28.76
N THR E 115 -10.29 -29.43 -29.19
CA THR E 115 -10.74 -30.59 -28.44
C THR E 115 -10.76 -31.83 -29.34
N VAL E 116 -10.52 -32.99 -28.70
CA VAL E 116 -10.70 -34.29 -29.32
C VAL E 116 -11.82 -34.99 -28.57
N LYS E 117 -12.80 -35.53 -29.30
CA LYS E 117 -14.02 -36.03 -28.69
C LYS E 117 -14.27 -37.47 -29.10
N VAL E 118 -14.78 -38.25 -28.14
CA VAL E 118 -15.11 -39.66 -28.35
C VAL E 118 -16.62 -39.77 -28.50
N TRP E 119 -17.06 -40.52 -29.51
CA TRP E 119 -18.47 -40.61 -29.85
C TRP E 119 -18.92 -42.06 -29.90
N ASN E 120 -20.22 -42.26 -29.71
CA ASN E 120 -20.87 -43.55 -29.98
C ASN E 120 -21.42 -43.48 -31.40
N ALA E 121 -20.72 -44.12 -32.34
CA ALA E 121 -21.10 -44.01 -33.75
C ALA E 121 -22.42 -44.70 -34.05
N HIS E 122 -22.82 -45.67 -33.24
CA HIS E 122 -24.08 -46.36 -33.48
C HIS E 122 -25.28 -45.50 -33.07
N LYS E 123 -25.15 -44.76 -31.97
CA LYS E 123 -26.21 -43.88 -31.49
C LYS E 123 -26.04 -42.44 -31.93
N GLY E 124 -24.84 -41.88 -31.78
CA GLY E 124 -24.58 -40.53 -32.25
C GLY E 124 -24.53 -39.47 -31.17
N PHE E 125 -23.90 -39.79 -30.04
CA PHE E 125 -23.73 -38.83 -28.96
C PHE E 125 -22.28 -38.84 -28.49
N CYS E 126 -21.80 -37.68 -28.06
CA CYS E 126 -20.43 -37.55 -27.58
C CYS E 126 -20.32 -38.14 -26.18
N MET E 127 -19.33 -39.00 -25.98
CA MET E 127 -19.12 -39.63 -24.67
C MET E 127 -18.16 -38.84 -23.80
N SER E 128 -17.03 -38.40 -24.36
CA SER E 128 -16.03 -37.68 -23.58
C SER E 128 -15.28 -36.72 -24.49
N THR E 129 -14.62 -35.75 -23.87
CA THR E 129 -13.87 -34.72 -24.57
C THR E 129 -12.45 -34.67 -24.01
N LEU E 130 -11.46 -34.71 -24.89
CA LEU E 130 -10.06 -34.60 -24.50
C LEU E 130 -9.57 -33.18 -24.77
N ARG E 131 -9.05 -32.53 -23.74
CA ARG E 131 -8.64 -31.13 -23.81
C ARG E 131 -7.15 -30.97 -23.58
N THR E 132 -6.35 -31.87 -24.16
CA THR E 132 -4.90 -31.82 -24.00
C THR E 132 -4.21 -30.93 -25.03
N HIS E 133 -4.90 -30.57 -26.11
CA HIS E 133 -4.32 -29.72 -27.14
C HIS E 133 -4.55 -28.25 -26.83
N LYS E 134 -3.64 -27.41 -27.33
CA LYS E 134 -3.67 -25.98 -27.05
C LYS E 134 -3.96 -25.15 -28.30
N ASP E 135 -4.12 -25.76 -29.46
CA ASP E 135 -4.45 -25.06 -30.69
C ASP E 135 -5.38 -25.94 -31.50
N TYR E 136 -5.61 -25.55 -32.75
CA TYR E 136 -6.47 -26.32 -33.63
C TYR E 136 -5.93 -27.75 -33.78
N VAL E 137 -6.82 -28.72 -33.66
CA VAL E 137 -6.46 -30.12 -33.87
C VAL E 137 -6.86 -30.49 -35.29
N LYS E 138 -5.88 -30.89 -36.10
CA LYS E 138 -6.07 -31.01 -37.53
C LYS E 138 -6.05 -32.45 -38.06
N ALA E 139 -5.32 -33.35 -37.41
CA ALA E 139 -5.08 -34.67 -37.96
C ALA E 139 -5.37 -35.74 -36.92
N LEU E 140 -5.82 -36.90 -37.40
CA LEU E 140 -6.04 -38.08 -36.58
C LEU E 140 -5.42 -39.27 -37.29
N ALA E 141 -4.67 -40.07 -36.54
CA ALA E 141 -4.08 -41.29 -37.05
C ALA E 141 -4.71 -42.50 -36.38
N TYR E 142 -4.84 -43.59 -37.13
CA TYR E 142 -5.52 -44.78 -36.64
C TYR E 142 -4.71 -46.02 -36.94
N ALA E 143 -4.57 -46.89 -35.94
CA ALA E 143 -3.99 -48.22 -36.09
C ALA E 143 -5.07 -49.23 -35.75
N LYS E 144 -5.56 -49.95 -36.76
CA LYS E 144 -6.71 -50.83 -36.56
C LYS E 144 -6.38 -51.99 -35.64
N ASP E 145 -5.19 -52.59 -35.81
CA ASP E 145 -4.85 -53.79 -35.05
C ASP E 145 -4.72 -53.51 -33.57
N LYS E 146 -4.03 -52.43 -33.21
CA LYS E 146 -3.81 -52.07 -31.81
C LYS E 146 -4.90 -51.17 -31.24
N GLU E 147 -5.85 -50.73 -32.07
CA GLU E 147 -6.88 -49.77 -31.67
C GLU E 147 -6.25 -48.54 -31.03
N LEU E 148 -5.22 -48.02 -31.69
CA LEU E 148 -4.47 -46.87 -31.21
C LEU E 148 -4.77 -45.67 -32.10
N VAL E 149 -5.12 -44.54 -31.48
CA VAL E 149 -5.47 -43.32 -32.19
C VAL E 149 -4.56 -42.20 -31.71
N ALA E 150 -3.98 -41.47 -32.65
CA ALA E 150 -3.13 -40.32 -32.35
C ALA E 150 -3.77 -39.04 -32.86
N SER E 151 -3.64 -37.98 -32.09
CA SER E 151 -4.20 -36.67 -32.43
C SER E 151 -3.09 -35.64 -32.45
N ALA E 152 -2.99 -34.90 -33.56
CA ALA E 152 -1.98 -33.87 -33.73
C ALA E 152 -2.64 -32.60 -34.24
N GLY E 153 -2.01 -31.47 -33.95
CA GLY E 153 -2.60 -30.18 -34.32
C GLY E 153 -1.61 -29.05 -34.48
N LEU E 154 -2.12 -27.82 -34.41
CA LEU E 154 -1.31 -26.63 -34.64
C LEU E 154 -0.46 -26.24 -33.45
N ASP E 155 -0.59 -26.91 -32.32
CA ASP E 155 0.22 -26.65 -31.14
C ASP E 155 1.51 -27.47 -31.12
N ARG E 156 1.84 -28.13 -32.23
CA ARG E 156 3.04 -28.95 -32.38
C ARG E 156 3.08 -30.12 -31.42
N GLN E 157 1.92 -30.59 -30.96
CA GLN E 157 1.83 -31.74 -30.06
C GLN E 157 1.16 -32.89 -30.78
N ILE E 158 1.70 -34.09 -30.59
CA ILE E 158 1.07 -35.33 -31.03
C ILE E 158 0.83 -36.19 -29.79
N PHE E 159 -0.42 -36.57 -29.58
CA PHE E 159 -0.80 -37.37 -28.41
C PHE E 159 -1.26 -38.75 -28.86
N LEU E 160 -0.92 -39.76 -28.08
CA LEU E 160 -1.28 -41.14 -28.36
C LEU E 160 -2.38 -41.58 -27.41
N TRP E 161 -3.42 -42.21 -27.94
CA TRP E 161 -4.56 -42.65 -27.16
C TRP E 161 -4.91 -44.10 -27.48
N ASP E 162 -5.38 -44.82 -26.48
CA ASP E 162 -5.93 -46.15 -26.65
C ASP E 162 -7.45 -46.04 -26.61
N VAL E 163 -8.11 -46.49 -27.67
CA VAL E 163 -9.56 -46.31 -27.79
C VAL E 163 -10.30 -47.05 -26.68
N ASN E 164 -9.88 -48.28 -26.39
CA ASN E 164 -10.55 -49.06 -25.35
C ASN E 164 -10.48 -48.37 -24.00
N THR E 165 -9.33 -47.78 -23.68
CA THR E 165 -9.22 -47.00 -22.45
C THR E 165 -10.17 -45.80 -22.49
N LEU E 166 -10.23 -45.10 -23.63
CA LEU E 166 -11.12 -43.96 -23.75
C LEU E 166 -12.58 -44.38 -23.72
N THR E 167 -12.92 -45.50 -24.36
CA THR E 167 -14.30 -45.94 -24.41
C THR E 167 -14.78 -46.47 -23.06
N ALA E 168 -13.87 -46.98 -22.24
CA ALA E 168 -14.22 -47.49 -20.92
C ALA E 168 -14.24 -46.40 -19.86
N LEU E 169 -14.02 -45.14 -20.23
CA LEU E 169 -14.05 -44.06 -19.27
C LEU E 169 -15.46 -43.85 -18.71
N THR E 170 -15.53 -43.50 -17.44
CA THR E 170 -16.77 -43.26 -16.74
C THR E 170 -16.69 -41.94 -16.01
N ALA E 171 -17.81 -41.52 -15.41
CA ALA E 171 -17.81 -40.30 -14.61
C ALA E 171 -16.87 -40.43 -13.42
N SER E 172 -16.86 -41.59 -12.77
CA SER E 172 -15.95 -41.81 -11.64
C SER E 172 -14.52 -42.00 -12.12
N ASN E 173 -14.31 -42.87 -13.11
CA ASN E 173 -12.97 -43.13 -13.65
C ASN E 173 -12.83 -42.30 -14.93
N ASN E 174 -12.27 -41.11 -14.78
CA ASN E 174 -12.11 -40.19 -15.91
C ASN E 174 -10.67 -39.68 -16.00
N THR E 175 -9.71 -40.50 -15.61
CA THR E 175 -8.29 -40.16 -15.69
C THR E 175 -7.61 -41.04 -16.73
N VAL E 176 -6.71 -40.44 -17.50
CA VAL E 176 -6.00 -41.14 -18.57
C VAL E 176 -4.54 -40.72 -18.53
N THR E 177 -3.64 -41.68 -18.68
CA THR E 177 -2.21 -41.37 -18.83
C THR E 177 -1.93 -40.99 -20.27
N THR E 178 -1.28 -39.84 -20.45
CA THR E 178 -1.03 -39.29 -21.78
C THR E 178 0.40 -39.60 -22.20
N SER E 179 0.54 -40.19 -23.39
CA SER E 179 1.84 -40.42 -24.01
C SER E 179 1.91 -39.56 -25.28
N SER E 180 2.82 -38.59 -25.28
CA SER E 180 2.90 -37.60 -26.34
C SER E 180 4.24 -37.70 -27.06
N LEU E 181 4.19 -37.71 -28.39
CA LEU E 181 5.42 -37.61 -29.17
C LEU E 181 5.95 -36.19 -29.15
N SER E 182 7.25 -36.04 -29.33
CA SER E 182 7.91 -34.75 -29.28
C SER E 182 8.98 -34.67 -30.35
N GLY E 183 9.41 -33.45 -30.65
CA GLY E 183 10.43 -33.20 -31.64
C GLY E 183 9.97 -32.47 -32.87
N ASN E 184 8.73 -32.00 -32.93
CA ASN E 184 8.19 -31.33 -34.11
C ASN E 184 8.18 -29.83 -33.85
N LYS E 185 8.90 -29.08 -34.68
CA LYS E 185 9.14 -27.66 -34.45
C LYS E 185 8.12 -26.77 -35.13
N ASP E 186 7.06 -27.33 -35.72
CA ASP E 186 6.06 -26.51 -36.38
C ASP E 186 4.73 -27.25 -36.36
N SER E 187 3.69 -26.56 -36.81
CA SER E 187 2.32 -27.05 -36.66
C SER E 187 2.04 -28.22 -37.59
N ILE E 188 1.50 -29.30 -37.03
CA ILE E 188 1.20 -30.51 -37.80
C ILE E 188 -0.09 -30.32 -38.57
N TYR E 189 -0.07 -30.70 -39.85
CA TYR E 189 -1.26 -30.68 -40.69
C TYR E 189 -1.76 -32.05 -41.11
N SER E 190 -0.93 -33.08 -41.00
CA SER E 190 -1.35 -34.43 -41.37
C SER E 190 -0.67 -35.45 -40.46
N LEU E 191 -1.30 -36.62 -40.34
CA LEU E 191 -0.81 -37.68 -39.48
C LEU E 191 -1.18 -39.02 -40.12
N ALA E 192 -0.38 -40.05 -39.80
CA ALA E 192 -0.62 -41.36 -40.40
C ALA E 192 -0.07 -42.45 -39.49
N MET E 193 -0.76 -43.59 -39.49
CA MET E 193 -0.30 -44.82 -38.84
C MET E 193 -0.49 -45.99 -39.78
N ASN E 194 0.30 -47.05 -39.59
CA ASN E 194 0.10 -48.27 -40.31
C ASN E 194 -0.91 -49.16 -39.58
N GLN E 195 -1.27 -50.27 -40.22
CA GLN E 195 -2.27 -51.17 -39.63
C GLN E 195 -1.78 -51.76 -38.31
N LEU E 196 -0.51 -52.14 -38.24
CA LEU E 196 0.03 -52.81 -37.06
C LEU E 196 0.35 -51.86 -35.93
N GLY E 197 0.30 -50.54 -36.16
CA GLY E 197 0.59 -49.58 -35.11
C GLY E 197 2.02 -49.57 -34.63
N THR E 198 2.98 -49.67 -35.55
CA THR E 198 4.39 -49.60 -35.23
C THR E 198 5.11 -48.43 -35.87
N ILE E 199 4.46 -47.70 -36.78
CA ILE E 199 5.05 -46.55 -37.44
C ILE E 199 4.02 -45.43 -37.45
N ILE E 200 4.45 -44.22 -37.09
CA ILE E 200 3.61 -43.03 -37.19
C ILE E 200 4.42 -41.93 -37.86
N VAL E 201 3.84 -41.30 -38.88
CA VAL E 201 4.48 -40.24 -39.65
C VAL E 201 3.68 -38.96 -39.45
N SER E 202 4.38 -37.83 -39.39
CA SER E 202 3.75 -36.53 -39.20
C SER E 202 4.14 -35.59 -40.33
N GLY E 203 3.16 -34.88 -40.87
CA GLY E 203 3.39 -33.86 -41.87
C GLY E 203 3.04 -32.50 -41.29
N SER E 204 3.84 -31.50 -41.65
CA SER E 204 3.71 -30.18 -41.04
C SER E 204 4.25 -29.14 -42.02
N THR E 205 4.37 -27.90 -41.54
CA THR E 205 4.94 -26.82 -42.32
C THR E 205 6.46 -26.78 -42.23
N GLU E 206 7.08 -27.73 -41.53
CA GLU E 206 8.54 -27.88 -41.58
C GLU E 206 9.03 -28.31 -42.94
N LYS E 207 8.14 -28.75 -43.83
CA LYS E 207 8.46 -29.30 -45.14
C LYS E 207 9.22 -30.61 -45.05
N VAL E 208 9.25 -31.24 -43.87
CA VAL E 208 9.90 -32.53 -43.66
C VAL E 208 8.93 -33.44 -42.94
N LEU E 209 9.18 -34.75 -43.06
CA LEU E 209 8.35 -35.77 -42.44
C LEU E 209 9.10 -36.40 -41.28
N ARG E 210 8.46 -36.45 -40.12
CA ARG E 210 9.05 -37.00 -38.91
C ARG E 210 8.33 -38.30 -38.56
N VAL E 211 9.11 -39.34 -38.27
CA VAL E 211 8.60 -40.68 -38.03
C VAL E 211 8.96 -41.10 -36.61
N TRP E 212 8.01 -41.67 -35.89
CA TRP E 212 8.20 -42.18 -34.55
C TRP E 212 7.76 -43.63 -34.46
N ASP E 213 8.02 -44.23 -33.31
CA ASP E 213 7.47 -45.54 -32.97
C ASP E 213 6.45 -45.36 -31.86
N PRO E 214 5.15 -45.56 -32.12
CA PRO E 214 4.15 -45.31 -31.08
C PRO E 214 4.31 -46.17 -29.84
N ARG E 215 4.91 -47.36 -29.98
CA ARG E 215 5.07 -48.23 -28.83
C ARG E 215 6.07 -47.65 -27.83
N THR E 216 7.24 -47.21 -28.32
CA THR E 216 8.28 -46.69 -27.46
C THR E 216 8.33 -45.17 -27.42
N CYS E 217 7.50 -44.49 -28.22
CA CYS E 217 7.48 -43.02 -28.25
C CYS E 217 8.85 -42.44 -28.56
N ALA E 218 9.57 -43.10 -29.47
CA ALA E 218 10.94 -42.75 -29.80
C ALA E 218 11.05 -42.32 -31.26
N LYS E 219 11.91 -41.35 -31.52
CA LYS E 219 12.14 -40.89 -32.88
C LYS E 219 12.90 -41.95 -33.69
N LEU E 220 12.59 -42.03 -34.98
CA LEU E 220 13.27 -42.94 -35.90
C LEU E 220 14.05 -42.22 -36.99
N MET E 221 13.42 -41.29 -37.69
CA MET E 221 14.06 -40.67 -38.85
C MET E 221 13.40 -39.33 -39.13
N LYS E 222 13.93 -38.63 -40.13
CA LYS E 222 13.43 -37.33 -40.54
C LYS E 222 13.50 -37.26 -42.07
N LEU E 223 12.41 -37.62 -42.72
CA LEU E 223 12.36 -37.58 -44.18
C LEU E 223 12.33 -36.15 -44.68
N LYS E 224 13.12 -35.88 -45.72
CA LYS E 224 13.23 -34.53 -46.28
C LYS E 224 13.09 -34.60 -47.80
N GLY E 225 12.68 -33.48 -48.38
CA GLY E 225 12.51 -33.39 -49.82
C GLY E 225 11.32 -32.57 -50.26
N HIS E 226 10.29 -32.49 -49.42
CA HIS E 226 9.16 -31.62 -49.70
C HIS E 226 9.55 -30.16 -49.49
N THR E 227 9.01 -29.28 -50.33
CA THR E 227 9.32 -27.87 -50.27
C THR E 227 8.13 -27.02 -49.84
N ASP E 228 7.13 -27.63 -49.21
CA ASP E 228 5.95 -26.90 -48.76
C ASP E 228 5.25 -27.73 -47.69
N ASN E 229 4.12 -27.22 -47.21
CA ASN E 229 3.35 -27.91 -46.18
C ASN E 229 2.78 -29.22 -46.73
N VAL E 230 2.73 -30.22 -45.86
CA VAL E 230 2.21 -31.55 -46.20
C VAL E 230 0.87 -31.73 -45.53
N LYS E 231 -0.15 -32.07 -46.32
CA LYS E 231 -1.50 -32.25 -45.81
C LYS E 231 -2.04 -33.66 -45.96
N ALA E 232 -1.34 -34.56 -46.63
CA ALA E 232 -1.79 -35.92 -46.84
C ALA E 232 -0.66 -36.90 -46.56
N LEU E 233 -0.97 -37.97 -45.84
CA LEU E 233 0.01 -38.99 -45.49
C LEU E 233 -0.65 -40.36 -45.55
N LEU E 234 0.11 -41.36 -45.99
CA LEU E 234 -0.38 -42.73 -46.08
C LEU E 234 0.74 -43.69 -45.71
N LEU E 235 0.34 -44.90 -45.33
CA LEU E 235 1.27 -45.98 -45.01
C LEU E 235 0.65 -47.30 -45.42
N ASN E 236 1.51 -48.28 -45.72
CA ASN E 236 1.03 -49.61 -46.10
C ASN E 236 0.77 -50.43 -44.83
N ARG E 237 0.34 -51.68 -45.01
CA ARG E 237 0.03 -52.53 -43.87
C ARG E 237 1.27 -52.80 -43.03
N ASP E 238 2.39 -53.11 -43.67
CA ASP E 238 3.63 -53.44 -42.98
C ASP E 238 4.42 -52.21 -42.56
N GLY E 239 3.99 -51.01 -42.95
CA GLY E 239 4.57 -49.78 -42.42
C GLY E 239 6.02 -49.54 -42.79
N THR E 240 6.42 -49.88 -44.02
CA THR E 240 7.75 -49.57 -44.51
C THR E 240 7.75 -48.62 -45.70
N GLN E 241 6.59 -48.35 -46.30
CA GLN E 241 6.47 -47.39 -47.39
C GLN E 241 5.47 -46.32 -47.01
N CYS E 242 5.76 -45.08 -47.40
CA CYS E 242 4.93 -43.94 -47.05
C CYS E 242 4.62 -43.12 -48.29
N LEU E 243 3.36 -42.70 -48.41
CA LEU E 243 2.90 -41.82 -49.48
C LEU E 243 2.54 -40.47 -48.89
N SER E 244 3.09 -39.39 -49.46
CA SER E 244 2.83 -38.05 -48.97
C SER E 244 2.48 -37.13 -50.13
N GLY E 245 1.55 -36.23 -49.89
CA GLY E 245 1.21 -35.18 -50.85
C GLY E 245 1.32 -33.83 -50.17
N SER E 246 1.88 -32.86 -50.88
CA SER E 246 2.19 -31.56 -50.31
C SER E 246 1.63 -30.44 -51.17
N SER E 247 1.64 -29.23 -50.60
CA SER E 247 1.13 -28.05 -51.29
C SER E 247 1.99 -27.63 -52.47
N ASP E 248 3.19 -28.20 -52.62
CA ASP E 248 4.01 -27.91 -53.78
C ASP E 248 3.48 -28.57 -55.05
N GLY E 249 2.49 -29.45 -54.93
CA GLY E 249 1.93 -30.14 -56.08
C GLY E 249 2.57 -31.46 -56.42
N THR E 250 3.38 -32.01 -55.53
CA THR E 250 4.12 -33.24 -55.79
C THR E 250 3.69 -34.32 -54.81
N ILE E 251 3.65 -35.56 -55.30
CA ILE E 251 3.44 -36.74 -54.46
C ILE E 251 4.76 -37.49 -54.40
N ARG E 252 5.20 -37.82 -53.19
CA ARG E 252 6.48 -38.48 -52.98
C ARG E 252 6.26 -39.82 -52.31
N LEU E 253 6.87 -40.87 -52.86
CA LEU E 253 6.83 -42.20 -52.29
C LEU E 253 8.13 -42.43 -51.53
N TRP E 254 8.02 -42.76 -50.25
CA TRP E 254 9.17 -42.91 -49.37
C TRP E 254 9.37 -44.38 -49.01
N SER E 255 10.63 -44.73 -48.75
CA SER E 255 10.99 -46.03 -48.20
C SER E 255 11.54 -45.83 -46.81
N LEU E 256 10.90 -46.44 -45.82
CA LEU E 256 11.34 -46.27 -44.44
C LEU E 256 12.59 -47.09 -44.14
N GLY E 257 12.80 -48.21 -44.85
CA GLY E 257 14.03 -48.95 -44.68
C GLY E 257 15.24 -48.19 -45.17
N GLN E 258 15.13 -47.55 -46.33
CA GLN E 258 16.23 -46.78 -46.90
C GLN E 258 16.24 -45.32 -46.48
N GLN E 259 15.19 -44.85 -45.81
CA GLN E 259 15.08 -43.47 -45.34
C GLN E 259 15.32 -42.47 -46.47
N ARG E 260 14.66 -42.71 -47.61
CA ARG E 260 14.83 -41.86 -48.77
C ARG E 260 13.56 -41.86 -49.60
N CYS E 261 13.47 -40.90 -50.51
CA CYS E 261 12.33 -40.76 -51.42
C CYS E 261 12.63 -41.56 -52.69
N ILE E 262 11.93 -42.68 -52.86
CA ILE E 262 12.19 -43.56 -54.00
C ILE E 262 11.47 -43.15 -55.28
N ALA E 263 10.51 -42.24 -55.19
CA ALA E 263 9.78 -41.79 -56.38
C ALA E 263 9.08 -40.48 -56.06
N THR E 264 9.03 -39.60 -57.07
CA THR E 264 8.35 -38.32 -56.97
C THR E 264 7.42 -38.18 -58.16
N TYR E 265 6.16 -37.82 -57.89
CA TYR E 265 5.14 -37.70 -58.92
C TYR E 265 4.64 -36.27 -58.95
N ARG E 266 4.68 -35.66 -60.13
CA ARG E 266 4.19 -34.30 -60.36
C ARG E 266 2.95 -34.41 -61.23
N VAL E 267 1.79 -34.56 -60.58
CA VAL E 267 0.54 -34.83 -61.27
C VAL E 267 -0.38 -33.61 -61.34
N HIS E 268 -0.45 -32.81 -60.29
CA HIS E 268 -1.42 -31.73 -60.18
C HIS E 268 -0.75 -30.38 -60.46
N ASP E 269 -1.56 -29.46 -61.00
CA ASP E 269 -1.07 -28.11 -61.26
C ASP E 269 -0.87 -27.33 -59.96
N GLU E 270 -1.72 -27.58 -58.97
CA GLU E 270 -1.69 -26.87 -57.70
C GLU E 270 -1.47 -27.86 -56.57
N GLY E 271 -1.60 -27.37 -55.34
CA GLY E 271 -1.25 -28.20 -54.19
C GLY E 271 -2.13 -29.44 -54.08
N VAL E 272 -1.56 -30.46 -53.45
CA VAL E 272 -2.24 -31.74 -53.25
C VAL E 272 -2.73 -31.80 -51.82
N TRP E 273 -4.03 -32.01 -51.64
CA TRP E 273 -4.65 -31.95 -50.33
C TRP E 273 -5.20 -33.27 -49.83
N ALA E 274 -5.50 -34.22 -50.72
CA ALA E 274 -6.08 -35.49 -50.34
C ALA E 274 -5.38 -36.63 -51.05
N LEU E 275 -5.21 -37.75 -50.36
CA LEU E 275 -4.58 -38.93 -50.91
C LEU E 275 -5.38 -40.16 -50.52
N GLN E 276 -5.48 -41.12 -51.44
CA GLN E 276 -6.08 -42.41 -51.17
C GLN E 276 -5.32 -43.48 -51.95
N VAL E 277 -5.15 -44.65 -51.32
CA VAL E 277 -4.41 -45.75 -51.90
C VAL E 277 -5.22 -47.02 -51.71
N ASN E 278 -4.97 -48.01 -52.56
CA ASN E 278 -5.67 -49.28 -52.50
C ASN E 278 -4.93 -50.23 -51.56
N ASP E 279 -5.45 -51.46 -51.40
CA ASP E 279 -4.86 -52.43 -50.51
C ASP E 279 -3.52 -52.96 -51.03
N ALA E 280 -3.36 -53.05 -52.35
CA ALA E 280 -2.09 -53.46 -52.93
C ALA E 280 -1.03 -52.37 -52.84
N PHE E 281 -1.42 -51.14 -52.48
CA PHE E 281 -0.50 -50.01 -52.36
C PHE E 281 0.26 -49.76 -53.66
N THR E 282 -0.46 -49.92 -54.77
CA THR E 282 0.11 -49.73 -56.11
C THR E 282 -0.53 -48.61 -56.90
N HIS E 283 -1.74 -48.17 -56.53
CA HIS E 283 -2.42 -47.07 -57.19
C HIS E 283 -2.80 -46.04 -56.14
N VAL E 284 -2.49 -44.78 -56.42
CA VAL E 284 -2.76 -43.68 -55.49
C VAL E 284 -3.77 -42.75 -56.12
N TYR E 285 -4.80 -42.39 -55.35
CA TYR E 285 -5.81 -41.43 -55.76
C TYR E 285 -5.54 -40.11 -55.07
N SER E 286 -5.44 -39.04 -55.86
CA SER E 286 -5.01 -37.74 -55.33
C SER E 286 -5.91 -36.63 -55.84
N GLY E 287 -6.08 -35.61 -55.00
CA GLY E 287 -6.82 -34.42 -55.37
C GLY E 287 -6.40 -33.28 -54.48
N GLY E 288 -6.66 -32.07 -54.94
CA GLY E 288 -6.28 -30.88 -54.20
C GLY E 288 -6.94 -29.62 -54.68
N ARG E 289 -6.16 -28.53 -54.68
CA ARG E 289 -6.72 -27.21 -54.97
C ARG E 289 -7.12 -27.07 -56.44
N ASP E 290 -6.49 -27.84 -57.33
CA ASP E 290 -6.78 -27.72 -58.76
C ASP E 290 -8.10 -28.36 -59.15
N ARG E 291 -8.81 -29.00 -58.22
CA ARG E 291 -10.14 -29.58 -58.37
C ARG E 291 -10.14 -30.85 -59.22
N LYS E 292 -8.99 -31.32 -59.69
CA LYS E 292 -8.92 -32.51 -60.51
C LYS E 292 -8.44 -33.70 -59.67
N ILE E 293 -9.05 -34.86 -59.92
CA ILE E 293 -8.74 -36.09 -59.19
C ILE E 293 -8.13 -37.08 -60.16
N TYR E 294 -7.01 -37.67 -59.78
CA TYR E 294 -6.25 -38.55 -60.66
C TYR E 294 -6.01 -39.88 -59.98
N CYS E 295 -5.87 -40.93 -60.79
CA CYS E 295 -5.48 -42.26 -60.34
C CYS E 295 -4.13 -42.58 -60.97
N THR E 296 -3.07 -42.52 -60.17
CA THR E 296 -1.71 -42.65 -60.66
C THR E 296 -1.16 -44.02 -60.28
N ASP E 297 -0.57 -44.71 -61.25
CA ASP E 297 0.09 -45.98 -61.01
C ASP E 297 1.45 -45.74 -60.36
N LEU E 298 1.67 -46.38 -59.22
CA LEU E 298 2.88 -46.13 -58.44
C LEU E 298 4.11 -46.77 -59.07
N ARG E 299 3.98 -48.00 -59.61
CA ARG E 299 5.15 -48.67 -60.16
C ARG E 299 5.65 -47.99 -61.43
N ASN E 300 4.75 -47.31 -62.17
CA ASN E 300 5.16 -46.46 -63.27
C ASN E 300 4.17 -45.30 -63.40
N PRO E 301 4.64 -44.06 -63.27
CA PRO E 301 3.70 -42.92 -63.28
C PRO E 301 3.14 -42.58 -64.65
N ASP E 302 3.50 -43.34 -65.70
CA ASP E 302 3.02 -43.00 -67.04
C ASP E 302 1.53 -43.24 -67.18
N ILE E 303 0.98 -44.23 -66.47
CA ILE E 303 -0.45 -44.54 -66.55
C ILE E 303 -1.15 -43.62 -65.55
N ARG E 304 -1.74 -42.55 -66.06
CA ARG E 304 -2.43 -41.55 -65.25
C ARG E 304 -3.84 -41.38 -65.79
N VAL E 305 -4.83 -41.61 -64.94
CA VAL E 305 -6.24 -41.54 -65.33
C VAL E 305 -6.90 -40.39 -64.58
N LEU E 306 -7.57 -39.51 -65.33
CA LEU E 306 -8.30 -38.39 -64.75
C LEU E 306 -9.70 -38.88 -64.39
N ILE E 307 -9.94 -39.07 -63.09
CA ILE E 307 -11.21 -39.62 -62.65
C ILE E 307 -12.34 -38.63 -62.89
N CYS E 308 -12.15 -37.38 -62.46
CA CYS E 308 -13.19 -36.36 -62.55
C CYS E 308 -12.57 -34.99 -62.33
N GLU E 309 -13.40 -33.96 -62.46
CA GLU E 309 -13.02 -32.58 -62.19
C GLU E 309 -14.12 -31.96 -61.34
N GLU E 310 -13.82 -31.75 -60.06
CA GLU E 310 -14.83 -31.30 -59.12
C GLU E 310 -15.11 -29.80 -59.30
N LYS E 311 -16.18 -29.34 -58.66
CA LYS E 311 -16.60 -27.95 -58.73
C LYS E 311 -15.96 -27.10 -57.64
N ALA E 312 -15.15 -27.69 -56.76
CA ALA E 312 -14.53 -26.98 -55.66
C ALA E 312 -13.23 -27.69 -55.32
N PRO E 313 -12.31 -27.02 -54.63
CA PRO E 313 -11.06 -27.70 -54.23
C PRO E 313 -11.36 -28.90 -53.35
N VAL E 314 -10.61 -29.98 -53.58
CA VAL E 314 -10.85 -31.26 -52.90
C VAL E 314 -10.16 -31.22 -51.54
N LEU E 315 -10.93 -31.42 -50.48
CA LEU E 315 -10.40 -31.40 -49.12
C LEU E 315 -10.05 -32.80 -48.62
N LYS E 316 -10.88 -33.79 -48.93
CA LYS E 316 -10.65 -35.15 -48.46
C LYS E 316 -11.36 -36.12 -49.39
N MET E 317 -10.81 -37.32 -49.51
CA MET E 317 -11.41 -38.38 -50.31
C MET E 317 -11.45 -39.67 -49.52
N GLU E 318 -12.50 -40.46 -49.75
CA GLU E 318 -12.67 -41.74 -49.09
C GLU E 318 -12.97 -42.81 -50.14
N LEU E 319 -12.22 -43.91 -50.08
CA LEU E 319 -12.37 -44.99 -51.04
C LEU E 319 -13.40 -46.01 -50.56
N ASP E 320 -14.06 -46.65 -51.51
CA ASP E 320 -15.00 -47.73 -51.23
C ASP E 320 -14.23 -49.05 -51.35
N ARG E 321 -13.84 -49.61 -50.21
CA ARG E 321 -13.00 -50.80 -50.18
C ARG E 321 -13.81 -52.10 -50.09
N SER E 322 -15.07 -52.07 -50.52
CA SER E 322 -15.89 -53.28 -50.49
C SER E 322 -15.36 -54.32 -51.47
N ALA E 323 -14.89 -53.88 -52.63
CA ALA E 323 -14.39 -54.78 -53.67
C ALA E 323 -13.06 -54.27 -54.20
N ASP E 324 -12.29 -55.19 -54.78
CA ASP E 324 -11.01 -54.88 -55.39
C ASP E 324 -11.12 -55.04 -56.90
N PRO E 325 -10.92 -53.98 -57.71
CA PRO E 325 -10.57 -52.60 -57.34
C PRO E 325 -11.73 -51.86 -56.70
N PRO E 326 -11.47 -50.75 -56.00
CA PRO E 326 -12.55 -49.99 -55.36
C PRO E 326 -13.56 -49.51 -56.39
N PRO E 327 -14.84 -49.85 -56.21
CA PRO E 327 -15.85 -49.42 -57.19
C PRO E 327 -16.03 -47.91 -57.28
N ALA E 328 -15.86 -47.19 -56.18
CA ALA E 328 -16.16 -45.76 -56.16
C ALA E 328 -15.33 -45.07 -55.11
N ILE E 329 -15.31 -43.74 -55.18
CA ILE E 329 -14.59 -42.90 -54.22
C ILE E 329 -15.48 -41.73 -53.83
N TRP E 330 -15.52 -41.42 -52.53
CA TRP E 330 -16.28 -40.30 -52.01
C TRP E 330 -15.35 -39.10 -51.88
N VAL E 331 -15.84 -37.93 -52.30
CA VAL E 331 -15.02 -36.71 -52.35
C VAL E 331 -15.70 -35.63 -51.53
N ALA E 332 -14.93 -35.01 -50.64
CA ALA E 332 -15.36 -33.87 -49.86
C ALA E 332 -14.61 -32.63 -50.33
N THR E 333 -15.36 -31.56 -50.62
CA THR E 333 -14.80 -30.31 -51.12
C THR E 333 -15.18 -29.16 -50.19
N THR E 334 -14.83 -27.94 -50.60
CA THR E 334 -15.21 -26.77 -49.83
C THR E 334 -16.69 -26.46 -49.95
N LYS E 335 -17.38 -27.06 -50.91
CA LYS E 335 -18.82 -26.92 -51.02
C LYS E 335 -19.52 -27.86 -50.03
N SER E 336 -20.80 -27.62 -49.82
CA SER E 336 -21.57 -28.40 -48.86
C SER E 336 -22.09 -29.71 -49.44
N THR E 337 -21.79 -30.02 -50.70
CA THR E 337 -22.26 -31.22 -51.36
C THR E 337 -21.15 -32.27 -51.37
N VAL E 338 -21.52 -33.51 -51.03
CA VAL E 338 -20.60 -34.64 -51.04
C VAL E 338 -21.01 -35.58 -52.18
N ASN E 339 -20.07 -35.89 -53.06
CA ASN E 339 -20.35 -36.65 -54.27
C ASN E 339 -19.57 -37.95 -54.28
N LYS E 340 -20.16 -38.96 -54.93
CA LYS E 340 -19.51 -40.25 -55.15
C LYS E 340 -19.24 -40.43 -56.62
N TRP E 341 -18.03 -40.87 -56.96
CA TRP E 341 -17.63 -41.08 -58.34
C TRP E 341 -17.24 -42.54 -58.53
N THR E 342 -17.90 -43.21 -59.48
CA THR E 342 -17.58 -44.59 -59.77
C THR E 342 -16.18 -44.71 -60.38
N LEU E 343 -15.52 -45.82 -60.08
CA LEU E 343 -14.20 -46.13 -60.61
C LEU E 343 -14.26 -47.34 -61.54
N LYS E 344 -15.33 -47.44 -62.32
CA LYS E 344 -15.53 -48.56 -63.24
C LYS E 344 -14.81 -48.24 -64.56
N GLY E 345 -13.67 -48.88 -64.77
CA GLY E 345 -12.93 -48.73 -66.01
C GLY E 345 -11.61 -48.00 -65.93
N ILE E 346 -11.09 -47.74 -64.73
CA ILE E 346 -9.77 -47.11 -64.62
C ILE E 346 -8.70 -48.01 -65.22
N HIS E 347 -8.72 -49.29 -64.86
CA HIS E 347 -7.77 -50.26 -65.37
C HIS E 347 -8.26 -50.96 -66.64
N ASN E 348 -9.42 -50.59 -67.14
CA ASN E 348 -9.96 -51.18 -68.36
C ASN E 348 -9.85 -50.23 -69.54
N ILE E 363 -7.22 -33.69 -71.19
CA ILE E 363 -7.58 -35.09 -71.04
C ILE E 363 -9.07 -35.20 -70.75
N THR E 364 -9.69 -36.25 -71.29
CA THR E 364 -11.11 -36.47 -71.07
C THR E 364 -11.32 -37.16 -69.71
N PRO E 365 -12.13 -36.59 -68.82
CA PRO E 365 -12.35 -37.24 -67.53
C PRO E 365 -13.11 -38.54 -67.68
N LEU E 366 -12.80 -39.48 -66.78
CA LEU E 366 -13.49 -40.77 -66.80
C LEU E 366 -14.98 -40.59 -66.48
N CYS E 367 -15.30 -39.73 -65.52
CA CYS E 367 -16.67 -39.47 -65.12
C CYS E 367 -17.02 -38.01 -65.38
N THR E 368 -18.29 -37.76 -65.66
CA THR E 368 -18.80 -36.42 -65.88
C THR E 368 -19.81 -35.99 -64.83
N GLN E 369 -20.73 -36.88 -64.45
CA GLN E 369 -21.69 -36.64 -63.39
C GLN E 369 -21.48 -37.63 -62.26
N PRO E 370 -21.54 -37.18 -61.01
CA PRO E 370 -21.36 -38.12 -59.88
C PRO E 370 -22.46 -39.16 -59.83
N ASP E 371 -22.09 -40.37 -59.42
CA ASP E 371 -23.07 -41.44 -59.29
C ASP E 371 -24.09 -41.11 -58.21
N GLN E 372 -23.62 -40.75 -57.02
CA GLN E 372 -24.48 -40.45 -55.89
C GLN E 372 -24.14 -39.07 -55.34
N VAL E 373 -25.16 -38.32 -54.94
CA VAL E 373 -25.01 -36.97 -54.47
C VAL E 373 -25.69 -36.83 -53.13
N ILE E 374 -24.98 -36.27 -52.16
CA ILE E 374 -25.56 -35.92 -50.86
C ILE E 374 -25.73 -34.41 -50.83
N LYS E 375 -26.96 -33.95 -50.70
CA LYS E 375 -27.26 -32.53 -50.82
C LYS E 375 -26.65 -31.73 -49.68
N GLY E 376 -26.44 -30.44 -49.93
CA GLY E 376 -25.92 -29.55 -48.93
C GLY E 376 -26.70 -28.25 -48.89
N GLY E 377 -26.64 -27.59 -47.74
CA GLY E 377 -27.32 -26.33 -47.55
C GLY E 377 -26.49 -25.16 -48.06
N ALA E 378 -26.89 -23.97 -47.63
CA ALA E 378 -26.22 -22.74 -48.02
C ALA E 378 -25.52 -22.13 -46.81
N SER E 379 -24.37 -21.51 -47.07
CA SER E 379 -23.57 -20.89 -46.03
C SER E 379 -23.75 -19.39 -46.06
N ILE E 380 -24.02 -18.80 -44.89
CA ILE E 380 -24.12 -17.34 -44.80
C ILE E 380 -22.73 -16.75 -44.93
N ILE E 381 -22.51 -15.98 -46.00
CA ILE E 381 -21.20 -15.44 -46.30
C ILE E 381 -21.08 -13.95 -46.02
N GLN E 382 -22.18 -13.20 -46.06
CA GLN E 382 -22.16 -11.77 -45.83
C GLN E 382 -23.23 -11.40 -44.81
N CYS E 383 -22.92 -10.43 -43.97
CA CYS E 383 -23.78 -10.05 -42.85
C CYS E 383 -23.76 -8.53 -42.69
N HIS E 384 -24.93 -7.97 -42.39
CA HIS E 384 -25.05 -6.54 -42.13
C HIS E 384 -26.02 -6.33 -40.99
N ILE E 385 -25.58 -5.61 -39.96
CA ILE E 385 -26.42 -5.29 -38.81
C ILE E 385 -27.07 -3.94 -39.06
N LEU E 386 -28.41 -3.90 -38.97
CA LEU E 386 -29.14 -2.69 -39.25
C LEU E 386 -28.97 -1.66 -38.13
N ASN E 387 -29.44 -0.45 -38.38
CA ASN E 387 -29.18 0.68 -37.49
C ASN E 387 -29.84 0.51 -36.12
N ASP E 388 -30.87 -0.33 -36.01
CA ASP E 388 -31.51 -0.56 -34.73
C ASP E 388 -30.77 -1.56 -33.86
N LYS E 389 -29.73 -2.21 -34.40
CA LYS E 389 -28.97 -3.24 -33.69
C LYS E 389 -29.89 -4.36 -33.19
N ARG E 390 -30.89 -4.68 -33.98
CA ARG E 390 -31.76 -5.82 -33.70
C ARG E 390 -31.99 -6.74 -34.89
N HIS E 391 -31.93 -6.24 -36.12
CA HIS E 391 -32.20 -7.03 -37.31
C HIS E 391 -30.95 -7.09 -38.17
N ILE E 392 -30.73 -8.25 -38.79
CA ILE E 392 -29.58 -8.48 -39.65
C ILE E 392 -30.05 -8.96 -41.01
N LEU E 393 -29.48 -8.39 -42.07
CA LEU E 393 -29.65 -8.88 -43.42
C LEU E 393 -28.44 -9.73 -43.79
N THR E 394 -28.69 -10.96 -44.22
CA THR E 394 -27.62 -11.89 -44.58
C THR E 394 -27.77 -12.33 -46.03
N LYS E 395 -26.63 -12.65 -46.64
CA LYS E 395 -26.58 -13.21 -47.99
C LYS E 395 -25.81 -14.51 -47.93
N ASP E 396 -26.35 -15.55 -48.54
CA ASP E 396 -25.76 -16.88 -48.50
C ASP E 396 -25.15 -17.24 -49.87
N THR E 397 -24.64 -18.47 -49.96
CA THR E 397 -23.92 -18.90 -51.14
C THR E 397 -24.83 -19.07 -52.36
N ASN E 398 -26.13 -19.16 -52.15
CA ASN E 398 -27.10 -19.21 -53.24
C ASN E 398 -27.62 -17.83 -53.62
N ASN E 399 -27.01 -16.78 -53.08
CA ASN E 399 -27.36 -15.38 -53.30
C ASN E 399 -28.72 -15.01 -52.73
N ASN E 400 -29.34 -15.89 -51.95
CA ASN E 400 -30.58 -15.54 -51.27
C ASN E 400 -30.30 -14.58 -50.12
N VAL E 401 -31.19 -13.59 -49.96
CA VAL E 401 -31.09 -12.61 -48.89
C VAL E 401 -32.20 -12.90 -47.88
N ALA E 402 -31.84 -12.92 -46.61
CA ALA E 402 -32.78 -13.25 -45.54
C ALA E 402 -32.75 -12.16 -44.48
N TYR E 403 -33.88 -12.02 -43.79
CA TYR E 403 -34.06 -11.03 -42.73
C TYR E 403 -34.16 -11.75 -41.41
N TRP E 404 -33.32 -11.38 -40.46
CA TRP E 404 -33.19 -12.09 -39.19
C TRP E 404 -33.46 -11.15 -38.03
N ASP E 405 -33.95 -11.72 -36.93
CA ASP E 405 -34.20 -11.00 -35.68
C ASP E 405 -33.26 -11.57 -34.62
N VAL E 406 -32.26 -10.78 -34.21
CA VAL E 406 -31.32 -11.23 -33.20
C VAL E 406 -32.01 -11.40 -31.85
N LEU E 407 -32.85 -10.43 -31.48
CA LEU E 407 -33.48 -10.46 -30.16
C LEU E 407 -34.32 -11.71 -29.97
N LYS E 408 -35.14 -12.04 -30.97
CA LYS E 408 -35.97 -13.24 -30.91
C LYS E 408 -35.27 -14.47 -31.46
N ALA E 409 -34.03 -14.33 -31.95
CA ALA E 409 -33.20 -15.44 -32.41
C ALA E 409 -33.93 -16.29 -33.46
N CYS E 410 -34.53 -15.60 -34.43
CA CYS E 410 -35.29 -16.29 -35.47
C CYS E 410 -35.20 -15.50 -36.76
N LYS E 411 -35.50 -16.18 -37.86
CA LYS E 411 -35.56 -15.54 -39.16
C LYS E 411 -36.93 -14.89 -39.37
N VAL E 412 -36.91 -13.65 -39.86
CA VAL E 412 -38.16 -12.92 -40.09
C VAL E 412 -38.77 -13.29 -41.44
N GLU E 413 -38.00 -13.16 -42.52
CA GLU E 413 -38.53 -13.46 -43.85
C GLU E 413 -37.38 -13.72 -44.81
N ASP E 414 -37.68 -14.47 -45.86
CA ASP E 414 -36.77 -14.65 -46.98
C ASP E 414 -37.09 -13.61 -48.05
N LEU E 415 -36.05 -13.07 -48.69
CA LEU E 415 -36.24 -12.08 -49.75
C LEU E 415 -35.85 -12.59 -51.13
N GLY E 416 -35.16 -13.72 -51.22
CA GLY E 416 -34.76 -14.25 -52.50
C GLY E 416 -33.48 -13.61 -53.03
N LYS E 417 -33.31 -13.69 -54.35
CA LYS E 417 -32.11 -13.16 -54.99
C LYS E 417 -32.22 -11.66 -55.19
N VAL E 418 -32.47 -10.92 -54.12
CA VAL E 418 -32.55 -9.47 -54.13
C VAL E 418 -31.14 -8.91 -53.97
N ASP E 419 -30.88 -7.74 -54.55
CA ASP E 419 -29.59 -7.10 -54.38
C ASP E 419 -29.34 -6.79 -52.92
N PHE E 420 -28.25 -7.31 -52.38
CA PHE E 420 -27.96 -7.16 -50.95
C PHE E 420 -27.67 -5.71 -50.59
N GLU E 421 -26.87 -5.03 -51.41
CA GLU E 421 -26.52 -3.64 -51.11
C GLU E 421 -27.73 -2.72 -51.24
N ASP E 422 -28.59 -2.97 -52.23
CA ASP E 422 -29.80 -2.17 -52.38
C ASP E 422 -30.76 -2.41 -51.21
N GLU E 423 -30.83 -3.65 -50.72
CA GLU E 423 -31.69 -3.94 -49.59
C GLU E 423 -31.20 -3.24 -48.32
N ILE E 424 -29.90 -3.03 -48.20
CA ILE E 424 -29.36 -2.31 -47.04
C ILE E 424 -29.84 -0.86 -47.06
N LYS E 425 -29.77 -0.22 -48.23
CA LYS E 425 -30.25 1.15 -48.35
C LYS E 425 -31.76 1.21 -48.19
N LYS E 426 -32.47 0.20 -48.69
CA LYS E 426 -33.93 0.20 -48.63
C LYS E 426 -34.43 0.11 -47.19
N ARG E 427 -33.66 -0.51 -46.30
CA ARG E 427 -34.06 -0.68 -44.91
C ARG E 427 -33.30 0.29 -43.98
N PHE E 428 -32.77 1.36 -44.55
CA PHE E 428 -32.06 2.35 -43.75
C PHE E 428 -33.03 3.09 -42.84
N LYS E 429 -32.59 3.34 -41.60
CA LYS E 429 -33.40 4.04 -40.62
C LYS E 429 -32.58 5.15 -39.97
N MET E 430 -33.27 6.19 -39.52
CA MET E 430 -32.63 7.36 -38.92
C MET E 430 -32.63 7.20 -37.40
N VAL E 431 -31.81 6.25 -36.94
CA VAL E 431 -31.71 5.93 -35.53
C VAL E 431 -30.33 5.34 -35.26
N TYR E 432 -29.83 5.56 -34.04
CA TYR E 432 -28.56 4.99 -33.61
C TYR E 432 -28.75 4.24 -32.32
N VAL E 433 -28.33 2.97 -32.31
CA VAL E 433 -28.31 2.15 -31.11
C VAL E 433 -26.87 1.66 -30.91
N PRO E 434 -26.34 1.68 -29.69
CA PRO E 434 -24.97 1.20 -29.49
C PRO E 434 -24.84 -0.28 -29.78
N ASN E 435 -23.66 -0.67 -30.26
CA ASN E 435 -23.38 -2.08 -30.52
C ASN E 435 -23.43 -2.88 -29.23
N TRP E 436 -24.11 -4.03 -29.28
CA TRP E 436 -24.21 -4.87 -28.10
C TRP E 436 -23.98 -6.35 -28.37
N PHE E 437 -23.67 -6.74 -29.61
CA PHE E 437 -23.38 -8.12 -29.92
C PHE E 437 -22.41 -8.18 -31.10
N SER E 438 -21.85 -9.36 -31.31
CA SER E 438 -20.92 -9.62 -32.40
C SER E 438 -21.39 -10.82 -33.19
N VAL E 439 -21.05 -10.84 -34.48
CA VAL E 439 -21.50 -11.89 -35.40
C VAL E 439 -20.27 -12.55 -36.01
N ASP E 440 -20.27 -13.87 -36.01
CA ASP E 440 -19.25 -14.65 -36.70
C ASP E 440 -19.94 -15.71 -37.56
N LEU E 441 -19.40 -15.91 -38.77
CA LEU E 441 -19.97 -16.84 -39.74
C LEU E 441 -18.98 -17.95 -40.10
N LYS E 442 -18.20 -18.41 -39.12
CA LYS E 442 -17.18 -19.42 -39.41
C LYS E 442 -17.80 -20.77 -39.74
N THR E 443 -18.97 -21.06 -39.20
CA THR E 443 -19.64 -22.34 -39.41
C THR E 443 -20.72 -22.26 -40.48
N GLY E 444 -20.81 -21.14 -41.19
CA GLY E 444 -21.87 -20.97 -42.18
C GLY E 444 -23.22 -20.69 -41.59
N MET E 445 -23.30 -20.42 -40.29
CA MET E 445 -24.56 -20.13 -39.60
C MET E 445 -24.37 -18.88 -38.75
N LEU E 446 -25.48 -18.29 -38.33
CA LEU E 446 -25.44 -17.06 -37.55
C LEU E 446 -25.14 -17.41 -36.09
N THR E 447 -23.94 -17.06 -35.64
CA THR E 447 -23.56 -17.19 -34.25
C THR E 447 -23.39 -15.81 -33.66
N ILE E 448 -24.15 -15.52 -32.60
CA ILE E 448 -24.17 -14.20 -31.96
C ILE E 448 -23.42 -14.31 -30.64
N THR E 449 -22.46 -13.43 -30.44
CA THR E 449 -21.60 -13.45 -29.26
C THR E 449 -21.89 -12.24 -28.38
N LEU E 450 -21.99 -12.48 -27.08
CA LEU E 450 -22.25 -11.43 -26.10
C LEU E 450 -21.07 -11.36 -25.13
N ASP E 451 -20.41 -10.21 -25.08
CA ASP E 451 -19.26 -9.98 -24.22
C ASP E 451 -19.59 -8.93 -23.17
N GLU E 452 -18.96 -9.07 -21.99
CA GLU E 452 -19.27 -8.19 -20.87
C GLU E 452 -19.05 -6.72 -21.20
N SER E 453 -18.08 -6.42 -22.08
CA SER E 453 -17.72 -5.04 -22.35
C SER E 453 -18.89 -4.25 -22.93
N ASP E 454 -19.64 -4.86 -23.86
CA ASP E 454 -20.69 -4.12 -24.56
C ASP E 454 -22.03 -4.85 -24.55
N CYS E 455 -22.20 -5.87 -23.70
CA CYS E 455 -23.46 -6.62 -23.71
C CYS E 455 -24.64 -5.74 -23.34
N PHE E 456 -24.46 -4.84 -22.37
CA PHE E 456 -25.54 -4.01 -21.85
C PHE E 456 -25.42 -2.57 -22.33
N ALA E 457 -24.65 -2.31 -23.38
CA ALA E 457 -24.44 -0.97 -23.88
C ALA E 457 -25.63 -0.41 -24.65
N ALA E 458 -26.60 -1.25 -25.01
CA ALA E 458 -27.72 -0.84 -25.85
C ALA E 458 -28.99 -0.77 -25.01
N TRP E 459 -29.41 0.44 -24.67
CA TRP E 459 -30.69 0.69 -24.02
C TRP E 459 -31.66 1.19 -25.08
N VAL E 460 -32.85 0.59 -25.13
CA VAL E 460 -33.85 0.90 -26.14
C VAL E 460 -35.22 0.97 -25.48
N SER E 461 -35.96 2.04 -25.77
CA SER E 461 -37.32 2.16 -25.25
C SER E 461 -38.24 1.16 -25.93
N ALA E 462 -39.21 0.66 -25.16
CA ALA E 462 -40.07 -0.42 -25.67
C ALA E 462 -40.86 0.02 -26.89
N LYS E 463 -41.19 1.31 -26.99
CA LYS E 463 -41.96 1.78 -28.14
C LYS E 463 -41.16 1.63 -29.43
N ASP E 464 -39.86 1.92 -29.39
CA ASP E 464 -39.03 1.76 -30.57
C ASP E 464 -38.98 0.30 -31.02
N ALA E 465 -38.91 -0.63 -30.07
CA ALA E 465 -38.99 -2.04 -30.38
C ALA E 465 -40.46 -2.40 -30.67
N GLY E 466 -40.72 -3.68 -30.91
CA GLY E 466 -42.06 -4.13 -31.20
C GLY E 466 -42.88 -4.53 -29.99
N PHE E 467 -42.47 -4.13 -28.79
CA PHE E 467 -43.11 -4.55 -27.57
C PHE E 467 -43.90 -3.39 -26.98
N SER E 468 -45.18 -3.64 -26.70
CA SER E 468 -46.05 -2.61 -26.12
C SER E 468 -46.47 -2.97 -24.70
N ASP E 474 -43.84 3.97 -22.34
CA ASP E 474 -43.05 2.84 -22.83
C ASP E 474 -41.90 2.54 -21.87
N PRO E 475 -41.92 1.35 -21.28
CA PRO E 475 -40.86 0.99 -20.33
C PRO E 475 -39.49 0.91 -21.01
N LYS E 476 -38.47 1.28 -20.24
CA LYS E 476 -37.13 1.42 -20.80
C LYS E 476 -36.44 0.06 -20.74
N LEU E 477 -35.87 -0.37 -21.87
CA LEU E 477 -35.41 -1.75 -22.03
C LEU E 477 -33.95 -1.83 -22.44
N ASN E 478 -33.26 -2.82 -21.90
CA ASN E 478 -31.91 -3.16 -22.30
C ASN E 478 -31.92 -4.44 -23.11
N LEU E 479 -31.49 -4.35 -24.38
CA LEU E 479 -31.55 -5.50 -25.27
C LEU E 479 -30.66 -6.64 -24.78
N GLY E 480 -29.45 -6.31 -24.33
CA GLY E 480 -28.55 -7.35 -23.86
C GLY E 480 -29.07 -8.07 -22.63
N GLY E 481 -29.64 -7.32 -21.69
CA GLY E 481 -30.23 -7.95 -20.51
C GLY E 481 -31.41 -8.83 -20.85
N LEU E 482 -32.27 -8.38 -21.77
CA LEU E 482 -33.43 -9.17 -22.15
C LEU E 482 -33.02 -10.46 -22.84
N LEU E 483 -32.00 -10.40 -23.71
CA LEU E 483 -31.57 -11.60 -24.42
C LEU E 483 -30.97 -12.62 -23.46
N LEU E 484 -30.15 -12.18 -22.51
CA LEU E 484 -29.54 -13.10 -21.56
C LEU E 484 -30.59 -13.80 -20.73
N GLN E 485 -31.64 -13.09 -20.33
CA GLN E 485 -32.71 -13.71 -19.56
C GLN E 485 -33.50 -14.71 -20.39
N ALA E 486 -33.61 -14.44 -21.70
CA ALA E 486 -34.29 -15.39 -22.58
C ALA E 486 -33.43 -16.62 -22.84
N LEU E 487 -32.11 -16.45 -22.91
CA LEU E 487 -31.23 -17.59 -23.13
C LEU E 487 -31.20 -18.52 -21.93
N LEU E 488 -31.16 -17.95 -20.71
CA LEU E 488 -31.16 -18.71 -19.47
C LEU E 488 -32.55 -18.80 -18.85
N GLU E 489 -33.60 -18.82 -19.69
CA GLU E 489 -34.97 -18.83 -19.18
C GLU E 489 -35.26 -20.10 -18.39
N TYR E 490 -34.80 -21.25 -18.87
CA TYR E 490 -35.09 -22.53 -18.25
C TYR E 490 -34.22 -22.81 -17.03
N TRP E 491 -33.25 -21.97 -16.73
CA TRP E 491 -32.40 -22.17 -15.58
C TRP E 491 -33.18 -21.92 -14.29
N PRO E 492 -33.30 -22.88 -13.39
CA PRO E 492 -34.08 -22.65 -12.16
C PRO E 492 -33.54 -21.52 -11.30
N ARG E 493 -32.24 -21.24 -11.37
CA ARG E 493 -31.65 -20.19 -10.54
C ARG E 493 -32.17 -18.80 -10.89
N THR E 494 -32.76 -18.63 -12.07
CA THR E 494 -33.28 -17.34 -12.50
C THR E 494 -34.75 -17.13 -12.16
N HIS E 495 -35.38 -18.11 -11.50
CA HIS E 495 -36.79 -18.04 -11.17
C HIS E 495 -36.97 -17.53 -9.74
N VAL E 496 -37.76 -16.48 -9.59
CA VAL E 496 -38.04 -15.91 -8.27
C VAL E 496 -39.53 -15.86 -8.02
N VAL E 517 -44.01 -18.31 -9.86
CA VAL E 517 -42.73 -17.86 -10.40
C VAL E 517 -42.88 -17.49 -11.88
N GLN E 518 -42.15 -16.47 -12.30
CA GLN E 518 -42.17 -16.01 -13.68
C GLN E 518 -40.94 -16.54 -14.43
N LYS E 519 -41.11 -16.74 -15.73
CA LYS E 519 -40.08 -17.34 -16.58
C LYS E 519 -39.63 -16.30 -17.60
N GLY E 520 -38.33 -15.99 -17.57
CA GLY E 520 -37.74 -15.15 -18.60
C GLY E 520 -37.92 -13.66 -18.39
N ASN E 521 -37.80 -12.89 -19.47
CA ASN E 521 -37.92 -11.45 -19.41
C ASN E 521 -39.34 -10.94 -19.63
N GLY E 522 -40.27 -11.80 -20.01
CA GLY E 522 -41.65 -11.43 -20.16
C GLY E 522 -42.01 -10.73 -21.46
N TYR E 523 -41.07 -10.58 -22.38
CA TYR E 523 -41.34 -9.93 -23.65
C TYR E 523 -41.22 -10.87 -24.85
N PHE E 524 -40.21 -11.75 -24.87
CA PHE E 524 -40.00 -12.64 -25.99
C PHE E 524 -39.33 -13.92 -25.50
N GLN E 525 -39.31 -14.92 -26.37
CA GLN E 525 -38.64 -16.19 -26.09
C GLN E 525 -37.87 -16.63 -27.31
N VAL E 526 -36.60 -16.95 -27.12
CA VAL E 526 -35.77 -17.54 -28.17
C VAL E 526 -36.27 -18.96 -28.38
N PRO E 527 -36.06 -19.56 -29.56
CA PRO E 527 -36.49 -20.94 -29.78
C PRO E 527 -35.85 -21.88 -28.77
N PRO E 528 -36.60 -22.88 -28.30
CA PRO E 528 -36.05 -23.76 -27.25
C PRO E 528 -34.83 -24.54 -27.68
N HIS E 529 -34.67 -24.77 -28.98
CA HIS E 529 -33.54 -25.54 -29.51
C HIS E 529 -32.30 -24.70 -29.74
N THR E 530 -32.31 -23.44 -29.35
CA THR E 530 -31.17 -22.56 -29.59
C THR E 530 -29.96 -23.05 -28.80
N PRO E 531 -28.84 -23.36 -29.45
CA PRO E 531 -27.64 -23.81 -28.72
C PRO E 531 -26.97 -22.63 -28.03
N VAL E 532 -26.90 -22.68 -26.71
CA VAL E 532 -26.25 -21.66 -25.91
C VAL E 532 -24.86 -22.17 -25.54
N ILE E 533 -23.85 -21.36 -25.83
CA ILE E 533 -22.45 -21.75 -25.67
C ILE E 533 -21.77 -20.77 -24.73
N PHE E 534 -21.07 -21.30 -23.73
CA PHE E 534 -20.24 -20.51 -22.84
C PHE E 534 -18.78 -20.84 -23.11
N GLY E 535 -17.97 -19.81 -23.33
CA GLY E 535 -16.58 -20.00 -23.65
C GLY E 535 -15.74 -18.80 -23.26
N GLU E 536 -14.43 -19.03 -23.21
CA GLU E 536 -13.49 -17.97 -22.92
C GLU E 536 -13.17 -17.18 -24.18
N ALA E 537 -12.98 -15.87 -24.03
CA ALA E 537 -12.65 -15.02 -25.16
C ALA E 537 -11.34 -15.47 -25.81
N GLY E 538 -11.43 -15.97 -27.03
CA GLY E 538 -10.25 -16.52 -27.69
C GLY E 538 -9.65 -17.71 -26.96
N GLY E 539 -10.49 -18.59 -26.44
CA GLY E 539 -10.02 -19.73 -25.68
C GLY E 539 -10.79 -21.01 -25.95
N ARG E 540 -11.19 -21.69 -24.89
CA ARG E 540 -11.89 -22.97 -24.97
C ARG E 540 -13.38 -22.78 -24.69
N THR E 541 -14.15 -23.81 -25.02
CA THR E 541 -15.58 -23.83 -24.74
C THR E 541 -15.79 -24.44 -23.36
N LEU E 542 -16.27 -23.63 -22.42
CA LEU E 542 -16.48 -24.12 -21.06
C LEU E 542 -17.67 -25.06 -20.98
N PHE E 543 -18.78 -24.69 -21.61
CA PHE E 543 -20.01 -25.49 -21.52
C PHE E 543 -20.91 -25.13 -22.69
N ARG E 544 -21.56 -26.14 -23.25
CA ARG E 544 -22.48 -25.97 -24.37
C ARG E 544 -23.77 -26.72 -24.07
N LEU E 545 -24.90 -26.08 -24.31
CA LEU E 545 -26.19 -26.69 -24.04
C LEU E 545 -27.25 -26.02 -24.89
N LEU E 546 -28.42 -26.65 -24.97
CA LEU E 546 -29.57 -26.05 -25.61
C LEU E 546 -30.34 -25.20 -24.61
N CYS E 547 -31.18 -24.30 -25.13
CA CYS E 547 -31.93 -23.40 -24.28
C CYS E 547 -32.89 -24.15 -23.38
N ARG E 548 -33.55 -25.19 -23.91
CA ARG E 548 -34.55 -25.93 -23.17
C ARG E 548 -33.96 -26.92 -22.17
N ASP E 549 -32.64 -27.12 -22.19
CA ASP E 549 -32.00 -28.11 -21.34
C ASP E 549 -31.43 -27.53 -20.05
N SER E 550 -31.62 -26.23 -19.80
CA SER E 550 -31.06 -25.63 -18.60
C SER E 550 -31.73 -26.12 -17.32
N GLY E 551 -32.96 -26.63 -17.42
CA GLY E 551 -33.65 -27.11 -16.23
C GLY E 551 -33.23 -28.48 -15.75
N GLY E 552 -32.39 -29.17 -16.51
CA GLY E 552 -31.94 -30.48 -16.11
C GLY E 552 -31.03 -30.44 -14.91
N GLU E 553 -30.89 -31.59 -14.25
CA GLU E 553 -30.05 -31.68 -13.06
C GLU E 553 -28.58 -31.48 -13.42
N THR E 554 -28.09 -32.22 -14.42
CA THR E 554 -26.68 -32.14 -14.77
C THR E 554 -26.31 -30.78 -15.36
N GLU E 555 -27.23 -30.18 -16.13
CA GLU E 555 -26.93 -28.89 -16.74
C GLU E 555 -26.89 -27.78 -15.71
N SER E 556 -27.73 -27.86 -14.68
CA SER E 556 -27.79 -26.81 -13.68
C SER E 556 -26.49 -26.73 -12.87
N MET E 557 -25.91 -27.87 -12.51
CA MET E 557 -24.63 -27.85 -11.82
C MET E 557 -23.53 -27.29 -12.72
N LEU E 558 -23.54 -27.68 -14.00
CA LEU E 558 -22.56 -27.16 -14.93
C LEU E 558 -22.75 -25.67 -15.17
N LEU E 559 -24.01 -25.21 -15.19
CA LEU E 559 -24.27 -23.78 -15.36
C LEU E 559 -23.75 -22.98 -14.16
N ASN E 560 -23.92 -23.51 -12.95
CA ASN E 560 -23.42 -22.82 -11.77
C ASN E 560 -21.91 -22.65 -11.82
N GLU E 561 -21.21 -23.62 -12.40
CA GLU E 561 -19.75 -23.55 -12.46
C GLU E 561 -19.27 -22.58 -13.53
N THR E 562 -19.99 -22.50 -14.65
CA THR E 562 -19.48 -21.82 -15.84
C THR E 562 -20.05 -20.43 -16.06
N VAL E 563 -21.30 -20.19 -15.67
CA VAL E 563 -21.89 -18.86 -15.93
C VAL E 563 -21.11 -17.80 -15.15
N PRO E 564 -20.62 -16.75 -15.80
CA PRO E 564 -19.81 -15.75 -15.11
C PRO E 564 -20.65 -14.80 -14.29
N GLN E 565 -19.96 -13.98 -13.49
CA GLN E 565 -20.65 -13.07 -12.57
C GLN E 565 -21.45 -12.01 -13.32
N TRP E 566 -20.91 -11.48 -14.42
CA TRP E 566 -21.61 -10.42 -15.14
C TRP E 566 -22.92 -10.88 -15.75
N VAL E 567 -23.10 -12.19 -15.96
CA VAL E 567 -24.40 -12.71 -16.38
C VAL E 567 -25.27 -13.00 -15.16
N ILE E 568 -24.66 -13.36 -14.03
CA ILE E 568 -25.42 -13.65 -12.82
C ILE E 568 -26.12 -12.39 -12.31
N ASP E 569 -25.45 -11.24 -12.41
CA ASP E 569 -26.00 -10.00 -11.91
C ASP E 569 -27.34 -9.66 -12.54
N ILE E 570 -27.52 -10.00 -13.81
CA ILE E 570 -28.72 -9.62 -14.56
C ILE E 570 -29.75 -10.73 -14.58
N THR E 571 -29.31 -11.99 -14.68
CA THR E 571 -30.24 -13.11 -14.81
C THR E 571 -30.68 -13.67 -13.47
N VAL E 572 -29.83 -13.62 -12.45
CA VAL E 572 -30.12 -14.16 -11.13
C VAL E 572 -30.40 -13.05 -10.12
N ASP E 573 -29.43 -12.16 -9.91
CA ASP E 573 -29.64 -11.05 -8.97
C ASP E 573 -30.66 -10.04 -9.47
N LYS E 574 -31.01 -10.09 -10.76
CA LYS E 574 -32.01 -9.21 -11.36
C LYS E 574 -31.61 -7.74 -11.23
N ASN E 575 -30.31 -7.45 -11.19
CA ASN E 575 -29.86 -6.08 -11.16
C ASN E 575 -30.03 -5.43 -12.54
N MET E 576 -29.98 -4.10 -12.55
CA MET E 576 -30.15 -3.35 -13.78
C MET E 576 -28.83 -2.73 -14.20
N PRO E 577 -28.46 -2.80 -15.47
CA PRO E 577 -27.17 -2.25 -15.92
C PRO E 577 -27.14 -0.73 -15.78
N LYS E 578 -25.97 -0.18 -16.08
CA LYS E 578 -25.77 1.26 -15.99
C LYS E 578 -26.60 1.98 -17.04
N PHE E 579 -26.85 3.27 -16.79
CA PHE E 579 -27.49 4.16 -17.75
C PHE E 579 -26.45 5.18 -18.20
N ASN E 580 -26.03 5.07 -19.45
CA ASN E 580 -25.02 5.99 -19.97
C ASN E 580 -25.63 7.36 -20.25
N LYS E 581 -24.81 8.40 -20.12
CA LYS E 581 -25.25 9.78 -20.28
C LYS E 581 -24.30 10.52 -21.23
N ILE E 582 -24.85 11.45 -21.99
CA ILE E 582 -24.09 12.35 -22.85
C ILE E 582 -24.23 13.76 -22.30
N PRO E 583 -23.15 14.47 -22.04
CA PRO E 583 -23.26 15.86 -21.60
C PRO E 583 -23.35 16.82 -22.76
N PHE E 584 -24.42 17.63 -22.80
CA PHE E 584 -24.61 18.60 -23.87
C PHE E 584 -24.95 19.96 -23.27
N TYR E 585 -24.36 21.00 -23.82
CA TYR E 585 -24.56 22.37 -23.35
C TYR E 585 -25.33 23.16 -24.39
N LEU E 586 -26.52 23.62 -24.02
CA LEU E 586 -27.34 24.43 -24.91
C LEU E 586 -26.75 25.83 -25.05
N GLN E 587 -26.83 26.38 -26.26
CA GLN E 587 -26.36 27.72 -26.54
C GLN E 587 -27.41 28.40 -27.41
N PRO E 588 -27.81 29.62 -27.09
CA PRO E 588 -28.81 30.31 -27.91
C PRO E 588 -28.26 30.63 -29.29
N HIS E 589 -29.10 30.43 -30.30
CA HIS E 589 -28.70 30.69 -31.68
C HIS E 589 -28.67 32.20 -31.95
N ALA E 590 -27.68 32.61 -32.72
CA ALA E 590 -27.52 34.02 -33.06
C ALA E 590 -27.31 34.21 -34.56
N ASP E 600 -24.35 26.51 -20.48
CA ASP E 600 -25.19 25.76 -19.56
C ASP E 600 -25.17 24.28 -19.90
N ARG E 601 -24.23 23.55 -19.30
CA ARG E 601 -24.07 22.13 -19.62
C ARG E 601 -25.20 21.32 -19.01
N LEU E 602 -25.67 20.32 -19.75
CA LEU E 602 -26.71 19.42 -19.31
C LEU E 602 -26.32 17.98 -19.68
N SER E 603 -26.64 17.04 -18.80
CA SER E 603 -26.46 15.62 -19.06
C SER E 603 -27.79 14.92 -18.93
N ALA E 604 -28.09 14.01 -19.84
CA ALA E 604 -29.37 13.33 -19.87
C ALA E 604 -29.20 11.93 -20.42
N SER E 605 -30.30 11.16 -20.38
CA SER E 605 -30.28 9.81 -20.92
C SER E 605 -30.09 9.84 -22.43
N ASP E 606 -29.44 8.79 -22.95
CA ASP E 606 -29.20 8.69 -24.40
C ASP E 606 -30.48 8.60 -25.20
N MET E 607 -31.52 7.98 -24.65
CA MET E 607 -32.79 7.86 -25.35
C MET E 607 -33.73 9.03 -25.08
N LEU E 608 -33.26 10.07 -24.39
CA LEU E 608 -34.07 11.25 -24.21
C LEU E 608 -34.39 11.87 -25.57
N GLN E 609 -35.66 12.23 -25.77
CA GLN E 609 -36.04 12.80 -27.05
C GLN E 609 -35.70 14.29 -27.09
N VAL E 610 -35.72 14.84 -28.30
CA VAL E 610 -35.52 16.28 -28.47
C VAL E 610 -36.64 17.06 -27.80
N ARG E 611 -37.87 16.52 -27.85
CA ARG E 611 -39.02 17.21 -27.27
C ARG E 611 -38.79 17.56 -25.80
N LYS E 612 -38.08 16.70 -25.08
CA LYS E 612 -37.78 17.00 -23.68
C LYS E 612 -36.83 18.19 -23.56
N VAL E 613 -35.85 18.31 -24.46
CA VAL E 613 -34.98 19.47 -24.44
C VAL E 613 -35.75 20.71 -24.90
N MET E 614 -36.73 20.54 -25.80
CA MET E 614 -37.55 21.67 -26.22
C MET E 614 -38.33 22.25 -25.04
N GLU E 615 -38.92 21.40 -24.21
CA GLU E 615 -39.73 21.89 -23.10
C GLU E 615 -38.87 22.43 -21.96
N HIS E 616 -37.64 21.95 -21.82
CA HIS E 616 -36.75 22.50 -20.80
C HIS E 616 -36.42 23.95 -21.08
N VAL E 617 -36.18 24.28 -22.36
CA VAL E 617 -35.95 25.67 -22.74
C VAL E 617 -37.22 26.50 -22.58
N TYR E 618 -38.38 25.88 -22.82
CA TYR E 618 -39.64 26.61 -22.72
C TYR E 618 -39.86 27.15 -21.32
N GLU E 619 -39.58 26.34 -20.29
CA GLU E 619 -39.65 26.83 -18.92
C GLU E 619 -38.57 27.85 -18.63
N LYS E 620 -37.42 27.74 -19.30
CA LYS E 620 -36.35 28.73 -19.12
C LYS E 620 -36.77 30.07 -19.69
N ILE E 621 -37.50 30.08 -20.80
CA ILE E 621 -37.97 31.32 -21.41
C ILE E 621 -39.49 31.36 -21.39
N LEU E 651 -47.27 23.21 -26.81
CA LEU E 651 -46.94 24.64 -26.77
C LEU E 651 -45.43 24.85 -26.86
N ALA E 652 -44.68 24.05 -26.11
CA ALA E 652 -43.23 24.13 -26.16
C ALA E 652 -42.69 23.74 -27.53
N GLU E 653 -43.28 22.69 -28.12
CA GLU E 653 -42.83 22.24 -29.43
C GLU E 653 -43.11 23.28 -30.51
N GLU E 654 -44.27 23.94 -30.43
CA GLU E 654 -44.69 24.86 -31.49
C GLU E 654 -43.91 26.17 -31.46
N LYS E 655 -43.41 26.58 -30.30
CA LYS E 655 -42.76 27.88 -30.17
C LYS E 655 -41.24 27.81 -30.20
N ILE E 656 -40.65 26.64 -29.99
CA ILE E 656 -39.20 26.49 -29.90
C ILE E 656 -38.76 25.43 -30.91
N GLU E 657 -37.69 25.74 -31.65
CA GLU E 657 -37.08 24.79 -32.57
C GLU E 657 -35.61 24.63 -32.20
N LEU E 658 -35.13 23.39 -32.21
CA LEU E 658 -33.75 23.08 -31.89
C LEU E 658 -32.98 22.71 -33.15
N LEU E 659 -31.70 23.10 -33.17
CA LEU E 659 -30.84 22.84 -34.31
C LEU E 659 -29.46 22.42 -33.84
N CYS E 660 -28.78 21.64 -34.67
CA CYS E 660 -27.42 21.19 -34.39
C CYS E 660 -26.66 21.18 -35.70
N GLN E 661 -25.46 21.78 -35.71
CA GLN E 661 -24.63 21.89 -36.90
C GLN E 661 -25.41 22.54 -38.04
N ASP E 662 -26.18 23.59 -37.72
CA ASP E 662 -26.95 24.37 -38.68
C ASP E 662 -28.03 23.52 -39.36
N GLN E 663 -28.45 22.44 -38.71
CA GLN E 663 -29.52 21.59 -39.23
C GLN E 663 -30.63 21.46 -38.20
N VAL E 664 -31.87 21.55 -38.67
CA VAL E 664 -33.02 21.43 -37.78
C VAL E 664 -33.12 20.00 -37.27
N LEU E 665 -33.59 19.85 -36.03
CA LEU E 665 -33.61 18.57 -35.35
C LEU E 665 -35.04 18.05 -35.26
N ASP E 666 -35.23 16.77 -35.58
CA ASP E 666 -36.52 16.13 -35.42
C ASP E 666 -36.88 16.07 -33.95
N PRO E 667 -38.03 16.62 -33.53
CA PRO E 667 -38.37 16.59 -32.09
C PRO E 667 -38.54 15.18 -31.54
N ASN E 668 -39.02 14.22 -32.33
CA ASN E 668 -39.17 12.86 -31.86
C ASN E 668 -37.86 12.10 -31.82
N MET E 669 -36.82 12.63 -32.45
CA MET E 669 -35.51 12.01 -32.49
C MET E 669 -34.80 12.20 -31.15
N ASP E 670 -33.88 11.30 -30.83
CA ASP E 670 -33.17 11.32 -29.55
C ASP E 670 -31.74 11.83 -29.72
N LEU E 671 -31.13 12.22 -28.61
CA LEU E 671 -29.77 12.77 -28.65
C LEU E 671 -28.75 11.72 -29.06
N ARG E 672 -28.99 10.45 -28.76
CA ARG E 672 -28.07 9.41 -29.21
C ARG E 672 -27.95 9.41 -30.73
N THR E 673 -29.08 9.53 -31.42
CA THR E 673 -29.06 9.64 -32.88
C THR E 673 -28.46 10.97 -33.31
N VAL E 674 -28.74 12.05 -32.57
CA VAL E 674 -28.23 13.37 -32.92
C VAL E 674 -26.70 13.38 -32.91
N LYS E 675 -26.11 12.85 -31.83
CA LYS E 675 -24.66 12.88 -31.70
C LYS E 675 -23.98 12.04 -32.77
N HIS E 676 -24.55 10.88 -33.09
CA HIS E 676 -23.89 9.97 -34.02
C HIS E 676 -23.98 10.45 -35.45
N PHE E 677 -25.14 10.96 -35.86
CA PHE E 677 -25.38 11.28 -37.27
C PHE E 677 -25.05 12.73 -37.61
N ILE E 678 -25.71 13.68 -36.95
CA ILE E 678 -25.64 15.07 -37.39
C ILE E 678 -24.42 15.79 -36.83
N TRP E 679 -23.99 15.45 -35.61
CA TRP E 679 -22.93 16.21 -34.96
C TRP E 679 -21.64 16.17 -35.76
N LYS E 680 -21.20 14.97 -36.16
CA LYS E 680 -20.02 14.81 -37.02
C LYS E 680 -18.80 15.53 -36.46
N SER E 681 -18.60 15.45 -35.14
CA SER E 681 -17.50 16.14 -34.50
C SER E 681 -17.06 15.34 -33.28
N GLY E 682 -15.82 15.60 -32.86
CA GLY E 682 -15.21 14.94 -31.73
C GLY E 682 -15.44 15.59 -30.38
N GLY E 683 -16.16 16.73 -30.34
CA GLY E 683 -16.45 17.41 -29.10
C GLY E 683 -17.82 17.02 -28.54
N ASP E 684 -18.12 17.60 -27.39
CA ASP E 684 -19.41 17.37 -26.74
C ASP E 684 -20.53 17.92 -27.60
N LEU E 685 -21.68 17.24 -27.56
CA LEU E 685 -22.82 17.64 -28.38
C LEU E 685 -23.29 19.04 -27.99
N THR E 686 -23.55 19.87 -29.01
CA THR E 686 -24.05 21.22 -28.81
C THR E 686 -25.38 21.37 -29.54
N LEU E 687 -26.39 21.85 -28.81
CA LEU E 687 -27.71 22.09 -29.37
C LEU E 687 -28.05 23.56 -29.23
N HIS E 688 -28.64 24.15 -30.26
CA HIS E 688 -28.98 25.56 -30.28
C HIS E 688 -30.49 25.72 -30.24
N TYR E 689 -30.97 26.53 -29.31
CA TYR E 689 -32.40 26.79 -29.16
C TYR E 689 -32.74 28.16 -29.73
N ARG E 690 -33.68 28.18 -30.68
CA ARG E 690 -34.13 29.41 -31.31
C ARG E 690 -35.65 29.37 -31.40
N GLN E 691 -36.28 30.53 -31.26
CA GLN E 691 -37.72 30.63 -31.36
C GLN E 691 -38.19 30.29 -32.77
N LYS E 692 -39.31 29.59 -32.86
CA LYS E 692 -39.89 29.21 -34.14
C LYS E 692 -40.28 30.43 -34.96
P DN F 1 -21.74 -19.02 67.29
OP1 DN F 1 -21.98 -19.43 68.69
OP2 DN F 1 -21.34 -17.62 67.01
O5' DN F 1 -20.65 -20.00 66.66
C5' DN F 1 -20.93 -21.39 66.41
C4' DN F 1 -20.98 -21.69 64.93
O4' DN F 1 -22.27 -21.31 64.40
C3' DN F 1 -19.93 -20.98 64.05
O3' DN F 1 -19.43 -21.91 63.08
C2' DN F 1 -20.71 -19.84 63.43
C1' DN F 1 -22.09 -20.46 63.29
P DN F 2 -18.15 -21.60 62.14
OP1 DN F 2 -17.05 -22.51 62.54
OP2 DN F 2 -17.91 -20.13 62.10
O5' DN F 2 -18.66 -22.07 60.70
C5' DN F 2 -19.48 -23.25 60.55
C4' DN F 2 -20.17 -23.28 59.19
O4' DN F 2 -21.26 -22.34 59.16
C3' DN F 2 -19.28 -22.95 57.99
O3' DN F 2 -19.65 -23.84 56.92
C2' DN F 2 -19.60 -21.49 57.72
C1' DN F 2 -21.07 -21.39 58.13
P DN F 3 -18.74 -23.96 55.59
OP1 DN F 3 -18.52 -25.41 55.34
OP2 DN F 3 -17.58 -23.04 55.72
O5' DN F 3 -19.70 -23.40 54.44
C5' DN F 3 -21.07 -23.86 54.31
C4' DN F 3 -21.84 -23.07 53.28
O4' DN F 3 -22.25 -21.78 53.80
C3' DN F 3 -21.10 -22.78 51.97
O3' DN F 3 -21.99 -23.03 50.86
C2' DN F 3 -20.67 -21.32 52.11
C1' DN F 3 -21.77 -20.72 52.97
P DN F 4 -21.52 -22.83 49.34
OP1 DN F 4 -22.12 -23.92 48.53
OP2 DN F 4 -20.05 -22.62 49.30
O5' DN F 4 -22.23 -21.45 48.95
C5' DN F 4 -23.64 -21.26 49.17
C4' DN F 4 -24.10 -19.91 48.66
O4' DN F 4 -23.77 -18.88 49.62
C3' DN F 4 -23.52 -19.46 47.32
O3' DN F 4 -24.54 -18.81 46.57
C2' DN F 4 -22.38 -18.53 47.75
C1' DN F 4 -22.94 -17.90 49.02
P DN F 5 -24.37 -18.47 45.00
OP1 DN F 5 -25.46 -19.17 44.27
OP2 DN F 5 -22.96 -18.70 44.60
O5' DN F 5 -24.61 -16.90 44.94
C5' DN F 5 -25.64 -16.27 45.75
C4' DN F 5 -25.37 -14.79 45.92
O4' DN F 5 -24.45 -14.53 47.01
C3' DN F 5 -24.81 -14.06 44.69
O3' DN F 5 -25.62 -12.91 44.40
C2' DN F 5 -23.36 -13.79 45.07
C1' DN F 5 -23.41 -13.66 46.58
P DN F 6 -25.24 -11.87 43.22
OP1 DN F 6 -26.52 -11.35 42.67
OP2 DN F 6 -24.25 -12.51 42.31
O5' DN F 6 -24.54 -10.68 44.04
C5' DN F 6 -25.18 -10.14 45.21
C4' DN F 6 -24.41 -8.95 45.78
O4' DN F 6 -23.28 -9.42 46.56
C3' DN F 6 -23.86 -7.97 44.75
O3' DN F 6 -24.14 -6.64 45.23
C2' DN F 6 -22.39 -8.35 44.66
C1' DN F 6 -22.06 -8.91 46.03
P DN F 7 -23.94 -5.32 44.29
OP1 DN F 7 -25.29 -4.78 44.02
OP2 DN F 7 -23.03 -5.65 43.16
O5' DN F 7 -23.21 -4.31 45.28
C5' DN F 7 -22.62 -4.73 46.53
C4' DN F 7 -21.16 -4.30 46.65
O4' DN F 7 -20.28 -5.44 46.71
C3' DN F 7 -20.60 -3.35 45.58
O3' DN F 7 -20.29 -2.07 46.17
C2' DN F 7 -19.55 -4.19 44.86
C1' DN F 7 -19.15 -5.22 45.89
P DN F 8 -19.24 -1.03 45.52
OP1 DN F 8 -19.52 0.31 46.08
OP2 DN F 8 -19.23 -1.19 44.03
O5' DN F 8 -17.86 -1.51 46.17
C5' DN F 8 -17.81 -1.82 47.58
C4' DN F 8 -16.39 -2.03 48.07
O4' DN F 8 -15.92 -3.36 47.69
C3' DN F 8 -15.35 -1.04 47.54
O3' DN F 8 -14.48 -0.66 48.61
C2' DN F 8 -14.69 -1.81 46.40
C1' DN F 8 -14.78 -3.27 46.85
P DN F 9 -13.22 0.31 48.35
OP1 DN F 9 -12.86 0.96 49.63
OP2 DN F 9 -13.51 1.16 47.15
O5' DN F 9 -12.07 -0.71 47.95
C5' DN F 9 -11.75 -1.84 48.80
C4' DN F 9 -10.58 -2.62 48.26
O4' DN F 9 -10.97 -3.53 47.19
C3' DN F 9 -9.46 -1.74 47.68
O3' DN F 9 -8.21 -2.20 48.17
C2' DN F 9 -9.62 -1.91 46.18
C1' DN F 9 -10.12 -3.34 46.06
P DN F 10 -6.91 -1.28 48.09
OP1 DN F 10 -6.54 -0.91 49.47
OP2 DN F 10 -7.13 -0.21 47.08
O5' DN F 10 -5.79 -2.28 47.54
C5' DN F 10 -5.99 -3.70 47.49
C4' DN F 10 -5.34 -4.28 46.25
O4' DN F 10 -6.33 -4.53 45.20
C3' DN F 10 -4.26 -3.40 45.61
O3' DN F 10 -3.18 -4.22 45.19
C2' DN F 10 -4.99 -2.80 44.43
C1' DN F 10 -5.86 -3.96 43.99
P DN F 11 -1.70 -3.64 45.05
OP1 DN F 11 -0.97 -3.94 46.31
OP2 DN F 11 -1.78 -2.24 44.57
O5' DN F 11 -1.10 -4.53 43.88
C5' DN F 11 -1.56 -5.89 43.69
C4' DN F 11 -1.68 -6.20 42.21
O4' DN F 11 -2.99 -5.80 41.70
C3' DN F 11 -0.65 -5.53 41.32
O3' DN F 11 -0.22 -6.47 40.34
C2' DN F 11 -1.42 -4.40 40.68
C1' DN F 11 -2.78 -5.06 40.49
P DN F 12 1.14 -6.28 39.54
OP1 DN F 12 2.25 -6.68 40.44
OP2 DN F 12 1.18 -4.93 38.92
O5' DN F 12 1.01 -7.39 38.40
C5' DN F 12 -0.29 -7.84 37.93
C4' DN F 12 -0.53 -7.46 36.48
O4' DN F 12 -1.72 -6.63 36.37
C3' DN F 12 0.60 -6.71 35.77
O3' DN F 12 0.99 -7.43 34.58
C2' DN F 12 0.08 -5.30 35.62
C1' DN F 12 -1.43 -5.47 35.60
P DN F 13 1.96 -6.75 33.49
OP1 DN F 13 2.57 -7.84 32.68
OP2 DN F 13 2.85 -5.76 34.17
O5' DN F 13 0.93 -5.98 32.55
C5' DN F 13 -0.25 -6.66 32.10
C4' DN F 13 -0.97 -5.84 31.04
O4' DN F 13 -1.83 -4.86 31.68
C3' DN F 13 -0.05 -5.07 30.11
O3' DN F 13 -0.56 -5.14 28.78
C2' DN F 13 -0.08 -3.67 30.67
C1' DN F 13 -1.50 -3.57 31.19
P DN F 14 0.37 -4.82 27.52
OP1 DN F 14 0.50 -6.05 26.71
OP2 DN F 14 1.60 -4.10 27.98
O5' DN F 14 -0.49 -3.77 26.68
C5' DN F 14 -1.93 -3.73 26.75
C4' DN F 14 -2.43 -2.34 26.44
O4' DN F 14 -2.60 -1.58 27.66
C3' DN F 14 -1.49 -1.51 25.55
O3' DN F 14 -2.26 -0.77 24.62
C2' DN F 14 -0.80 -0.59 26.55
C1' DN F 14 -1.90 -0.36 27.57
P DN F 15 -1.63 -0.32 23.22
OP1 DN F 15 -1.84 -1.44 22.25
OP2 DN F 15 -0.26 0.19 23.45
O5' DN F 15 -2.57 0.88 22.78
C5' DN F 15 -3.78 1.22 23.49
C4' DN F 15 -3.77 2.68 23.89
O4' DN F 15 -3.21 2.88 25.22
C3' DN F 15 -2.99 3.60 22.95
O3' DN F 15 -3.81 4.71 22.66
C2' DN F 15 -1.74 3.94 23.75
C1' DN F 15 -2.28 3.95 25.17
P DN F 16 -3.61 5.58 21.34
OP1 DN F 16 -4.66 5.19 20.35
OP2 DN F 16 -2.18 5.51 20.94
O5' DN F 16 -3.93 7.05 21.85
C5' DN F 16 -4.81 7.28 22.97
C4' DN F 16 -4.28 8.40 23.85
O4' DN F 16 -3.26 7.92 24.77
C3' DN F 16 -3.65 9.56 23.08
O3' DN F 16 -4.00 10.79 23.66
C2' DN F 16 -2.16 9.32 23.27
C1' DN F 16 -2.16 8.79 24.70
P DN F 17 -4.40 12.04 22.74
OP1 DN F 17 -5.59 11.66 21.94
OP2 DN F 17 -3.16 12.50 22.05
O5' DN F 17 -4.85 13.13 23.81
C5' DN F 17 -5.19 12.80 25.19
C4' DN F 17 -4.34 13.60 26.15
O4' DN F 17 -3.15 12.87 26.55
C3' DN F 17 -3.85 14.95 25.63
O3' DN F 17 -3.91 15.90 26.68
C2' DN F 17 -2.43 14.66 25.23
C1' DN F 17 -1.99 13.67 26.30
P DN F 18 -3.91 17.47 26.39
OP1 DN F 18 -5.32 17.93 26.42
OP2 DN F 18 -3.09 17.74 25.17
O5' DN F 18 -3.15 18.05 27.66
C5' DN F 18 -2.95 17.28 28.87
C4' DN F 18 -1.56 17.49 29.42
O4' DN F 18 -0.61 16.57 28.83
C3' DN F 18 -0.98 18.89 29.22
O3' DN F 18 -0.19 19.22 30.35
C2' DN F 18 -0.09 18.69 28.00
C1' DN F 18 0.49 17.31 28.27
P DN F 19 0.09 20.74 30.74
OP1 DN F 19 -0.88 21.14 31.79
OP2 DN F 19 0.21 21.55 29.49
O5' DN F 19 1.55 20.66 31.41
C5' DN F 19 2.01 19.51 32.14
C4' DN F 19 3.49 19.29 31.92
O4' DN F 19 3.72 18.54 30.69
C3' DN F 19 4.32 20.56 31.80
O3' DN F 19 5.58 20.39 32.46
C2' DN F 19 4.50 20.71 30.31
C1' DN F 19 4.63 19.27 29.85
P DN F 20 6.49 21.68 32.87
OP1 DN F 20 6.72 21.61 34.34
OP2 DN F 20 5.89 22.90 32.28
O5' DN F 20 7.86 21.36 32.12
C5' DN F 20 8.67 20.23 32.50
C4' DN F 20 9.57 19.76 31.37
O4' DN F 20 8.83 19.50 30.15
C3' DN F 20 10.69 20.74 30.99
O3' DN F 20 11.86 19.96 30.74
C2' DN F 20 10.14 21.40 29.73
C1' DN F 20 9.45 20.22 29.08
P DN F 21 13.26 20.64 30.36
OP1 DN F 21 14.32 19.94 31.13
OP2 DN F 21 13.13 22.12 30.51
O5' DN F 21 13.39 20.31 28.81
C5' DN F 21 14.24 19.24 28.33
C4' DN F 21 14.63 19.48 26.89
O4' DN F 21 13.44 19.68 26.10
C3' DN F 21 15.51 20.71 26.65
O3' DN F 21 16.51 20.46 25.66
C2' DN F 21 14.51 21.76 26.21
C1' DN F 21 13.50 20.93 25.45
P DN F 22 17.65 21.55 25.32
OP1 DN F 22 18.93 20.82 25.14
OP2 DN F 22 17.57 22.66 26.30
O5' DN F 22 17.18 22.11 23.89
C5' DN F 22 17.27 21.25 22.74
C4' DN F 22 16.54 21.85 21.55
O4' DN F 22 15.20 22.27 21.90
C3' DN F 22 17.22 23.06 20.91
O3' DN F 22 17.23 22.87 19.49
C2' DN F 22 16.37 24.23 21.37
C1' DN F 22 14.99 23.61 21.43
P DN F 23 18.09 23.82 18.53
OP1 DN F 23 18.47 23.04 17.32
OP2 DN F 23 19.15 24.49 19.33
O5' DN F 23 17.02 24.93 18.09
C5' DN F 23 15.86 24.55 17.35
C4' DN F 23 15.01 25.76 17.00
O4' DN F 23 14.17 26.12 18.12
C3' DN F 23 15.78 27.03 16.61
O3' DN F 23 15.17 27.58 15.44
C2' DN F 23 15.65 27.90 17.84
C1' DN F 23 14.27 27.50 18.33
P DN F 24 15.70 28.94 14.76
OP1 DN F 24 15.78 28.70 13.30
OP2 DN F 24 16.91 29.43 15.47
O5' DN F 24 14.48 29.94 14.99
C5' DN F 24 13.16 29.57 14.56
C4' DN F 24 12.16 30.65 14.91
O4' DN F 24 12.00 30.72 16.35
C3' DN F 24 12.52 32.06 14.44
O3' DN F 24 11.31 32.68 14.02
C2' DN F 24 13.06 32.71 15.71
C1' DN F 24 12.15 32.07 16.74
P DN F 25 11.30 33.98 13.07
OP1 DN F 25 10.98 33.54 11.69
OP2 DN F 25 12.52 34.78 13.33
O5' DN F 25 10.06 34.81 13.63
C5' DN F 25 8.83 34.16 14.05
C4' DN F 25 8.15 34.95 15.15
O4' DN F 25 8.90 34.80 16.39
C3' DN F 25 8.03 36.45 14.92
O3' DN F 25 6.79 36.88 15.52
C2' DN F 25 9.22 37.01 15.68
C1' DN F 25 9.23 36.09 16.88
P DN F 26 6.06 38.25 15.08
OP1 DN F 26 4.90 37.89 14.22
OP2 DN F 26 7.10 39.19 14.57
O5' DN F 26 5.51 38.81 16.46
C5' DN F 26 4.68 38.05 17.36
C4' DN F 26 4.80 38.53 18.79
O4' DN F 26 6.15 38.35 19.30
C3' DN F 26 4.49 40.00 19.02
O3' DN F 26 3.95 40.16 20.34
C2' DN F 26 5.87 40.65 18.98
C1' DN F 26 6.70 39.62 19.69
P DN F 27 2.95 41.37 20.70
OP1 DN F 27 1.64 40.80 21.06
OP2 DN F 27 3.05 42.39 19.62
O5' DN F 27 3.62 42.01 22.00
C5' DN F 27 4.10 41.24 23.11
C4' DN F 27 4.99 42.06 24.02
O4' DN F 27 6.37 41.98 23.57
C3' DN F 27 4.69 43.55 24.11
O3' DN F 27 5.13 44.09 25.37
C2' DN F 27 5.61 44.15 23.07
C1' DN F 27 6.85 43.29 23.26
P DN F 28 4.12 44.41 26.54
OP1 DN F 28 3.68 43.13 27.15
OP2 DN F 28 3.09 45.36 26.01
O5' DN F 28 5.04 45.20 27.58
C5' DN F 28 6.23 44.60 28.13
C4' DN F 28 7.42 45.55 28.09
O4' DN F 28 8.15 45.44 26.84
C3' DN F 28 7.11 47.04 28.28
O3' DN F 28 8.06 47.65 29.17
C2' DN F 28 7.30 47.61 26.89
C1' DN F 28 8.44 46.75 26.37
P DN F 29 7.58 48.46 30.47
OP1 DN F 29 7.46 47.49 31.61
OP2 DN F 29 6.39 49.28 30.10
O5' DN F 29 8.79 49.44 30.76
C5' DN F 29 10.08 48.94 31.14
C4' DN F 29 11.18 49.49 30.26
O4' DN F 29 10.88 49.18 28.88
C3' DN F 29 11.36 51.01 30.32
O3' DN F 29 12.57 51.34 31.02
C2' DN F 29 11.44 51.45 28.86
C1' DN F 29 11.55 50.13 28.09
P DN G 1 15.41 51.37 14.07
OP1 DN G 1 16.43 51.10 13.03
OP2 DN G 1 14.07 50.76 13.96
O5' DN G 1 16.02 50.97 15.50
C5' DN G 1 17.27 51.49 15.95
C4' DN G 1 17.81 50.67 17.11
O4' DN G 1 16.94 50.76 18.26
C3' DN G 1 18.00 49.17 16.83
O3' DN G 1 19.25 48.75 17.39
C2' DN G 1 16.75 48.55 17.46
C1' DN G 1 16.42 49.48 18.62
P DN G 2 19.75 47.21 17.32
OP1 DN G 2 21.20 47.23 17.00
OP2 DN G 2 18.83 46.43 16.45
O5' DN G 2 19.60 46.72 18.83
C5' DN G 2 20.12 47.51 19.91
C4' DN G 2 19.89 46.85 21.25
O4' DN G 2 18.50 46.98 21.64
C3' DN G 2 20.22 45.36 21.32
O3' DN G 2 20.94 45.09 22.53
C2' DN G 2 18.85 44.69 21.20
C1' DN G 2 17.88 45.70 21.80
P DN G 3 21.49 43.62 22.87
OP1 DN G 3 22.82 43.78 23.50
OP2 DN G 3 21.36 42.76 21.66
O5' DN G 3 20.46 43.10 23.97
C5' DN G 3 20.06 43.95 25.07
C4' DN G 3 18.85 43.39 25.77
O4' DN G 3 17.66 43.56 24.94
C3' DN G 3 18.91 41.90 26.11
O3' DN G 3 18.30 41.68 27.39
C2' DN G 3 18.08 41.26 25.02
C1' DN G 3 17.01 42.32 24.78
P DN G 4 18.73 40.45 28.32
OP1 DN G 4 19.76 40.93 29.28
OP2 DN G 4 19.04 39.29 27.44
O5' DN G 4 17.40 40.11 29.13
C5' DN G 4 16.38 41.11 29.35
C4' DN G 4 15.03 40.56 28.94
O4' DN G 4 14.83 40.62 27.50
C3' DN G 4 14.74 39.12 29.37
O3' DN G 4 13.46 39.04 29.97
C2' DN G 4 14.79 38.36 28.05
C1' DN G 4 14.24 39.40 27.10
P DN G 5 13.06 37.78 30.88
OP1 DN G 5 13.04 38.25 32.30
OP2 DN G 5 13.90 36.62 30.52
O5' DN G 5 11.56 37.50 30.41
C5' DN G 5 10.59 38.57 30.33
C4' DN G 5 9.58 38.31 29.23
O4' DN G 5 10.25 38.15 27.96
C3' DN G 5 8.71 37.05 29.42
O3' DN G 5 7.37 37.31 28.98
C2' DN G 5 9.40 36.04 28.52
C1' DN G 5 9.81 36.93 27.37
P DN G 6 6.17 36.32 29.37
OP1 DN G 6 5.07 37.13 29.95
OP2 DN G 6 6.70 35.15 30.11
O5' DN G 6 5.63 35.81 27.95
C5' DN G 6 4.63 36.55 27.24
C4' DN G 6 4.50 36.05 25.82
O4' DN G 6 5.80 35.76 25.26
C3' DN G 6 3.69 34.76 25.67
O3' DN G 6 2.92 34.87 24.47
C2' DN G 6 4.77 33.69 25.60
C1' DN G 6 5.83 34.41 24.80
P DN G 7 2.07 33.64 23.89
OP1 DN G 7 0.88 34.20 23.20
OP2 DN G 7 1.86 32.66 24.99
O5' DN G 7 3.08 32.99 22.84
C5' DN G 7 2.97 33.24 21.43
C4' DN G 7 3.44 32.03 20.65
O4' DN G 7 4.83 31.76 20.95
C3' DN G 7 2.68 30.73 20.96
O3' DN G 7 2.57 29.96 19.75
C2' DN G 7 3.61 30.02 21.92
C1' DN G 7 4.95 30.41 21.36
P DN G 8 1.44 28.85 19.58
OP1 DN G 8 0.23 29.53 19.04
OP2 DN G 8 1.34 28.05 20.82
O5' DN G 8 2.04 27.90 18.45
C5' DN G 8 2.88 28.38 17.37
C4' DN G 8 3.93 27.35 17.00
O4' DN G 8 5.03 27.37 17.95
C3' DN G 8 3.45 25.91 16.98
O3' DN G 8 4.17 25.19 15.95
C2' DN G 8 3.87 25.38 18.34
C1' DN G 8 5.20 26.07 18.53
P DN G 9 3.44 24.10 15.01
OP1 DN G 9 3.50 24.59 13.61
OP2 DN G 9 2.11 23.75 15.61
O5' DN G 9 4.38 22.82 15.16
C5' DN G 9 5.59 22.70 14.39
C4' DN G 9 6.48 21.61 14.97
O4' DN G 9 6.95 21.95 16.29
C3' DN G 9 5.83 20.23 15.09
O3' DN G 9 6.76 19.22 14.68
C2' DN G 9 5.51 20.13 16.56
C1' DN G 9 6.66 20.88 17.19
P DN G 10 6.33 17.67 14.63
OP1 DN G 10 6.79 17.13 13.32
OP2 DN G 10 4.90 17.54 15.00
O5' DN G 10 7.24 17.02 15.75
C5' DN G 10 8.67 17.01 15.60
C4' DN G 10 9.35 16.39 16.80
O4' DN G 10 9.16 17.22 17.95
C3' DN G 10 8.85 14.99 17.17
O3' DN G 10 9.94 14.13 17.53
C2' DN G 10 7.94 15.26 18.35
C1' DN G 10 8.61 16.47 19.00
P DN G 11 9.73 12.54 17.66
OP1 DN G 11 10.77 11.89 16.83
OP2 DN G 11 8.30 12.21 17.45
O5' DN G 11 10.09 12.25 19.19
C5' DN G 11 11.37 12.61 19.72
C4' DN G 11 11.37 12.47 21.23
O4' DN G 11 10.46 13.42 21.83
C3' DN G 11 10.96 11.09 21.74
O3' DN G 11 11.82 10.69 22.82
C2' DN G 11 9.54 11.30 22.20
C1' DN G 11 9.54 12.75 22.68
P DN G 12 11.81 9.18 23.36
OP1 DN G 12 13.20 8.69 23.29
OP2 DN G 12 10.72 8.41 22.69
O5' DN G 12 11.43 9.37 24.90
C5' DN G 12 12.25 10.19 25.77
C4' DN G 12 11.52 10.54 27.04
O4' DN G 12 10.34 11.36 26.79
C3' DN G 12 11.03 9.34 27.86
O3' DN G 12 11.40 9.50 29.24
C2' DN G 12 9.53 9.33 27.66
C1' DN G 12 9.18 10.79 27.40
P DN G 13 11.05 8.35 30.31
OP1 DN G 13 12.19 8.23 31.25
OP2 DN G 13 10.54 7.14 29.60
O5' DN G 13 9.84 9.00 31.11
C5' DN G 13 9.99 10.29 31.72
C4' DN G 13 8.79 10.60 32.58
O4' DN G 13 7.61 10.85 31.75
C3' DN G 13 8.40 9.49 33.55
O3' DN G 13 8.19 10.04 34.85
C2' DN G 13 7.19 8.84 32.89
C1' DN G 13 6.55 9.95 32.06
P DN G 14 7.69 9.13 36.08
OP1 DN G 14 8.23 9.72 37.34
OP2 DN G 14 7.96 7.70 35.77
O5' DN G 14 6.12 9.37 36.08
C5' DN G 14 5.59 10.69 35.80
C4' DN G 14 4.10 10.61 35.55
O4' DN G 14 3.84 10.18 34.19
C3' DN G 14 3.33 9.64 36.46
O3' DN G 14 2.03 10.17 36.62
C2' DN G 14 3.19 8.42 35.58
C1' DN G 14 2.99 9.05 34.21
P DN G 15 1.32 10.19 38.05
OP1 DN G 15 2.20 10.94 38.99
OP2 DN G 15 0.91 8.80 38.39
O5' DN G 15 0.03 11.07 37.74
C5' DN G 15 -0.23 11.64 36.43
C4' DN G 15 -1.42 11.01 35.76
O4' DN G 15 -1.03 10.03 34.75
C3' DN G 15 -2.38 10.27 36.71
O3' DN G 15 -3.72 10.58 36.39
C2' DN G 15 -2.11 8.81 36.41
C1' DN G 15 -1.78 8.82 34.94
P DN G 16 -4.91 10.36 37.44
OP1 DN G 16 -5.16 11.66 38.12
OP2 DN G 16 -4.63 9.14 38.26
O5' DN G 16 -6.15 10.07 36.49
C5' DN G 16 -6.15 10.50 35.10
C4' DN G 16 -6.63 9.40 34.20
O4' DN G 16 -5.58 8.44 33.89
C3' DN G 16 -7.79 8.57 34.78
O3' DN G 16 -8.74 8.30 33.75
C2' DN G 16 -7.10 7.31 35.24
C1' DN G 16 -6.09 7.12 34.12
P DN G 17 -10.28 8.11 34.10
OP1 DN G 17 -10.82 9.44 34.46
OP2 DN G 17 -10.41 6.99 35.06
O5' DN G 17 -10.92 7.67 32.71
C5' DN G 17 -10.13 7.28 31.56
C4' DN G 17 -10.23 5.80 31.26
O4' DN G 17 -9.02 5.08 31.62
C3' DN G 17 -11.40 5.00 31.85
O3' DN G 17 -12.22 4.50 30.78
C2' DN G 17 -10.74 3.99 32.78
C1' DN G 17 -9.34 3.82 32.19
P DN G 18 -13.58 3.69 31.05
OP1 DN G 18 -14.64 4.27 30.18
OP2 DN G 18 -13.82 3.60 32.51
O5' DN G 18 -13.27 2.23 30.47
C5' DN G 18 -11.94 1.81 30.14
C4' DN G 18 -11.65 0.41 30.62
O4' DN G 18 -10.42 0.30 31.40
C3' DN G 18 -12.74 -0.34 31.38
O3' DN G 18 -13.41 -1.31 30.55
C2' DN G 18 -12.05 -0.83 32.65
C1' DN G 18 -10.57 -0.75 32.34
P DN G 19 -14.41 -2.44 31.18
OP1 DN G 19 -15.36 -2.84 30.12
OP2 DN G 19 -14.94 -1.94 32.48
O5' DN G 19 -13.43 -3.67 31.44
C5' DN G 19 -12.34 -3.94 30.53
C4' DN G 19 -11.53 -5.16 30.96
O4' DN G 19 -10.53 -4.80 31.95
C3' DN G 19 -12.33 -6.31 31.55
O3' DN G 19 -11.86 -7.55 30.99
C2' DN G 19 -12.11 -6.15 33.04
C1' DN G 19 -10.71 -5.55 33.14
P DN G 20 -12.56 -8.94 31.36
OP1 DN G 20 -12.39 -9.86 30.20
OP2 DN G 20 -13.92 -8.66 31.89
O5' DN G 20 -11.65 -9.49 32.56
C5' DN G 20 -10.22 -9.58 32.42
C4' DN G 20 -9.60 -10.29 33.60
O4' DN G 20 -9.31 -9.35 34.66
C3' DN G 20 -10.44 -11.40 34.23
O3' DN G 20 -9.61 -12.54 34.45
C2' DN G 20 -11.01 -10.75 35.48
C1' DN G 20 -9.95 -9.72 35.87
P DN G 21 -10.21 -13.89 35.05
OP1 DN G 21 -9.49 -15.04 34.43
OP2 DN G 21 -11.69 -13.84 34.99
O5' DN G 21 -9.78 -13.79 36.57
C5' DN G 21 -8.43 -13.50 36.92
C4' DN G 21 -8.26 -13.45 38.42
O4' DN G 21 -8.57 -12.12 38.90
C3' DN G 21 -9.10 -14.44 39.23
O3' DN G 21 -8.27 -15.30 40.02
C2' DN G 21 -10.15 -13.56 39.89
C1' DN G 21 -9.47 -12.20 39.99
P DN G 22 -8.84 -16.08 41.31
OP1 DN G 22 -7.87 -17.16 41.65
OP2 DN G 22 -10.27 -16.43 41.10
O5' DN G 22 -8.68 -14.98 42.45
C5' DN G 22 -7.46 -14.24 42.57
C4' DN G 22 -7.40 -13.48 43.88
O4' DN G 22 -8.20 -12.28 43.80
C3' DN G 22 -7.91 -14.26 45.10
O3' DN G 22 -6.96 -14.19 46.17
C2' DN G 22 -9.30 -13.67 45.35
C1' DN G 22 -9.22 -12.26 44.79
P DN G 23 -7.22 -14.96 47.57
OP1 DN G 23 -5.91 -15.18 48.22
OP2 DN G 23 -8.13 -16.11 47.33
O5' DN G 23 -8.01 -13.87 48.43
C5' DN G 23 -7.68 -12.47 48.37
C4' DN G 23 -8.69 -11.61 49.09
O4' DN G 23 -9.78 -11.23 48.21
C3' DN G 23 -9.34 -12.25 50.33
O3' DN G 23 -9.30 -11.35 51.41
C2' DN G 23 -10.75 -12.57 49.86
C1' DN G 23 -11.02 -11.48 48.85
P DN G 24 -9.45 -11.85 52.93
OP1 DN G 24 -8.11 -11.73 53.57
OP2 DN G 24 -10.17 -13.14 52.94
O5' DN G 24 -10.41 -10.74 53.57
C5' DN G 24 -10.51 -9.41 53.01
C4' DN G 24 -11.92 -8.87 53.14
O4' DN G 24 -12.77 -9.31 52.04
C3' DN G 24 -12.65 -9.28 54.43
O3' DN G 24 -13.38 -8.18 54.94
C2' DN G 24 -13.58 -10.38 53.97
C1' DN G 24 -13.96 -9.90 52.57
P DN G 25 -13.69 -8.07 56.50
OP1 DN G 25 -12.67 -7.16 57.10
OP2 DN G 25 -13.85 -9.44 57.05
O5' DN G 25 -15.12 -7.36 56.54
C5' DN G 25 -15.55 -6.42 55.52
C4' DN G 25 -17.04 -6.54 55.28
O4' DN G 25 -17.31 -7.51 54.22
C3' DN G 25 -17.88 -6.97 56.49
O3' DN G 25 -18.95 -6.05 56.73
C2' DN G 25 -18.28 -8.40 56.17
C1' DN G 25 -18.33 -8.41 54.65
P DN G 26 -19.99 -6.29 57.94
OP1 DN G 26 -20.39 -4.96 58.45
OP2 DN G 26 -19.44 -7.30 58.88
O5' DN G 26 -21.25 -6.92 57.19
C5' DN G 26 -21.74 -6.34 55.95
C4' DN G 26 -22.95 -7.07 55.43
O4' DN G 26 -22.55 -8.33 54.80
C3' DN G 26 -24.01 -7.44 56.48
O3' DN G 26 -25.32 -7.26 55.93
C2' DN G 26 -23.70 -8.90 56.77
C1' DN G 26 -23.21 -9.42 55.43
P DN G 27 -26.62 -7.22 56.87
OP1 DN G 27 -27.30 -5.91 56.64
OP2 DN G 27 -26.23 -7.59 58.26
O5' DN G 27 -27.53 -8.38 56.29
C5' DN G 27 -27.80 -8.50 54.87
C4' DN G 27 -28.24 -9.91 54.53
O4' DN G 27 -27.10 -10.79 54.53
C3' DN G 27 -29.27 -10.52 55.47
O3' DN G 27 -30.24 -11.27 54.72
C2' DN G 27 -28.44 -11.43 56.34
C1' DN G 27 -27.39 -11.91 55.36
P DN G 28 -31.71 -11.56 55.31
OP1 DN G 28 -32.69 -10.75 54.54
OP2 DN G 28 -31.66 -11.43 56.80
O5' DN G 28 -31.93 -13.09 54.97
C5' DN G 28 -31.57 -13.63 53.69
C4' DN G 28 -31.15 -15.08 53.82
O4' DN G 28 -29.88 -15.18 54.52
C3' DN G 28 -32.13 -15.98 54.59
O3' DN G 28 -32.21 -17.26 53.96
C2' DN G 28 -31.49 -16.11 55.95
C1' DN G 28 -30.01 -16.10 55.58
P DN G 29 -33.56 -18.12 54.01
OP1 DN G 29 -34.09 -18.22 52.63
OP2 DN G 29 -34.42 -17.59 55.09
O5' DN G 29 -33.03 -19.56 54.46
C5' DN G 29 -32.07 -20.27 53.67
C4' DN G 29 -31.16 -21.08 54.57
O4' DN G 29 -30.53 -20.18 55.50
C3' DN G 29 -31.85 -22.17 55.41
O3' DN G 29 -31.33 -23.47 55.12
C2' DN G 29 -31.54 -21.78 56.85
C1' DN G 29 -30.34 -20.87 56.71
ZN ZN H . -8.11 -19.23 -46.35
N JDA I . 28.52 20.09 -39.05
C JDA I . 31.91 21.12 -37.75
C1 JDA I . 30.76 20.89 -38.68
C10 JDA I . 34.56 19.95 -43.51
C11 JDA I . 33.95 20.85 -42.66
C12 JDA I . 35.56 17.72 -45.27
C13 JDA I . 35.77 17.11 -46.45
C14 JDA I . 27.48 20.28 -41.23
C15 JDA I . 27.70 19.55 -42.41
C16 JDA I . 26.66 19.33 -43.29
C17 JDA I . 25.41 19.81 -43.03
C18 JDA I . 25.16 20.52 -41.87
C19 JDA I . 26.19 20.77 -40.97
C2 JDA I . 29.58 20.29 -38.27
C20 JDA I . 25.89 21.58 -39.72
C21 JDA I . 25.52 23.03 -40.06
C22 JDA I . 24.79 20.94 -38.87
C3 JDA I . 28.64 20.51 -40.33
C4 JDA I . 30.78 21.29 -40.05
C5 JDA I . 31.98 22.27 -41.95
C6 JDA I . 32.63 21.25 -42.85
C7 JDA I . 31.93 20.70 -43.92
C8 JDA I . 32.53 19.79 -44.77
C9 JDA I . 33.85 19.42 -44.57
N1 JDA I . 29.72 21.10 -40.86
N2 JDA I . 31.89 21.84 -40.56
N3 JDA I . 34.50 18.53 -45.49
N4 JDA I . 34.83 17.54 -47.34
N5 JDA I . 34.05 18.42 -46.76
#